data_5L1B
#
_entry.id   5L1B
#
_cell.length_a   92.051
_cell.length_b   309.391
_cell.length_c   110.021
_cell.angle_alpha   90.00
_cell.angle_beta   93.77
_cell.angle_gamma   90.00
#
_symmetry.space_group_name_H-M   'P 1 21 1'
#
loop_
_entity.id
_entity.type
_entity.pdbx_description
1 polymer 'Glutamate receptor 2,Glutamate receptor 2'
2 non-polymer 2-acetamido-2-deoxy-beta-D-glucopyranose
#
_entity_poly.entity_id   1
_entity_poly.type   'polypeptide(L)'
_entity_poly.pdbx_seq_one_letter_code
;NSIQIGGLFPRGADQEYSAFRVGMVQFSTSEFRLTPHIDNLEVANSFAVTNAFCSQFSRGVYAIFGFYDKKSVNTITSFC
GTLHVSFITPSFPTDGTHPFVIQMRPDLKGALLSLIEYYQWDKFAYLYDSDRGLSTLQAVLDSAAEKKWQVTAINVGNIN
NDKKDETYRSLFQDLELKKERRVILDCERDKVNDIVDQVITIGKHVKGYHYIIANLGFTDGDLLKIQFGGAEVSGFQIVD
YDDSLVSKFIERWSTLEEKEYPGAHTATIKYTSALTYDAVQVMTEAFRNLRKQRIEISRRGNAGDCLANPAVPWGQGVEI
ERALKQVQVEGLSGNIKFDQNGKRINYTINIMELKTNGPRKIGYWSEVDKMVLTEDDTSGLEQKTVVVTTILESPYVMMK
KNHEMLEGNERYEGYCVDLAAEIAKHCGFKYKLTIVGDGKYGARDADTKIWNGMVGELVYGKADIAIAPLTITLVREEVI
DFSKPFMSLGISIMIKKPQKSKPGVFSFLDPLAYEIWMCIVFAYIGVSVVLFLVSDTDSTNEFGIFNSLWFSLGAFMQQG
ADISPRSLSGRIVGGVWWFFTLIIISSYTANLAAFLTVERMVSPIESAEDLSKQTEIAYGTLDSGSTKEFFRRSKIAVFD
KMWTYMRSAEPSVFVRTTAEGVARVRKSKGKYAYLLESTMNEYIEQRKPCDTMKVGGNLDSKGYGIATPKGSSLGTPVNL
AVLKLSEQGVLDKLKNKWWYDKGECGAKDSGSKEKTSALSLSNVAGVFYILVGGLGLAMLVALIEFCYKSRAEAKRMKGL
VPR
;
_entity_poly.pdbx_strand_id   A,B,C,D
#
loop_
_chem_comp.id
_chem_comp.type
_chem_comp.name
_chem_comp.formula
NAG D-saccharide, beta linking 2-acetamido-2-deoxy-beta-D-glucopyranose 'C8 H15 N O6'
#
# COMPACT_ATOMS: atom_id res chain seq x y z
N ASN A 1 -12.29 -79.04 41.60
CA ASN A 1 -12.12 -77.60 41.81
C ASN A 1 -13.03 -76.79 40.90
N SER A 2 -14.01 -76.11 41.50
CA SER A 2 -14.97 -75.31 40.76
C SER A 2 -14.73 -73.84 41.12
N ILE A 3 -14.11 -73.11 40.20
CA ILE A 3 -13.81 -71.69 40.39
C ILE A 3 -15.01 -70.88 39.92
N GLN A 4 -15.74 -70.31 40.88
CA GLN A 4 -16.94 -69.55 40.55
C GLN A 4 -16.55 -68.19 39.98
N ILE A 5 -17.10 -67.87 38.80
CA ILE A 5 -16.86 -66.60 38.14
C ILE A 5 -18.19 -66.02 37.67
N GLY A 6 -18.20 -64.70 37.51
CA GLY A 6 -19.38 -64.02 37.02
C GLY A 6 -19.35 -63.85 35.51
N GLY A 7 -20.54 -63.77 34.92
CA GLY A 7 -20.66 -63.60 33.48
C GLY A 7 -21.86 -62.78 33.08
N LEU A 8 -21.63 -61.53 32.69
CA LEU A 8 -22.68 -60.60 32.30
C LEU A 8 -22.64 -60.43 30.79
N PHE A 9 -23.64 -60.96 30.10
CA PHE A 9 -23.65 -60.88 28.65
C PHE A 9 -24.84 -60.06 28.16
N PRO A 10 -24.67 -59.33 27.06
CA PRO A 10 -25.78 -58.59 26.48
C PRO A 10 -26.86 -59.51 25.94
N ARG A 11 -28.06 -58.93 25.78
CA ARG A 11 -29.18 -59.71 25.28
C ARG A 11 -28.96 -60.15 23.83
N GLY A 12 -28.17 -59.39 23.06
CA GLY A 12 -28.01 -59.68 21.65
C GLY A 12 -26.59 -59.95 21.23
N ALA A 13 -25.75 -60.34 22.18
CA ALA A 13 -24.36 -60.72 21.90
C ALA A 13 -24.28 -62.24 21.89
N ASP A 14 -24.38 -62.83 20.70
CA ASP A 14 -24.44 -64.28 20.55
C ASP A 14 -23.09 -64.89 20.22
N GLN A 15 -22.46 -64.45 19.12
CA GLN A 15 -21.15 -64.98 18.76
C GLN A 15 -20.14 -64.76 19.88
N GLU A 16 -20.26 -63.65 20.60
CA GLU A 16 -19.37 -63.40 21.73
C GLU A 16 -19.50 -64.49 22.78
N TYR A 17 -20.73 -64.91 23.08
CA TYR A 17 -20.93 -65.96 24.07
C TYR A 17 -20.38 -67.29 23.58
N SER A 18 -20.49 -67.57 22.28
CA SER A 18 -19.96 -68.83 21.75
C SER A 18 -18.45 -68.90 21.93
N ALA A 19 -17.75 -67.81 21.62
CA ALA A 19 -16.31 -67.78 21.85
C ALA A 19 -15.98 -67.92 23.33
N PHE A 20 -16.89 -67.49 24.20
CA PHE A 20 -16.66 -67.64 25.63
C PHE A 20 -16.73 -69.11 26.05
N ARG A 21 -17.49 -69.92 25.31
CA ARG A 21 -17.58 -71.35 25.61
C ARG A 21 -16.37 -72.10 25.06
N VAL A 22 -15.87 -71.69 23.90
CA VAL A 22 -14.70 -72.36 23.32
C VAL A 22 -13.49 -72.23 24.23
N GLY A 23 -13.30 -71.04 24.82
CA GLY A 23 -12.24 -70.86 25.79
C GLY A 23 -12.44 -71.71 27.03
N MET A 24 -13.69 -72.01 27.36
CA MET A 24 -13.95 -72.92 28.48
C MET A 24 -13.46 -74.33 28.19
N VAL A 25 -13.35 -74.69 26.92
CA VAL A 25 -12.97 -76.04 26.52
C VAL A 25 -11.47 -76.15 26.26
N GLN A 26 -10.91 -75.18 25.53
CA GLN A 26 -9.50 -75.26 25.17
C GLN A 26 -8.58 -75.02 26.36
N PHE A 27 -9.06 -74.32 27.40
CA PHE A 27 -8.22 -73.94 28.53
C PHE A 27 -8.74 -74.53 29.84
N SER A 28 -9.31 -75.72 29.80
CA SER A 28 -9.77 -76.42 31.00
C SER A 28 -8.75 -77.50 31.36
N THR A 29 -8.35 -77.54 32.62
CA THR A 29 -7.31 -78.44 33.08
C THR A 29 -7.85 -79.33 34.21
N SER A 30 -7.09 -80.39 34.49
CA SER A 30 -7.46 -81.30 35.58
C SER A 30 -7.30 -80.63 36.94
N GLU A 31 -6.37 -79.68 37.05
CA GLU A 31 -6.16 -79.00 38.33
C GLU A 31 -7.40 -78.24 38.76
N PHE A 32 -8.08 -77.58 37.83
CA PHE A 32 -9.22 -76.74 38.17
C PHE A 32 -10.04 -76.48 36.91
N ARG A 33 -11.33 -76.25 37.13
CA ARG A 33 -12.25 -75.79 36.09
C ARG A 33 -12.79 -74.43 36.48
N LEU A 34 -13.46 -73.79 35.53
CA LEU A 34 -14.18 -72.56 35.77
C LEU A 34 -15.67 -72.81 35.59
N THR A 35 -16.48 -72.25 36.49
CA THR A 35 -17.93 -72.42 36.45
C THR A 35 -18.58 -71.07 36.15
N PRO A 36 -18.87 -70.79 34.88
CA PRO A 36 -19.43 -69.47 34.53
C PRO A 36 -20.87 -69.34 35.01
N HIS A 37 -21.12 -68.28 35.77
CA HIS A 37 -22.47 -67.91 36.18
C HIS A 37 -22.94 -66.82 35.22
N ILE A 38 -23.84 -67.18 34.31
CA ILE A 38 -24.22 -66.34 33.19
C ILE A 38 -25.49 -65.56 33.55
N ASP A 39 -25.44 -64.24 33.33
CA ASP A 39 -26.60 -63.36 33.46
C ASP A 39 -26.78 -62.62 32.14
N ASN A 40 -27.92 -62.83 31.49
CA ASN A 40 -28.24 -62.16 30.24
C ASN A 40 -29.12 -60.95 30.55
N LEU A 41 -28.58 -59.76 30.33
CA LEU A 41 -29.25 -58.52 30.69
C LEU A 41 -28.95 -57.46 29.63
N GLU A 42 -29.83 -56.47 29.56
CA GLU A 42 -29.61 -55.35 28.65
C GLU A 42 -28.44 -54.51 29.17
N VAL A 43 -27.47 -54.25 28.29
CA VAL A 43 -26.23 -53.62 28.73
C VAL A 43 -26.38 -52.12 28.94
N ALA A 44 -27.24 -51.46 28.14
CA ALA A 44 -27.37 -50.02 28.26
C ALA A 44 -28.15 -49.59 29.49
N ASN A 45 -28.92 -50.49 30.08
CA ASN A 45 -29.67 -50.20 31.31
C ASN A 45 -28.75 -50.40 32.51
N SER A 46 -28.53 -49.32 33.26
CA SER A 46 -27.61 -49.38 34.39
C SER A 46 -28.19 -50.14 35.57
N PHE A 47 -29.52 -50.17 35.71
CA PHE A 47 -30.11 -50.87 36.86
C PHE A 47 -29.86 -52.36 36.78
N ALA A 48 -30.07 -52.96 35.60
CA ALA A 48 -29.85 -54.40 35.46
C ALA A 48 -28.40 -54.77 35.71
N VAL A 49 -27.46 -53.89 35.33
CA VAL A 49 -26.05 -54.16 35.60
C VAL A 49 -25.78 -54.15 37.09
N THR A 50 -26.35 -53.19 37.81
CA THR A 50 -26.17 -53.13 39.25
C THR A 50 -26.77 -54.36 39.92
N ASN A 51 -27.94 -54.79 39.47
CA ASN A 51 -28.56 -56.00 40.02
C ASN A 51 -27.76 -57.24 39.65
N ALA A 52 -27.31 -57.33 38.40
CA ALA A 52 -26.56 -58.51 37.98
C ALA A 52 -25.21 -58.59 38.68
N PHE A 53 -24.54 -57.44 38.85
CA PHE A 53 -23.26 -57.43 39.55
C PHE A 53 -23.43 -57.82 41.01
N CYS A 54 -24.40 -57.21 41.69
CA CYS A 54 -24.65 -57.55 43.08
C CYS A 54 -25.19 -58.97 43.22
N SER A 55 -25.85 -59.49 42.18
CA SER A 55 -26.20 -60.91 42.18
C SER A 55 -24.95 -61.76 42.22
N GLN A 56 -24.00 -61.51 41.32
CA GLN A 56 -22.75 -62.26 41.31
C GLN A 56 -21.95 -62.01 42.58
N PHE A 57 -22.04 -60.79 43.14
CA PHE A 57 -21.27 -60.48 44.33
C PHE A 57 -21.75 -61.29 45.52
N SER A 58 -23.07 -61.34 45.75
CA SER A 58 -23.60 -62.12 46.85
C SER A 58 -23.39 -63.61 46.64
N ARG A 59 -23.31 -64.05 45.38
CA ARG A 59 -23.03 -65.45 45.07
C ARG A 59 -21.56 -65.80 45.21
N GLY A 60 -20.71 -64.86 45.60
CA GLY A 60 -19.31 -65.13 45.84
C GLY A 60 -18.53 -65.55 44.61
N VAL A 61 -18.31 -64.62 43.69
CA VAL A 61 -17.54 -64.89 42.49
C VAL A 61 -16.13 -64.35 42.68
N TYR A 62 -15.17 -65.00 42.04
CA TYR A 62 -13.78 -64.56 42.10
C TYR A 62 -13.45 -63.54 41.02
N ALA A 63 -14.18 -63.56 39.92
CA ALA A 63 -14.01 -62.59 38.84
C ALA A 63 -15.28 -62.57 38.01
N ILE A 64 -15.49 -61.45 37.32
CA ILE A 64 -16.68 -61.25 36.49
C ILE A 64 -16.24 -60.79 35.11
N PHE A 65 -16.64 -61.52 34.09
CA PHE A 65 -16.39 -61.17 32.70
C PHE A 65 -17.68 -60.66 32.07
N GLY A 66 -17.62 -59.46 31.49
CA GLY A 66 -18.79 -58.87 30.91
C GLY A 66 -18.46 -57.74 29.95
N PHE A 67 -19.48 -56.93 29.65
CA PHE A 67 -19.36 -55.78 28.79
C PHE A 67 -20.00 -54.58 29.47
N TYR A 68 -19.74 -53.39 28.93
CA TYR A 68 -20.39 -52.18 29.42
C TYR A 68 -20.73 -51.28 28.25
N ASP A 69 -21.51 -50.24 28.54
CA ASP A 69 -21.98 -49.26 27.57
C ASP A 69 -21.49 -47.88 28.00
N LYS A 70 -21.65 -46.89 27.11
CA LYS A 70 -21.28 -45.53 27.43
C LYS A 70 -22.03 -45.04 28.66
N LYS A 71 -23.21 -45.58 28.92
CA LYS A 71 -24.00 -45.20 30.09
C LYS A 71 -23.61 -45.97 31.34
N SER A 72 -23.22 -47.23 31.21
CA SER A 72 -23.04 -48.11 32.35
C SER A 72 -21.59 -48.36 32.71
N VAL A 73 -20.64 -47.75 31.99
CA VAL A 73 -19.23 -48.06 32.22
C VAL A 73 -18.79 -47.61 33.61
N ASN A 74 -19.29 -46.46 34.07
CA ASN A 74 -18.90 -45.97 35.38
C ASN A 74 -19.42 -46.89 36.48
N THR A 75 -20.55 -47.57 36.26
CA THR A 75 -21.08 -48.46 37.27
C THR A 75 -20.12 -49.63 37.54
N ILE A 76 -19.51 -50.16 36.49
CA ILE A 76 -18.60 -51.29 36.66
C ILE A 76 -17.31 -50.84 37.34
N THR A 77 -16.73 -49.74 36.87
CA THR A 77 -15.46 -49.28 37.44
C THR A 77 -15.62 -48.86 38.90
N SER A 78 -16.74 -48.24 39.24
CA SER A 78 -16.94 -47.78 40.60
C SER A 78 -17.14 -48.95 41.56
N PHE A 79 -17.95 -49.94 41.15
CA PHE A 79 -18.19 -51.07 42.04
C PHE A 79 -16.97 -51.98 42.14
N CYS A 80 -16.15 -52.05 41.10
CA CYS A 80 -14.95 -52.88 41.16
C CYS A 80 -13.85 -52.22 41.96
N GLY A 81 -13.81 -50.89 42.01
CA GLY A 81 -12.78 -50.21 42.78
C GLY A 81 -13.01 -50.28 44.28
N THR A 82 -14.27 -50.27 44.71
CA THR A 82 -14.56 -50.38 46.14
C THR A 82 -14.56 -51.82 46.60
N LEU A 83 -15.36 -52.68 45.95
CA LEU A 83 -15.44 -54.08 46.34
C LEU A 83 -14.23 -54.89 45.91
N HIS A 84 -13.25 -54.27 45.23
CA HIS A 84 -12.00 -54.92 44.85
C HIS A 84 -12.25 -56.16 43.99
N VAL A 85 -13.28 -56.10 43.16
CA VAL A 85 -13.61 -57.19 42.26
C VAL A 85 -12.92 -56.95 40.92
N SER A 86 -12.37 -58.01 40.34
CA SER A 86 -11.67 -57.90 39.06
C SER A 86 -12.66 -58.13 37.92
N PHE A 87 -12.68 -57.21 36.96
CA PHE A 87 -13.64 -57.23 35.85
C PHE A 87 -12.86 -57.34 34.54
N ILE A 88 -13.01 -58.48 33.87
CA ILE A 88 -12.39 -58.72 32.57
C ILE A 88 -13.42 -58.39 31.49
N THR A 89 -13.00 -57.62 30.48
CA THR A 89 -13.93 -57.17 29.47
C THR A 89 -13.18 -56.83 28.19
N PRO A 90 -13.79 -56.99 27.03
CA PRO A 90 -13.17 -56.55 25.77
C PRO A 90 -13.74 -55.25 25.21
N SER A 91 -14.56 -54.51 25.96
CA SER A 91 -15.16 -53.29 25.47
C SER A 91 -14.10 -52.20 25.29
N PHE A 92 -14.54 -51.03 24.87
CA PHE A 92 -13.60 -49.95 24.58
C PHE A 92 -12.88 -49.53 25.86
N PRO A 93 -11.59 -49.21 25.80
CA PRO A 93 -10.86 -48.86 27.01
C PRO A 93 -11.40 -47.59 27.65
N THR A 94 -11.30 -47.52 28.96
CA THR A 94 -11.72 -46.34 29.70
C THR A 94 -10.67 -45.24 29.59
N ASP A 95 -11.12 -44.00 29.72
CA ASP A 95 -10.22 -42.85 29.68
C ASP A 95 -9.68 -42.63 31.09
N GLY A 96 -8.51 -43.19 31.36
CA GLY A 96 -7.88 -43.04 32.65
C GLY A 96 -7.33 -44.33 33.20
N THR A 97 -6.76 -44.27 34.41
CA THR A 97 -6.15 -45.43 35.07
C THR A 97 -7.13 -45.92 36.12
N HIS A 98 -7.97 -46.87 35.73
CA HIS A 98 -8.98 -47.40 36.63
C HIS A 98 -8.54 -48.75 37.17
N PRO A 99 -8.62 -48.98 38.48
CA PRO A 99 -8.07 -50.21 39.05
C PRO A 99 -9.03 -51.38 38.92
N PHE A 100 -8.45 -52.58 39.01
CA PHE A 100 -9.20 -53.84 39.00
C PHE A 100 -9.99 -54.02 37.71
N VAL A 101 -9.58 -53.36 36.63
CA VAL A 101 -10.24 -53.46 35.34
C VAL A 101 -9.22 -53.96 34.33
N ILE A 102 -9.49 -55.13 33.76
CA ILE A 102 -8.61 -55.76 32.78
C ILE A 102 -9.26 -55.55 31.41
N GLN A 103 -8.73 -54.58 30.65
CA GLN A 103 -9.28 -54.20 29.36
C GLN A 103 -8.56 -54.94 28.25
N MET A 104 -9.28 -55.81 27.54
CA MET A 104 -8.67 -56.61 26.50
C MET A 104 -8.45 -55.83 25.21
N ARG A 105 -9.30 -54.87 24.91
CA ARG A 105 -9.21 -54.12 23.66
C ARG A 105 -8.06 -53.13 23.74
N PRO A 106 -7.12 -53.15 22.79
CA PRO A 106 -6.02 -52.19 22.81
C PRO A 106 -6.49 -50.78 22.50
N ASP A 107 -5.63 -49.82 22.81
CA ASP A 107 -5.95 -48.42 22.57
C ASP A 107 -5.75 -48.12 21.08
N LEU A 108 -6.80 -47.61 20.44
CA LEU A 108 -6.75 -47.28 19.03
C LEU A 108 -6.30 -45.86 18.76
N LYS A 109 -6.33 -45.00 19.79
CA LYS A 109 -6.11 -43.57 19.59
C LYS A 109 -4.77 -43.30 18.91
N GLY A 110 -3.70 -43.90 19.41
CA GLY A 110 -2.39 -43.69 18.80
C GLY A 110 -2.30 -44.25 17.39
N ALA A 111 -3.00 -45.35 17.12
CA ALA A 111 -2.90 -45.99 15.82
C ALA A 111 -3.51 -45.12 14.72
N LEU A 112 -4.75 -44.69 14.92
CA LEU A 112 -5.43 -43.88 13.91
C LEU A 112 -4.65 -42.61 13.61
N LEU A 113 -4.15 -41.95 14.66
CA LEU A 113 -3.40 -40.71 14.47
C LEU A 113 -2.15 -40.97 13.62
N SER A 114 -1.50 -42.11 13.81
CA SER A 114 -0.32 -42.40 13.02
C SER A 114 -0.65 -42.78 11.57
N LEU A 115 -1.88 -43.26 11.32
CA LEU A 115 -2.25 -43.54 9.94
C LEU A 115 -2.66 -42.28 9.20
N ILE A 116 -3.41 -41.39 9.87
CA ILE A 116 -3.73 -40.10 9.27
C ILE A 116 -2.46 -39.34 8.94
N GLU A 117 -1.47 -39.41 9.84
CA GLU A 117 -0.17 -38.83 9.56
C GLU A 117 0.53 -39.55 8.41
N TYR A 118 0.23 -40.83 8.20
CA TYR A 118 0.82 -41.57 7.09
C TYR A 118 0.25 -41.10 5.75
N TYR A 119 -1.07 -41.19 5.61
CA TYR A 119 -1.72 -40.67 4.41
C TYR A 119 -1.54 -39.17 4.24
N GLN A 120 -1.07 -38.48 5.30
CA GLN A 120 -0.84 -37.04 5.28
C GLN A 120 -2.11 -36.29 4.88
N TRP A 121 -3.14 -36.47 5.70
CA TRP A 121 -4.39 -35.75 5.51
C TRP A 121 -4.34 -34.41 6.23
N ASP A 122 -5.04 -33.43 5.67
CA ASP A 122 -5.15 -32.10 6.26
C ASP A 122 -6.59 -31.61 6.40
N LYS A 123 -7.53 -32.22 5.69
CA LYS A 123 -8.93 -31.80 5.74
C LYS A 123 -9.77 -33.04 5.42
N PHE A 124 -10.46 -33.58 6.42
CA PHE A 124 -11.26 -34.78 6.26
C PHE A 124 -12.57 -34.61 7.02
N ALA A 125 -13.41 -35.64 6.93
CA ALA A 125 -14.68 -35.68 7.64
C ALA A 125 -14.62 -36.81 8.66
N TYR A 126 -15.00 -36.50 9.89
CA TYR A 126 -14.93 -37.45 11.01
C TYR A 126 -16.37 -37.77 11.42
N LEU A 127 -16.92 -38.82 10.85
CA LEU A 127 -18.28 -39.26 11.17
C LEU A 127 -18.20 -40.23 12.35
N TYR A 128 -18.47 -39.73 13.54
CA TYR A 128 -18.37 -40.52 14.76
C TYR A 128 -19.76 -40.86 15.29
N ASP A 129 -19.85 -42.01 15.95
CA ASP A 129 -21.07 -42.39 16.67
C ASP A 129 -20.81 -42.31 18.16
N SER A 130 -21.76 -41.73 18.88
CA SER A 130 -21.65 -41.59 20.33
C SER A 130 -21.65 -42.92 21.06
N ASP A 131 -21.83 -44.03 20.35
CA ASP A 131 -22.02 -45.33 21.00
C ASP A 131 -20.76 -45.76 21.75
N ARG A 132 -19.64 -45.91 21.04
CA ARG A 132 -18.41 -46.42 21.64
C ARG A 132 -17.65 -45.39 22.44
N GLY A 133 -18.22 -44.20 22.65
CA GLY A 133 -17.56 -43.15 23.40
C GLY A 133 -17.03 -42.06 22.50
N LEU A 134 -16.20 -41.21 23.11
CA LEU A 134 -15.57 -40.09 22.40
C LEU A 134 -14.10 -39.96 22.76
N SER A 135 -13.47 -41.02 23.28
CA SER A 135 -12.04 -40.98 23.56
C SER A 135 -11.25 -40.74 22.28
N THR A 136 -11.67 -41.37 21.17
CA THR A 136 -11.02 -41.12 19.89
C THR A 136 -11.38 -39.74 19.35
N LEU A 137 -12.58 -39.24 19.67
CA LEU A 137 -12.96 -37.90 19.23
C LEU A 137 -12.10 -36.83 19.92
N GLN A 138 -11.76 -37.06 21.19
CA GLN A 138 -10.86 -36.14 21.87
C GLN A 138 -9.43 -36.28 21.37
N ALA A 139 -9.07 -37.45 20.83
CA ALA A 139 -7.71 -37.64 20.33
C ALA A 139 -7.49 -36.85 19.04
N VAL A 140 -8.48 -36.84 18.15
CA VAL A 140 -8.33 -36.10 16.89
C VAL A 140 -8.55 -34.61 17.11
N LEU A 141 -9.40 -34.23 18.05
CA LEU A 141 -9.64 -32.81 18.29
C LEU A 141 -8.44 -32.16 18.96
N ASP A 142 -7.83 -32.84 19.94
CA ASP A 142 -6.63 -32.29 20.56
C ASP A 142 -5.43 -32.32 19.63
N SER A 143 -5.37 -33.31 18.74
CA SER A 143 -4.32 -33.36 17.74
C SER A 143 -4.64 -32.52 16.52
N ALA A 144 -5.87 -32.01 16.41
CA ALA A 144 -6.20 -31.12 15.30
C ALA A 144 -5.44 -29.81 15.40
N ALA A 145 -5.08 -29.37 16.60
CA ALA A 145 -4.33 -28.15 16.79
C ALA A 145 -2.82 -28.40 16.73
N GLU A 146 -2.36 -29.55 17.22
CA GLU A 146 -0.93 -29.84 17.22
C GLU A 146 -0.38 -29.95 15.80
N LYS A 147 -1.20 -30.37 14.83
CA LYS A 147 -0.79 -30.48 13.45
C LYS A 147 -1.54 -29.53 12.52
N LYS A 148 -2.51 -28.78 13.04
CA LYS A 148 -3.29 -27.81 12.28
C LYS A 148 -4.05 -28.50 11.14
N TRP A 149 -5.10 -29.21 11.52
CA TRP A 149 -6.00 -29.90 10.61
C TRP A 149 -7.31 -29.12 10.48
N GLN A 150 -8.11 -29.52 9.50
CA GLN A 150 -9.46 -28.96 9.32
C GLN A 150 -10.43 -30.14 9.27
N VAL A 151 -10.98 -30.49 10.44
CA VAL A 151 -11.80 -31.68 10.61
C VAL A 151 -13.27 -31.30 10.63
N THR A 152 -14.09 -32.13 10.00
CA THR A 152 -15.54 -31.93 9.93
C THR A 152 -16.21 -32.99 10.79
N ALA A 153 -16.40 -32.68 12.07
CA ALA A 153 -16.95 -33.63 13.02
C ALA A 153 -18.46 -33.67 12.92
N ILE A 154 -19.02 -34.88 12.85
CA ILE A 154 -20.46 -35.09 12.77
C ILE A 154 -20.85 -36.22 13.70
N ASN A 155 -21.85 -35.99 14.53
CA ASN A 155 -22.37 -37.03 15.44
C ASN A 155 -23.41 -37.84 14.67
N VAL A 156 -22.98 -38.98 14.12
CA VAL A 156 -23.88 -39.86 13.37
C VAL A 156 -24.65 -40.81 14.27
N GLY A 157 -24.46 -40.73 15.59
CA GLY A 157 -25.13 -41.62 16.51
C GLY A 157 -26.64 -41.48 16.54
N ASN A 158 -27.12 -40.26 16.79
CA ASN A 158 -28.56 -40.02 16.86
C ASN A 158 -29.11 -39.94 15.44
N ILE A 159 -29.68 -41.04 14.97
CA ILE A 159 -30.32 -41.10 13.65
C ILE A 159 -31.53 -42.02 13.77
N ASN A 160 -32.72 -41.45 13.62
CA ASN A 160 -33.93 -42.26 13.62
C ASN A 160 -33.94 -43.21 12.42
N ASN A 161 -34.45 -44.42 12.63
CA ASN A 161 -34.41 -45.43 11.58
C ASN A 161 -35.46 -45.19 10.50
N ASP A 162 -36.57 -44.52 10.83
CA ASP A 162 -37.57 -44.22 9.80
C ASP A 162 -37.06 -43.14 8.86
N LYS A 163 -36.59 -42.02 9.40
CA LYS A 163 -36.01 -40.95 8.60
C LYS A 163 -34.52 -41.18 8.33
N LYS A 164 -34.07 -42.43 8.35
CA LYS A 164 -32.65 -42.70 8.18
C LYS A 164 -32.21 -42.44 6.74
N ASP A 165 -33.06 -42.75 5.77
CA ASP A 165 -32.68 -42.58 4.38
C ASP A 165 -32.65 -41.12 3.96
N GLU A 166 -33.37 -40.23 4.67
CA GLU A 166 -33.43 -38.83 4.29
C GLU A 166 -32.35 -37.98 4.94
N THR A 167 -31.92 -38.35 6.15
CA THR A 167 -30.88 -37.59 6.84
C THR A 167 -29.47 -38.03 6.46
N TYR A 168 -29.31 -39.29 6.05
CA TYR A 168 -27.98 -39.78 5.66
C TYR A 168 -27.49 -39.10 4.39
N ARG A 169 -28.32 -39.10 3.34
CA ARG A 169 -27.97 -38.37 2.13
C ARG A 169 -27.81 -36.89 2.41
N SER A 170 -28.62 -36.34 3.32
CA SER A 170 -28.51 -34.94 3.69
C SER A 170 -27.18 -34.64 4.38
N LEU A 171 -26.59 -35.65 5.04
CA LEU A 171 -25.30 -35.44 5.67
C LEU A 171 -24.18 -35.35 4.64
N PHE A 172 -24.23 -36.20 3.62
CA PHE A 172 -23.20 -36.17 2.58
C PHE A 172 -23.34 -34.99 1.62
N GLN A 173 -24.45 -34.26 1.69
CA GLN A 173 -24.55 -33.00 0.97
C GLN A 173 -23.91 -31.85 1.76
N ASP A 174 -23.73 -32.02 3.07
CA ASP A 174 -22.94 -31.08 3.86
C ASP A 174 -21.45 -31.28 3.63
N LEU A 175 -21.00 -32.54 3.55
CA LEU A 175 -19.64 -32.84 3.14
C LEU A 175 -19.43 -32.51 1.66
N GLU A 176 -20.50 -32.38 0.89
CA GLU A 176 -20.41 -31.93 -0.49
C GLU A 176 -20.20 -30.42 -0.59
N LEU A 177 -20.49 -29.67 0.47
CA LEU A 177 -20.20 -28.25 0.50
C LEU A 177 -18.71 -27.98 0.44
N LYS A 178 -17.92 -28.81 1.12
CA LYS A 178 -16.47 -28.73 1.09
C LYS A 178 -15.84 -29.73 0.13
N LYS A 179 -16.66 -30.43 -0.66
CA LYS A 179 -16.18 -31.47 -1.59
C LYS A 179 -15.31 -32.49 -0.87
N GLU A 180 -15.75 -32.88 0.34
CA GLU A 180 -14.97 -33.76 1.19
C GLU A 180 -14.78 -35.12 0.53
N ARG A 181 -13.53 -35.44 0.18
CA ARG A 181 -13.19 -36.69 -0.45
C ARG A 181 -12.49 -37.66 0.49
N ARG A 182 -12.34 -37.31 1.76
CA ARG A 182 -11.67 -38.16 2.75
C ARG A 182 -12.56 -38.21 3.99
N VAL A 183 -13.22 -39.34 4.21
CA VAL A 183 -14.21 -39.46 5.26
C VAL A 183 -13.77 -40.59 6.20
N ILE A 184 -13.62 -40.25 7.48
CA ILE A 184 -13.28 -41.22 8.51
C ILE A 184 -14.57 -41.70 9.17
N LEU A 185 -14.84 -43.00 9.05
CA LEU A 185 -16.05 -43.59 9.62
C LEU A 185 -15.68 -44.18 10.98
N ASP A 186 -15.85 -43.38 12.03
CA ASP A 186 -15.62 -43.84 13.39
C ASP A 186 -16.94 -44.39 13.94
N CYS A 187 -17.22 -45.64 13.58
CA CYS A 187 -18.43 -46.32 14.02
C CYS A 187 -18.10 -47.79 14.26
N GLU A 188 -19.06 -48.49 14.85
CA GLU A 188 -18.93 -49.94 14.98
C GLU A 188 -19.31 -50.60 13.66
N ARG A 189 -18.99 -51.89 13.55
CA ARG A 189 -19.19 -52.63 12.30
C ARG A 189 -20.64 -52.56 11.81
N ASP A 190 -21.60 -52.34 12.71
CA ASP A 190 -22.99 -52.22 12.28
C ASP A 190 -23.23 -50.91 11.54
N LYS A 191 -22.97 -49.79 12.21
CA LYS A 191 -23.16 -48.48 11.57
C LYS A 191 -22.22 -48.25 10.41
N VAL A 192 -21.14 -49.04 10.30
CA VAL A 192 -20.26 -48.92 9.14
C VAL A 192 -21.01 -49.33 7.87
N ASN A 193 -21.64 -50.51 7.90
CA ASN A 193 -22.36 -50.98 6.71
C ASN A 193 -23.52 -50.06 6.38
N ASP A 194 -24.20 -49.52 7.40
CA ASP A 194 -25.27 -48.57 7.15
C ASP A 194 -24.76 -47.38 6.35
N ILE A 195 -23.70 -46.73 6.82
CA ILE A 195 -23.11 -45.62 6.07
C ILE A 195 -22.54 -46.12 4.75
N VAL A 196 -21.94 -47.31 4.75
CA VAL A 196 -21.38 -47.88 3.52
C VAL A 196 -22.46 -48.01 2.45
N ASP A 197 -23.62 -48.55 2.84
CA ASP A 197 -24.72 -48.66 1.88
C ASP A 197 -25.22 -47.30 1.42
N GLN A 198 -25.16 -46.29 2.29
CA GLN A 198 -25.56 -44.94 1.89
C GLN A 198 -24.49 -44.28 1.03
N VAL A 199 -23.22 -44.68 1.19
CA VAL A 199 -22.20 -44.22 0.26
C VAL A 199 -22.46 -44.77 -1.13
N ILE A 200 -22.90 -46.03 -1.20
CA ILE A 200 -23.20 -46.65 -2.49
C ILE A 200 -24.51 -46.13 -3.07
N THR A 201 -25.47 -45.77 -2.21
CA THR A 201 -26.75 -45.27 -2.69
C THR A 201 -26.58 -44.01 -3.53
N ILE A 202 -25.95 -42.97 -2.96
CA ILE A 202 -25.69 -41.74 -3.70
C ILE A 202 -24.43 -41.82 -4.54
N GLY A 203 -23.71 -42.94 -4.50
CA GLY A 203 -22.58 -43.15 -5.40
C GLY A 203 -21.33 -42.40 -5.04
N LYS A 204 -21.03 -42.23 -3.76
CA LYS A 204 -19.83 -41.53 -3.30
C LYS A 204 -18.70 -42.49 -3.00
N HIS A 205 -18.57 -43.57 -3.79
CA HIS A 205 -17.51 -44.54 -3.61
C HIS A 205 -16.71 -44.74 -4.90
N VAL A 206 -16.79 -43.80 -5.84
CA VAL A 206 -16.06 -43.90 -7.09
C VAL A 206 -14.62 -43.49 -6.87
N LYS A 207 -13.84 -43.43 -7.95
CA LYS A 207 -12.44 -43.05 -7.85
C LYS A 207 -12.32 -41.61 -7.37
N GLY A 208 -11.52 -41.40 -6.32
CA GLY A 208 -11.35 -40.09 -5.74
C GLY A 208 -11.63 -40.05 -4.26
N TYR A 209 -12.75 -40.63 -3.84
CA TYR A 209 -13.08 -40.71 -2.43
C TYR A 209 -12.10 -41.65 -1.73
N HIS A 210 -12.13 -41.60 -0.40
CA HIS A 210 -11.19 -42.35 0.43
C HIS A 210 -11.76 -42.44 1.83
N TYR A 211 -11.88 -43.64 2.36
CA TYR A 211 -12.49 -43.86 3.66
C TYR A 211 -11.52 -44.60 4.57
N ILE A 212 -11.67 -44.36 5.88
CA ILE A 212 -10.90 -45.04 6.91
C ILE A 212 -11.88 -45.58 7.93
N ILE A 213 -12.05 -46.90 7.98
CA ILE A 213 -12.95 -47.54 8.93
C ILE A 213 -12.22 -47.55 10.28
N ALA A 214 -12.63 -46.64 11.17
CA ALA A 214 -11.93 -46.42 12.44
C ALA A 214 -12.47 -47.37 13.52
N ASN A 215 -12.18 -48.65 13.32
CA ASN A 215 -12.49 -49.68 14.31
C ASN A 215 -11.57 -50.86 14.09
N LEU A 216 -11.53 -51.73 15.10
CA LEU A 216 -10.64 -52.89 15.07
C LEU A 216 -11.18 -54.04 14.24
N GLY A 217 -12.25 -53.82 13.49
CA GLY A 217 -12.84 -54.89 12.71
C GLY A 217 -12.98 -54.55 11.25
N PHE A 218 -11.85 -54.50 10.54
CA PHE A 218 -11.87 -54.13 9.13
C PHE A 218 -12.62 -55.17 8.30
N THR A 219 -12.20 -56.42 8.37
CA THR A 219 -12.83 -57.49 7.60
C THR A 219 -13.98 -58.15 8.35
N ASP A 220 -14.53 -57.48 9.36
CA ASP A 220 -15.70 -58.02 10.05
C ASP A 220 -16.97 -57.84 9.21
N GLY A 221 -17.35 -56.59 8.95
CA GLY A 221 -18.52 -56.31 8.15
C GLY A 221 -18.26 -56.62 6.68
N ASP A 222 -19.23 -56.21 5.86
CA ASP A 222 -19.12 -56.38 4.42
C ASP A 222 -18.29 -55.25 3.83
N LEU A 223 -17.28 -55.62 3.03
CA LEU A 223 -16.51 -54.65 2.27
C LEU A 223 -16.44 -54.99 0.79
N LEU A 224 -17.06 -56.09 0.36
CA LEU A 224 -17.04 -56.47 -1.05
C LEU A 224 -17.95 -55.60 -1.91
N LYS A 225 -18.71 -54.69 -1.32
CA LYS A 225 -19.55 -53.77 -2.07
C LYS A 225 -18.87 -52.45 -2.42
N ILE A 226 -18.12 -51.87 -1.49
CA ILE A 226 -17.36 -50.66 -1.79
C ILE A 226 -16.00 -51.06 -2.31
N GLN A 227 -15.84 -52.35 -2.63
CA GLN A 227 -14.55 -52.88 -3.05
C GLN A 227 -14.21 -52.47 -4.48
N PHE A 228 -15.21 -52.43 -5.36
CA PHE A 228 -14.97 -52.18 -6.78
C PHE A 228 -15.32 -50.76 -7.20
N GLY A 229 -15.78 -49.92 -6.26
CA GLY A 229 -16.10 -48.55 -6.62
C GLY A 229 -14.89 -47.73 -7.03
N GLY A 230 -13.72 -48.04 -6.46
CA GLY A 230 -12.49 -47.34 -6.75
C GLY A 230 -11.97 -46.48 -5.62
N ALA A 231 -12.83 -46.09 -4.69
CA ALA A 231 -12.40 -45.29 -3.55
C ALA A 231 -11.55 -46.15 -2.61
N GLU A 232 -10.42 -45.60 -2.18
CA GLU A 232 -9.53 -46.32 -1.28
C GLU A 232 -10.15 -46.42 0.10
N VAL A 233 -10.37 -47.65 0.56
CA VAL A 233 -10.96 -47.90 1.87
C VAL A 233 -9.91 -48.57 2.74
N SER A 234 -9.47 -47.87 3.77
CA SER A 234 -8.47 -48.37 4.71
C SER A 234 -9.12 -48.60 6.08
N GLY A 235 -8.41 -49.32 6.93
CA GLY A 235 -8.94 -49.64 8.23
C GLY A 235 -7.93 -50.37 9.10
N PHE A 236 -8.44 -51.03 10.14
CA PHE A 236 -7.63 -51.65 11.17
C PHE A 236 -8.09 -53.07 11.43
N GLN A 237 -7.14 -54.00 11.53
CA GLN A 237 -7.41 -55.40 11.79
C GLN A 237 -6.57 -55.88 12.96
N ILE A 238 -7.24 -56.47 13.96
CA ILE A 238 -6.56 -56.94 15.16
C ILE A 238 -6.41 -58.46 15.19
N VAL A 239 -7.26 -59.19 14.47
CA VAL A 239 -7.19 -60.65 14.40
C VAL A 239 -6.53 -61.02 13.08
N ASP A 240 -5.28 -61.46 13.15
CA ASP A 240 -4.56 -61.89 11.95
C ASP A 240 -4.91 -63.34 11.65
N TYR A 241 -5.53 -63.57 10.49
CA TYR A 241 -5.88 -64.92 10.07
C TYR A 241 -4.72 -65.66 9.42
N ASP A 242 -3.52 -65.07 9.42
CA ASP A 242 -2.34 -65.72 8.89
C ASP A 242 -1.53 -66.46 9.96
N ASP A 243 -1.65 -66.05 11.22
CA ASP A 243 -0.90 -66.70 12.29
C ASP A 243 -1.30 -68.16 12.43
N SER A 244 -0.31 -69.01 12.64
CA SER A 244 -0.57 -70.44 12.82
C SER A 244 -1.43 -70.71 14.06
N LEU A 245 -1.52 -69.76 14.99
CA LEU A 245 -2.40 -69.92 16.13
C LEU A 245 -3.86 -69.69 15.73
N VAL A 246 -4.10 -68.62 14.97
CA VAL A 246 -5.47 -68.30 14.59
C VAL A 246 -5.98 -69.26 13.51
N SER A 247 -5.10 -69.69 12.62
CA SER A 247 -5.51 -70.65 11.59
C SER A 247 -5.94 -71.97 12.22
N LYS A 248 -5.21 -72.44 13.22
CA LYS A 248 -5.67 -73.58 14.01
C LYS A 248 -7.04 -73.31 14.61
N PHE A 249 -7.26 -72.06 15.06
CA PHE A 249 -8.54 -71.70 15.65
C PHE A 249 -9.64 -71.63 14.59
N ILE A 250 -9.34 -71.00 13.45
CA ILE A 250 -10.36 -70.80 12.43
C ILE A 250 -10.80 -72.13 11.83
N GLU A 251 -9.85 -73.02 11.53
CA GLU A 251 -10.20 -74.31 10.95
C GLU A 251 -11.14 -75.09 11.88
N ARG A 252 -10.83 -75.11 13.17
CA ARG A 252 -11.74 -75.72 14.14
C ARG A 252 -13.02 -74.90 14.29
N TRP A 253 -12.91 -73.58 14.13
CA TRP A 253 -14.07 -72.71 14.28
C TRP A 253 -15.01 -72.82 13.09
N SER A 254 -14.46 -72.82 11.88
CA SER A 254 -15.28 -72.87 10.66
C SER A 254 -16.00 -74.19 10.48
N THR A 255 -15.64 -75.23 11.23
CA THR A 255 -16.27 -76.54 11.09
C THR A 255 -17.37 -76.78 12.11
N LEU A 256 -17.51 -75.92 13.12
CA LEU A 256 -18.54 -76.11 14.13
C LEU A 256 -19.93 -76.00 13.51
N GLU A 257 -20.92 -76.53 14.23
CA GLU A 257 -22.30 -76.45 13.78
C GLU A 257 -22.91 -75.11 14.17
N GLU A 258 -23.78 -74.60 13.30
CA GLU A 258 -24.41 -73.31 13.54
C GLU A 258 -25.64 -73.41 14.44
N LYS A 259 -25.91 -74.58 15.02
CA LYS A 259 -27.00 -74.75 15.96
C LYS A 259 -26.54 -74.50 17.39
N GLU A 260 -25.42 -75.11 17.79
CA GLU A 260 -24.92 -74.93 19.15
C GLU A 260 -24.34 -73.54 19.35
N TYR A 261 -23.32 -73.20 18.56
CA TYR A 261 -22.65 -71.91 18.68
C TYR A 261 -23.09 -71.00 17.52
N PRO A 262 -23.98 -70.05 17.75
CA PRO A 262 -24.45 -69.20 16.65
C PRO A 262 -23.32 -68.34 16.08
N GLY A 263 -23.45 -68.04 14.79
CA GLY A 263 -22.46 -67.22 14.10
C GLY A 263 -21.07 -67.79 14.08
N ALA A 264 -20.93 -69.11 14.24
CA ALA A 264 -19.62 -69.74 14.33
C ALA A 264 -19.26 -70.56 13.09
N HIS A 265 -20.21 -70.82 12.19
CA HIS A 265 -19.96 -71.62 10.99
C HIS A 265 -19.31 -70.81 9.87
N THR A 266 -18.58 -69.76 10.21
CA THR A 266 -17.94 -68.91 9.21
C THR A 266 -16.43 -69.06 9.27
N ALA A 267 -15.76 -68.48 8.27
CA ALA A 267 -14.30 -68.46 8.21
C ALA A 267 -13.70 -67.25 8.88
N THR A 268 -14.53 -66.36 9.44
CA THR A 268 -14.06 -65.15 10.10
C THR A 268 -14.64 -65.09 11.50
N ILE A 269 -14.18 -64.10 12.26
CA ILE A 269 -14.64 -63.91 13.64
C ILE A 269 -14.42 -62.45 14.00
N LYS A 270 -15.41 -61.88 14.68
CA LYS A 270 -15.33 -60.47 15.05
C LYS A 270 -14.25 -60.25 16.11
N TYR A 271 -13.81 -58.99 16.22
CA TYR A 271 -12.79 -58.65 17.21
C TYR A 271 -13.35 -58.70 18.62
N THR A 272 -14.64 -58.37 18.80
CA THR A 272 -15.24 -58.49 20.12
C THR A 272 -15.32 -59.95 20.54
N SER A 273 -15.65 -60.85 19.62
CA SER A 273 -15.68 -62.26 19.95
C SER A 273 -14.29 -62.82 20.12
N ALA A 274 -13.33 -62.36 19.31
CA ALA A 274 -11.98 -62.88 19.39
C ALA A 274 -11.33 -62.56 20.73
N LEU A 275 -11.56 -61.35 21.25
CA LEU A 275 -11.02 -61.00 22.56
C LEU A 275 -11.67 -61.81 23.66
N THR A 276 -12.94 -62.19 23.49
CA THR A 276 -13.59 -63.04 24.49
C THR A 276 -12.90 -64.39 24.59
N TYR A 277 -12.45 -64.94 23.46
CA TYR A 277 -11.70 -66.20 23.49
C TYR A 277 -10.37 -66.02 24.20
N ASP A 278 -9.66 -64.92 23.92
CA ASP A 278 -8.42 -64.64 24.64
C ASP A 278 -8.66 -64.17 26.06
N ALA A 279 -9.90 -63.82 26.41
CA ALA A 279 -10.22 -63.45 27.78
C ALA A 279 -10.32 -64.66 28.70
N VAL A 280 -10.77 -65.80 28.17
CA VAL A 280 -10.87 -67.00 29.00
C VAL A 280 -9.48 -67.52 29.35
N GLN A 281 -8.53 -67.40 28.42
CA GLN A 281 -7.17 -67.84 28.70
C GLN A 281 -6.50 -66.95 29.73
N VAL A 282 -6.78 -65.65 29.70
CA VAL A 282 -6.23 -64.74 30.70
C VAL A 282 -6.82 -65.04 32.08
N MET A 283 -8.12 -65.35 32.12
CA MET A 283 -8.74 -65.76 33.39
C MET A 283 -8.29 -67.14 33.81
N THR A 284 -8.01 -68.03 32.85
CA THR A 284 -7.50 -69.35 33.21
C THR A 284 -6.06 -69.26 33.70
N GLU A 285 -5.18 -68.60 32.94
CA GLU A 285 -3.77 -68.55 33.31
C GLU A 285 -3.56 -67.80 34.62
N ALA A 286 -4.42 -66.84 34.94
CA ALA A 286 -4.29 -66.12 36.19
C ALA A 286 -4.56 -67.03 37.38
N PHE A 287 -5.69 -67.76 37.34
CA PHE A 287 -5.97 -68.73 38.39
C PHE A 287 -4.98 -69.89 38.36
N ARG A 288 -4.42 -70.20 37.19
CA ARG A 288 -3.33 -71.16 37.13
C ARG A 288 -2.07 -70.59 37.77
N ASN A 289 -1.87 -69.27 37.68
CA ASN A 289 -0.75 -68.62 38.36
C ASN A 289 -1.04 -68.30 39.81
N LEU A 290 -2.27 -68.48 40.27
CA LEU A 290 -2.55 -68.42 41.70
C LEU A 290 -2.42 -69.78 42.36
N ARG A 291 -2.55 -70.87 41.60
CA ARG A 291 -2.27 -72.19 42.15
C ARG A 291 -0.78 -72.40 42.35
N LYS A 292 0.04 -71.86 41.46
CA LYS A 292 1.48 -72.02 41.57
C LYS A 292 2.09 -71.06 42.57
N GLN A 293 1.47 -69.91 42.79
CA GLN A 293 1.98 -68.91 43.73
C GLN A 293 1.48 -69.10 45.15
N ARG A 294 0.67 -70.14 45.40
CA ARG A 294 0.21 -70.49 46.75
C ARG A 294 -0.55 -69.34 47.42
N ILE A 295 -1.39 -68.65 46.64
CA ILE A 295 -2.25 -67.60 47.17
C ILE A 295 -3.67 -68.16 47.22
N GLU A 296 -4.19 -68.37 48.44
CA GLU A 296 -5.53 -68.91 48.61
C GLU A 296 -6.54 -67.79 48.39
N ILE A 297 -7.46 -68.01 47.44
CA ILE A 297 -8.46 -67.02 47.07
C ILE A 297 -9.87 -67.47 47.44
N SER A 298 -9.99 -68.55 48.22
CA SER A 298 -11.31 -69.04 48.59
C SER A 298 -12.08 -68.10 49.51
N ARG A 299 -13.37 -67.94 49.24
CA ARG A 299 -14.18 -67.02 50.02
C ARG A 299 -14.38 -67.46 51.47
N ARG A 300 -14.35 -66.49 52.38
CA ARG A 300 -14.54 -66.79 53.81
C ARG A 300 -15.99 -67.22 53.97
N GLY A 301 -16.92 -66.39 53.54
CA GLY A 301 -18.33 -66.71 53.59
C GLY A 301 -19.06 -65.91 52.53
N ASN A 302 -20.33 -65.61 52.81
CA ASN A 302 -21.12 -64.79 51.90
C ASN A 302 -20.56 -63.37 51.85
N ALA A 303 -20.44 -62.83 50.64
CA ALA A 303 -20.03 -61.43 50.50
C ALA A 303 -21.13 -60.47 50.96
N GLY A 304 -22.31 -60.98 51.30
CA GLY A 304 -23.39 -60.16 51.77
C GLY A 304 -23.95 -59.27 50.67
N ASP A 305 -24.74 -58.29 51.11
CA ASP A 305 -25.27 -57.30 50.18
C ASP A 305 -24.15 -56.37 49.74
N CYS A 306 -24.05 -56.15 48.42
CA CYS A 306 -23.06 -55.21 47.89
C CYS A 306 -23.23 -53.83 48.50
N LEU A 307 -24.46 -53.47 48.87
CA LEU A 307 -24.77 -52.21 49.53
C LEU A 307 -24.41 -52.21 51.01
N ALA A 308 -23.52 -53.11 51.44
CA ALA A 308 -23.11 -53.15 52.84
C ALA A 308 -22.47 -51.84 53.24
N ASN A 309 -22.87 -51.30 54.38
CA ASN A 309 -22.35 -50.04 54.86
C ASN A 309 -21.79 -50.20 56.27
N PRO A 310 -20.47 -50.02 56.43
CA PRO A 310 -19.50 -49.72 55.37
C PRO A 310 -19.16 -50.94 54.52
N ALA A 311 -18.81 -50.69 53.25
CA ALA A 311 -18.43 -51.77 52.34
C ALA A 311 -17.04 -52.29 52.70
N VAL A 312 -16.94 -53.60 52.89
CA VAL A 312 -15.69 -54.24 53.27
C VAL A 312 -15.07 -54.84 52.01
N PRO A 313 -13.88 -54.40 51.60
CA PRO A 313 -13.20 -55.03 50.45
C PRO A 313 -12.46 -56.29 50.90
N TRP A 314 -12.79 -57.42 50.29
CA TRP A 314 -12.16 -58.68 50.67
C TRP A 314 -10.69 -58.67 50.23
N GLY A 315 -9.85 -59.31 51.06
CA GLY A 315 -8.41 -59.14 50.91
C GLY A 315 -7.86 -59.78 49.65
N GLN A 316 -8.27 -61.01 49.37
CA GLN A 316 -7.71 -61.75 48.24
C GLN A 316 -8.09 -61.16 46.89
N GLY A 317 -8.90 -60.11 46.84
CA GLY A 317 -9.24 -59.51 45.56
C GLY A 317 -8.07 -58.76 44.94
N VAL A 318 -7.32 -58.00 45.75
CA VAL A 318 -6.20 -57.23 45.23
C VAL A 318 -5.11 -58.13 44.68
N GLU A 319 -5.03 -59.37 45.15
CA GLU A 319 -4.08 -60.31 44.57
C GLU A 319 -4.59 -60.88 43.25
N ILE A 320 -5.90 -60.95 43.05
CA ILE A 320 -6.41 -61.41 41.77
C ILE A 320 -6.12 -60.41 40.67
N GLU A 321 -6.12 -59.11 41.00
CA GLU A 321 -5.73 -58.10 40.01
C GLU A 321 -4.28 -58.27 39.60
N ARG A 322 -3.38 -58.34 40.59
CA ARG A 322 -1.97 -58.54 40.29
C ARG A 322 -1.73 -59.80 39.50
N ALA A 323 -2.54 -60.84 39.72
CA ALA A 323 -2.41 -62.07 38.93
C ALA A 323 -2.87 -61.84 37.50
N LEU A 324 -4.01 -61.17 37.33
CA LEU A 324 -4.51 -60.90 35.98
C LEU A 324 -3.61 -59.90 35.24
N LYS A 325 -3.29 -58.77 35.89
CA LYS A 325 -2.52 -57.72 35.23
C LYS A 325 -1.10 -58.15 34.86
N GLN A 326 -0.64 -59.29 35.35
CA GLN A 326 0.70 -59.77 35.02
C GLN A 326 0.70 -60.98 34.11
N VAL A 327 -0.47 -61.42 33.64
CA VAL A 327 -0.54 -62.50 32.68
C VAL A 327 -0.03 -62.02 31.33
N GLN A 328 0.77 -62.85 30.66
CA GLN A 328 1.30 -62.54 29.33
C GLN A 328 1.30 -63.83 28.53
N VAL A 329 0.24 -64.05 27.75
CA VAL A 329 0.12 -65.25 26.93
C VAL A 329 -0.13 -64.87 25.48
N GLU A 330 -0.39 -65.87 24.64
CA GLU A 330 -0.59 -65.67 23.21
C GLU A 330 -1.92 -66.27 22.81
N GLY A 331 -2.69 -65.53 22.03
CA GLY A 331 -4.01 -65.97 21.59
C GLY A 331 -4.33 -65.41 20.22
N LEU A 332 -5.62 -65.13 20.01
CA LEU A 332 -6.06 -64.64 18.71
C LEU A 332 -5.60 -63.21 18.46
N SER A 333 -5.77 -62.34 19.45
CA SER A 333 -5.44 -60.93 19.29
C SER A 333 -3.94 -60.66 19.32
N GLY A 334 -3.10 -61.68 19.17
CA GLY A 334 -1.66 -61.47 19.18
C GLY A 334 -1.10 -61.43 20.59
N ASN A 335 -0.06 -60.63 20.76
CA ASN A 335 0.57 -60.49 22.07
C ASN A 335 -0.39 -59.84 23.06
N ILE A 336 -0.30 -60.25 24.31
CA ILE A 336 -1.20 -59.79 25.37
C ILE A 336 -0.37 -59.44 26.60
N LYS A 337 -0.30 -58.15 26.92
CA LYS A 337 0.37 -57.70 28.13
C LYS A 337 -0.35 -56.48 28.67
N PHE A 338 -0.45 -56.40 29.99
CA PHE A 338 -1.10 -55.30 30.67
C PHE A 338 -0.10 -54.58 31.58
N ASP A 339 -0.47 -53.39 32.02
CA ASP A 339 0.32 -52.62 32.97
C ASP A 339 -0.42 -52.53 34.30
N GLN A 340 0.11 -51.69 35.20
CA GLN A 340 -0.49 -51.49 36.52
C GLN A 340 -1.85 -50.79 36.46
N ASN A 341 -2.34 -50.43 35.27
CA ASN A 341 -3.62 -49.78 35.12
C ASN A 341 -4.67 -50.66 34.46
N GLY A 342 -4.27 -51.58 33.59
CA GLY A 342 -5.20 -52.44 32.87
C GLY A 342 -5.21 -52.25 31.37
N LYS A 343 -4.65 -51.16 30.86
CA LYS A 343 -4.58 -50.93 29.42
C LYS A 343 -3.71 -51.98 28.75
N ARG A 344 -3.92 -52.16 27.45
CA ARG A 344 -3.07 -53.05 26.67
C ARG A 344 -1.77 -52.35 26.30
N ILE A 345 -0.65 -53.07 26.45
CA ILE A 345 0.65 -52.57 26.05
C ILE A 345 1.39 -53.68 25.30
N ASN A 346 2.30 -53.27 24.42
CA ASN A 346 3.02 -54.17 23.53
C ASN A 346 2.05 -55.02 22.71
N TYR A 347 1.08 -54.34 22.08
CA TYR A 347 0.12 -54.97 21.19
C TYR A 347 0.50 -54.66 19.74
N THR A 348 -0.31 -55.17 18.81
CA THR A 348 -0.03 -55.03 17.39
C THR A 348 -1.33 -54.84 16.64
N ILE A 349 -1.51 -53.66 16.05
CA ILE A 349 -2.69 -53.34 15.25
C ILE A 349 -2.25 -53.22 13.80
N ASN A 350 -2.89 -53.99 12.92
CA ASN A 350 -2.53 -53.99 11.51
C ASN A 350 -3.23 -52.85 10.77
N ILE A 351 -2.54 -52.29 9.78
CA ILE A 351 -3.13 -51.30 8.88
C ILE A 351 -3.47 -52.00 7.59
N MET A 352 -4.74 -51.92 7.18
CA MET A 352 -5.25 -52.69 6.06
C MET A 352 -5.76 -51.76 4.98
N GLU A 353 -5.68 -52.23 3.73
CA GLU A 353 -6.20 -51.52 2.58
C GLU A 353 -7.05 -52.47 1.75
N LEU A 354 -8.14 -51.94 1.19
CA LEU A 354 -9.08 -52.73 0.40
C LEU A 354 -8.85 -52.44 -1.08
N LYS A 355 -8.25 -53.39 -1.78
CA LYS A 355 -8.02 -53.26 -3.21
C LYS A 355 -9.03 -54.15 -3.94
N THR A 356 -8.77 -54.43 -5.21
CA THR A 356 -9.69 -55.25 -5.99
C THR A 356 -9.80 -56.71 -5.55
N ASN A 357 -8.66 -57.35 -5.24
CA ASN A 357 -8.66 -58.76 -4.88
C ASN A 357 -9.21 -59.02 -3.49
N GLY A 358 -9.41 -57.99 -2.68
CA GLY A 358 -9.89 -58.15 -1.33
C GLY A 358 -9.02 -57.42 -0.33
N PRO A 359 -9.15 -57.76 0.96
CA PRO A 359 -8.33 -57.11 1.97
C PRO A 359 -6.86 -57.43 1.80
N ARG A 360 -6.01 -56.50 2.24
CA ARG A 360 -4.58 -56.65 2.11
C ARG A 360 -3.91 -56.07 3.36
N LYS A 361 -2.81 -56.70 3.77
CA LYS A 361 -2.03 -56.25 4.91
C LYS A 361 -0.88 -55.36 4.42
N ILE A 362 -0.83 -54.13 4.92
CA ILE A 362 0.19 -53.19 4.52
C ILE A 362 1.18 -52.86 5.62
N GLY A 363 0.82 -53.05 6.89
CA GLY A 363 1.73 -52.75 7.96
C GLY A 363 1.04 -52.84 9.31
N TYR A 364 1.84 -52.68 10.36
CA TYR A 364 1.39 -52.78 11.73
C TYR A 364 1.72 -51.49 12.48
N TRP A 365 1.17 -51.38 13.68
CA TRP A 365 1.37 -50.21 14.52
C TRP A 365 1.68 -50.65 15.94
N SER A 366 2.64 -49.97 16.57
CA SER A 366 3.04 -50.23 17.93
C SER A 366 3.15 -48.91 18.68
N GLU A 367 2.82 -48.95 19.98
CA GLU A 367 2.92 -47.73 20.78
C GLU A 367 4.36 -47.27 20.93
N VAL A 368 5.34 -48.13 20.64
CA VAL A 368 6.74 -47.74 20.73
C VAL A 368 7.39 -47.56 19.35
N ASP A 369 6.88 -48.23 18.32
CA ASP A 369 7.44 -48.10 16.98
C ASP A 369 6.59 -47.25 16.05
N LYS A 370 5.47 -46.69 16.55
CA LYS A 370 4.50 -46.00 15.71
C LYS A 370 4.12 -46.88 14.55
N MET A 371 3.99 -46.31 13.35
CA MET A 371 3.64 -47.08 12.17
C MET A 371 4.90 -47.55 11.47
N VAL A 372 4.90 -48.82 11.06
CA VAL A 372 6.04 -49.44 10.38
C VAL A 372 5.50 -50.21 9.19
N LEU A 373 5.97 -49.86 7.99
CA LEU A 373 5.48 -50.50 6.78
C LEU A 373 5.99 -51.94 6.69
N THR A 374 5.38 -52.71 5.78
CA THR A 374 5.77 -54.08 5.51
C THR A 374 6.32 -54.17 4.09
N GLU A 375 7.59 -54.55 3.98
CA GLU A 375 8.28 -54.54 2.69
C GLU A 375 8.08 -55.82 1.88
N ASP A 376 7.79 -56.95 2.53
CA ASP A 376 7.48 -58.20 1.83
C ASP A 376 6.04 -58.17 1.31
N ASP A 377 5.78 -57.20 0.46
CA ASP A 377 4.43 -56.94 -0.05
C ASP A 377 4.52 -56.30 -1.44
N THR A 378 3.57 -56.60 -2.33
CA THR A 378 2.43 -57.48 -2.03
C THR A 378 2.05 -58.31 -3.25
N SER A 379 1.48 -57.64 -4.25
CA SER A 379 1.00 -58.38 -5.42
C SER A 379 2.09 -58.50 -6.49
N GLY A 380 2.62 -57.38 -6.92
CA GLY A 380 3.68 -57.38 -7.92
C GLY A 380 3.62 -56.12 -8.77
N LEU A 381 3.82 -56.30 -10.07
CA LEU A 381 3.80 -55.20 -11.02
C LEU A 381 2.37 -54.71 -11.21
N GLU A 382 2.05 -53.56 -10.63
CA GLU A 382 0.70 -53.01 -10.66
C GLU A 382 0.56 -52.06 -11.84
N GLN A 383 -0.32 -52.42 -12.78
CA GLN A 383 -0.61 -51.61 -13.96
C GLN A 383 -2.04 -51.09 -13.82
N LYS A 384 -2.17 -49.98 -13.11
CA LYS A 384 -3.48 -49.39 -12.83
C LYS A 384 -3.92 -48.47 -13.96
N THR A 385 -5.23 -48.45 -14.19
CA THR A 385 -5.81 -47.54 -15.17
C THR A 385 -5.60 -46.10 -14.74
N VAL A 386 -5.13 -45.26 -15.67
CA VAL A 386 -4.86 -43.85 -15.41
C VAL A 386 -5.99 -43.04 -16.02
N VAL A 387 -6.69 -42.28 -15.17
CA VAL A 387 -7.80 -41.45 -15.62
C VAL A 387 -7.24 -40.12 -16.09
N VAL A 388 -7.25 -39.91 -17.41
CA VAL A 388 -6.71 -38.70 -18.02
C VAL A 388 -7.86 -37.77 -18.36
N THR A 389 -7.85 -36.58 -17.75
CA THR A 389 -8.86 -35.58 -18.00
C THR A 389 -8.36 -34.57 -19.02
N THR A 390 -9.26 -34.10 -19.89
CA THR A 390 -8.89 -33.15 -20.93
C THR A 390 -10.14 -32.40 -21.38
N ILE A 391 -9.91 -31.28 -22.06
CA ILE A 391 -10.97 -30.38 -22.49
C ILE A 391 -11.12 -30.47 -24.00
N LEU A 392 -12.37 -30.42 -24.47
CA LEU A 392 -12.69 -30.49 -25.90
C LEU A 392 -12.51 -29.10 -26.51
N GLU A 393 -11.30 -28.84 -27.01
CA GLU A 393 -11.00 -27.59 -27.70
C GLU A 393 -10.02 -27.87 -28.83
N SER A 394 -10.46 -27.59 -30.05
CA SER A 394 -9.65 -27.86 -31.24
C SER A 394 -8.40 -26.98 -31.27
N PRO A 395 -7.30 -27.51 -31.86
CA PRO A 395 -7.17 -28.85 -32.43
C PRO A 395 -6.56 -29.85 -31.44
N TYR A 396 -6.62 -29.52 -30.14
CA TYR A 396 -5.98 -30.32 -29.11
C TYR A 396 -6.74 -31.61 -28.85
N VAL A 397 -8.03 -31.51 -28.55
CA VAL A 397 -8.83 -32.70 -28.31
C VAL A 397 -10.16 -32.60 -29.06
N MET A 398 -10.27 -33.28 -30.20
CA MET A 398 -11.47 -33.27 -31.01
C MET A 398 -11.98 -34.69 -31.18
N MET A 399 -13.27 -34.80 -31.47
CA MET A 399 -13.88 -36.09 -31.78
C MET A 399 -13.84 -36.30 -33.29
N LYS A 400 -13.45 -37.49 -33.71
CA LYS A 400 -13.39 -37.82 -35.12
C LYS A 400 -14.78 -37.74 -35.74
N LYS A 401 -14.82 -37.68 -37.07
CA LYS A 401 -16.10 -37.70 -37.78
C LYS A 401 -16.87 -38.98 -37.52
N ASN A 402 -16.20 -40.05 -37.10
CA ASN A 402 -16.84 -41.31 -36.80
C ASN A 402 -16.71 -41.66 -35.32
N HIS A 403 -17.01 -40.69 -34.45
CA HIS A 403 -16.88 -40.91 -33.01
C HIS A 403 -17.91 -41.86 -32.46
N GLU A 404 -19.06 -42.02 -33.13
CA GLU A 404 -20.07 -42.97 -32.70
C GLU A 404 -19.78 -44.39 -33.16
N MET A 405 -18.79 -44.59 -34.03
CA MET A 405 -18.41 -45.92 -34.51
C MET A 405 -17.24 -46.52 -33.75
N LEU A 406 -16.43 -45.70 -33.08
CA LEU A 406 -15.31 -46.17 -32.29
C LEU A 406 -15.63 -46.08 -30.81
N GLU A 407 -14.77 -46.69 -30.00
CA GLU A 407 -14.99 -46.77 -28.57
C GLU A 407 -13.66 -46.65 -27.83
N GLY A 408 -13.71 -46.10 -26.63
CA GLY A 408 -12.52 -45.93 -25.81
C GLY A 408 -11.79 -44.66 -26.18
N ASN A 409 -10.48 -44.79 -26.39
CA ASN A 409 -9.65 -43.64 -26.75
C ASN A 409 -9.72 -43.30 -28.23
N GLU A 410 -10.11 -44.27 -29.08
CA GLU A 410 -10.18 -44.03 -30.51
C GLU A 410 -11.24 -43.01 -30.91
N ARG A 411 -12.18 -42.69 -30.01
CA ARG A 411 -13.22 -41.72 -30.33
C ARG A 411 -12.68 -40.30 -30.46
N TYR A 412 -11.48 -40.03 -29.96
CA TYR A 412 -10.93 -38.68 -29.92
C TYR A 412 -9.60 -38.64 -30.67
N GLU A 413 -9.31 -37.47 -31.23
CA GLU A 413 -8.04 -37.24 -31.93
C GLU A 413 -7.65 -35.77 -31.78
N GLY A 414 -6.36 -35.51 -31.82
CA GLY A 414 -5.86 -34.16 -31.68
C GLY A 414 -4.44 -34.16 -31.15
N TYR A 415 -3.94 -32.95 -30.91
CA TYR A 415 -2.56 -32.79 -30.44
C TYR A 415 -2.35 -33.50 -29.11
N CYS A 416 -3.21 -33.21 -28.13
CA CYS A 416 -3.09 -33.87 -26.84
C CYS A 416 -3.46 -35.34 -26.91
N VAL A 417 -4.24 -35.75 -27.92
CA VAL A 417 -4.57 -37.16 -28.07
C VAL A 417 -3.34 -37.94 -28.54
N ASP A 418 -2.54 -37.35 -29.43
CA ASP A 418 -1.26 -37.95 -29.80
C ASP A 418 -0.19 -37.73 -28.73
N LEU A 419 -0.36 -36.71 -27.88
CA LEU A 419 0.58 -36.48 -26.79
C LEU A 419 0.36 -37.45 -25.64
N ALA A 420 -0.90 -37.83 -25.37
CA ALA A 420 -1.18 -38.78 -24.31
C ALA A 420 -0.56 -40.15 -24.59
N ALA A 421 -0.48 -40.53 -25.86
CA ALA A 421 0.13 -41.80 -26.21
C ALA A 421 1.65 -41.73 -26.13
N GLU A 422 2.24 -40.62 -26.59
CA GLU A 422 3.68 -40.46 -26.49
C GLU A 422 4.14 -40.38 -25.05
N ILE A 423 3.35 -39.71 -24.19
CA ILE A 423 3.67 -39.71 -22.76
C ILE A 423 3.49 -41.10 -22.18
N ALA A 424 2.44 -41.81 -22.59
CA ALA A 424 2.20 -43.17 -22.11
C ALA A 424 3.14 -44.18 -22.74
N LYS A 425 3.89 -43.80 -23.77
CA LYS A 425 4.88 -44.70 -24.37
C LYS A 425 6.26 -44.55 -23.73
N HIS A 426 6.57 -43.36 -23.20
CA HIS A 426 7.83 -43.14 -22.48
C HIS A 426 7.72 -43.43 -20.98
N CYS A 427 6.50 -43.55 -20.45
CA CYS A 427 6.30 -43.85 -19.04
C CYS A 427 5.67 -45.21 -18.78
N GLY A 428 4.86 -45.72 -19.72
CA GLY A 428 4.30 -47.04 -19.61
C GLY A 428 3.11 -47.13 -18.67
N PHE A 429 1.91 -46.92 -19.19
CA PHE A 429 0.69 -47.07 -18.42
C PHE A 429 -0.50 -47.07 -19.37
N LYS A 430 -1.55 -47.78 -18.98
CA LYS A 430 -2.81 -47.81 -19.72
C LYS A 430 -3.68 -46.66 -19.24
N TYR A 431 -4.11 -45.81 -20.17
CA TYR A 431 -4.85 -44.60 -19.83
C TYR A 431 -6.23 -44.61 -20.48
N LYS A 432 -7.16 -43.89 -19.88
CA LYS A 432 -8.52 -43.75 -20.37
C LYS A 432 -8.81 -42.26 -20.55
N LEU A 433 -8.88 -41.81 -21.80
CA LEU A 433 -9.14 -40.40 -22.08
C LEU A 433 -10.58 -40.06 -21.75
N THR A 434 -10.78 -39.17 -20.78
CA THR A 434 -12.11 -38.75 -20.36
C THR A 434 -12.26 -37.24 -20.53
N ILE A 435 -13.48 -36.83 -20.85
CA ILE A 435 -13.81 -35.42 -20.98
C ILE A 435 -14.22 -34.88 -19.62
N VAL A 436 -13.69 -33.72 -19.26
CA VAL A 436 -14.05 -33.11 -17.99
C VAL A 436 -15.53 -32.73 -18.01
N GLY A 437 -16.20 -32.93 -16.88
CA GLY A 437 -17.63 -32.72 -16.78
C GLY A 437 -18.08 -31.32 -17.11
N ASP A 438 -17.64 -30.33 -16.33
CA ASP A 438 -18.07 -28.95 -16.57
C ASP A 438 -17.51 -28.43 -17.89
N GLY A 439 -16.38 -28.97 -18.35
CA GLY A 439 -15.77 -28.55 -19.58
C GLY A 439 -14.90 -27.32 -19.47
N LYS A 440 -14.69 -26.79 -18.27
CA LYS A 440 -13.94 -25.57 -18.08
C LYS A 440 -12.49 -25.89 -17.73
N TYR A 441 -11.69 -24.83 -17.58
CA TYR A 441 -10.30 -24.96 -17.18
C TYR A 441 -10.22 -24.93 -15.65
N GLY A 442 -9.05 -24.59 -15.11
CA GLY A 442 -8.87 -24.54 -13.67
C GLY A 442 -9.18 -23.17 -13.11
N ALA A 443 -10.06 -23.14 -12.12
CA ALA A 443 -10.44 -21.88 -11.50
C ALA A 443 -10.93 -22.16 -10.09
N ARG A 444 -10.86 -21.13 -9.25
CA ARG A 444 -11.31 -21.21 -7.86
C ARG A 444 -12.38 -20.15 -7.64
N ASP A 445 -13.57 -20.59 -7.25
CA ASP A 445 -14.66 -19.65 -6.98
C ASP A 445 -14.26 -18.70 -5.86
N ALA A 446 -14.62 -17.43 -6.03
CA ALA A 446 -14.24 -16.41 -5.05
C ALA A 446 -14.95 -16.63 -3.72
N ASP A 447 -16.20 -17.08 -3.74
CA ASP A 447 -16.98 -17.27 -2.52
C ASP A 447 -16.80 -18.68 -1.97
N THR A 448 -17.30 -19.68 -2.70
CA THR A 448 -17.30 -21.06 -2.21
C THR A 448 -15.89 -21.64 -2.09
N LYS A 449 -14.92 -21.08 -2.82
CA LYS A 449 -13.53 -21.55 -2.79
C LYS A 449 -13.44 -23.04 -3.17
N ILE A 450 -14.25 -23.43 -4.15
CA ILE A 450 -14.22 -24.78 -4.70
C ILE A 450 -13.62 -24.70 -6.10
N TRP A 451 -12.61 -25.53 -6.36
CA TRP A 451 -12.04 -25.58 -7.70
C TRP A 451 -12.97 -26.32 -8.65
N ASN A 452 -12.89 -25.95 -9.93
CA ASN A 452 -13.70 -26.55 -10.97
C ASN A 452 -12.81 -26.91 -12.16
N GLY A 453 -13.39 -27.65 -13.10
CA GLY A 453 -12.67 -27.98 -14.31
C GLY A 453 -11.70 -29.14 -14.13
N MET A 454 -10.64 -29.14 -14.94
CA MET A 454 -9.67 -30.23 -14.90
C MET A 454 -8.84 -30.18 -13.62
N VAL A 455 -8.43 -28.98 -13.20
CA VAL A 455 -7.67 -28.86 -11.96
C VAL A 455 -8.50 -29.32 -10.77
N GLY A 456 -9.82 -29.15 -10.84
CA GLY A 456 -10.67 -29.65 -9.78
C GLY A 456 -10.69 -31.16 -9.70
N GLU A 457 -10.87 -31.82 -10.86
CA GLU A 457 -10.91 -33.27 -10.89
C GLU A 457 -9.56 -33.90 -10.51
N LEU A 458 -8.48 -33.11 -10.51
CA LEU A 458 -7.21 -33.61 -10.01
C LEU A 458 -7.13 -33.51 -8.50
N VAL A 459 -7.52 -32.37 -7.94
CA VAL A 459 -7.43 -32.16 -6.50
C VAL A 459 -8.40 -33.08 -5.77
N TYR A 460 -9.63 -33.16 -6.25
CA TYR A 460 -10.66 -33.96 -5.62
C TYR A 460 -10.63 -35.42 -6.05
N GLY A 461 -9.50 -35.87 -6.61
CA GLY A 461 -9.29 -37.28 -6.91
C GLY A 461 -10.06 -37.84 -8.08
N LYS A 462 -10.93 -37.06 -8.72
CA LYS A 462 -11.74 -37.55 -9.82
C LYS A 462 -10.97 -37.64 -11.13
N ALA A 463 -9.64 -37.52 -11.09
CA ALA A 463 -8.80 -37.64 -12.27
C ALA A 463 -7.35 -37.84 -11.83
N ASP A 464 -6.59 -38.54 -12.67
CA ASP A 464 -5.20 -38.85 -12.35
C ASP A 464 -4.20 -37.88 -12.99
N ILE A 465 -4.47 -37.40 -14.20
CA ILE A 465 -3.55 -36.52 -14.90
C ILE A 465 -4.34 -35.75 -15.94
N ALA A 466 -3.96 -34.49 -16.15
CA ALA A 466 -4.61 -33.62 -17.12
C ALA A 466 -3.64 -33.30 -18.25
N ILE A 467 -4.06 -33.59 -19.48
CA ILE A 467 -3.27 -33.28 -20.67
C ILE A 467 -4.18 -32.46 -21.58
N ALA A 468 -3.92 -31.15 -21.62
CA ALA A 468 -4.78 -30.19 -22.31
C ALA A 468 -4.08 -28.84 -22.36
N PRO A 469 -4.64 -27.82 -23.03
CA PRO A 469 -4.04 -26.48 -22.96
C PRO A 469 -4.25 -25.82 -21.61
N LEU A 470 -3.72 -26.42 -20.54
CA LEU A 470 -3.91 -25.89 -19.20
C LEU A 470 -2.88 -24.81 -18.95
N THR A 471 -3.34 -23.56 -18.85
CA THR A 471 -2.44 -22.44 -18.66
C THR A 471 -1.77 -22.51 -17.29
N ILE A 472 -0.46 -22.36 -17.27
CA ILE A 472 0.32 -22.47 -16.04
C ILE A 472 0.23 -21.14 -15.30
N THR A 473 -0.65 -21.06 -14.31
CA THR A 473 -0.80 -19.87 -13.49
C THR A 473 -0.37 -20.15 -12.05
N LEU A 474 -0.04 -19.09 -11.33
CA LEU A 474 0.40 -19.24 -9.95
C LEU A 474 -0.71 -19.74 -9.05
N VAL A 475 -1.97 -19.33 -9.31
CA VAL A 475 -3.08 -19.74 -8.46
C VAL A 475 -3.30 -21.25 -8.55
N ARG A 476 -2.92 -21.86 -9.67
CA ARG A 476 -3.06 -23.31 -9.83
C ARG A 476 -1.84 -24.07 -9.34
N GLU A 477 -0.65 -23.45 -9.39
CA GLU A 477 0.57 -24.14 -8.97
C GLU A 477 0.60 -24.42 -7.48
N GLU A 478 -0.21 -23.69 -6.69
CA GLU A 478 -0.26 -23.90 -5.26
C GLU A 478 -1.12 -25.10 -4.87
N VAL A 479 -2.00 -25.56 -5.76
CA VAL A 479 -2.89 -26.67 -5.45
C VAL A 479 -2.53 -27.94 -6.25
N ILE A 480 -1.89 -27.81 -7.40
CA ILE A 480 -1.46 -28.96 -8.20
C ILE A 480 -0.06 -28.67 -8.74
N ASP A 481 0.52 -29.69 -9.39
CA ASP A 481 1.86 -29.62 -9.93
C ASP A 481 1.82 -29.50 -11.44
N PHE A 482 2.60 -28.57 -11.99
CA PHE A 482 2.72 -28.37 -13.42
C PHE A 482 4.08 -28.87 -13.91
N SER A 483 4.07 -29.56 -15.03
CA SER A 483 5.29 -30.06 -15.64
C SER A 483 6.01 -28.91 -16.34
N LYS A 484 7.09 -29.22 -17.06
CA LYS A 484 7.74 -28.22 -17.88
C LYS A 484 6.86 -27.90 -19.09
N PRO A 485 6.94 -26.67 -19.60
CA PRO A 485 6.05 -26.28 -20.70
C PRO A 485 6.36 -27.05 -21.98
N PHE A 486 5.32 -27.54 -22.64
CA PHE A 486 5.47 -28.25 -23.91
C PHE A 486 5.11 -27.37 -25.10
N MET A 487 4.83 -26.08 -24.88
CA MET A 487 4.45 -25.16 -25.96
C MET A 487 4.47 -23.73 -25.46
N SER A 488 5.52 -22.98 -25.77
CA SER A 488 5.63 -21.59 -25.38
C SER A 488 4.78 -20.72 -26.30
N LEU A 489 3.92 -19.88 -25.73
CA LEU A 489 3.01 -19.05 -26.51
C LEU A 489 3.03 -17.64 -25.94
N GLY A 490 1.99 -16.87 -26.26
CA GLY A 490 1.88 -15.51 -25.77
C GLY A 490 0.76 -14.79 -26.49
N ILE A 491 0.37 -13.66 -25.92
CA ILE A 491 -0.68 -12.85 -26.54
C ILE A 491 -0.14 -12.18 -27.80
N SER A 492 -0.93 -12.21 -28.87
CA SER A 492 -0.53 -11.65 -30.15
C SER A 492 -1.71 -10.88 -30.73
N ILE A 493 -1.58 -10.46 -31.98
CA ILE A 493 -2.59 -9.68 -32.67
C ILE A 493 -3.16 -10.50 -33.81
N MET A 494 -4.45 -10.33 -34.07
CA MET A 494 -5.14 -11.00 -35.18
C MET A 494 -5.80 -9.92 -36.04
N ILE A 495 -5.12 -9.53 -37.12
CA ILE A 495 -5.68 -8.60 -38.09
C ILE A 495 -6.23 -9.40 -39.26
N LYS A 496 -7.13 -8.77 -40.01
CA LYS A 496 -7.67 -9.42 -41.19
C LYS A 496 -6.60 -9.51 -42.28
N LYS A 497 -6.74 -10.51 -43.13
CA LYS A 497 -5.77 -10.69 -44.22
C LYS A 497 -5.78 -9.46 -45.12
N PRO A 498 -4.63 -8.84 -45.39
CA PRO A 498 -4.61 -7.62 -46.19
C PRO A 498 -5.17 -7.85 -47.58
N GLN A 499 -6.40 -7.38 -47.82
CA GLN A 499 -7.05 -7.51 -49.12
C GLN A 499 -6.33 -6.56 -50.10
N LYS A 500 -5.19 -7.02 -50.58
CA LYS A 500 -4.48 -6.28 -51.63
C LYS A 500 -5.38 -6.11 -52.84
N SER A 501 -5.14 -5.03 -53.60
CA SER A 501 -6.01 -4.68 -54.73
C SER A 501 -7.39 -4.32 -54.09
N LYS A 502 -8.54 -4.22 -54.78
CA LYS A 502 -8.79 -4.50 -56.20
C LYS A 502 -8.24 -3.44 -57.14
N PRO A 503 -7.80 -3.87 -58.32
CA PRO A 503 -7.33 -2.91 -59.32
C PRO A 503 -8.45 -2.52 -60.27
N GLY A 504 -8.10 -1.95 -61.41
CA GLY A 504 -9.09 -1.63 -62.42
C GLY A 504 -8.72 -0.38 -63.20
N VAL A 505 -9.45 -0.19 -64.30
CA VAL A 505 -9.27 1.01 -65.12
C VAL A 505 -9.54 2.35 -64.46
N PHE A 506 -10.54 2.46 -63.61
CA PHE A 506 -10.81 3.77 -63.03
C PHE A 506 -9.53 4.41 -62.51
N SER A 507 -8.78 3.62 -61.76
CA SER A 507 -7.76 4.10 -60.83
C SER A 507 -7.06 5.19 -61.64
N PHE A 508 -7.76 5.74 -62.64
CA PHE A 508 -7.26 6.84 -63.46
C PHE A 508 -7.95 8.16 -63.16
N LEU A 509 -9.21 8.13 -62.73
CA LEU A 509 -9.94 9.33 -62.32
C LEU A 509 -9.93 9.41 -60.80
N ASP A 510 -9.03 8.71 -60.13
CA ASP A 510 -8.86 8.83 -58.70
C ASP A 510 -8.04 10.07 -58.33
N PRO A 511 -6.86 10.29 -58.94
CA PRO A 511 -6.18 11.57 -58.72
C PRO A 511 -6.79 12.81 -59.34
N LEU A 512 -7.75 12.66 -60.25
CA LEU A 512 -8.37 13.78 -60.95
C LEU A 512 -9.88 13.59 -60.90
N ALA A 513 -10.58 14.54 -60.29
CA ALA A 513 -12.01 14.39 -60.02
C ALA A 513 -12.80 14.17 -61.30
N TYR A 514 -13.93 13.46 -61.16
CA TYR A 514 -14.79 13.17 -62.30
C TYR A 514 -15.21 14.44 -63.01
N GLU A 515 -15.45 15.52 -62.25
CA GLU A 515 -15.97 16.74 -62.84
C GLU A 515 -14.95 17.41 -63.76
N ILE A 516 -13.67 17.36 -63.39
CA ILE A 516 -12.66 18.04 -64.17
C ILE A 516 -12.36 17.31 -65.47
N TRP A 517 -12.64 16.01 -65.54
CA TRP A 517 -12.47 15.29 -66.79
C TRP A 517 -13.43 15.79 -67.86
N MET A 518 -14.65 16.17 -67.47
CA MET A 518 -15.61 16.69 -68.43
C MET A 518 -15.28 18.13 -68.83
N CYS A 519 -14.64 18.89 -67.96
CA CYS A 519 -14.34 20.29 -68.27
C CYS A 519 -13.16 20.41 -69.22
N ILE A 520 -12.16 19.53 -69.10
CA ILE A 520 -11.02 19.59 -69.99
C ILE A 520 -11.41 19.18 -71.40
N VAL A 521 -12.41 18.31 -71.54
CA VAL A 521 -12.90 17.96 -72.87
C VAL A 521 -13.73 19.10 -73.44
N PHE A 522 -14.45 19.83 -72.58
CA PHE A 522 -15.17 21.02 -73.04
C PHE A 522 -14.19 22.10 -73.48
N ALA A 523 -13.13 22.32 -72.71
CA ALA A 523 -12.09 23.26 -73.12
C ALA A 523 -11.37 22.79 -74.37
N TYR A 524 -11.32 21.46 -74.59
CA TYR A 524 -10.73 20.93 -75.81
C TYR A 524 -11.55 21.35 -77.03
N ILE A 525 -12.87 21.22 -76.95
CA ILE A 525 -13.72 21.66 -78.05
C ILE A 525 -14.03 23.16 -77.96
N GLY A 526 -13.89 23.75 -76.77
CA GLY A 526 -14.08 25.18 -76.65
C GLY A 526 -12.97 25.99 -77.27
N VAL A 527 -11.75 25.45 -77.28
CA VAL A 527 -10.63 26.11 -77.94
C VAL A 527 -10.51 25.72 -79.40
N SER A 528 -10.86 24.48 -79.74
CA SER A 528 -10.80 24.03 -81.13
C SER A 528 -11.81 24.75 -82.02
N VAL A 529 -12.89 25.28 -81.44
CA VAL A 529 -13.87 26.03 -82.22
C VAL A 529 -13.46 27.49 -82.41
N VAL A 530 -12.62 28.03 -81.52
CA VAL A 530 -12.10 29.39 -81.70
C VAL A 530 -11.05 29.42 -82.79
N LEU A 531 -10.25 28.35 -82.89
CA LEU A 531 -9.27 28.23 -83.97
C LEU A 531 -9.93 28.02 -85.33
N PHE A 532 -11.20 27.63 -85.36
CA PHE A 532 -11.91 27.45 -86.61
C PHE A 532 -12.32 28.79 -87.22
N LEU A 533 -12.59 29.80 -86.40
CA LEU A 533 -13.04 31.08 -86.90
C LEU A 533 -11.88 31.98 -87.35
N VAL A 534 -10.69 31.77 -86.77
CA VAL A 534 -9.55 32.61 -87.13
C VAL A 534 -9.01 32.24 -88.51
N SER A 535 -9.01 30.94 -88.83
CA SER A 535 -8.52 30.49 -90.12
C SER A 535 -9.50 30.84 -91.24
N ILE A 545 -15.06 23.14 -92.61
CA ILE A 545 -15.56 22.75 -91.30
C ILE A 545 -14.83 21.50 -90.82
N PHE A 546 -14.44 20.64 -91.76
CA PHE A 546 -13.79 19.37 -91.43
C PHE A 546 -12.27 19.48 -91.41
N ASN A 547 -11.69 20.41 -92.17
CA ASN A 547 -10.23 20.53 -92.22
C ASN A 547 -9.69 21.36 -91.06
N SER A 548 -10.48 22.28 -90.53
CA SER A 548 -10.02 23.12 -89.42
C SER A 548 -10.19 22.41 -88.09
N LEU A 549 -11.26 21.63 -87.93
CA LEU A 549 -11.38 20.78 -86.75
C LEU A 549 -10.34 19.67 -86.78
N TRP A 550 -10.02 19.16 -87.96
CA TRP A 550 -8.94 18.18 -88.09
C TRP A 550 -7.59 18.82 -87.82
N PHE A 551 -7.45 20.12 -88.08
CA PHE A 551 -6.23 20.83 -87.73
C PHE A 551 -6.13 21.06 -86.22
N SER A 552 -7.26 21.41 -85.59
CA SER A 552 -7.24 21.69 -84.16
C SER A 552 -7.02 20.42 -83.34
N LEU A 553 -7.40 19.26 -83.88
CA LEU A 553 -7.03 18.00 -83.25
C LEU A 553 -5.54 17.72 -83.45
N GLY A 554 -5.02 18.02 -84.64
CA GLY A 554 -3.59 18.05 -84.85
C GLY A 554 -2.89 19.20 -84.16
N ALA A 555 -3.65 20.12 -83.57
CA ALA A 555 -3.10 21.19 -82.74
C ALA A 555 -3.14 20.84 -81.26
N PHE A 556 -4.25 20.26 -80.77
CA PHE A 556 -4.26 19.73 -79.42
C PHE A 556 -3.24 18.61 -79.24
N MET A 557 -3.01 17.83 -80.30
CA MET A 557 -1.99 16.79 -80.27
C MET A 557 -0.63 17.39 -79.95
N GLN A 558 -0.33 18.54 -80.54
CA GLN A 558 0.91 19.25 -80.26
C GLN A 558 0.62 20.58 -79.58
N GLN A 559 0.75 20.62 -78.25
CA GLN A 559 0.40 21.81 -77.49
C GLN A 559 -0.97 22.29 -77.94
N GLY A 560 -1.03 23.47 -78.54
CA GLY A 560 -2.24 23.91 -79.21
C GLY A 560 -1.93 24.91 -80.31
N ALA A 561 -2.87 25.06 -81.24
CA ALA A 561 -2.95 26.14 -82.21
C ALA A 561 -2.27 26.99 -83.28
N ASP A 562 -1.88 26.33 -84.37
CA ASP A 562 -1.31 26.94 -85.57
C ASP A 562 -2.16 27.54 -86.70
N ILE A 563 -1.56 27.72 -87.89
CA ILE A 563 -2.22 28.17 -89.12
C ILE A 563 -2.83 29.56 -88.90
N SER A 564 -2.32 30.30 -87.92
CA SER A 564 -2.86 31.62 -87.58
C SER A 564 -2.20 32.90 -88.17
N PRO A 565 -1.16 32.81 -89.00
CA PRO A 565 -0.35 31.70 -89.53
C PRO A 565 0.67 31.04 -88.57
N ARG A 566 1.50 31.66 -87.71
CA ARG A 566 1.83 33.08 -87.47
C ARG A 566 0.73 34.00 -86.93
N SER A 567 0.76 35.23 -87.43
CA SER A 567 -0.11 36.26 -86.94
C SER A 567 -1.59 36.61 -87.10
N LEU A 568 -2.27 36.74 -85.97
CA LEU A 568 -1.91 36.02 -84.75
C LEU A 568 -2.95 35.40 -83.89
N SER A 569 -4.20 35.68 -84.23
CA SER A 569 -5.35 35.73 -83.35
C SER A 569 -5.06 34.35 -82.78
N GLY A 570 -4.75 33.43 -83.68
CA GLY A 570 -4.68 32.03 -83.35
C GLY A 570 -3.53 31.82 -82.39
N ARG A 571 -2.49 32.62 -82.55
CA ARG A 571 -1.33 32.43 -81.73
C ARG A 571 -1.73 32.56 -80.27
N ILE A 572 -2.62 33.50 -79.97
CA ILE A 572 -2.96 33.74 -78.56
C ILE A 572 -4.12 32.85 -78.10
N VAL A 573 -4.79 32.16 -79.02
CA VAL A 573 -5.80 31.18 -78.62
C VAL A 573 -5.12 30.00 -77.94
N GLY A 574 -4.19 29.34 -78.65
CA GLY A 574 -3.44 28.24 -78.08
C GLY A 574 -2.34 28.65 -77.14
N GLY A 575 -1.83 29.88 -77.28
CA GLY A 575 -0.85 30.36 -76.31
C GLY A 575 -1.40 30.39 -74.90
N VAL A 576 -2.70 30.68 -74.77
CA VAL A 576 -3.35 30.54 -73.47
C VAL A 576 -3.78 29.10 -73.25
N TRP A 577 -4.16 28.39 -74.33
CA TRP A 577 -4.52 26.98 -74.19
C TRP A 577 -3.32 26.13 -73.80
N TRP A 578 -2.14 26.46 -74.33
CA TRP A 578 -0.93 25.76 -73.92
C TRP A 578 -0.68 25.93 -72.43
N PHE A 579 -0.66 27.19 -71.98
CA PHE A 579 -0.55 27.46 -70.54
C PHE A 579 -1.70 26.81 -69.77
N PHE A 580 -2.86 26.67 -70.41
CA PHE A 580 -3.97 25.95 -69.79
C PHE A 580 -3.70 24.46 -69.72
N THR A 581 -3.31 23.86 -70.86
CA THR A 581 -3.04 22.42 -70.87
C THR A 581 -1.73 22.05 -70.21
N LEU A 582 -0.78 22.99 -70.11
CA LEU A 582 0.45 22.73 -69.37
C LEU A 582 0.16 22.67 -67.87
N ILE A 583 -0.90 23.33 -67.41
CA ILE A 583 -1.20 23.37 -65.99
C ILE A 583 -1.93 22.12 -65.54
N ILE A 584 -2.94 21.70 -66.30
CA ILE A 584 -3.75 20.55 -65.91
C ILE A 584 -2.89 19.30 -65.80
N ILE A 585 -1.96 19.12 -66.73
CA ILE A 585 -1.07 17.96 -66.66
C ILE A 585 -0.09 18.06 -65.51
N SER A 586 0.18 19.27 -65.02
CA SER A 586 1.02 19.42 -63.83
C SER A 586 0.22 19.18 -62.56
N SER A 587 -1.08 19.52 -62.58
CA SER A 587 -1.92 19.28 -61.41
C SER A 587 -2.24 17.80 -61.25
N TYR A 588 -2.48 17.10 -62.36
CA TYR A 588 -2.74 15.67 -62.28
C TYR A 588 -1.52 14.91 -61.77
N THR A 589 -0.32 15.31 -62.20
CA THR A 589 0.89 14.63 -61.78
C THR A 589 1.13 14.80 -60.28
N ALA A 590 0.86 16.00 -59.76
CA ALA A 590 1.09 16.25 -58.34
C ALA A 590 0.12 15.45 -57.47
N ASN A 591 -1.19 15.56 -57.76
CA ASN A 591 -2.17 14.86 -56.95
C ASN A 591 -2.05 13.35 -57.09
N LEU A 592 -1.59 12.87 -58.25
CA LEU A 592 -1.36 11.43 -58.40
C LEU A 592 -0.15 10.98 -57.59
N ALA A 593 0.78 11.90 -57.31
CA ALA A 593 1.90 11.56 -56.44
C ALA A 593 1.46 11.47 -54.98
N ALA A 594 0.44 12.24 -54.60
CA ALA A 594 -0.04 12.20 -53.22
C ALA A 594 -0.79 10.93 -52.84
N PHE A 595 -1.62 10.42 -53.74
CA PHE A 595 -2.41 9.23 -53.46
C PHE A 595 -1.55 7.96 -53.32
N LEU A 596 -0.31 8.04 -53.77
CA LEU A 596 0.61 6.91 -53.73
C LEU A 596 1.56 7.08 -52.55
N THR A 597 1.94 8.31 -52.22
CA THR A 597 2.84 8.53 -51.10
C THR A 597 2.16 8.19 -49.77
N VAL A 598 0.86 8.40 -49.66
CA VAL A 598 0.15 8.07 -48.42
C VAL A 598 0.17 6.56 -48.18
N GLU A 599 0.15 5.77 -49.26
CA GLU A 599 0.20 4.32 -49.10
C GLU A 599 1.57 3.86 -48.60
N ARG A 600 2.64 4.58 -48.96
CA ARG A 600 3.97 4.24 -48.47
C ARG A 600 4.18 4.70 -47.03
N MET A 601 3.65 5.87 -46.69
CA MET A 601 3.78 6.41 -45.33
C MET A 601 2.99 5.87 -44.15
N VAL A 602 1.94 5.09 -44.44
CA VAL A 602 1.18 4.43 -43.39
C VAL A 602 1.65 3.22 -42.49
N SER A 603 2.71 2.63 -43.02
CA SER A 603 3.26 1.44 -42.39
C SER A 603 2.29 0.29 -42.30
N PRO A 604 2.51 -0.79 -43.17
CA PRO A 604 1.48 -1.84 -43.05
C PRO A 604 1.75 -2.31 -41.64
N ILE A 605 0.70 -2.54 -40.86
CA ILE A 605 0.89 -2.90 -39.48
C ILE A 605 1.90 -4.01 -39.45
N GLU A 606 2.80 -3.97 -38.47
CA GLU A 606 3.98 -4.82 -38.50
C GLU A 606 4.30 -5.39 -37.13
N SER A 607 4.28 -4.56 -36.09
CA SER A 607 4.54 -5.00 -34.72
C SER A 607 3.26 -4.82 -33.90
N ALA A 608 3.40 -4.83 -32.57
CA ALA A 608 2.26 -4.68 -31.67
C ALA A 608 2.02 -3.23 -31.28
N GLU A 609 3.10 -2.46 -31.07
CA GLU A 609 2.95 -1.07 -30.67
C GLU A 609 2.38 -0.22 -31.80
N ASP A 610 2.57 -0.64 -33.06
CA ASP A 610 1.96 0.06 -34.18
C ASP A 610 0.44 -0.02 -34.16
N LEU A 611 -0.12 -1.05 -33.51
CA LEU A 611 -1.57 -1.19 -33.43
C LEU A 611 -2.16 -0.12 -32.53
N SER A 612 -1.45 0.26 -31.47
CA SER A 612 -1.93 1.24 -30.50
C SER A 612 -1.66 2.68 -30.89
N LYS A 613 -1.10 2.90 -32.09
CA LYS A 613 -0.79 4.25 -32.55
C LYS A 613 -1.88 4.85 -33.44
N GLN A 614 -2.83 4.05 -33.91
CA GLN A 614 -3.90 4.52 -34.76
C GLN A 614 -5.25 4.10 -34.19
N THR A 615 -6.29 4.83 -34.56
CA THR A 615 -7.65 4.54 -34.10
C THR A 615 -8.58 4.14 -35.22
N GLU A 616 -8.13 4.12 -36.47
CA GLU A 616 -8.97 3.65 -37.57
C GLU A 616 -9.21 2.14 -37.45
N ILE A 617 -8.16 1.37 -37.15
CA ILE A 617 -8.27 -0.07 -36.96
C ILE A 617 -8.37 -0.27 -35.45
N ALA A 618 -9.61 -0.36 -34.96
CA ALA A 618 -9.84 -0.56 -33.54
C ALA A 618 -9.38 -1.94 -33.11
N TYR A 619 -9.38 -2.18 -31.80
CA TYR A 619 -8.93 -3.46 -31.29
C TYR A 619 -9.55 -3.70 -29.92
N GLY A 620 -9.78 -4.98 -29.62
CA GLY A 620 -10.29 -5.37 -28.31
C GLY A 620 -9.80 -6.77 -27.96
N THR A 621 -10.15 -7.19 -26.74
CA THR A 621 -9.76 -8.49 -26.24
C THR A 621 -11.00 -9.23 -25.76
N LEU A 622 -10.81 -10.19 -24.87
CA LEU A 622 -11.90 -10.94 -24.28
C LEU A 622 -12.47 -10.19 -23.08
N ASP A 623 -13.76 -10.39 -22.83
CA ASP A 623 -14.42 -9.69 -21.73
C ASP A 623 -13.93 -10.18 -20.36
N SER A 624 -13.34 -11.37 -20.29
CA SER A 624 -12.82 -11.88 -19.03
C SER A 624 -11.85 -13.02 -19.34
N GLY A 625 -10.65 -12.93 -18.78
CA GLY A 625 -9.66 -13.96 -18.99
C GLY A 625 -8.27 -13.43 -18.76
N SER A 626 -7.29 -14.32 -18.97
CA SER A 626 -5.89 -13.95 -18.81
C SER A 626 -5.47 -12.86 -19.78
N THR A 627 -6.19 -12.69 -20.89
CA THR A 627 -5.86 -11.65 -21.85
C THR A 627 -6.26 -10.27 -21.32
N LYS A 628 -7.52 -10.12 -20.90
CA LYS A 628 -7.98 -8.83 -20.41
C LYS A 628 -7.30 -8.45 -19.10
N GLU A 629 -7.11 -9.42 -18.21
CA GLU A 629 -6.47 -9.14 -16.94
C GLU A 629 -5.01 -8.71 -17.13
N PHE A 630 -4.38 -9.15 -18.23
CA PHE A 630 -2.98 -8.79 -18.47
C PHE A 630 -2.85 -7.30 -18.74
N PHE A 631 -3.73 -6.75 -19.58
CA PHE A 631 -3.68 -5.32 -19.86
C PHE A 631 -4.04 -4.50 -18.63
N ARG A 632 -4.83 -5.06 -17.72
CA ARG A 632 -5.22 -4.36 -16.51
C ARG A 632 -4.01 -4.04 -15.65
N ARG A 633 -3.46 -5.06 -14.98
CA ARG A 633 -2.37 -4.87 -14.02
C ARG A 633 -1.01 -4.68 -14.69
N SER A 634 -0.97 -4.31 -15.96
CA SER A 634 0.31 -4.16 -16.65
C SER A 634 1.02 -2.89 -16.22
N LYS A 635 2.31 -3.01 -15.93
CA LYS A 635 3.14 -1.87 -15.56
C LYS A 635 3.95 -1.33 -16.74
N ILE A 636 3.87 -1.97 -17.90
CA ILE A 636 4.62 -1.52 -19.07
C ILE A 636 3.87 -0.37 -19.73
N ALA A 637 4.62 0.51 -20.39
CA ALA A 637 4.03 1.73 -20.94
C ALA A 637 3.11 1.43 -22.12
N VAL A 638 3.55 0.55 -23.03
CA VAL A 638 2.79 0.31 -24.26
C VAL A 638 1.43 -0.31 -23.95
N PHE A 639 1.42 -1.37 -23.13
CA PHE A 639 0.18 -2.05 -22.80
C PHE A 639 -0.76 -1.19 -21.98
N ASP A 640 -0.24 -0.19 -21.27
CA ASP A 640 -1.10 0.67 -20.47
C ASP A 640 -2.01 1.52 -21.34
N LYS A 641 -1.49 2.07 -22.43
CA LYS A 641 -2.30 2.90 -23.31
C LYS A 641 -3.39 2.08 -24.00
N MET A 642 -3.10 0.81 -24.31
CA MET A 642 -4.10 -0.02 -24.97
C MET A 642 -5.30 -0.28 -24.06
N TRP A 643 -5.04 -0.55 -22.78
CA TRP A 643 -6.14 -0.80 -21.85
C TRP A 643 -6.95 0.46 -21.60
N THR A 644 -6.28 1.57 -21.31
CA THR A 644 -6.99 2.84 -21.10
C THR A 644 -7.83 3.21 -22.31
N TYR A 645 -7.39 2.84 -23.52
CA TYR A 645 -8.21 3.01 -24.71
C TYR A 645 -9.40 2.07 -24.68
N MET A 646 -9.13 0.76 -24.57
CA MET A 646 -10.20 -0.24 -24.62
C MET A 646 -11.12 -0.16 -23.41
N ARG A 647 -10.68 0.45 -22.30
CA ARG A 647 -11.54 0.55 -21.13
C ARG A 647 -12.67 1.55 -21.36
N SER A 648 -12.39 2.63 -22.10
CA SER A 648 -13.37 3.68 -22.37
C SER A 648 -13.74 3.76 -23.84
N ALA A 649 -13.38 2.75 -24.63
CA ALA A 649 -13.70 2.75 -26.05
C ALA A 649 -15.16 2.40 -26.25
N GLU A 650 -15.91 3.27 -26.92
CA GLU A 650 -17.28 2.98 -27.29
C GLU A 650 -17.35 2.81 -28.82
N PRO A 651 -18.01 1.73 -29.28
CA PRO A 651 -18.68 0.72 -28.46
C PRO A 651 -17.71 -0.26 -27.81
N SER A 652 -18.23 -1.19 -27.01
CA SER A 652 -17.41 -2.14 -26.26
C SER A 652 -16.54 -2.98 -27.19
N VAL A 653 -15.25 -2.69 -27.24
CA VAL A 653 -14.33 -3.48 -28.05
C VAL A 653 -14.13 -4.87 -27.46
N PHE A 654 -14.48 -5.07 -26.20
CA PHE A 654 -14.39 -6.40 -25.60
C PHE A 654 -15.43 -7.33 -26.22
N VAL A 655 -15.03 -8.56 -26.46
CA VAL A 655 -15.93 -9.57 -27.01
C VAL A 655 -16.32 -10.53 -25.91
N ARG A 656 -17.46 -11.20 -26.11
CA ARG A 656 -17.97 -12.12 -25.10
C ARG A 656 -17.24 -13.45 -25.12
N THR A 657 -17.02 -14.01 -26.31
CA THR A 657 -16.32 -15.28 -26.47
C THR A 657 -15.13 -15.11 -27.40
N THR A 658 -14.21 -16.07 -27.35
CA THR A 658 -13.06 -16.06 -28.25
C THR A 658 -13.51 -16.19 -29.70
N ALA A 659 -14.56 -16.97 -29.95
CA ALA A 659 -15.09 -17.10 -31.31
C ALA A 659 -15.67 -15.80 -31.83
N GLU A 660 -16.08 -14.88 -30.95
CA GLU A 660 -16.60 -13.60 -31.42
C GLU A 660 -15.47 -12.68 -31.87
N GLY A 661 -14.33 -12.73 -31.19
CA GLY A 661 -13.21 -11.87 -31.55
C GLY A 661 -12.67 -12.17 -32.95
N VAL A 662 -12.77 -13.43 -33.39
CA VAL A 662 -12.35 -13.77 -34.74
C VAL A 662 -13.36 -13.30 -35.76
N ALA A 663 -14.66 -13.43 -35.45
CA ALA A 663 -15.69 -13.02 -36.39
C ALA A 663 -15.73 -11.50 -36.55
N ARG A 664 -15.28 -10.76 -35.54
CA ARG A 664 -15.25 -9.31 -35.61
C ARG A 664 -14.08 -8.79 -36.45
N VAL A 665 -13.03 -9.59 -36.62
CA VAL A 665 -11.92 -9.19 -37.48
C VAL A 665 -12.22 -9.53 -38.94
N ARG A 666 -12.93 -10.63 -39.18
CA ARG A 666 -13.25 -11.07 -40.53
C ARG A 666 -14.40 -10.30 -41.16
N LYS A 667 -15.04 -9.39 -40.44
CA LYS A 667 -16.15 -8.62 -40.98
C LYS A 667 -15.91 -7.11 -40.95
N SER A 668 -14.76 -6.66 -40.46
CA SER A 668 -14.43 -5.23 -40.38
C SER A 668 -13.59 -4.76 -41.56
N LYS A 669 -13.33 -5.63 -42.54
CA LYS A 669 -12.55 -5.30 -43.73
C LYS A 669 -11.17 -4.77 -43.36
N GLY A 670 -10.56 -5.38 -42.33
CA GLY A 670 -9.26 -4.96 -41.88
C GLY A 670 -9.24 -3.74 -40.99
N LYS A 671 -10.40 -3.30 -40.49
CA LYS A 671 -10.48 -2.14 -39.62
C LYS A 671 -10.67 -2.53 -38.16
N TYR A 672 -10.37 -3.78 -37.80
CA TYR A 672 -10.44 -4.23 -36.42
C TYR A 672 -9.52 -5.41 -36.23
N ALA A 673 -8.81 -5.43 -35.11
CA ALA A 673 -7.90 -6.52 -34.77
C ALA A 673 -8.26 -7.08 -33.41
N TYR A 674 -8.07 -8.38 -33.24
CA TYR A 674 -8.36 -9.07 -31.99
C TYR A 674 -7.06 -9.53 -31.34
N LEU A 675 -7.00 -9.41 -30.02
CA LEU A 675 -5.83 -9.79 -29.25
C LEU A 675 -6.15 -11.06 -28.47
N LEU A 676 -5.33 -12.08 -28.65
CA LEU A 676 -5.51 -13.34 -27.95
C LEU A 676 -4.19 -14.11 -27.99
N GLU A 677 -4.20 -15.30 -27.40
CA GLU A 677 -3.00 -16.12 -27.34
C GLU A 677 -2.53 -16.48 -28.74
N SER A 678 -1.21 -16.74 -28.86
CA SER A 678 -0.64 -17.02 -30.17
C SER A 678 -1.02 -18.40 -30.68
N THR A 679 -1.32 -19.34 -29.78
CA THR A 679 -1.72 -20.67 -30.22
C THR A 679 -3.04 -20.64 -30.96
N MET A 680 -4.07 -20.06 -30.34
CA MET A 680 -5.37 -19.96 -31.00
C MET A 680 -5.30 -19.07 -32.22
N ASN A 681 -4.39 -18.10 -32.24
CA ASN A 681 -4.26 -17.21 -33.38
C ASN A 681 -3.64 -17.93 -34.59
N GLU A 682 -2.56 -18.69 -34.35
CA GLU A 682 -1.89 -19.38 -35.43
C GLU A 682 -2.74 -20.53 -35.99
N TYR A 683 -3.72 -21.02 -35.24
CA TYR A 683 -4.59 -22.08 -35.74
C TYR A 683 -5.66 -21.53 -36.67
N ILE A 684 -6.26 -20.39 -36.31
CA ILE A 684 -7.28 -19.77 -37.15
C ILE A 684 -6.71 -19.41 -38.51
N GLU A 685 -5.41 -19.09 -38.57
CA GLU A 685 -4.78 -18.74 -39.82
C GLU A 685 -4.69 -19.93 -40.78
N GLN A 686 -4.88 -21.16 -40.27
CA GLN A 686 -4.83 -22.35 -41.10
C GLN A 686 -6.21 -22.98 -41.29
N ARG A 687 -7.26 -22.16 -41.24
CA ARG A 687 -8.62 -22.61 -41.47
C ARG A 687 -9.32 -21.64 -42.41
N LYS A 688 -10.16 -22.19 -43.30
CA LYS A 688 -10.88 -21.40 -44.28
C LYS A 688 -11.68 -20.27 -43.64
N PRO A 689 -11.85 -19.13 -44.34
CA PRO A 689 -11.36 -18.84 -45.69
C PRO A 689 -9.94 -18.26 -45.74
N CYS A 690 -9.09 -18.61 -44.77
CA CYS A 690 -7.69 -18.18 -44.75
C CYS A 690 -7.58 -16.67 -44.83
N ASP A 691 -8.40 -15.99 -44.00
CA ASP A 691 -8.50 -14.54 -44.04
C ASP A 691 -7.97 -13.86 -42.78
N THR A 692 -7.30 -14.62 -41.90
CA THR A 692 -6.68 -14.07 -40.70
C THR A 692 -5.16 -14.12 -40.85
N MET A 693 -4.48 -13.38 -39.97
CA MET A 693 -3.04 -13.26 -40.07
C MET A 693 -2.48 -12.80 -38.73
N LYS A 694 -1.37 -13.42 -38.32
CA LYS A 694 -0.67 -13.02 -37.10
C LYS A 694 0.45 -12.05 -37.45
N VAL A 695 0.51 -10.95 -36.70
CA VAL A 695 1.53 -9.92 -36.91
C VAL A 695 2.16 -9.59 -35.56
N GLY A 696 3.45 -9.23 -35.60
CA GLY A 696 4.16 -8.85 -34.40
C GLY A 696 4.49 -10.00 -33.48
N GLY A 697 5.51 -9.83 -32.64
CA GLY A 697 5.90 -10.85 -31.70
C GLY A 697 4.89 -11.00 -30.58
N ASN A 698 5.17 -11.96 -29.71
CA ASN A 698 4.30 -12.20 -28.56
C ASN A 698 4.35 -11.02 -27.59
N LEU A 699 3.23 -10.80 -26.90
CA LEU A 699 3.18 -9.71 -25.92
C LEU A 699 3.81 -10.13 -24.59
N ASP A 700 3.35 -11.22 -24.02
CA ASP A 700 3.89 -11.78 -22.78
C ASP A 700 4.40 -13.19 -23.03
N SER A 701 5.09 -13.73 -22.03
CA SER A 701 5.71 -15.05 -22.12
C SER A 701 4.95 -16.02 -21.21
N LYS A 702 4.05 -16.80 -21.80
CA LYS A 702 3.26 -17.79 -21.08
C LYS A 702 3.50 -19.17 -21.67
N GLY A 703 2.82 -20.17 -21.12
CA GLY A 703 2.96 -21.54 -21.59
C GLY A 703 2.00 -22.53 -20.98
N TYR A 704 1.70 -23.60 -21.72
CA TYR A 704 0.86 -24.68 -21.26
C TYR A 704 1.70 -25.73 -20.54
N GLY A 705 1.03 -26.70 -19.93
CA GLY A 705 1.72 -27.75 -19.22
C GLY A 705 0.78 -28.87 -18.81
N ILE A 706 1.38 -30.00 -18.43
CA ILE A 706 0.64 -31.15 -17.96
C ILE A 706 0.57 -31.10 -16.44
N ALA A 707 -0.61 -31.32 -15.89
CA ALA A 707 -0.85 -31.19 -14.46
C ALA A 707 -1.20 -32.54 -13.86
N THR A 708 -0.76 -32.75 -12.61
CA THR A 708 -1.06 -33.92 -11.83
C THR A 708 -1.33 -33.49 -10.40
N PRO A 709 -2.04 -34.30 -9.62
CA PRO A 709 -2.21 -33.97 -8.21
C PRO A 709 -0.87 -33.88 -7.49
N LYS A 710 -0.81 -33.03 -6.47
CA LYS A 710 0.42 -32.88 -5.71
C LYS A 710 0.73 -34.17 -4.97
N GLY A 711 1.99 -34.59 -5.04
CA GLY A 711 2.40 -35.84 -4.43
C GLY A 711 1.89 -37.07 -5.16
N SER A 712 1.90 -37.03 -6.48
CA SER A 712 1.42 -38.16 -7.29
C SER A 712 2.58 -38.99 -7.79
N SER A 713 2.32 -40.28 -7.99
CA SER A 713 3.34 -41.17 -8.54
C SER A 713 3.71 -40.78 -9.96
N LEU A 714 2.75 -40.27 -10.72
CA LEU A 714 3.00 -39.85 -12.09
C LEU A 714 3.71 -38.51 -12.18
N GLY A 715 3.96 -37.84 -11.06
CA GLY A 715 4.54 -36.52 -11.07
C GLY A 715 5.88 -36.43 -11.77
N THR A 716 6.94 -36.85 -11.09
CA THR A 716 8.28 -36.73 -11.65
C THR A 716 8.48 -37.43 -12.99
N PRO A 717 7.96 -38.65 -13.22
CA PRO A 717 8.23 -39.30 -14.52
C PRO A 717 7.70 -38.55 -15.72
N VAL A 718 6.51 -37.95 -15.60
CA VAL A 718 5.94 -37.21 -16.72
C VAL A 718 6.75 -35.96 -17.03
N ASN A 719 7.31 -35.32 -16.00
CA ASN A 719 8.07 -34.09 -16.22
C ASN A 719 9.33 -34.35 -17.05
N LEU A 720 10.03 -35.45 -16.78
CA LEU A 720 11.23 -35.77 -17.56
C LEU A 720 10.87 -36.19 -18.97
N ALA A 721 9.66 -36.74 -19.18
CA ALA A 721 9.25 -37.16 -20.51
C ALA A 721 8.94 -35.97 -21.41
N VAL A 722 8.64 -34.80 -20.84
CA VAL A 722 8.36 -33.63 -21.66
C VAL A 722 9.63 -33.07 -22.26
N LEU A 723 10.73 -33.07 -21.49
CA LEU A 723 12.00 -32.59 -22.02
C LEU A 723 12.56 -33.54 -23.07
N LYS A 724 12.30 -34.84 -22.94
CA LYS A 724 12.79 -35.79 -23.94
C LYS A 724 12.06 -35.61 -25.27
N LEU A 725 10.74 -35.46 -25.25
CA LEU A 725 10.00 -35.21 -26.48
C LEU A 725 10.34 -33.85 -27.08
N SER A 726 10.81 -32.90 -26.26
CA SER A 726 11.18 -31.60 -26.78
C SER A 726 12.56 -31.62 -27.41
N GLU A 727 13.52 -32.28 -26.77
CA GLU A 727 14.88 -32.34 -27.30
C GLU A 727 15.00 -33.32 -28.47
N GLN A 728 14.15 -34.35 -28.50
CA GLN A 728 14.07 -35.22 -29.66
C GLN A 728 13.26 -34.62 -30.80
N GLY A 729 12.76 -33.40 -30.63
CA GLY A 729 11.97 -32.75 -31.65
C GLY A 729 10.57 -33.31 -31.82
N VAL A 730 10.10 -34.12 -30.88
CA VAL A 730 8.76 -34.71 -31.02
C VAL A 730 7.69 -33.67 -30.73
N LEU A 731 7.94 -32.75 -29.80
CA LEU A 731 6.97 -31.71 -29.50
C LEU A 731 6.79 -30.75 -30.66
N ASP A 732 7.91 -30.26 -31.21
CA ASP A 732 7.83 -29.41 -32.40
C ASP A 732 7.24 -30.16 -33.59
N LYS A 733 7.45 -31.47 -33.65
CA LYS A 733 6.88 -32.28 -34.72
C LYS A 733 5.35 -32.34 -34.60
N LEU A 734 4.86 -32.73 -33.42
CA LEU A 734 3.41 -32.76 -33.21
C LEU A 734 2.80 -31.37 -33.30
N LYS A 735 3.58 -30.33 -32.96
CA LYS A 735 3.10 -28.97 -33.11
C LYS A 735 2.82 -28.66 -34.58
N ASN A 736 3.75 -29.02 -35.47
CA ASN A 736 3.57 -28.79 -36.89
C ASN A 736 2.57 -29.75 -37.52
N LYS A 737 2.10 -30.75 -36.79
CA LYS A 737 1.20 -31.76 -37.36
C LYS A 737 -0.24 -31.23 -37.42
N TRP A 738 -0.80 -30.90 -36.26
CA TRP A 738 -2.19 -30.48 -36.17
C TRP A 738 -2.39 -28.99 -36.43
N TRP A 739 -1.33 -28.26 -36.77
CA TRP A 739 -1.42 -26.84 -37.07
C TRP A 739 -1.34 -26.55 -38.57
N TYR A 740 -0.27 -27.01 -39.21
CA TYR A 740 -0.02 -26.70 -40.62
C TYR A 740 -0.29 -27.86 -41.56
N ASP A 741 0.08 -29.09 -41.19
CA ASP A 741 -0.08 -30.23 -42.08
C ASP A 741 -1.55 -30.49 -42.38
N LYS A 742 -2.33 -30.83 -41.35
CA LYS A 742 -3.74 -31.13 -41.53
C LYS A 742 -4.59 -29.87 -41.68
N GLY A 743 -3.97 -28.70 -41.74
CA GLY A 743 -4.72 -27.47 -41.97
C GLY A 743 -5.23 -27.38 -43.39
N GLU A 744 -6.30 -26.60 -43.54
CA GLU A 744 -6.93 -26.38 -44.83
C GLU A 744 -6.29 -25.25 -45.63
N CYS A 745 -5.50 -24.40 -44.97
CA CYS A 745 -4.85 -23.29 -45.66
C CYS A 745 -3.36 -23.58 -45.84
N GLY A 746 -3.04 -24.75 -46.40
CA GLY A 746 -1.66 -25.06 -46.71
C GLY A 746 -1.07 -24.09 -47.72
N ALA A 747 -1.90 -23.55 -48.61
CA ALA A 747 -1.44 -22.53 -49.55
C ALA A 747 -1.22 -21.19 -48.87
N LYS A 748 -1.81 -20.96 -47.70
CA LYS A 748 -1.58 -19.74 -46.93
C LYS A 748 -0.31 -19.80 -46.10
N ASP A 749 0.28 -20.99 -45.92
CA ASP A 749 1.54 -21.12 -45.22
C ASP A 749 2.74 -21.07 -46.14
N SER A 750 2.53 -21.22 -47.45
CA SER A 750 3.61 -21.14 -48.44
C SER A 750 3.61 -19.83 -49.21
N GLY A 751 2.44 -19.25 -49.46
CA GLY A 751 2.37 -17.96 -50.13
C GLY A 751 2.63 -16.76 -49.25
N SER A 752 2.71 -16.96 -47.94
CA SER A 752 2.99 -15.88 -46.99
C SER A 752 4.47 -15.69 -46.73
N LYS A 753 5.34 -16.36 -47.50
CA LYS A 753 6.77 -16.20 -47.34
C LYS A 753 7.34 -15.09 -48.22
N GLU A 754 6.75 -14.85 -49.38
CA GLU A 754 7.17 -13.79 -50.28
C GLU A 754 5.99 -12.90 -50.63
N LYS A 755 6.26 -11.62 -50.84
CA LYS A 755 5.20 -10.66 -51.17
C LYS A 755 5.55 -9.90 -52.45
N THR A 756 4.83 -8.81 -52.71
CA THR A 756 5.03 -8.01 -53.91
C THR A 756 5.00 -6.53 -53.54
N SER A 757 5.97 -5.77 -54.04
CA SER A 757 6.06 -4.34 -53.74
C SER A 757 6.65 -3.64 -54.95
N ALA A 758 5.77 -3.18 -55.84
CA ALA A 758 6.21 -2.50 -57.05
C ALA A 758 5.04 -1.65 -57.55
N LEU A 759 5.04 -1.31 -58.83
CA LEU A 759 3.98 -0.51 -59.44
C LEU A 759 2.92 -1.35 -60.14
N SER A 760 1.68 -0.85 -60.12
CA SER A 760 0.52 -1.57 -60.64
C SER A 760 0.37 -1.31 -62.14
N LEU A 761 0.38 -2.40 -62.92
CA LEU A 761 0.16 -2.26 -64.37
C LEU A 761 -1.32 -2.08 -64.69
N SER A 762 -2.19 -2.74 -63.91
CA SER A 762 -3.63 -2.68 -64.18
C SER A 762 -4.16 -1.26 -64.14
N ASN A 763 -3.52 -0.38 -63.36
CA ASN A 763 -3.90 1.03 -63.38
C ASN A 763 -3.64 1.64 -64.76
N VAL A 764 -2.51 1.28 -65.37
CA VAL A 764 -2.16 1.83 -66.68
C VAL A 764 -3.01 1.23 -67.78
N ALA A 765 -3.69 0.10 -67.52
CA ALA A 765 -4.49 -0.55 -68.55
C ALA A 765 -5.63 0.34 -69.04
N GLY A 766 -6.04 1.33 -68.25
CA GLY A 766 -7.09 2.23 -68.71
C GLY A 766 -6.63 3.11 -69.87
N VAL A 767 -5.40 3.60 -69.81
CA VAL A 767 -4.87 4.43 -70.88
C VAL A 767 -4.53 3.61 -72.12
N PHE A 768 -4.30 2.31 -71.97
CA PHE A 768 -4.04 1.46 -73.13
C PHE A 768 -5.32 1.09 -73.86
N TYR A 769 -6.43 0.95 -73.14
CA TYR A 769 -7.71 0.69 -73.80
C TYR A 769 -8.13 1.87 -74.66
N ILE A 770 -7.90 3.09 -74.18
CA ILE A 770 -8.27 4.27 -74.95
C ILE A 770 -7.30 4.51 -76.10
N LEU A 771 -6.08 3.97 -76.02
CA LEU A 771 -5.14 4.09 -77.14
C LEU A 771 -5.45 3.08 -78.23
N VAL A 772 -5.60 1.81 -77.85
CA VAL A 772 -6.02 0.79 -78.83
C VAL A 772 -7.44 1.10 -79.31
N GLY A 773 -8.29 1.61 -78.41
CA GLY A 773 -9.58 2.13 -78.84
C GLY A 773 -9.43 3.40 -79.66
N GLY A 774 -8.38 4.18 -79.41
CA GLY A 774 -8.08 5.30 -80.29
C GLY A 774 -7.50 4.84 -81.62
N LEU A 775 -6.52 3.93 -81.57
CA LEU A 775 -5.98 3.35 -82.79
C LEU A 775 -7.06 2.60 -83.56
N GLY A 776 -7.89 1.84 -82.84
CA GLY A 776 -9.02 1.18 -83.49
C GLY A 776 -9.97 2.18 -84.14
N LEU A 777 -10.28 3.26 -83.42
CA LEU A 777 -11.04 4.35 -84.04
C LEU A 777 -10.23 5.02 -85.13
N ALA A 778 -8.92 5.16 -84.93
CA ALA A 778 -8.06 5.72 -85.98
C ALA A 778 -8.03 4.80 -87.20
N MET A 779 -7.94 3.50 -86.98
CA MET A 779 -7.96 2.55 -88.10
C MET A 779 -9.32 2.55 -88.79
N LEU A 780 -10.38 2.90 -88.08
CA LEU A 780 -11.69 3.02 -88.72
C LEU A 780 -11.84 4.36 -89.43
N VAL A 781 -11.38 5.45 -88.80
CA VAL A 781 -11.34 6.73 -89.47
C VAL A 781 -10.38 6.69 -90.65
N ALA A 782 -9.36 5.84 -90.58
CA ALA A 782 -8.50 5.63 -91.73
C ALA A 782 -9.27 5.01 -92.88
N LEU A 783 -9.86 3.82 -92.65
CA LEU A 783 -10.54 3.07 -93.70
C LEU A 783 -11.67 3.83 -94.37
N ILE A 784 -12.15 4.93 -93.78
CA ILE A 784 -13.17 5.77 -94.42
C ILE A 784 -12.57 6.94 -95.16
N GLU A 785 -11.29 7.24 -94.96
CA GLU A 785 -10.60 8.29 -95.71
C GLU A 785 -9.94 7.79 -96.99
N PHE A 786 -9.94 6.48 -97.22
CA PHE A 786 -9.22 5.93 -98.36
C PHE A 786 -10.03 6.05 -99.65
N CYS A 787 -11.34 5.80 -99.57
CA CYS A 787 -12.18 5.76 -100.75
C CYS A 787 -12.53 7.14 -101.29
N TYR A 788 -12.51 8.16 -100.45
CA TYR A 788 -12.89 9.50 -100.90
C TYR A 788 -11.82 10.12 -101.78
N LYS A 789 -10.56 10.07 -101.34
CA LYS A 789 -9.46 10.65 -102.12
C LYS A 789 -8.31 9.66 -102.27
N ASN B 1 -47.62 -32.59 59.16
CA ASN B 1 -47.36 -33.22 57.87
C ASN B 1 -45.89 -33.07 57.47
N SER B 2 -45.12 -34.12 57.68
CA SER B 2 -43.70 -34.13 57.38
C SER B 2 -43.50 -34.89 56.07
N ILE B 3 -43.25 -34.14 54.99
CA ILE B 3 -43.05 -34.73 53.66
C ILE B 3 -41.59 -35.15 53.55
N GLN B 4 -41.32 -36.43 53.71
CA GLN B 4 -39.95 -36.85 53.62
C GLN B 4 -39.51 -36.73 52.18
N ILE B 5 -38.37 -36.09 51.99
CA ILE B 5 -37.72 -35.94 50.69
C ILE B 5 -36.25 -36.25 50.84
N GLY B 6 -35.61 -36.55 49.71
CA GLY B 6 -34.20 -36.90 49.67
C GLY B 6 -33.37 -35.75 49.12
N GLY B 7 -32.26 -35.47 49.82
CA GLY B 7 -31.40 -34.38 49.43
C GLY B 7 -29.94 -34.78 49.28
N LEU B 8 -29.50 -35.05 48.07
CA LEU B 8 -28.13 -35.50 47.79
C LEU B 8 -27.31 -34.29 47.38
N PHE B 9 -26.48 -33.80 48.29
CA PHE B 9 -25.65 -32.65 47.97
C PHE B 9 -24.18 -33.05 47.83
N PRO B 10 -23.45 -32.41 46.93
CA PRO B 10 -22.03 -32.73 46.76
C PRO B 10 -21.22 -32.33 47.99
N ARG B 11 -19.95 -32.73 47.97
CA ARG B 11 -19.09 -32.43 49.11
C ARG B 11 -18.74 -30.94 49.16
N GLY B 12 -18.49 -30.33 48.00
CA GLY B 12 -18.05 -28.95 47.94
C GLY B 12 -19.15 -27.92 47.70
N ALA B 13 -20.41 -28.31 47.75
CA ALA B 13 -21.53 -27.40 47.47
C ALA B 13 -22.04 -26.84 48.78
N ASP B 14 -21.50 -25.69 49.19
CA ASP B 14 -21.95 -25.00 50.39
C ASP B 14 -22.99 -23.93 50.08
N GLN B 15 -22.71 -23.07 49.09
CA GLN B 15 -23.70 -22.05 48.72
C GLN B 15 -24.96 -22.67 48.16
N GLU B 16 -24.83 -23.79 47.46
CA GLU B 16 -26.02 -24.48 46.95
C GLU B 16 -26.86 -25.05 48.09
N TYR B 17 -26.22 -25.53 49.15
CA TYR B 17 -26.98 -26.05 50.27
C TYR B 17 -27.65 -24.94 51.07
N SER B 18 -27.04 -23.75 51.09
CA SER B 18 -27.65 -22.62 51.80
C SER B 18 -28.97 -22.22 51.15
N ALA B 19 -28.97 -22.12 49.81
CA ALA B 19 -30.21 -21.81 49.11
C ALA B 19 -31.29 -22.86 49.37
N PHE B 20 -30.89 -24.13 49.48
CA PHE B 20 -31.85 -25.19 49.77
C PHE B 20 -32.52 -24.98 51.11
N ARG B 21 -31.83 -24.34 52.05
CA ARG B 21 -32.43 -24.05 53.35
C ARG B 21 -33.36 -22.85 53.27
N VAL B 22 -32.99 -21.83 52.48
CA VAL B 22 -33.83 -20.64 52.34
C VAL B 22 -35.16 -21.01 51.71
N GLY B 23 -35.13 -21.86 50.68
CA GLY B 23 -36.37 -22.35 50.10
C GLY B 23 -37.21 -23.14 51.08
N MET B 24 -36.55 -23.88 51.98
CA MET B 24 -37.28 -24.59 53.03
C MET B 24 -37.97 -23.62 53.97
N VAL B 25 -37.39 -22.45 54.19
CA VAL B 25 -37.99 -21.47 55.09
C VAL B 25 -39.06 -20.67 54.38
N GLN B 26 -38.81 -20.26 53.14
CA GLN B 26 -39.75 -19.39 52.44
C GLN B 26 -41.03 -20.14 52.05
N PHE B 27 -40.92 -21.43 51.77
CA PHE B 27 -42.04 -22.22 51.25
C PHE B 27 -42.42 -23.33 52.22
N SER B 28 -42.46 -23.02 53.51
CA SER B 28 -42.94 -23.96 54.53
C SER B 28 -44.34 -23.53 54.94
N THR B 29 -45.32 -24.39 54.71
CA THR B 29 -46.71 -24.09 54.99
C THR B 29 -47.21 -24.91 56.16
N SER B 30 -48.23 -24.38 56.85
CA SER B 30 -48.87 -25.14 57.92
C SER B 30 -49.55 -26.39 57.38
N GLU B 31 -49.93 -26.38 56.10
CA GLU B 31 -50.55 -27.56 55.49
C GLU B 31 -49.56 -28.72 55.45
N PHE B 32 -48.30 -28.45 55.15
CA PHE B 32 -47.30 -29.51 55.03
C PHE B 32 -45.91 -28.91 55.14
N ARG B 33 -45.02 -29.63 55.82
CA ARG B 33 -43.62 -29.27 55.91
C ARG B 33 -42.79 -30.35 55.24
N LEU B 34 -41.81 -29.94 54.44
CA LEU B 34 -40.87 -30.89 53.86
C LEU B 34 -39.77 -31.19 54.87
N THR B 35 -39.40 -32.46 54.97
CA THR B 35 -38.32 -32.90 55.87
C THR B 35 -37.15 -33.36 55.03
N PRO B 36 -36.22 -32.48 54.68
CA PRO B 36 -35.07 -32.88 53.85
C PRO B 36 -34.17 -33.87 54.58
N HIS B 37 -33.97 -35.02 53.95
CA HIS B 37 -33.02 -36.02 54.45
C HIS B 37 -31.71 -35.80 53.68
N ILE B 38 -30.76 -35.13 54.32
CA ILE B 38 -29.55 -34.67 53.64
C ILE B 38 -28.49 -35.75 53.73
N ASP B 39 -27.85 -36.05 52.60
CA ASP B 39 -26.71 -36.96 52.53
C ASP B 39 -25.60 -36.26 51.78
N ASN B 40 -24.54 -35.88 52.49
CA ASN B 40 -23.37 -35.27 51.85
C ASN B 40 -22.45 -36.38 51.36
N LEU B 41 -22.45 -36.61 50.04
CA LEU B 41 -21.63 -37.64 49.43
C LEU B 41 -20.94 -37.06 48.20
N GLU B 42 -19.85 -37.69 47.80
CA GLU B 42 -19.15 -37.28 46.59
C GLU B 42 -20.00 -37.59 45.37
N VAL B 43 -20.20 -36.59 44.52
CA VAL B 43 -21.10 -36.73 43.38
C VAL B 43 -20.47 -37.55 42.26
N ALA B 44 -19.15 -37.52 42.14
CA ALA B 44 -18.49 -38.21 41.04
C ALA B 44 -18.48 -39.73 41.20
N ASN B 45 -18.49 -40.22 42.44
CA ASN B 45 -18.41 -41.66 42.67
C ASN B 45 -19.77 -42.29 42.45
N SER B 46 -19.83 -43.28 41.55
CA SER B 46 -21.11 -43.89 41.23
C SER B 46 -21.61 -44.78 42.37
N PHE B 47 -20.72 -45.57 42.97
CA PHE B 47 -21.13 -46.45 44.05
C PHE B 47 -21.71 -45.65 45.21
N ALA B 48 -21.16 -44.46 45.46
CA ALA B 48 -21.69 -43.60 46.52
C ALA B 48 -23.12 -43.19 46.22
N VAL B 49 -23.38 -42.74 45.00
CA VAL B 49 -24.73 -42.32 44.63
C VAL B 49 -25.69 -43.49 44.69
N THR B 50 -25.26 -44.67 44.25
CA THR B 50 -26.13 -45.84 44.30
C THR B 50 -26.48 -46.19 45.74
N ASN B 51 -25.50 -46.11 46.65
CA ASN B 51 -25.80 -46.37 48.05
C ASN B 51 -26.70 -45.29 48.63
N ALA B 52 -26.48 -44.04 48.23
CA ALA B 52 -27.32 -42.95 48.72
C ALA B 52 -28.73 -43.02 48.16
N PHE B 53 -28.86 -43.44 46.90
CA PHE B 53 -30.20 -43.57 46.31
C PHE B 53 -30.96 -44.74 46.91
N CYS B 54 -30.25 -45.78 47.35
CA CYS B 54 -30.86 -46.90 48.03
C CYS B 54 -31.02 -46.68 49.53
N SER B 55 -30.48 -45.58 50.05
CA SER B 55 -30.78 -45.17 51.42
C SER B 55 -32.07 -44.35 51.47
N GLN B 56 -32.19 -43.34 50.60
CA GLN B 56 -33.41 -42.57 50.53
C GLN B 56 -34.60 -43.44 50.12
N PHE B 57 -34.36 -44.44 49.28
CA PHE B 57 -35.45 -45.32 48.85
C PHE B 57 -35.96 -46.16 50.01
N SER B 58 -35.05 -46.75 50.78
CA SER B 58 -35.46 -47.55 51.93
C SER B 58 -36.03 -46.70 53.07
N ARG B 59 -35.73 -45.41 53.08
CA ARG B 59 -36.26 -44.49 54.09
C ARG B 59 -37.59 -43.87 53.69
N GLY B 60 -38.18 -44.31 52.58
CA GLY B 60 -39.47 -43.83 52.15
C GLY B 60 -39.54 -42.35 51.86
N VAL B 61 -38.90 -41.91 50.78
CA VAL B 61 -38.97 -40.53 50.35
C VAL B 61 -39.89 -40.44 49.15
N TYR B 62 -40.51 -39.27 48.97
CA TYR B 62 -41.40 -39.05 47.85
C TYR B 62 -40.67 -38.44 46.66
N ALA B 63 -39.77 -37.49 46.92
CA ALA B 63 -38.98 -36.86 45.88
C ALA B 63 -37.54 -36.70 46.37
N ILE B 64 -36.60 -36.82 45.44
CA ILE B 64 -35.19 -36.65 45.75
C ILE B 64 -34.66 -35.45 44.99
N PHE B 65 -34.05 -34.51 45.71
CA PHE B 65 -33.36 -33.38 45.11
C PHE B 65 -31.87 -33.57 45.25
N GLY B 66 -31.12 -33.28 44.20
CA GLY B 66 -29.69 -33.46 44.26
C GLY B 66 -28.99 -33.02 43.00
N PHE B 67 -27.75 -33.47 42.85
CA PHE B 67 -26.89 -33.16 41.72
C PHE B 67 -26.31 -34.45 41.17
N TYR B 68 -25.81 -34.38 39.94
CA TYR B 68 -25.11 -35.52 39.35
C TYR B 68 -23.95 -35.00 38.52
N ASP B 69 -23.02 -35.89 38.22
CA ASP B 69 -21.86 -35.60 37.40
C ASP B 69 -21.98 -36.35 36.08
N LYS B 70 -21.12 -36.00 35.12
CA LYS B 70 -21.08 -36.71 33.85
C LYS B 70 -20.90 -38.22 34.06
N LYS B 71 -20.33 -38.63 35.18
CA LYS B 71 -20.09 -40.03 35.46
C LYS B 71 -21.29 -40.71 36.10
N SER B 72 -21.93 -40.04 37.06
CA SER B 72 -23.01 -40.63 37.84
C SER B 72 -24.39 -40.27 37.31
N VAL B 73 -24.48 -39.65 36.13
CA VAL B 73 -25.78 -39.21 35.62
C VAL B 73 -26.62 -40.41 35.20
N ASN B 74 -26.02 -41.37 34.51
CA ASN B 74 -26.76 -42.56 34.08
C ASN B 74 -27.21 -43.41 35.25
N THR B 75 -26.53 -43.32 36.39
CA THR B 75 -26.99 -44.04 37.57
C THR B 75 -28.30 -43.46 38.10
N ILE B 76 -28.49 -42.16 37.98
CA ILE B 76 -29.71 -41.54 38.46
C ILE B 76 -30.89 -41.82 37.52
N THR B 77 -30.72 -41.51 36.23
CA THR B 77 -31.83 -41.64 35.29
C THR B 77 -32.28 -43.09 35.14
N SER B 78 -31.37 -44.05 35.28
CA SER B 78 -31.75 -45.45 35.17
C SER B 78 -32.46 -45.93 36.43
N PHE B 79 -31.99 -45.51 37.61
CA PHE B 79 -32.65 -45.92 38.85
C PHE B 79 -33.96 -45.18 39.04
N CYS B 80 -34.02 -43.91 38.66
CA CYS B 80 -35.30 -43.19 38.69
C CYS B 80 -36.27 -43.71 37.64
N GLY B 81 -35.77 -44.35 36.59
CA GLY B 81 -36.63 -44.92 35.57
C GLY B 81 -37.27 -46.22 35.98
N THR B 82 -36.48 -47.12 36.57
CA THR B 82 -37.01 -48.41 37.00
C THR B 82 -37.76 -48.34 38.32
N LEU B 83 -37.48 -47.35 39.15
CA LEU B 83 -38.16 -47.21 40.45
C LEU B 83 -39.14 -46.04 40.50
N HIS B 84 -39.22 -45.24 39.43
CA HIS B 84 -40.24 -44.19 39.31
C HIS B 84 -40.13 -43.13 40.40
N VAL B 85 -38.91 -42.83 40.81
CA VAL B 85 -38.64 -41.78 41.79
C VAL B 85 -38.31 -40.50 41.04
N SER B 86 -38.98 -39.41 41.41
CA SER B 86 -38.68 -38.12 40.79
C SER B 86 -37.34 -37.58 41.29
N PHE B 87 -36.57 -37.00 40.38
CA PHE B 87 -35.27 -36.44 40.69
C PHE B 87 -35.23 -35.00 40.22
N ILE B 88 -35.10 -34.06 41.16
CA ILE B 88 -34.96 -32.65 40.86
C ILE B 88 -33.48 -32.30 40.92
N THR B 89 -33.01 -31.58 39.91
CA THR B 89 -31.58 -31.30 39.84
C THR B 89 -31.27 -30.02 39.08
N PRO B 90 -30.38 -29.18 39.60
CA PRO B 90 -29.90 -28.02 38.85
C PRO B 90 -28.77 -28.33 37.88
N SER B 91 -28.33 -29.58 37.80
CA SER B 91 -27.17 -29.93 36.98
C SER B 91 -27.52 -29.81 35.50
N PHE B 92 -26.55 -30.13 34.66
CA PHE B 92 -26.69 -29.89 33.23
C PHE B 92 -27.74 -30.83 32.63
N PRO B 93 -28.53 -30.38 31.66
CA PRO B 93 -29.60 -31.22 31.13
C PRO B 93 -29.05 -32.46 30.45
N THR B 94 -29.82 -33.54 30.52
CA THR B 94 -29.44 -34.81 29.94
C THR B 94 -29.59 -34.79 28.43
N ASP B 95 -28.92 -35.73 27.77
CA ASP B 95 -28.95 -35.84 26.30
C ASP B 95 -29.98 -36.89 25.92
N GLY B 96 -31.18 -36.43 25.58
CA GLY B 96 -32.25 -37.30 25.19
C GLY B 96 -33.50 -37.01 25.99
N THR B 97 -34.38 -38.00 26.08
CA THR B 97 -35.64 -37.90 26.80
C THR B 97 -35.61 -38.91 27.93
N HIS B 98 -35.39 -38.43 29.16
CA HIS B 98 -35.28 -39.32 30.31
C HIS B 98 -36.42 -39.06 31.29
N PRO B 99 -36.99 -40.10 31.87
CA PRO B 99 -38.15 -39.92 32.74
C PRO B 99 -37.78 -39.66 34.19
N PHE B 100 -38.70 -38.99 34.89
CA PHE B 100 -38.57 -38.72 36.32
C PHE B 100 -37.31 -37.92 36.65
N VAL B 101 -37.01 -36.94 35.81
CA VAL B 101 -35.84 -36.08 35.98
C VAL B 101 -36.30 -34.65 35.76
N ILE B 102 -36.34 -33.86 36.83
CA ILE B 102 -36.78 -32.45 36.73
C ILE B 102 -35.51 -31.62 36.59
N GLN B 103 -35.04 -31.50 35.36
CA GLN B 103 -33.81 -30.76 35.06
C GLN B 103 -34.09 -29.27 35.19
N MET B 104 -33.72 -28.71 36.35
CA MET B 104 -33.97 -27.30 36.60
C MET B 104 -33.19 -26.39 35.65
N ARG B 105 -32.06 -26.87 35.16
CA ARG B 105 -31.20 -26.02 34.33
C ARG B 105 -31.75 -25.94 32.92
N PRO B 106 -31.81 -24.75 32.32
CA PRO B 106 -32.33 -24.64 30.95
C PRO B 106 -31.31 -25.07 29.91
N ASP B 107 -31.83 -25.57 28.80
CA ASP B 107 -31.00 -26.07 27.71
C ASP B 107 -30.19 -24.91 27.12
N LEU B 108 -28.88 -24.90 27.43
CA LEU B 108 -28.00 -23.82 26.98
C LEU B 108 -27.55 -24.00 25.54
N LYS B 109 -27.65 -25.20 24.98
CA LYS B 109 -27.16 -25.46 23.63
C LYS B 109 -27.71 -24.44 22.63
N GLY B 110 -29.03 -24.25 22.62
CA GLY B 110 -29.61 -23.32 21.68
C GLY B 110 -29.18 -21.88 21.90
N ALA B 111 -28.99 -21.50 23.15
CA ALA B 111 -28.65 -20.11 23.46
C ALA B 111 -27.32 -19.71 22.85
N LEU B 112 -26.27 -20.52 23.08
CA LEU B 112 -24.96 -20.20 22.55
C LEU B 112 -24.94 -20.26 21.03
N LEU B 113 -25.75 -21.14 20.43
CA LEU B 113 -25.79 -21.22 18.98
C LEU B 113 -26.30 -19.92 18.35
N SER B 114 -27.24 -19.24 19.02
CA SER B 114 -27.76 -17.99 18.48
C SER B 114 -26.79 -16.82 18.67
N LEU B 115 -25.94 -16.89 19.70
CA LEU B 115 -25.01 -15.78 19.94
C LEU B 115 -23.89 -15.75 18.92
N ILE B 116 -23.29 -16.90 18.65
CA ILE B 116 -22.24 -16.98 17.63
C ILE B 116 -22.78 -16.53 16.29
N GLU B 117 -24.09 -16.72 16.06
CA GLU B 117 -24.70 -16.29 14.81
C GLU B 117 -24.87 -14.78 14.76
N TYR B 118 -25.05 -14.13 15.91
CA TYR B 118 -25.25 -12.68 15.97
C TYR B 118 -23.95 -11.93 15.68
N TYR B 119 -22.83 -12.37 16.27
CA TYR B 119 -21.55 -11.72 16.01
C TYR B 119 -21.01 -12.03 14.63
N GLN B 120 -21.62 -12.95 13.90
CA GLN B 120 -21.16 -13.35 12.56
C GLN B 120 -19.71 -13.82 12.59
N TRP B 121 -19.45 -14.79 13.45
CA TRP B 121 -18.14 -15.42 13.52
C TRP B 121 -18.02 -16.54 12.49
N ASP B 122 -16.77 -16.89 12.17
CA ASP B 122 -16.50 -17.98 11.23
C ASP B 122 -15.28 -18.81 11.59
N LYS B 123 -14.37 -18.31 12.42
CA LYS B 123 -13.14 -19.03 12.76
C LYS B 123 -12.77 -18.64 14.19
N PHE B 124 -13.05 -19.54 15.14
CA PHE B 124 -12.81 -19.26 16.55
C PHE B 124 -12.27 -20.52 17.21
N ALA B 125 -12.01 -20.41 18.52
CA ALA B 125 -11.52 -21.52 19.33
C ALA B 125 -12.54 -21.83 20.42
N TYR B 126 -12.80 -23.13 20.61
CA TYR B 126 -13.82 -23.61 21.55
C TYR B 126 -13.14 -24.42 22.64
N LEU B 127 -12.85 -23.78 23.78
CA LEU B 127 -12.20 -24.44 24.90
C LEU B 127 -13.26 -25.11 25.77
N TYR B 128 -13.21 -26.44 25.86
CA TYR B 128 -14.20 -27.23 26.58
C TYR B 128 -13.53 -28.06 27.66
N ASP B 129 -14.20 -28.20 28.79
CA ASP B 129 -13.79 -29.10 29.85
C ASP B 129 -14.62 -30.39 29.79
N SER B 130 -13.96 -31.51 30.07
CA SER B 130 -14.62 -32.81 30.14
C SER B 130 -15.51 -32.98 31.37
N ASP B 131 -16.13 -31.89 31.84
CA ASP B 131 -16.88 -31.93 33.08
C ASP B 131 -18.38 -31.89 32.85
N ARG B 132 -18.90 -30.70 32.52
CA ARG B 132 -20.32 -30.52 32.29
C ARG B 132 -20.86 -31.29 31.08
N GLY B 133 -20.12 -32.22 30.48
CA GLY B 133 -20.56 -32.93 29.30
C GLY B 133 -20.23 -32.18 28.02
N LEU B 134 -20.21 -32.93 26.93
CA LEU B 134 -19.92 -32.38 25.60
C LEU B 134 -21.19 -32.13 24.80
N SER B 135 -22.35 -32.09 25.46
CA SER B 135 -23.60 -31.85 24.75
C SER B 135 -23.58 -30.51 24.04
N THR B 136 -22.93 -29.51 24.64
CA THR B 136 -22.70 -28.23 23.98
C THR B 136 -21.52 -28.28 23.01
N LEU B 137 -20.70 -29.33 23.07
CA LEU B 137 -19.64 -29.50 22.08
C LEU B 137 -20.17 -30.17 20.82
N GLN B 138 -20.98 -31.21 20.99
CA GLN B 138 -21.61 -31.84 19.83
C GLN B 138 -22.52 -30.86 19.10
N ALA B 139 -23.22 -30.00 19.85
CA ALA B 139 -24.14 -29.07 19.23
C ALA B 139 -23.43 -28.11 18.28
N VAL B 140 -22.23 -27.68 18.64
CA VAL B 140 -21.46 -26.80 17.76
C VAL B 140 -20.61 -27.58 16.76
N LEU B 141 -20.35 -28.86 17.02
CA LEU B 141 -19.62 -29.66 16.04
C LEU B 141 -20.56 -30.17 14.94
N ASP B 142 -21.78 -30.57 15.31
CA ASP B 142 -22.76 -30.93 14.29
C ASP B 142 -23.15 -29.71 13.45
N SER B 143 -23.29 -28.54 14.09
CA SER B 143 -23.60 -27.32 13.37
C SER B 143 -22.38 -26.73 12.68
N ALA B 144 -21.19 -27.27 12.93
CA ALA B 144 -20.00 -26.82 12.20
C ALA B 144 -20.05 -27.18 10.73
N ALA B 145 -20.96 -28.07 10.33
CA ALA B 145 -21.13 -28.41 8.93
C ALA B 145 -22.30 -27.69 8.27
N GLU B 146 -23.41 -27.52 8.99
CA GLU B 146 -24.57 -26.84 8.38
C GLU B 146 -24.32 -25.37 8.09
N LYS B 147 -23.76 -24.67 9.05
CA LYS B 147 -23.33 -23.32 8.81
C LYS B 147 -21.92 -23.70 8.91
N LYS B 148 -21.13 -23.30 7.92
CA LYS B 148 -19.76 -23.74 7.92
C LYS B 148 -19.13 -23.02 9.07
N TRP B 149 -18.33 -23.72 9.85
CA TRP B 149 -17.38 -22.99 10.68
C TRP B 149 -16.06 -23.74 10.74
N GLN B 150 -14.98 -22.99 10.93
CA GLN B 150 -13.66 -23.57 11.14
C GLN B 150 -13.34 -23.41 12.63
N VAL B 151 -13.85 -24.34 13.43
CA VAL B 151 -13.70 -24.30 14.88
C VAL B 151 -12.44 -25.06 15.27
N THR B 152 -11.69 -24.50 16.22
CA THR B 152 -10.49 -25.13 16.76
C THR B 152 -10.79 -25.55 18.19
N ALA B 153 -11.14 -26.82 18.37
CA ALA B 153 -11.53 -27.36 19.66
C ALA B 153 -10.31 -27.79 20.46
N ILE B 154 -10.40 -27.63 21.78
CA ILE B 154 -9.31 -27.95 22.70
C ILE B 154 -9.93 -28.48 23.99
N ASN B 155 -9.54 -29.70 24.39
CA ASN B 155 -9.94 -30.26 25.67
C ASN B 155 -9.11 -29.61 26.76
N VAL B 156 -9.71 -28.72 27.54
CA VAL B 156 -9.00 -28.05 28.63
C VAL B 156 -9.15 -28.76 29.96
N GLY B 157 -9.93 -29.85 30.01
CA GLY B 157 -10.17 -30.56 31.24
C GLY B 157 -8.96 -31.21 31.88
N ASN B 158 -8.30 -32.10 31.13
CA ASN B 158 -7.13 -32.81 31.64
C ASN B 158 -5.96 -31.87 31.83
N ILE B 159 -5.85 -31.24 32.99
CA ILE B 159 -4.77 -30.32 33.29
C ILE B 159 -4.28 -30.61 34.70
N ASN B 160 -3.01 -30.94 34.84
CA ASN B 160 -2.45 -31.14 36.14
C ASN B 160 -2.70 -29.86 36.92
N ASN B 161 -2.27 -29.83 38.17
CA ASN B 161 -2.16 -28.59 38.93
C ASN B 161 -0.71 -28.13 39.07
N ASP B 162 0.24 -29.06 39.12
CA ASP B 162 1.65 -28.67 39.21
C ASP B 162 2.17 -28.15 37.88
N LYS B 163 1.74 -28.76 36.77
CA LYS B 163 2.09 -28.30 35.44
C LYS B 163 0.97 -27.49 34.79
N LYS B 164 0.23 -26.71 35.60
CA LYS B 164 -0.90 -25.95 35.07
C LYS B 164 -0.43 -24.71 34.32
N ASP B 165 0.44 -23.92 34.95
CA ASP B 165 0.93 -22.69 34.34
C ASP B 165 1.68 -22.96 33.04
N GLU B 166 2.21 -24.16 32.85
CA GLU B 166 2.99 -24.50 31.67
C GLU B 166 2.11 -24.97 30.51
N THR B 167 1.05 -25.74 30.81
CA THR B 167 0.19 -26.25 29.75
C THR B 167 -0.82 -25.19 29.28
N TYR B 168 -1.18 -24.25 30.15
CA TYR B 168 -2.09 -23.18 29.75
C TYR B 168 -1.43 -22.24 28.76
N ARG B 169 -0.24 -21.74 29.09
CA ARG B 169 0.46 -20.84 28.18
C ARG B 169 0.90 -21.55 26.91
N SER B 170 1.19 -22.85 27.00
CA SER B 170 1.52 -23.62 25.79
C SER B 170 0.31 -23.75 24.88
N LEU B 171 -0.90 -23.74 25.45
CA LEU B 171 -2.10 -23.86 24.63
C LEU B 171 -2.30 -22.63 23.75
N PHE B 172 -2.28 -21.44 24.35
CA PHE B 172 -2.58 -20.23 23.59
C PHE B 172 -1.54 -19.93 22.52
N GLN B 173 -0.40 -20.62 22.53
CA GLN B 173 0.54 -20.51 21.42
C GLN B 173 0.07 -21.29 20.21
N ASP B 174 -0.75 -22.33 20.40
CA ASP B 174 -1.40 -22.98 19.26
C ASP B 174 -2.43 -22.07 18.63
N LEU B 175 -3.15 -21.29 19.45
CA LEU B 175 -4.10 -20.31 18.95
C LEU B 175 -3.41 -19.11 18.32
N GLU B 176 -2.10 -18.96 18.50
CA GLU B 176 -1.39 -17.91 17.80
C GLU B 176 -0.95 -18.35 16.41
N LEU B 177 -0.95 -19.65 16.14
CA LEU B 177 -0.65 -20.15 14.80
C LEU B 177 -1.69 -19.70 13.78
N LYS B 178 -2.91 -19.45 14.22
CA LYS B 178 -3.99 -19.01 13.35
C LYS B 178 -4.32 -17.54 13.51
N LYS B 179 -3.54 -16.78 14.29
CA LYS B 179 -3.90 -15.43 14.72
C LYS B 179 -5.28 -15.41 15.37
N GLU B 180 -5.64 -16.49 16.07
CA GLU B 180 -6.98 -16.63 16.63
C GLU B 180 -7.26 -15.55 17.65
N ARG B 181 -8.29 -14.75 17.40
CA ARG B 181 -8.67 -13.67 18.31
C ARG B 181 -10.04 -13.90 18.95
N ARG B 182 -10.71 -15.00 18.62
CA ARG B 182 -12.04 -15.31 19.12
C ARG B 182 -11.99 -16.64 19.84
N VAL B 183 -12.33 -16.63 21.14
CA VAL B 183 -12.26 -17.81 21.97
C VAL B 183 -13.57 -17.97 22.72
N ILE B 184 -14.04 -19.21 22.83
CA ILE B 184 -15.20 -19.58 23.63
C ILE B 184 -14.70 -20.37 24.83
N LEU B 185 -15.18 -20.00 26.02
CA LEU B 185 -14.82 -20.71 27.25
C LEU B 185 -16.03 -21.52 27.69
N ASP B 186 -16.00 -22.82 27.39
CA ASP B 186 -17.07 -23.73 27.79
C ASP B 186 -16.68 -24.41 29.09
N CYS B 187 -16.67 -23.61 30.15
CA CYS B 187 -16.31 -24.09 31.48
C CYS B 187 -17.28 -23.51 32.49
N GLU B 188 -17.19 -23.98 33.73
CA GLU B 188 -18.00 -23.42 34.81
C GLU B 188 -17.36 -22.11 35.28
N ARG B 189 -17.87 -21.55 36.37
CA ARG B 189 -17.33 -20.29 36.87
C ARG B 189 -15.93 -20.43 37.44
N ASP B 190 -15.56 -21.61 37.92
CA ASP B 190 -14.24 -21.78 38.54
C ASP B 190 -13.14 -21.78 37.48
N LYS B 191 -13.24 -22.67 36.50
CA LYS B 191 -12.22 -22.73 35.46
C LYS B 191 -12.17 -21.45 34.62
N VAL B 192 -13.26 -20.68 34.58
CA VAL B 192 -13.23 -19.43 33.83
C VAL B 192 -12.28 -18.44 34.48
N ASN B 193 -12.42 -18.23 35.80
CA ASN B 193 -11.51 -17.33 36.50
C ASN B 193 -10.05 -17.80 36.39
N ASP B 194 -9.84 -19.11 36.28
CA ASP B 194 -8.48 -19.62 36.06
C ASP B 194 -7.96 -19.20 34.70
N ILE B 195 -8.73 -19.45 33.63
CA ILE B 195 -8.31 -19.05 32.30
C ILE B 195 -8.24 -17.53 32.21
N VAL B 196 -9.21 -16.83 32.80
CA VAL B 196 -9.20 -15.37 32.82
C VAL B 196 -7.88 -14.87 33.40
N ASP B 197 -7.53 -15.34 34.60
CA ASP B 197 -6.26 -14.93 35.20
C ASP B 197 -5.08 -15.24 34.29
N GLN B 198 -5.15 -16.35 33.56
CA GLN B 198 -4.06 -16.69 32.65
C GLN B 198 -4.06 -15.80 31.42
N VAL B 199 -5.24 -15.41 30.93
CA VAL B 199 -5.31 -14.55 29.76
C VAL B 199 -4.62 -13.23 30.02
N ILE B 200 -4.89 -12.62 31.17
CA ILE B 200 -4.31 -11.32 31.50
C ILE B 200 -2.80 -11.42 31.62
N THR B 201 -2.29 -12.59 32.00
CA THR B 201 -0.85 -12.74 32.22
C THR B 201 -0.08 -12.65 30.92
N ILE B 202 -0.61 -13.20 29.84
CA ILE B 202 0.10 -13.21 28.57
C ILE B 202 -0.43 -12.10 27.67
N GLY B 203 -1.30 -11.26 28.24
CA GLY B 203 -1.81 -10.09 27.55
C GLY B 203 -2.62 -10.41 26.31
N LYS B 204 -3.54 -11.35 26.40
CA LYS B 204 -4.49 -11.61 25.32
C LYS B 204 -5.89 -11.08 25.66
N HIS B 205 -5.94 -9.98 26.41
CA HIS B 205 -7.20 -9.34 26.78
C HIS B 205 -7.23 -7.88 26.33
N VAL B 206 -6.39 -7.52 25.36
CA VAL B 206 -6.31 -6.15 24.87
C VAL B 206 -7.32 -5.93 23.75
N LYS B 207 -7.28 -4.76 23.14
CA LYS B 207 -8.20 -4.44 22.05
C LYS B 207 -7.95 -5.36 20.87
N GLY B 208 -8.94 -6.18 20.53
CA GLY B 208 -8.82 -7.08 19.41
C GLY B 208 -9.33 -8.47 19.68
N TYR B 209 -9.06 -8.99 20.87
CA TYR B 209 -9.57 -10.30 21.25
C TYR B 209 -11.03 -10.13 21.66
N HIS B 210 -11.71 -11.27 21.80
CA HIS B 210 -13.14 -11.27 22.12
C HIS B 210 -13.49 -12.66 22.62
N TYR B 211 -14.00 -12.75 23.84
CA TYR B 211 -14.25 -14.02 24.51
C TYR B 211 -15.74 -14.20 24.77
N ILE B 212 -16.19 -15.45 24.75
CA ILE B 212 -17.57 -15.81 25.06
C ILE B 212 -17.55 -16.78 26.23
N ILE B 213 -18.11 -16.37 27.35
CA ILE B 213 -18.17 -17.21 28.55
C ILE B 213 -19.41 -18.10 28.42
N ALA B 214 -19.18 -19.38 28.12
CA ALA B 214 -20.27 -20.30 27.79
C ALA B 214 -20.73 -21.04 29.04
N ASN B 215 -21.34 -20.29 29.95
CA ASN B 215 -22.01 -20.88 31.10
C ASN B 215 -23.09 -19.92 31.57
N LEU B 216 -24.07 -20.45 32.30
CA LEU B 216 -25.19 -19.63 32.72
C LEU B 216 -24.83 -18.60 33.77
N GLY B 217 -23.59 -18.62 34.28
CA GLY B 217 -23.19 -17.68 35.31
C GLY B 217 -22.13 -16.69 34.87
N PHE B 218 -22.54 -15.62 34.20
CA PHE B 218 -21.58 -14.61 33.73
C PHE B 218 -21.04 -13.78 34.89
N THR B 219 -21.94 -13.15 35.64
CA THR B 219 -21.54 -12.33 36.78
C THR B 219 -21.17 -13.14 38.01
N ASP B 220 -20.98 -14.46 37.86
CA ASP B 220 -20.66 -15.29 39.02
C ASP B 220 -19.18 -15.21 39.37
N GLY B 221 -18.31 -15.41 38.39
CA GLY B 221 -16.88 -15.23 38.60
C GLY B 221 -16.50 -13.76 38.60
N ASP B 222 -15.21 -13.51 38.86
CA ASP B 222 -14.71 -12.14 38.86
C ASP B 222 -14.53 -11.67 37.42
N LEU B 223 -15.08 -10.49 37.12
CA LEU B 223 -14.96 -9.88 35.80
C LEU B 223 -14.23 -8.56 35.81
N LEU B 224 -13.98 -7.97 36.99
CA LEU B 224 -13.40 -6.64 37.07
C LEU B 224 -11.98 -6.58 36.53
N LYS B 225 -11.33 -7.72 36.30
CA LYS B 225 -9.94 -7.72 35.87
C LYS B 225 -9.78 -7.67 34.35
N ILE B 226 -10.67 -8.34 33.62
CA ILE B 226 -10.65 -8.27 32.16
C ILE B 226 -11.60 -7.17 31.71
N GLN B 227 -12.02 -6.32 32.66
CA GLN B 227 -13.00 -5.30 32.35
C GLN B 227 -12.39 -4.11 31.61
N PHE B 228 -11.10 -3.85 31.81
CA PHE B 228 -10.46 -2.68 31.25
C PHE B 228 -9.37 -3.00 30.24
N GLY B 229 -9.13 -4.29 29.94
CA GLY B 229 -8.04 -4.64 29.04
C GLY B 229 -8.24 -4.12 27.63
N GLY B 230 -9.48 -4.19 27.14
CA GLY B 230 -9.76 -3.74 25.79
C GLY B 230 -10.54 -4.76 25.00
N ALA B 231 -10.32 -6.04 25.28
CA ALA B 231 -11.08 -7.09 24.61
C ALA B 231 -12.52 -7.11 25.11
N GLU B 232 -13.41 -7.57 24.25
CA GLU B 232 -14.81 -7.71 24.59
C GLU B 232 -15.07 -9.09 25.16
N VAL B 233 -15.91 -9.17 26.18
CA VAL B 233 -16.22 -10.42 26.86
C VAL B 233 -17.74 -10.53 26.95
N SER B 234 -18.32 -11.43 26.18
CA SER B 234 -19.76 -11.66 26.16
C SER B 234 -20.11 -12.92 26.94
N GLY B 235 -21.30 -12.94 27.52
CA GLY B 235 -21.70 -14.08 28.32
C GLY B 235 -23.20 -14.15 28.53
N PHE B 236 -23.60 -15.15 29.31
CA PHE B 236 -25.01 -15.44 29.56
C PHE B 236 -25.30 -15.40 31.06
N GLN B 237 -26.48 -14.91 31.40
CA GLN B 237 -26.90 -14.75 32.79
C GLN B 237 -28.32 -15.27 32.93
N ILE B 238 -28.52 -16.23 33.85
CA ILE B 238 -29.86 -16.75 34.12
C ILE B 238 -30.48 -16.13 35.35
N VAL B 239 -29.71 -15.41 36.16
CA VAL B 239 -30.20 -14.75 37.37
C VAL B 239 -30.12 -13.25 37.10
N ASP B 240 -31.25 -12.64 36.77
CA ASP B 240 -31.30 -11.21 36.50
C ASP B 240 -31.46 -10.44 37.80
N TYR B 241 -30.48 -9.60 38.11
CA TYR B 241 -30.50 -8.82 39.34
C TYR B 241 -31.31 -7.54 39.23
N ASP B 242 -32.07 -7.36 38.15
CA ASP B 242 -32.98 -6.22 38.01
C ASP B 242 -34.43 -6.60 38.23
N ASP B 243 -34.75 -7.88 38.38
CA ASP B 243 -36.11 -8.31 38.64
C ASP B 243 -36.47 -8.09 40.10
N SER B 244 -37.73 -7.75 40.34
CA SER B 244 -38.17 -7.43 41.69
C SER B 244 -38.16 -8.65 42.62
N LEU B 245 -38.37 -9.86 42.06
CA LEU B 245 -38.30 -11.05 42.89
C LEU B 245 -36.87 -11.31 43.36
N VAL B 246 -35.89 -10.94 42.54
CA VAL B 246 -34.49 -11.20 42.88
C VAL B 246 -33.98 -10.18 43.90
N SER B 247 -34.43 -8.93 43.80
CA SER B 247 -33.92 -7.89 44.70
C SER B 247 -34.42 -8.09 46.12
N LYS B 248 -35.68 -8.52 46.29
CA LYS B 248 -36.15 -8.89 47.63
C LYS B 248 -35.49 -10.16 48.13
N PHE B 249 -35.01 -11.01 47.22
CA PHE B 249 -34.21 -12.15 47.62
C PHE B 249 -32.82 -11.70 48.07
N ILE B 250 -32.15 -10.88 47.25
CA ILE B 250 -30.81 -10.40 47.59
C ILE B 250 -30.84 -9.54 48.84
N GLU B 251 -31.88 -8.73 49.01
CA GLU B 251 -31.99 -7.88 50.19
C GLU B 251 -31.97 -8.72 51.47
N ARG B 252 -32.67 -9.86 51.46
CA ARG B 252 -32.61 -10.77 52.60
C ARG B 252 -31.37 -11.65 52.55
N TRP B 253 -30.89 -11.97 51.34
CA TRP B 253 -29.68 -12.78 51.19
C TRP B 253 -28.45 -12.01 51.66
N SER B 254 -28.28 -10.79 51.18
CA SER B 254 -27.11 -9.99 51.54
C SER B 254 -27.06 -9.67 53.02
N THR B 255 -28.18 -9.80 53.72
CA THR B 255 -28.24 -9.52 55.15
C THR B 255 -28.12 -10.77 56.01
N LEU B 256 -27.93 -11.94 55.41
CA LEU B 256 -27.68 -13.14 56.19
C LEU B 256 -26.27 -13.11 56.78
N GLU B 257 -26.08 -13.83 57.88
CA GLU B 257 -24.77 -13.93 58.48
C GLU B 257 -23.93 -14.96 57.74
N GLU B 258 -22.64 -14.66 57.59
CA GLU B 258 -21.76 -15.55 56.83
C GLU B 258 -21.38 -16.79 57.61
N LYS B 259 -21.70 -16.86 58.92
CA LYS B 259 -21.39 -18.05 59.70
C LYS B 259 -22.37 -19.18 59.41
N GLU B 260 -23.66 -18.90 59.53
CA GLU B 260 -24.68 -19.94 59.37
C GLU B 260 -24.76 -20.40 57.91
N TYR B 261 -25.15 -19.50 57.02
CA TYR B 261 -25.29 -19.83 55.61
C TYR B 261 -24.04 -19.38 54.87
N PRO B 262 -23.16 -20.28 54.45
CA PRO B 262 -21.92 -19.86 53.79
C PRO B 262 -22.20 -19.23 52.44
N GLY B 263 -21.28 -18.36 52.03
CA GLY B 263 -21.41 -17.66 50.76
C GLY B 263 -22.69 -16.88 50.62
N ALA B 264 -23.21 -16.32 51.71
CA ALA B 264 -24.48 -15.61 51.68
C ALA B 264 -24.46 -14.11 51.87
N HIS B 265 -23.53 -13.57 52.64
CA HIS B 265 -23.56 -12.15 52.96
C HIS B 265 -22.93 -11.33 51.81
N THR B 266 -23.19 -11.77 50.59
CA THR B 266 -22.69 -11.12 49.38
C THR B 266 -23.94 -10.71 48.61
N ALA B 267 -23.81 -9.65 47.83
CA ALA B 267 -24.92 -9.13 47.04
C ALA B 267 -25.20 -9.94 45.78
N THR B 268 -24.38 -10.94 45.47
CA THR B 268 -24.54 -11.77 44.29
C THR B 268 -24.96 -13.18 44.69
N ILE B 269 -25.28 -13.98 43.68
CA ILE B 269 -25.69 -15.37 43.90
C ILE B 269 -25.41 -16.16 42.64
N LYS B 270 -24.84 -17.34 42.81
CA LYS B 270 -24.49 -18.20 41.69
C LYS B 270 -25.74 -18.85 41.10
N TYR B 271 -25.66 -19.19 39.81
CA TYR B 271 -26.84 -19.70 39.13
C TYR B 271 -27.22 -21.10 39.60
N THR B 272 -26.25 -21.94 39.95
CA THR B 272 -26.56 -23.27 40.45
C THR B 272 -27.31 -23.21 41.77
N SER B 273 -26.85 -22.36 42.70
CA SER B 273 -27.57 -22.17 43.94
C SER B 273 -28.95 -21.59 43.69
N ALA B 274 -29.06 -20.69 42.71
CA ALA B 274 -30.35 -20.08 42.40
C ALA B 274 -31.35 -21.11 41.90
N LEU B 275 -30.87 -22.09 41.13
CA LEU B 275 -31.75 -23.17 40.68
C LEU B 275 -32.15 -24.07 41.85
N THR B 276 -31.28 -24.21 42.86
CA THR B 276 -31.64 -25.01 44.02
C THR B 276 -32.77 -24.38 44.81
N TYR B 277 -32.73 -23.06 44.99
CA TYR B 277 -33.82 -22.36 45.67
C TYR B 277 -35.14 -22.57 44.93
N ASP B 278 -35.13 -22.36 43.62
CA ASP B 278 -36.34 -22.59 42.83
C ASP B 278 -36.79 -24.05 42.91
N ALA B 279 -35.84 -24.98 43.05
CA ALA B 279 -36.20 -26.39 43.14
C ALA B 279 -37.06 -26.64 44.37
N VAL B 280 -36.80 -25.95 45.48
CA VAL B 280 -37.61 -26.14 46.67
C VAL B 280 -39.04 -25.66 46.43
N GLN B 281 -39.18 -24.54 45.73
CA GLN B 281 -40.52 -24.05 45.39
C GLN B 281 -41.23 -25.03 44.46
N VAL B 282 -40.48 -25.63 43.52
CA VAL B 282 -41.06 -26.64 42.64
C VAL B 282 -41.46 -27.87 43.45
N MET B 283 -40.63 -28.27 44.42
CA MET B 283 -41.00 -29.38 45.28
C MET B 283 -42.12 -29.01 46.23
N THR B 284 -42.15 -27.75 46.70
CA THR B 284 -43.23 -27.31 47.57
C THR B 284 -44.55 -27.23 46.82
N GLU B 285 -44.54 -26.61 45.63
CA GLU B 285 -45.78 -26.46 44.88
C GLU B 285 -46.29 -27.79 44.33
N ALA B 286 -45.39 -28.71 43.98
CA ALA B 286 -45.82 -30.02 43.49
C ALA B 286 -46.58 -30.76 44.58
N PHE B 287 -46.01 -30.85 45.78
CA PHE B 287 -46.72 -31.45 46.90
C PHE B 287 -47.87 -30.57 47.39
N ARG B 288 -47.90 -29.30 46.97
CA ARG B 288 -49.08 -28.47 47.23
C ARG B 288 -50.18 -28.75 46.21
N ASN B 289 -49.82 -28.84 44.93
CA ASN B 289 -50.79 -29.23 43.91
C ASN B 289 -51.26 -30.67 44.08
N LEU B 290 -50.49 -31.49 44.80
CA LEU B 290 -50.97 -32.83 45.16
C LEU B 290 -51.95 -32.78 46.31
N ARG B 291 -51.83 -31.79 47.20
CA ARG B 291 -52.80 -31.64 48.28
C ARG B 291 -54.13 -31.12 47.76
N LYS B 292 -54.12 -30.35 46.67
CA LYS B 292 -55.35 -29.76 46.16
C LYS B 292 -56.11 -30.73 45.26
N GLN B 293 -55.38 -31.54 44.47
CA GLN B 293 -56.00 -32.48 43.56
C GLN B 293 -56.40 -33.80 44.23
N ARG B 294 -56.28 -33.88 45.55
CA ARG B 294 -56.66 -35.08 46.31
C ARG B 294 -55.93 -36.32 45.79
N ILE B 295 -54.61 -36.28 45.90
CA ILE B 295 -53.75 -37.38 45.46
C ILE B 295 -52.95 -37.85 46.67
N GLU B 296 -53.32 -39.01 47.20
CA GLU B 296 -52.62 -39.56 48.36
C GLU B 296 -51.26 -40.11 47.93
N ILE B 297 -50.21 -39.64 48.60
CA ILE B 297 -48.84 -40.00 48.25
C ILE B 297 -48.13 -40.69 49.42
N SER B 298 -48.89 -41.19 50.40
CA SER B 298 -48.30 -41.85 51.55
C SER B 298 -47.90 -43.27 51.19
N ARG B 299 -46.68 -43.65 51.56
CA ARG B 299 -46.17 -44.97 51.24
C ARG B 299 -46.90 -46.03 52.06
N ARG B 300 -46.92 -47.26 51.52
CA ARG B 300 -47.56 -48.36 52.23
C ARG B 300 -46.73 -48.80 53.43
N GLY B 301 -45.40 -48.77 53.30
CA GLY B 301 -44.51 -49.16 54.37
C GLY B 301 -43.05 -49.02 54.01
N ASN B 302 -42.27 -50.06 54.25
CA ASN B 302 -40.85 -50.06 53.89
C ASN B 302 -40.68 -50.45 52.44
N ALA B 303 -39.96 -49.63 51.67
CA ALA B 303 -39.73 -49.90 50.27
C ALA B 303 -38.74 -51.05 50.05
N GLY B 304 -38.16 -51.60 51.11
CA GLY B 304 -37.23 -52.68 50.97
C GLY B 304 -35.96 -52.28 50.24
N ASP B 305 -35.21 -53.29 49.82
CA ASP B 305 -33.95 -53.09 49.13
C ASP B 305 -34.21 -52.66 47.70
N CYS B 306 -33.49 -51.63 47.25
CA CYS B 306 -33.60 -51.17 45.87
C CYS B 306 -33.26 -52.28 44.88
N LEU B 307 -32.37 -53.20 45.28
CA LEU B 307 -31.97 -54.31 44.42
C LEU B 307 -33.02 -55.42 44.45
N ALA B 308 -34.29 -55.05 44.63
CA ALA B 308 -35.36 -56.02 44.58
C ALA B 308 -35.41 -56.69 43.21
N ASN B 309 -35.50 -58.02 43.20
CA ASN B 309 -35.53 -58.76 41.95
C ASN B 309 -36.71 -59.72 41.96
N PRO B 310 -37.69 -59.48 41.06
CA PRO B 310 -37.73 -58.34 40.14
C PRO B 310 -38.11 -57.03 40.82
N ALA B 311 -37.72 -55.91 40.21
CA ALA B 311 -37.95 -54.60 40.81
C ALA B 311 -39.44 -54.25 40.79
N VAL B 312 -39.91 -53.69 41.89
CA VAL B 312 -41.31 -53.29 42.05
C VAL B 312 -41.36 -51.77 42.14
N PRO B 313 -41.81 -51.07 41.09
CA PRO B 313 -41.94 -49.61 41.17
C PRO B 313 -43.25 -49.38 41.91
N TRP B 314 -43.21 -48.57 42.97
CA TRP B 314 -44.45 -48.29 43.70
C TRP B 314 -45.26 -47.27 42.92
N GLY B 315 -46.57 -47.32 43.07
CA GLY B 315 -47.47 -46.54 42.24
C GLY B 315 -47.47 -45.03 42.27
N GLN B 316 -47.57 -44.45 43.47
CA GLN B 316 -47.79 -43.01 43.60
C GLN B 316 -46.59 -42.20 43.12
N GLY B 317 -45.48 -42.85 42.75
CA GLY B 317 -44.33 -42.11 42.26
C GLY B 317 -44.56 -41.44 40.92
N VAL B 318 -45.32 -42.09 40.03
CA VAL B 318 -45.55 -41.52 38.70
C VAL B 318 -46.38 -40.25 38.80
N GLU B 319 -47.27 -40.16 39.80
CA GLU B 319 -48.05 -38.94 39.98
C GLU B 319 -47.19 -37.80 40.50
N ILE B 320 -46.11 -38.11 41.21
CA ILE B 320 -45.22 -37.05 41.67
C ILE B 320 -44.50 -36.41 40.49
N GLU B 321 -44.30 -37.15 39.40
CA GLU B 321 -43.69 -36.56 38.21
C GLU B 321 -44.65 -35.58 37.55
N ARG B 322 -45.92 -35.98 37.39
CA ARG B 322 -46.88 -35.11 36.73
C ARG B 322 -47.09 -33.82 37.52
N ALA B 323 -47.09 -33.91 38.85
CA ALA B 323 -47.19 -32.71 39.66
C ALA B 323 -46.00 -31.79 39.43
N LEU B 324 -44.79 -32.33 39.57
CA LEU B 324 -43.58 -31.53 39.38
C LEU B 324 -43.52 -30.96 37.96
N LYS B 325 -43.73 -31.81 36.96
CA LYS B 325 -43.62 -31.36 35.58
C LYS B 325 -44.68 -30.33 35.22
N GLN B 326 -45.87 -30.42 35.82
CA GLN B 326 -46.93 -29.46 35.58
C GLN B 326 -46.87 -28.25 36.50
N VAL B 327 -45.90 -28.19 37.41
CA VAL B 327 -45.70 -26.99 38.19
C VAL B 327 -45.10 -25.92 37.30
N GLN B 328 -45.78 -24.77 37.19
CA GLN B 328 -45.32 -23.64 36.39
C GLN B 328 -45.36 -22.41 37.30
N VAL B 329 -44.31 -22.25 38.10
CA VAL B 329 -44.23 -21.15 39.05
C VAL B 329 -43.10 -20.21 38.65
N GLU B 330 -42.86 -19.19 39.46
CA GLU B 330 -41.87 -18.16 39.16
C GLU B 330 -40.85 -18.07 40.29
N GLY B 331 -39.57 -18.07 39.92
CA GLY B 331 -38.50 -17.99 40.89
C GLY B 331 -37.35 -17.12 40.42
N LEU B 332 -36.12 -17.51 40.79
CA LEU B 332 -34.96 -16.69 40.47
C LEU B 332 -34.53 -16.85 39.01
N SER B 333 -34.75 -18.03 38.42
CA SER B 333 -34.34 -18.31 37.05
C SER B 333 -35.38 -17.86 36.02
N GLY B 334 -36.28 -16.95 36.40
CA GLY B 334 -37.34 -16.52 35.50
C GLY B 334 -38.53 -17.44 35.54
N ASN B 335 -39.11 -17.72 34.37
CA ASN B 335 -40.25 -18.62 34.29
C ASN B 335 -39.77 -20.07 34.40
N ILE B 336 -40.55 -20.88 35.09
CA ILE B 336 -40.24 -22.28 35.31
C ILE B 336 -41.34 -23.12 34.69
N LYS B 337 -41.04 -23.77 33.56
CA LYS B 337 -42.00 -24.65 32.92
C LYS B 337 -41.26 -25.84 32.32
N PHE B 338 -41.84 -27.03 32.47
CA PHE B 338 -41.25 -28.26 31.98
C PHE B 338 -42.20 -28.94 31.01
N ASP B 339 -41.63 -29.64 30.03
CA ASP B 339 -42.42 -30.45 29.11
C ASP B 339 -42.52 -31.87 29.68
N GLN B 340 -42.79 -32.85 28.82
CA GLN B 340 -42.92 -34.23 29.27
C GLN B 340 -41.58 -34.92 29.45
N ASN B 341 -40.49 -34.33 28.97
CA ASN B 341 -39.16 -34.91 29.15
C ASN B 341 -38.48 -34.48 30.43
N GLY B 342 -38.92 -33.38 31.03
CA GLY B 342 -38.26 -32.79 32.17
C GLY B 342 -37.40 -31.58 31.85
N LYS B 343 -37.16 -31.32 30.57
CA LYS B 343 -36.38 -30.16 30.17
C LYS B 343 -37.12 -28.87 30.48
N ARG B 344 -36.35 -27.83 30.79
CA ARG B 344 -36.94 -26.50 30.94
C ARG B 344 -37.42 -25.98 29.60
N ILE B 345 -38.64 -25.45 29.57
CA ILE B 345 -39.19 -24.84 28.38
C ILE B 345 -39.70 -23.45 28.75
N ASN B 346 -39.83 -22.61 27.73
CA ASN B 346 -40.26 -21.21 27.88
C ASN B 346 -39.29 -20.41 28.75
N TYR B 347 -38.08 -20.91 28.95
CA TYR B 347 -37.10 -20.23 29.77
C TYR B 347 -36.58 -18.98 29.04
N THR B 348 -35.66 -18.26 29.68
CA THR B 348 -35.12 -17.04 29.12
C THR B 348 -33.68 -16.87 29.59
N ILE B 349 -32.75 -16.76 28.65
CA ILE B 349 -31.33 -16.63 28.93
C ILE B 349 -30.85 -15.29 28.37
N ASN B 350 -30.56 -14.34 29.24
CA ASN B 350 -30.14 -13.02 28.79
C ASN B 350 -28.74 -13.04 28.19
N ILE B 351 -28.45 -12.02 27.39
CA ILE B 351 -27.16 -11.88 26.72
C ILE B 351 -26.47 -10.66 27.31
N MET B 352 -25.24 -10.84 27.78
CA MET B 352 -24.51 -9.81 28.49
C MET B 352 -23.21 -9.46 27.77
N GLU B 353 -22.87 -8.18 27.74
CA GLU B 353 -21.58 -7.71 27.25
C GLU B 353 -20.89 -6.93 28.35
N LEU B 354 -19.57 -7.08 28.44
CA LEU B 354 -18.78 -6.45 29.48
C LEU B 354 -18.18 -5.16 28.94
N LYS B 355 -18.54 -4.04 29.55
CA LYS B 355 -18.02 -2.74 29.16
C LYS B 355 -17.22 -2.15 30.33
N THR B 356 -16.76 -0.90 30.15
CA THR B 356 -15.94 -0.26 31.15
C THR B 356 -16.70 -0.07 32.47
N ASN B 357 -17.93 0.43 32.38
CA ASN B 357 -18.76 0.63 33.57
C ASN B 357 -19.12 -0.68 34.26
N GLY B 358 -18.90 -1.82 33.60
CA GLY B 358 -19.21 -3.11 34.17
C GLY B 358 -20.02 -3.98 33.25
N PRO B 359 -20.75 -4.95 33.82
CA PRO B 359 -21.60 -5.80 32.99
C PRO B 359 -22.73 -4.97 32.38
N ARG B 360 -23.10 -5.34 31.15
CA ARG B 360 -24.16 -4.67 30.42
C ARG B 360 -25.05 -5.72 29.77
N LYS B 361 -26.36 -5.50 29.84
CA LYS B 361 -27.33 -6.38 29.21
C LYS B 361 -27.66 -5.85 27.83
N ILE B 362 -27.91 -6.76 26.90
CA ILE B 362 -28.17 -6.34 25.53
C ILE B 362 -29.38 -7.07 24.96
N GLY B 363 -29.81 -8.15 25.59
CA GLY B 363 -30.99 -8.85 25.12
C GLY B 363 -31.18 -10.16 25.86
N TYR B 364 -32.08 -10.97 25.29
CA TYR B 364 -32.49 -12.24 25.87
C TYR B 364 -32.65 -13.27 24.76
N TRP B 365 -32.90 -14.52 25.17
CA TRP B 365 -33.03 -15.63 24.26
C TRP B 365 -34.19 -16.52 24.71
N SER B 366 -34.83 -17.16 23.74
CA SER B 366 -35.94 -18.07 24.00
C SER B 366 -35.95 -19.15 22.94
N GLU B 367 -36.33 -20.37 23.34
CA GLU B 367 -36.33 -21.48 22.40
C GLU B 367 -37.32 -21.27 21.26
N VAL B 368 -38.28 -20.36 21.42
CA VAL B 368 -39.25 -20.08 20.38
C VAL B 368 -38.99 -18.77 19.65
N ASP B 369 -38.25 -17.83 20.27
CA ASP B 369 -37.98 -16.53 19.66
C ASP B 369 -36.51 -16.28 19.36
N LYS B 370 -35.62 -17.22 19.70
CA LYS B 370 -34.18 -17.07 19.51
C LYS B 370 -33.68 -15.78 20.17
N MET B 371 -32.75 -15.08 19.54
CA MET B 371 -32.14 -13.90 20.15
C MET B 371 -32.93 -12.64 19.79
N VAL B 372 -33.16 -11.80 20.81
CA VAL B 372 -33.91 -10.56 20.66
C VAL B 372 -33.08 -9.43 21.27
N LEU B 373 -32.90 -8.36 20.50
CA LEU B 373 -32.10 -7.22 20.93
C LEU B 373 -32.99 -6.15 21.58
N THR B 374 -32.65 -5.77 22.80
CA THR B 374 -33.33 -4.70 23.52
C THR B 374 -32.33 -3.80 24.23
N GLU B 375 -32.37 -2.50 23.95
CA GLU B 375 -33.33 -1.93 23.02
C GLU B 375 -32.70 -1.70 21.64
N ASP B 376 -31.42 -2.04 21.53
CA ASP B 376 -30.66 -1.95 20.28
C ASP B 376 -30.43 -0.49 19.91
N ASP B 377 -31.51 0.29 19.80
CA ASP B 377 -31.40 1.71 19.49
C ASP B 377 -31.23 2.62 20.70
N THR B 378 -30.22 3.49 20.66
CA THR B 378 -29.31 3.59 19.52
C THR B 378 -27.86 3.36 19.96
N SER B 379 -26.94 3.53 19.02
CA SER B 379 -25.53 3.36 19.34
C SER B 379 -25.03 4.54 20.17
N GLY B 380 -23.84 4.37 20.75
CA GLY B 380 -23.25 5.42 21.56
C GLY B 380 -22.86 6.65 20.76
N LEU B 381 -22.38 6.45 19.53
CA LEU B 381 -21.99 7.55 18.65
C LEU B 381 -22.39 7.23 17.22
N GLU B 382 -22.98 8.20 16.54
CA GLU B 382 -23.43 8.03 15.16
C GLU B 382 -22.41 8.64 14.21
N GLN B 383 -21.96 7.85 13.25
CA GLN B 383 -21.00 8.32 12.26
C GLN B 383 -21.66 9.30 11.29
N LYS B 384 -21.10 10.51 11.21
CA LYS B 384 -21.69 11.54 10.36
C LYS B 384 -21.32 11.32 8.90
N THR B 385 -22.20 11.80 8.02
CA THR B 385 -22.01 11.71 6.57
C THR B 385 -21.98 13.11 5.99
N VAL B 386 -21.03 13.36 5.09
CA VAL B 386 -20.82 14.66 4.49
C VAL B 386 -21.69 14.78 3.25
N VAL B 387 -22.26 15.97 3.02
CA VAL B 387 -23.16 16.22 1.91
C VAL B 387 -22.43 17.11 0.91
N VAL B 388 -21.89 16.49 -0.14
CA VAL B 388 -21.19 17.23 -1.19
C VAL B 388 -22.22 17.70 -2.22
N THR B 389 -22.13 18.96 -2.61
CA THR B 389 -22.98 19.51 -3.66
C THR B 389 -22.16 19.77 -4.91
N THR B 390 -22.81 19.63 -6.06
CA THR B 390 -22.14 19.85 -7.34
C THR B 390 -23.20 20.09 -8.41
N ILE B 391 -22.76 20.63 -9.53
CA ILE B 391 -23.64 21.01 -10.63
C ILE B 391 -23.45 20.03 -11.78
N LEU B 392 -24.53 19.75 -12.49
CA LEU B 392 -24.51 18.84 -13.63
C LEU B 392 -24.02 19.59 -14.85
N GLU B 393 -22.75 19.38 -15.21
CA GLU B 393 -22.17 20.01 -16.39
C GLU B 393 -20.95 19.21 -16.83
N SER B 394 -20.91 18.85 -18.11
CA SER B 394 -19.87 17.99 -18.66
C SER B 394 -18.55 18.73 -18.84
N PRO B 395 -17.42 18.02 -18.67
CA PRO B 395 -17.35 16.61 -18.26
C PRO B 395 -17.18 16.48 -16.75
N TYR B 396 -17.46 17.54 -16.01
CA TYR B 396 -17.19 17.56 -14.58
C TYR B 396 -18.12 16.61 -13.83
N VAL B 397 -19.43 16.79 -14.00
CA VAL B 397 -20.42 15.96 -13.33
C VAL B 397 -21.47 15.59 -14.38
N MET B 398 -21.42 14.35 -14.86
CA MET B 398 -22.42 13.82 -15.77
C MET B 398 -23.02 12.56 -15.18
N MET B 399 -24.15 12.15 -15.73
CA MET B 399 -24.83 10.94 -15.27
C MET B 399 -24.48 9.79 -16.21
N LYS B 400 -24.19 8.62 -15.61
CA LYS B 400 -23.85 7.45 -16.40
C LYS B 400 -25.00 7.05 -17.32
N LYS B 401 -24.65 6.36 -18.41
CA LYS B 401 -25.66 5.92 -19.36
C LYS B 401 -26.66 4.97 -18.72
N ASN B 402 -26.23 4.17 -17.75
CA ASN B 402 -27.11 3.25 -17.01
C ASN B 402 -27.46 3.78 -15.63
N HIS B 403 -27.74 5.09 -15.53
CA HIS B 403 -28.01 5.70 -14.24
C HIS B 403 -29.32 5.20 -13.63
N GLU B 404 -30.31 4.90 -14.46
CA GLU B 404 -31.58 4.37 -13.96
C GLU B 404 -31.47 2.95 -13.44
N MET B 405 -30.29 2.32 -13.56
CA MET B 405 -30.06 1.02 -12.95
C MET B 405 -29.17 1.10 -11.71
N LEU B 406 -28.39 2.16 -11.57
CA LEU B 406 -27.57 2.38 -10.39
C LEU B 406 -28.29 3.28 -9.39
N GLU B 407 -27.68 3.43 -8.21
CA GLU B 407 -28.25 4.27 -7.16
C GLU B 407 -27.12 4.75 -6.26
N GLY B 408 -27.22 6.01 -5.82
CA GLY B 408 -26.19 6.61 -5.00
C GLY B 408 -25.16 7.41 -5.78
N ASN B 409 -23.92 7.45 -5.29
CA ASN B 409 -22.88 8.19 -5.99
C ASN B 409 -22.55 7.55 -7.34
N GLU B 410 -22.77 6.24 -7.48
CA GLU B 410 -22.44 5.55 -8.72
C GLU B 410 -23.32 5.97 -9.89
N ARG B 411 -24.40 6.71 -9.64
CA ARG B 411 -25.21 7.21 -10.74
C ARG B 411 -24.42 8.19 -11.60
N TYR B 412 -23.53 8.97 -10.99
CA TYR B 412 -22.82 10.04 -11.66
C TYR B 412 -21.38 9.64 -11.93
N GLU B 413 -20.77 10.35 -12.87
CA GLU B 413 -19.37 10.12 -13.23
C GLU B 413 -18.82 11.38 -13.87
N GLY B 414 -17.54 11.61 -13.67
CA GLY B 414 -16.86 12.75 -14.27
C GLY B 414 -15.67 13.17 -13.45
N TYR B 415 -15.09 14.30 -13.85
CA TYR B 415 -13.88 14.81 -13.22
C TYR B 415 -14.11 15.08 -11.74
N CYS B 416 -15.08 15.95 -11.42
CA CYS B 416 -15.37 16.24 -10.02
C CYS B 416 -15.90 15.01 -9.29
N VAL B 417 -16.48 14.05 -10.00
CA VAL B 417 -16.91 12.80 -9.38
C VAL B 417 -15.69 12.01 -8.90
N ASP B 418 -14.69 11.87 -9.76
CA ASP B 418 -13.45 11.21 -9.35
C ASP B 418 -12.66 12.05 -8.35
N LEU B 419 -12.78 13.38 -8.45
CA LEU B 419 -12.11 14.25 -7.49
C LEU B 419 -12.77 14.19 -6.12
N ALA B 420 -14.08 13.95 -6.08
CA ALA B 420 -14.77 13.81 -4.81
C ALA B 420 -14.23 12.63 -4.02
N ALA B 421 -13.92 11.53 -4.71
CA ALA B 421 -13.37 10.37 -4.02
C ALA B 421 -11.96 10.66 -3.51
N GLU B 422 -11.12 11.29 -4.34
CA GLU B 422 -9.75 11.56 -3.92
C GLU B 422 -9.70 12.50 -2.73
N ILE B 423 -10.62 13.48 -2.68
CA ILE B 423 -10.65 14.39 -1.55
C ILE B 423 -11.14 13.66 -0.30
N ALA B 424 -12.16 12.82 -0.45
CA ALA B 424 -12.62 12.03 0.69
C ALA B 424 -11.57 11.04 1.17
N LYS B 425 -10.77 10.49 0.24
CA LYS B 425 -9.75 9.53 0.64
C LYS B 425 -8.65 10.20 1.45
N HIS B 426 -8.15 11.34 0.97
CA HIS B 426 -7.10 12.08 1.68
C HIS B 426 -7.62 12.86 2.87
N CYS B 427 -8.91 12.72 3.19
CA CYS B 427 -9.49 13.39 4.35
C CYS B 427 -10.33 12.48 5.24
N GLY B 428 -10.77 11.33 4.75
CA GLY B 428 -11.51 10.40 5.57
C GLY B 428 -12.89 10.87 5.99
N PHE B 429 -13.85 10.76 5.08
CA PHE B 429 -15.25 11.03 5.40
C PHE B 429 -16.12 10.40 4.33
N LYS B 430 -17.28 9.89 4.75
CA LYS B 430 -18.25 9.31 3.82
C LYS B 430 -19.10 10.44 3.24
N TYR B 431 -19.10 10.56 1.92
CA TYR B 431 -19.74 11.66 1.23
C TYR B 431 -20.88 11.15 0.35
N LYS B 432 -21.89 12.00 0.17
CA LYS B 432 -23.05 11.70 -0.66
C LYS B 432 -23.18 12.78 -1.72
N LEU B 433 -22.95 12.41 -2.99
CA LEU B 433 -23.02 13.38 -4.08
C LEU B 433 -24.47 13.76 -4.34
N THR B 434 -24.79 15.03 -4.14
CA THR B 434 -26.12 15.58 -4.42
C THR B 434 -26.00 16.73 -5.40
N ILE B 435 -26.98 16.86 -6.28
CA ILE B 435 -26.99 17.90 -7.30
C ILE B 435 -27.64 19.15 -6.73
N VAL B 436 -27.11 20.31 -7.12
CA VAL B 436 -27.63 21.59 -6.63
C VAL B 436 -29.09 21.76 -7.06
N GLY B 437 -29.89 22.30 -6.16
CA GLY B 437 -31.31 22.48 -6.41
C GLY B 437 -31.65 23.25 -7.68
N ASP B 438 -31.24 24.52 -7.75
CA ASP B 438 -31.59 25.36 -8.88
C ASP B 438 -30.73 25.12 -10.11
N GLY B 439 -29.67 24.33 -9.99
CA GLY B 439 -28.79 24.11 -11.13
C GLY B 439 -27.88 25.25 -11.48
N LYS B 440 -27.81 26.29 -10.63
CA LYS B 440 -26.98 27.45 -10.86
C LYS B 440 -25.71 27.45 -10.02
N TYR B 441 -24.72 28.22 -10.45
CA TYR B 441 -23.47 28.33 -9.71
C TYR B 441 -22.84 28.90 -8.44
N GLY B 442 -22.80 30.23 -8.35
CA GLY B 442 -22.85 31.12 -7.20
C GLY B 442 -23.15 32.55 -7.56
N ALA B 443 -24.26 33.08 -7.06
CA ALA B 443 -24.66 34.44 -7.36
C ALA B 443 -25.53 34.97 -6.23
N ARG B 444 -25.75 36.28 -6.26
CA ARG B 444 -26.60 36.96 -5.28
C ARG B 444 -27.61 37.82 -6.03
N ASP B 445 -28.86 37.77 -5.59
CA ASP B 445 -29.92 38.52 -6.24
C ASP B 445 -29.72 40.03 -6.02
N ALA B 446 -30.28 40.82 -6.96
CA ALA B 446 -30.15 42.27 -6.85
C ALA B 446 -31.14 42.85 -5.85
N ASP B 447 -32.36 42.32 -5.81
CA ASP B 447 -33.43 42.83 -4.95
C ASP B 447 -33.54 42.08 -3.62
N THR B 448 -33.63 40.76 -3.68
CA THR B 448 -33.72 39.97 -2.45
C THR B 448 -32.36 39.83 -1.77
N LYS B 449 -31.29 39.90 -2.55
CA LYS B 449 -29.92 39.73 -2.04
C LYS B 449 -29.79 38.41 -1.28
N ILE B 450 -30.46 37.38 -1.79
CA ILE B 450 -30.38 36.03 -1.26
C ILE B 450 -29.42 35.23 -2.13
N TRP B 451 -28.59 34.41 -1.49
CA TRP B 451 -27.65 33.57 -2.23
C TRP B 451 -28.35 32.36 -2.81
N ASN B 452 -27.97 31.99 -4.02
CA ASN B 452 -28.59 30.89 -4.74
C ASN B 452 -27.52 29.90 -5.18
N GLY B 453 -27.97 28.68 -5.50
CA GLY B 453 -27.07 27.68 -6.05
C GLY B 453 -26.22 27.01 -4.99
N MET B 454 -25.01 26.63 -5.39
CA MET B 454 -24.11 25.90 -4.51
C MET B 454 -23.56 26.79 -3.40
N VAL B 455 -23.17 28.02 -3.75
CA VAL B 455 -22.68 28.96 -2.74
C VAL B 455 -23.77 29.25 -1.72
N GLY B 456 -25.03 29.33 -2.17
CA GLY B 456 -26.13 29.56 -1.25
C GLY B 456 -26.33 28.41 -0.28
N GLU B 457 -26.26 27.18 -0.77
CA GLU B 457 -26.46 26.02 0.10
C GLU B 457 -25.34 25.89 1.13
N LEU B 458 -24.15 26.39 0.81
CA LEU B 458 -23.07 26.37 1.79
C LEU B 458 -23.36 27.33 2.93
N VAL B 459 -23.73 28.57 2.61
CA VAL B 459 -23.94 29.58 3.65
C VAL B 459 -25.14 29.22 4.51
N TYR B 460 -26.26 28.88 3.88
CA TYR B 460 -27.50 28.61 4.58
C TYR B 460 -27.54 27.22 5.21
N GLY B 461 -26.44 26.48 5.17
CA GLY B 461 -26.35 25.21 5.85
C GLY B 461 -27.06 24.06 5.18
N LYS B 462 -27.27 24.13 3.87
CA LYS B 462 -27.93 23.03 3.16
C LYS B 462 -26.94 22.01 2.62
N ALA B 463 -25.64 22.29 2.65
CA ALA B 463 -24.63 21.33 2.22
C ALA B 463 -23.39 21.51 3.09
N ASP B 464 -22.38 20.68 2.84
CA ASP B 464 -21.15 20.69 3.61
C ASP B 464 -19.92 21.10 2.82
N ILE B 465 -19.90 20.85 1.51
CA ILE B 465 -18.75 21.19 0.67
C ILE B 465 -19.22 21.19 -0.77
N ALA B 466 -18.45 21.85 -1.64
CA ALA B 466 -18.82 22.01 -3.04
C ALA B 466 -17.64 21.61 -3.92
N ILE B 467 -17.81 20.56 -4.72
CA ILE B 467 -16.78 20.07 -5.63
C ILE B 467 -17.34 20.20 -7.05
N ALA B 468 -17.06 21.34 -7.68
CA ALA B 468 -17.68 21.68 -8.95
C ALA B 468 -16.82 22.76 -9.61
N PRO B 469 -17.07 23.06 -10.90
CA PRO B 469 -16.35 24.18 -11.53
C PRO B 469 -16.79 25.53 -10.98
N LEU B 470 -16.52 25.79 -9.71
CA LEU B 470 -16.91 27.03 -9.07
C LEU B 470 -15.81 28.06 -9.27
N THR B 471 -16.12 29.14 -10.00
CA THR B 471 -15.13 30.16 -10.33
C THR B 471 -14.84 31.02 -9.11
N ILE B 472 -13.57 31.06 -8.70
CA ILE B 472 -13.16 31.78 -7.50
C ILE B 472 -13.25 33.29 -7.74
N THR B 473 -14.32 33.90 -7.24
CA THR B 473 -14.57 35.33 -7.37
C THR B 473 -14.54 35.98 -6.00
N LEU B 474 -14.35 37.30 -6.00
CA LEU B 474 -14.25 38.03 -4.74
C LEU B 474 -15.59 38.11 -4.01
N VAL B 475 -16.70 38.10 -4.76
CA VAL B 475 -18.01 38.21 -4.12
C VAL B 475 -18.35 36.94 -3.36
N ARG B 476 -17.78 35.80 -3.76
CA ARG B 476 -18.02 34.54 -3.07
C ARG B 476 -17.03 34.31 -1.93
N GLU B 477 -15.79 34.78 -2.08
CA GLU B 477 -14.79 34.64 -1.03
C GLU B 477 -15.21 35.30 0.27
N GLU B 478 -16.21 36.18 0.22
CA GLU B 478 -16.64 36.89 1.43
C GLU B 478 -17.59 36.06 2.29
N VAL B 479 -18.41 35.20 1.67
CA VAL B 479 -19.41 34.46 2.43
C VAL B 479 -18.93 33.05 2.71
N ILE B 480 -18.09 32.50 1.83
CA ILE B 480 -17.57 31.16 1.99
C ILE B 480 -16.05 31.20 1.86
N ASP B 481 -15.42 30.05 2.12
CA ASP B 481 -13.98 29.90 2.02
C ASP B 481 -13.65 29.07 0.79
N PHE B 482 -12.86 29.64 -0.11
CA PHE B 482 -12.37 28.92 -1.27
C PHE B 482 -11.04 28.27 -0.95
N SER B 483 -10.92 26.98 -1.28
CA SER B 483 -9.64 26.29 -1.15
C SER B 483 -8.71 26.77 -2.25
N LYS B 484 -7.47 26.26 -2.23
CA LYS B 484 -6.55 26.57 -3.30
C LYS B 484 -7.10 26.04 -4.62
N PRO B 485 -6.73 26.66 -5.75
CA PRO B 485 -7.29 26.22 -7.03
C PRO B 485 -6.76 24.86 -7.43
N PHE B 486 -7.61 24.10 -8.11
CA PHE B 486 -7.25 22.76 -8.57
C PHE B 486 -7.16 22.66 -10.08
N MET B 487 -7.35 23.76 -10.80
CA MET B 487 -7.25 23.77 -12.26
C MET B 487 -7.23 25.20 -12.77
N SER B 488 -6.06 25.67 -13.21
CA SER B 488 -5.95 27.04 -13.70
C SER B 488 -6.49 27.13 -15.12
N LEU B 489 -7.19 28.22 -15.41
CA LEU B 489 -7.79 28.42 -16.72
C LEU B 489 -7.85 29.91 -17.02
N GLY B 490 -8.50 30.26 -18.12
CA GLY B 490 -8.62 31.64 -18.55
C GLY B 490 -9.39 31.71 -19.84
N ILE B 491 -9.72 32.93 -20.25
CA ILE B 491 -10.50 33.14 -21.47
C ILE B 491 -9.63 32.87 -22.69
N SER B 492 -10.11 32.01 -23.58
CA SER B 492 -9.40 31.65 -24.81
C SER B 492 -10.36 31.75 -25.99
N ILE B 493 -9.84 31.43 -27.17
CA ILE B 493 -10.56 31.60 -28.43
C ILE B 493 -10.94 30.23 -28.98
N MET B 494 -12.15 30.14 -29.53
CA MET B 494 -12.64 28.94 -30.20
C MET B 494 -12.97 29.31 -31.64
N ILE B 495 -12.14 28.85 -32.58
CA ILE B 495 -12.35 29.15 -34.00
C ILE B 495 -12.84 27.90 -34.71
N LYS B 496 -12.87 27.94 -36.04
CA LYS B 496 -13.29 26.81 -36.87
C LYS B 496 -12.06 26.05 -37.35
N LYS B 497 -11.79 24.91 -36.72
CA LYS B 497 -10.64 24.10 -37.08
C LYS B 497 -10.76 23.58 -38.50
N PRO B 498 -9.63 23.16 -39.11
CA PRO B 498 -9.66 22.49 -40.42
C PRO B 498 -10.58 21.26 -40.41
N GLN B 499 -11.13 20.88 -41.56
CA GLN B 499 -10.82 21.49 -42.86
C GLN B 499 -12.09 21.63 -43.71
N LYS B 500 -12.24 22.67 -44.54
CA LYS B 500 -11.35 23.85 -44.73
C LYS B 500 -9.86 23.58 -45.01
N SER B 501 -9.46 23.02 -46.15
CA SER B 501 -10.26 22.56 -47.31
C SER B 501 -11.26 23.60 -47.85
N LYS B 502 -10.82 24.84 -47.96
CA LYS B 502 -11.65 25.89 -48.53
C LYS B 502 -11.38 26.03 -50.02
N PRO B 503 -12.40 26.30 -50.83
CA PRO B 503 -12.19 26.46 -52.26
C PRO B 503 -11.35 27.70 -52.55
N GLY B 504 -10.86 27.76 -53.79
CA GLY B 504 -10.06 28.90 -54.18
C GLY B 504 -9.37 28.81 -55.53
N VAL B 505 -9.78 29.68 -56.46
CA VAL B 505 -8.99 29.93 -57.65
C VAL B 505 -7.60 30.40 -57.27
N PHE B 506 -7.52 31.20 -56.19
CA PHE B 506 -6.28 31.75 -55.67
C PHE B 506 -5.31 30.70 -55.16
N SER B 507 -5.75 29.45 -54.99
CA SER B 507 -4.88 28.39 -54.51
C SER B 507 -4.09 27.72 -55.62
N PHE B 508 -4.51 27.88 -56.88
CA PHE B 508 -3.80 27.26 -57.99
C PHE B 508 -2.37 27.79 -58.11
N LEU B 509 -2.15 29.04 -57.71
CA LEU B 509 -0.82 29.62 -57.81
C LEU B 509 0.20 29.32 -56.73
N ASP B 510 -0.23 29.20 -55.46
CA ASP B 510 0.65 29.01 -54.31
C ASP B 510 1.69 27.84 -54.35
N PRO B 511 1.49 26.90 -55.28
CA PRO B 511 2.58 25.96 -55.62
C PRO B 511 3.76 26.88 -55.92
N LEU B 512 3.54 27.98 -56.62
CA LEU B 512 4.58 28.96 -56.87
C LEU B 512 4.34 30.21 -56.02
N ALA B 513 5.40 30.98 -55.82
CA ALA B 513 5.27 32.18 -54.99
C ALA B 513 4.65 33.31 -55.81
N TYR B 514 4.19 34.34 -55.09
CA TYR B 514 3.65 35.52 -55.76
C TYR B 514 4.70 36.19 -56.61
N GLU B 515 5.94 36.25 -56.12
CA GLU B 515 7.01 36.93 -56.83
C GLU B 515 7.45 36.18 -58.09
N ILE B 516 7.22 34.87 -58.15
CA ILE B 516 7.66 34.10 -59.29
C ILE B 516 6.67 34.19 -60.46
N TRP B 517 5.42 34.56 -60.19
CA TRP B 517 4.47 34.79 -61.28
C TRP B 517 4.94 35.93 -62.18
N MET B 518 5.19 37.10 -61.59
CA MET B 518 5.58 38.26 -62.37
C MET B 518 6.96 38.10 -63.01
N CYS B 519 7.81 37.22 -62.45
CA CYS B 519 9.14 37.02 -63.02
C CYS B 519 9.06 36.31 -64.36
N ILE B 520 8.22 35.28 -64.47
CA ILE B 520 8.09 34.57 -65.73
C ILE B 520 7.31 35.38 -66.76
N VAL B 521 6.49 36.33 -66.31
CA VAL B 521 5.84 37.24 -67.25
C VAL B 521 6.82 38.30 -67.75
N PHE B 522 7.73 38.74 -66.87
CA PHE B 522 8.78 39.66 -67.32
C PHE B 522 9.75 38.98 -68.27
N ALA B 523 10.10 37.72 -67.99
CA ALA B 523 10.89 36.95 -68.95
C ALA B 523 10.10 36.61 -70.20
N TYR B 524 8.76 36.55 -70.11
CA TYR B 524 7.95 36.33 -71.29
C TYR B 524 8.08 37.49 -72.26
N ILE B 525 7.83 38.72 -71.79
CA ILE B 525 8.02 39.90 -72.63
C ILE B 525 9.50 40.26 -72.75
N GLY B 526 10.35 39.74 -71.86
CA GLY B 526 11.78 39.99 -71.98
C GLY B 526 12.39 39.21 -73.14
N VAL B 527 11.94 37.98 -73.34
CA VAL B 527 12.41 37.20 -74.49
C VAL B 527 11.62 37.56 -75.75
N SER B 528 10.35 37.94 -75.61
CA SER B 528 9.56 38.33 -76.77
C SER B 528 10.04 39.63 -77.39
N VAL B 529 10.76 40.45 -76.64
CA VAL B 529 11.33 41.68 -77.19
C VAL B 529 12.73 41.45 -77.76
N VAL B 530 13.43 40.38 -77.34
CA VAL B 530 14.70 40.04 -77.94
C VAL B 530 14.49 39.36 -79.29
N LEU B 531 13.47 38.49 -79.38
CA LEU B 531 13.12 37.90 -80.67
C LEU B 531 12.62 38.95 -81.66
N PHE B 532 12.20 40.12 -81.17
CA PHE B 532 11.79 41.19 -82.07
C PHE B 532 13.00 41.85 -82.74
N LEU B 533 14.15 41.85 -82.07
CA LEU B 533 15.34 42.50 -82.62
C LEU B 533 16.20 41.56 -83.46
N VAL B 534 16.04 40.25 -83.30
CA VAL B 534 16.81 39.31 -84.12
C VAL B 534 16.30 39.32 -85.56
N SER B 535 14.97 39.35 -85.74
CA SER B 535 14.36 39.37 -87.06
C SER B 535 14.16 40.78 -87.58
N ILE B 545 6.83 45.91 -85.52
CA ILE B 545 6.58 46.00 -84.09
C ILE B 545 5.45 45.05 -83.69
N PHE B 546 4.42 44.97 -84.53
CA PHE B 546 3.26 44.11 -84.27
C PHE B 546 3.48 42.68 -84.73
N ASN B 547 4.20 42.49 -85.85
CA ASN B 547 4.37 41.14 -86.40
C ASN B 547 5.37 40.31 -85.59
N SER B 548 6.49 40.91 -85.21
CA SER B 548 7.51 40.15 -84.48
C SER B 548 7.13 39.97 -83.02
N LEU B 549 6.31 40.86 -82.46
CA LEU B 549 5.71 40.59 -81.15
C LEU B 549 4.65 39.51 -81.23
N TRP B 550 3.93 39.44 -82.36
CA TRP B 550 2.95 38.39 -82.56
C TRP B 550 3.56 37.01 -82.83
N PHE B 551 4.76 36.96 -83.42
CA PHE B 551 5.44 35.69 -83.60
C PHE B 551 6.04 35.15 -82.30
N SER B 552 6.61 36.04 -81.49
CA SER B 552 7.22 35.63 -80.23
C SER B 552 6.14 35.13 -79.29
N LEU B 553 4.90 35.59 -79.44
CA LEU B 553 3.79 34.98 -78.71
C LEU B 553 3.51 33.59 -79.23
N GLY B 554 3.56 33.42 -80.56
CA GLY B 554 3.53 32.09 -81.13
C GLY B 554 4.77 31.28 -80.82
N ALA B 555 5.85 31.95 -80.37
CA ALA B 555 7.04 31.23 -79.90
C ALA B 555 6.90 30.79 -78.45
N PHE B 556 6.27 31.62 -77.61
CA PHE B 556 6.00 31.22 -76.24
C PHE B 556 5.01 30.06 -76.18
N MET B 557 4.02 30.07 -77.08
CA MET B 557 3.04 29.00 -77.14
C MET B 557 3.72 27.65 -77.31
N GLN B 558 4.55 27.54 -78.36
CA GLN B 558 5.37 26.35 -78.57
C GLN B 558 6.79 26.66 -78.10
N GLN B 559 7.04 26.29 -76.85
CA GLN B 559 8.29 26.64 -76.18
C GLN B 559 8.71 27.96 -76.79
N GLY B 560 9.98 28.07 -77.11
CA GLY B 560 10.41 29.16 -77.98
C GLY B 560 11.30 28.99 -79.19
N ALA B 561 11.79 30.13 -79.68
CA ALA B 561 12.79 30.24 -80.75
C ALA B 561 12.97 30.02 -82.25
N ASP B 562 11.99 30.46 -83.03
CA ASP B 562 12.04 30.45 -84.49
C ASP B 562 12.48 31.66 -85.31
N ILE B 563 12.27 31.58 -86.63
CA ILE B 563 12.55 32.62 -87.61
C ILE B 563 13.97 33.16 -87.49
N SER B 564 14.86 32.39 -86.87
CA SER B 564 16.23 32.82 -86.62
C SER B 564 17.32 32.58 -87.70
N PRO B 565 17.05 31.81 -88.78
CA PRO B 565 15.88 31.07 -89.27
C PRO B 565 15.53 29.72 -88.59
N ARG B 566 16.38 28.74 -88.24
CA ARG B 566 17.84 28.53 -88.44
C ARG B 566 18.79 29.50 -87.75
N SER B 567 19.96 29.69 -88.36
CA SER B 567 21.14 30.27 -87.73
C SER B 567 21.91 31.58 -87.63
N LEU B 568 22.11 32.12 -86.43
CA LEU B 568 21.62 31.56 -85.16
C LEU B 568 21.17 32.35 -83.94
N SER B 569 21.21 33.68 -84.07
CA SER B 569 20.99 34.58 -82.94
C SER B 569 19.69 34.37 -82.18
N GLY B 570 18.64 33.90 -82.87
CA GLY B 570 17.38 33.68 -82.21
C GLY B 570 17.27 32.24 -81.72
N ARG B 571 18.10 31.35 -82.27
CA ARG B 571 18.07 29.96 -81.83
C ARG B 571 18.60 29.78 -80.41
N ILE B 572 19.59 30.59 -80.03
CA ILE B 572 20.11 30.58 -78.67
C ILE B 572 19.29 31.46 -77.73
N VAL B 573 18.52 32.40 -78.25
CA VAL B 573 17.63 33.19 -77.41
C VAL B 573 16.54 32.31 -76.81
N GLY B 574 15.83 31.58 -77.67
CA GLY B 574 14.87 30.60 -77.19
C GLY B 574 15.49 29.32 -76.67
N GLY B 575 16.76 29.08 -76.99
CA GLY B 575 17.44 27.89 -76.46
C GLY B 575 17.63 27.97 -74.96
N VAL B 576 17.97 29.15 -74.45
CA VAL B 576 18.06 29.34 -73.01
C VAL B 576 16.67 29.59 -72.42
N TRP B 577 15.80 30.27 -73.17
CA TRP B 577 14.43 30.50 -72.70
C TRP B 577 13.66 29.20 -72.52
N TRP B 578 13.95 28.20 -73.34
CA TRP B 578 13.30 26.90 -73.17
C TRP B 578 13.82 26.18 -71.93
N PHE B 579 15.15 26.12 -71.78
CA PHE B 579 15.73 25.55 -70.56
C PHE B 579 15.28 26.33 -69.33
N PHE B 580 15.02 27.63 -69.48
CA PHE B 580 14.47 28.41 -68.38
C PHE B 580 13.01 28.06 -68.12
N THR B 581 12.20 28.01 -69.19
CA THR B 581 10.80 27.64 -69.05
C THR B 581 10.60 26.15 -68.80
N LEU B 582 11.64 25.34 -68.98
CA LEU B 582 11.56 23.93 -68.62
C LEU B 582 11.77 23.73 -67.12
N ILE B 583 12.63 24.55 -66.51
CA ILE B 583 12.90 24.40 -65.08
C ILE B 583 11.74 24.95 -64.26
N ILE B 584 11.14 26.06 -64.71
CA ILE B 584 10.05 26.66 -63.96
C ILE B 584 8.87 25.69 -63.84
N ILE B 585 8.43 25.14 -64.98
CA ILE B 585 7.31 24.20 -64.95
C ILE B 585 7.68 22.92 -64.22
N SER B 586 8.97 22.63 -64.09
CA SER B 586 9.39 21.49 -63.28
C SER B 586 9.34 21.82 -61.80
N SER B 587 9.67 23.07 -61.44
CA SER B 587 9.62 23.49 -60.05
C SER B 587 8.19 23.71 -59.57
N TYR B 588 7.29 24.11 -60.47
CA TYR B 588 5.89 24.26 -60.09
C TYR B 588 5.27 22.92 -59.75
N THR B 589 5.62 21.86 -60.50
CA THR B 589 5.02 20.56 -60.25
C THR B 589 5.59 19.92 -58.98
N ALA B 590 6.86 20.16 -58.68
CA ALA B 590 7.47 19.56 -57.49
C ALA B 590 6.89 20.13 -56.21
N ASN B 591 6.60 21.43 -56.20
CA ASN B 591 6.04 22.07 -55.01
C ASN B 591 4.52 21.87 -54.92
N LEU B 592 3.85 21.73 -56.06
CA LEU B 592 2.41 21.43 -56.05
C LEU B 592 2.12 20.04 -55.49
N ALA B 593 3.09 19.12 -55.57
CA ALA B 593 2.87 17.80 -54.99
C ALA B 593 2.94 17.84 -53.47
N ALA B 594 3.85 18.64 -52.92
CA ALA B 594 3.96 18.73 -51.47
C ALA B 594 2.88 19.26 -50.54
N PHE B 595 2.09 20.23 -51.00
CA PHE B 595 0.90 20.61 -50.20
C PHE B 595 -0.60 19.95 -50.55
N LEU B 596 -0.36 18.91 -51.35
CA LEU B 596 -1.41 17.96 -51.73
C LEU B 596 -1.06 16.68 -51.00
N THR B 597 0.18 16.51 -50.56
CA THR B 597 0.52 15.34 -49.74
C THR B 597 0.18 15.59 -48.27
N VAL B 598 0.89 16.51 -47.63
CA VAL B 598 0.68 16.84 -46.23
C VAL B 598 0.23 18.30 -46.15
N GLU B 599 -1.04 18.51 -45.78
CA GLU B 599 -1.60 19.84 -45.63
C GLU B 599 -2.02 20.03 -44.18
N ARG B 600 -1.58 21.14 -43.58
CA ARG B 600 -1.84 21.42 -42.16
C ARG B 600 -3.31 21.55 -41.68
N MET B 601 -4.19 22.32 -42.33
CA MET B 601 -3.91 23.14 -43.50
C MET B 601 -3.40 24.55 -43.21
N VAL B 602 -4.04 25.23 -42.26
CA VAL B 602 -3.63 26.56 -41.84
C VAL B 602 -3.55 26.60 -40.32
N SER B 603 -3.40 27.79 -39.75
CA SER B 603 -3.42 27.98 -38.31
C SER B 603 -4.91 28.16 -37.89
N PRO B 604 -5.61 29.17 -38.43
CA PRO B 604 -5.24 30.36 -39.22
C PRO B 604 -4.96 31.60 -38.37
N ILE B 605 -5.36 31.58 -37.11
CA ILE B 605 -5.16 32.66 -36.16
C ILE B 605 -4.33 32.15 -35.00
N GLU B 606 -3.23 32.83 -34.70
CA GLU B 606 -2.38 32.44 -33.57
C GLU B 606 -2.66 33.01 -32.20
N SER B 607 -2.54 34.33 -32.06
CA SER B 607 -2.66 34.98 -30.76
C SER B 607 -4.07 35.56 -30.75
N ALA B 608 -4.41 36.21 -29.63
CA ALA B 608 -5.74 36.79 -29.45
C ALA B 608 -5.81 38.23 -29.94
N GLU B 609 -4.72 38.99 -29.82
CA GLU B 609 -4.72 40.35 -30.34
C GLU B 609 -4.87 40.38 -31.84
N ASP B 610 -4.56 39.28 -32.53
CA ASP B 610 -4.75 39.23 -33.98
C ASP B 610 -6.22 39.21 -34.41
N LEU B 611 -7.07 38.49 -33.66
CA LEU B 611 -8.47 38.36 -34.03
C LEU B 611 -9.27 39.64 -33.83
N SER B 612 -8.76 40.57 -33.04
CA SER B 612 -9.43 41.85 -32.81
C SER B 612 -9.01 42.86 -33.87
N LYS B 613 -8.08 42.51 -34.75
CA LYS B 613 -7.57 43.41 -35.76
C LYS B 613 -8.32 43.30 -37.10
N GLN B 614 -9.27 42.38 -37.21
CA GLN B 614 -10.02 42.20 -38.44
C GLN B 614 -11.52 42.10 -38.13
N THR B 615 -12.33 42.26 -39.18
CA THR B 615 -13.78 42.25 -39.04
C THR B 615 -14.49 41.23 -39.91
N GLU B 616 -13.78 40.54 -40.81
CA GLU B 616 -14.42 39.49 -41.60
C GLU B 616 -14.91 38.36 -40.72
N ILE B 617 -14.14 37.99 -39.71
CA ILE B 617 -14.51 36.95 -38.77
C ILE B 617 -15.02 37.67 -37.52
N ALA B 618 -16.32 37.87 -37.45
CA ALA B 618 -16.93 38.51 -36.29
C ALA B 618 -16.76 37.63 -35.06
N TYR B 619 -16.68 38.28 -33.90
CA TYR B 619 -16.48 37.56 -32.65
C TYR B 619 -17.37 38.15 -31.56
N GLY B 620 -17.80 37.28 -30.66
CA GLY B 620 -18.64 37.68 -29.55
C GLY B 620 -18.49 36.72 -28.39
N THR B 621 -19.09 37.10 -27.27
CA THR B 621 -19.05 36.31 -26.06
C THR B 621 -20.48 36.02 -25.60
N LEU B 622 -20.59 35.45 -24.40
CA LEU B 622 -21.90 35.25 -23.80
C LEU B 622 -22.49 36.60 -23.38
N ASP B 623 -23.83 36.68 -23.41
CA ASP B 623 -24.51 37.94 -23.14
C ASP B 623 -24.47 38.32 -21.66
N SER B 624 -24.07 37.42 -20.77
CA SER B 624 -24.00 37.72 -19.34
C SER B 624 -23.13 36.67 -18.67
N GLY B 625 -22.09 37.11 -17.99
CA GLY B 625 -21.21 36.20 -17.29
C GLY B 625 -19.87 36.83 -17.01
N SER B 626 -18.99 36.00 -16.43
CA SER B 626 -17.65 36.46 -16.08
C SER B 626 -16.83 36.83 -17.32
N THR B 627 -17.24 36.39 -18.51
CA THR B 627 -16.48 36.69 -19.71
C THR B 627 -16.83 38.08 -20.24
N LYS B 628 -18.12 38.40 -20.31
CA LYS B 628 -18.53 39.70 -20.85
C LYS B 628 -18.06 40.84 -19.94
N GLU B 629 -18.21 40.68 -18.62
CA GLU B 629 -17.82 41.74 -17.69
C GLU B 629 -16.32 42.01 -17.73
N PHE B 630 -15.51 41.03 -18.14
CA PHE B 630 -14.07 41.25 -18.20
C PHE B 630 -13.72 42.31 -19.24
N PHE B 631 -14.31 42.20 -20.43
CA PHE B 631 -14.05 43.19 -21.46
C PHE B 631 -14.58 44.57 -21.08
N ARG B 632 -15.66 44.61 -20.29
CA ARG B 632 -16.23 45.89 -19.90
C ARG B 632 -15.26 46.69 -19.03
N ARG B 633 -14.81 46.11 -17.93
CA ARG B 633 -13.95 46.81 -16.98
C ARG B 633 -12.47 46.59 -17.25
N SER B 634 -12.09 46.27 -18.49
CA SER B 634 -10.70 46.01 -18.80
C SER B 634 -9.97 47.32 -19.06
N LYS B 635 -8.95 47.59 -18.23
CA LYS B 635 -8.11 48.77 -18.40
C LYS B 635 -7.03 48.57 -19.45
N ILE B 636 -6.96 47.41 -20.08
CA ILE B 636 -5.89 47.10 -21.02
C ILE B 636 -6.25 47.64 -22.40
N ALA B 637 -5.22 47.93 -23.20
CA ALA B 637 -5.42 48.57 -24.50
C ALA B 637 -6.19 47.66 -25.45
N VAL B 638 -5.71 46.43 -25.64
CA VAL B 638 -6.29 45.55 -26.65
C VAL B 638 -7.73 45.18 -26.29
N PHE B 639 -7.98 44.86 -25.03
CA PHE B 639 -9.30 44.39 -24.63
C PHE B 639 -10.34 45.51 -24.67
N ASP B 640 -9.92 46.75 -24.47
CA ASP B 640 -10.85 47.87 -24.56
C ASP B 640 -11.38 48.03 -25.99
N LYS B 641 -10.51 47.87 -26.98
CA LYS B 641 -10.94 47.98 -28.36
C LYS B 641 -11.90 46.86 -28.75
N MET B 642 -11.74 45.68 -28.13
CA MET B 642 -12.63 44.57 -28.44
C MET B 642 -14.04 44.83 -27.92
N TRP B 643 -14.14 45.39 -26.71
CA TRP B 643 -15.47 45.66 -26.15
C TRP B 643 -16.19 46.75 -26.92
N THR B 644 -15.45 47.77 -27.37
CA THR B 644 -16.06 48.86 -28.13
C THR B 644 -16.63 48.36 -29.45
N TYR B 645 -16.01 47.34 -30.05
CA TYR B 645 -16.54 46.75 -31.28
C TYR B 645 -17.79 45.93 -31.01
N MET B 646 -17.73 45.03 -30.04
CA MET B 646 -18.88 44.16 -29.76
C MET B 646 -20.05 44.95 -29.16
N ARG B 647 -19.75 46.07 -28.50
CA ARG B 647 -20.82 46.88 -27.92
C ARG B 647 -21.73 47.47 -28.98
N SER B 648 -21.21 47.72 -30.17
CA SER B 648 -21.95 48.32 -31.27
C SER B 648 -21.78 47.50 -32.55
N ALA B 649 -21.89 46.19 -32.45
CA ALA B 649 -21.79 45.29 -33.59
C ALA B 649 -23.18 44.80 -33.98
N GLU B 650 -23.51 44.90 -35.26
CA GLU B 650 -24.80 44.45 -35.75
C GLU B 650 -24.62 43.46 -36.91
N PRO B 651 -25.32 42.31 -36.86
CA PRO B 651 -26.25 41.90 -35.80
C PRO B 651 -25.55 41.55 -34.47
N SER B 652 -26.36 41.30 -33.43
CA SER B 652 -25.83 41.09 -32.09
C SER B 652 -24.86 39.91 -32.02
N VAL B 653 -23.57 40.21 -31.82
CA VAL B 653 -22.56 39.16 -31.69
C VAL B 653 -22.69 38.37 -30.41
N PHE B 654 -23.53 38.82 -29.47
CA PHE B 654 -23.75 38.10 -28.23
C PHE B 654 -24.78 36.99 -28.43
N VAL B 655 -24.59 35.90 -27.68
CA VAL B 655 -25.47 34.74 -27.74
C VAL B 655 -26.17 34.58 -26.41
N ARG B 656 -27.30 33.87 -26.45
CA ARG B 656 -28.12 33.67 -25.25
C ARG B 656 -27.47 32.68 -24.29
N THR B 657 -27.13 31.49 -24.78
CA THR B 657 -26.49 30.46 -23.99
C THR B 657 -25.13 30.11 -24.57
N THR B 658 -24.29 29.50 -23.74
CA THR B 658 -22.95 29.11 -24.19
C THR B 658 -23.03 28.06 -25.30
N ALA B 659 -24.07 27.22 -25.28
CA ALA B 659 -24.24 26.23 -26.34
C ALA B 659 -24.44 26.91 -27.69
N GLU B 660 -25.02 28.11 -27.71
CA GLU B 660 -25.19 28.82 -28.96
C GLU B 660 -23.87 29.34 -29.51
N GLY B 661 -22.94 29.68 -28.62
CA GLY B 661 -21.66 30.21 -29.07
C GLY B 661 -20.83 29.20 -29.85
N VAL B 662 -20.91 27.92 -29.48
CA VAL B 662 -20.17 26.88 -30.20
C VAL B 662 -20.86 26.55 -31.52
N ALA B 663 -22.20 26.49 -31.51
CA ALA B 663 -22.92 26.20 -32.75
C ALA B 663 -22.74 27.32 -33.76
N ARG B 664 -22.46 28.54 -33.29
CA ARG B 664 -22.26 29.66 -34.19
C ARG B 664 -20.89 29.64 -34.84
N VAL B 665 -19.91 28.97 -34.23
CA VAL B 665 -18.60 28.82 -34.86
C VAL B 665 -18.61 27.69 -35.86
N ARG B 666 -19.39 26.63 -35.61
CA ARG B 666 -19.42 25.47 -36.50
C ARG B 666 -20.24 25.70 -37.76
N LYS B 667 -21.15 26.67 -37.76
CA LYS B 667 -22.00 26.93 -38.92
C LYS B 667 -21.49 28.08 -39.79
N SER B 668 -20.43 28.77 -39.38
CA SER B 668 -19.98 29.97 -40.07
C SER B 668 -18.92 29.70 -41.12
N LYS B 669 -18.51 28.44 -41.31
CA LYS B 669 -17.47 28.08 -42.27
C LYS B 669 -16.18 28.84 -42.00
N GLY B 670 -15.95 29.19 -40.73
CA GLY B 670 -14.74 29.91 -40.36
C GLY B 670 -14.86 31.42 -40.39
N LYS B 671 -16.06 31.96 -40.18
CA LYS B 671 -16.27 33.41 -40.18
C LYS B 671 -16.78 33.92 -38.85
N TYR B 672 -16.75 33.10 -37.79
CA TYR B 672 -17.15 33.53 -36.47
C TYR B 672 -16.33 32.77 -35.44
N ALA B 673 -15.90 33.47 -34.39
CA ALA B 673 -15.12 32.89 -33.31
C ALA B 673 -15.75 33.28 -31.97
N TYR B 674 -15.83 32.30 -31.07
CA TYR B 674 -16.44 32.49 -29.76
C TYR B 674 -15.36 32.52 -28.69
N LEU B 675 -15.48 33.45 -27.75
CA LEU B 675 -14.53 33.59 -26.66
C LEU B 675 -15.13 32.96 -25.40
N LEU B 676 -14.34 32.12 -24.75
CA LEU B 676 -14.79 31.43 -23.53
C LEU B 676 -13.64 30.83 -22.75
N GLU B 677 -13.98 30.09 -21.70
CA GLU B 677 -12.96 29.48 -20.85
C GLU B 677 -12.08 28.46 -21.55
N SER B 678 -10.85 28.32 -21.06
CA SER B 678 -9.87 27.48 -21.76
C SER B 678 -10.30 26.04 -21.46
N THR B 679 -10.96 25.79 -20.33
CA THR B 679 -11.43 24.44 -20.04
C THR B 679 -12.47 24.00 -21.06
N MET B 680 -13.53 24.80 -21.23
CA MET B 680 -14.59 24.43 -22.15
C MET B 680 -14.10 24.41 -23.60
N ASN B 681 -13.15 25.27 -23.95
CA ASN B 681 -12.66 25.30 -25.31
C ASN B 681 -11.78 24.09 -25.61
N GLU B 682 -10.88 23.74 -24.69
CA GLU B 682 -10.07 22.55 -24.88
C GLU B 682 -10.93 21.29 -24.86
N TYR B 683 -12.06 21.32 -24.16
CA TYR B 683 -12.92 20.16 -24.07
C TYR B 683 -13.69 19.93 -25.36
N ILE B 684 -14.32 20.98 -25.89
CA ILE B 684 -15.05 20.87 -27.16
C ILE B 684 -14.10 20.49 -28.29
N GLU B 685 -12.83 20.91 -28.19
CA GLU B 685 -11.85 20.54 -29.21
C GLU B 685 -11.67 19.03 -29.29
N GLN B 686 -11.90 18.32 -28.19
CA GLN B 686 -11.78 16.88 -28.14
C GLN B 686 -13.13 16.18 -28.26
N ARG B 687 -14.10 16.84 -28.89
CA ARG B 687 -15.42 16.27 -29.14
C ARG B 687 -15.74 16.39 -30.63
N LYS B 688 -16.51 15.43 -31.13
CA LYS B 688 -16.88 15.40 -32.53
C LYS B 688 -17.71 16.63 -32.90
N PRO B 689 -17.60 17.08 -34.17
CA PRO B 689 -16.81 16.49 -35.26
C PRO B 689 -15.38 16.98 -35.30
N CYS B 690 -14.81 17.32 -34.14
CA CYS B 690 -13.44 17.81 -34.04
C CYS B 690 -13.22 19.02 -34.95
N ASP B 691 -14.17 19.95 -34.90
CA ASP B 691 -14.17 21.13 -35.75
C ASP B 691 -13.78 22.40 -35.01
N THR B 692 -13.55 22.34 -33.70
CA THR B 692 -13.11 23.47 -32.91
C THR B 692 -11.65 23.29 -32.53
N MET B 693 -11.02 24.40 -32.11
CA MET B 693 -9.58 24.39 -31.88
C MET B 693 -9.21 25.61 -31.05
N LYS B 694 -8.60 25.37 -29.88
CA LYS B 694 -8.07 26.47 -29.09
C LYS B 694 -6.84 27.05 -29.75
N VAL B 695 -6.74 28.38 -29.75
CA VAL B 695 -5.63 29.08 -30.38
C VAL B 695 -5.12 30.16 -29.44
N GLY B 696 -3.80 30.31 -29.38
CA GLY B 696 -3.19 31.31 -28.53
C GLY B 696 -3.27 30.94 -27.06
N GLY B 697 -2.75 31.85 -26.23
CA GLY B 697 -2.81 31.70 -24.81
C GLY B 697 -4.16 32.11 -24.25
N ASN B 698 -4.22 32.19 -22.93
CA ASN B 698 -5.43 32.61 -22.24
C ASN B 698 -5.41 34.12 -22.03
N LEU B 699 -6.60 34.71 -21.98
CA LEU B 699 -6.70 36.16 -21.83
C LEU B 699 -6.37 36.58 -20.40
N ASP B 700 -7.15 36.12 -19.43
CA ASP B 700 -6.95 36.45 -18.03
C ASP B 700 -6.59 35.20 -17.25
N SER B 701 -6.18 35.40 -16.00
CA SER B 701 -5.77 34.32 -15.12
C SER B 701 -6.88 34.07 -14.11
N LYS B 702 -7.45 32.86 -14.12
CA LYS B 702 -8.50 32.50 -13.18
C LYS B 702 -8.37 31.02 -12.85
N GLY B 703 -9.20 30.56 -11.92
CA GLY B 703 -9.21 29.17 -11.51
C GLY B 703 -10.42 28.76 -10.69
N TYR B 704 -10.78 27.49 -10.76
CA TYR B 704 -11.84 26.92 -9.94
C TYR B 704 -11.27 26.50 -8.57
N GLY B 705 -12.17 26.24 -7.62
CA GLY B 705 -11.74 25.83 -6.30
C GLY B 705 -12.86 25.19 -5.53
N ILE B 706 -12.50 24.34 -4.57
CA ILE B 706 -13.46 23.67 -3.71
C ILE B 706 -13.87 24.60 -2.60
N ALA B 707 -15.17 24.66 -2.32
CA ALA B 707 -15.74 25.64 -1.41
C ALA B 707 -16.32 24.98 -0.18
N THR B 708 -16.01 25.53 0.99
CA THR B 708 -16.52 25.10 2.28
C THR B 708 -17.16 26.29 2.99
N PRO B 709 -18.11 26.05 3.89
CA PRO B 709 -18.65 27.15 4.69
C PRO B 709 -17.55 27.79 5.54
N LYS B 710 -17.70 29.08 5.81
CA LYS B 710 -16.71 29.79 6.60
C LYS B 710 -16.70 29.30 8.04
N GLY B 711 -15.51 29.10 8.58
CA GLY B 711 -15.39 28.54 9.92
C GLY B 711 -15.88 27.12 10.01
N SER B 712 -15.50 26.28 9.04
CA SER B 712 -15.89 24.87 9.01
C SER B 712 -14.70 23.99 9.35
N SER B 713 -15.00 22.81 9.89
CA SER B 713 -13.95 21.84 10.18
C SER B 713 -13.30 21.30 8.91
N LEU B 714 -14.00 21.32 7.78
CA LEU B 714 -13.44 20.82 6.54
C LEU B 714 -12.51 21.80 5.86
N GLY B 715 -12.64 23.10 6.17
CA GLY B 715 -11.92 24.14 5.48
C GLY B 715 -10.42 23.94 5.34
N THR B 716 -9.72 23.85 6.46
CA THR B 716 -8.26 23.75 6.45
C THR B 716 -7.76 22.42 5.92
N PRO B 717 -8.34 21.28 6.31
CA PRO B 717 -7.81 20.00 5.80
C PRO B 717 -8.01 19.80 4.31
N VAL B 718 -9.18 20.16 3.78
CA VAL B 718 -9.42 19.99 2.35
C VAL B 718 -8.43 20.83 1.55
N ASN B 719 -8.18 22.06 1.99
CA ASN B 719 -7.28 22.94 1.27
C ASN B 719 -5.89 22.34 1.16
N LEU B 720 -5.36 21.80 2.27
CA LEU B 720 -4.11 21.08 2.21
C LEU B 720 -4.21 19.88 1.28
N ALA B 721 -5.37 19.22 1.26
CA ALA B 721 -5.53 18.01 0.46
C ALA B 721 -5.42 18.30 -1.03
N VAL B 722 -5.83 19.49 -1.46
CA VAL B 722 -5.74 19.81 -2.88
C VAL B 722 -4.28 19.91 -3.32
N LEU B 723 -3.42 20.45 -2.46
CA LEU B 723 -2.03 20.63 -2.83
C LEU B 723 -1.33 19.29 -2.99
N LYS B 724 -1.59 18.35 -2.09
CA LYS B 724 -0.97 17.03 -2.19
C LYS B 724 -1.37 16.32 -3.48
N LEU B 725 -2.61 16.53 -3.94
CA LEU B 725 -3.03 15.94 -5.21
C LEU B 725 -2.37 16.64 -6.38
N SER B 726 -2.26 17.97 -6.31
CA SER B 726 -1.68 18.73 -7.42
C SER B 726 -0.21 18.37 -7.62
N GLU B 727 0.52 18.14 -6.52
CA GLU B 727 1.94 17.83 -6.61
C GLU B 727 2.20 16.36 -6.90
N GLN B 728 1.25 15.47 -6.60
CA GLN B 728 1.36 14.07 -6.97
C GLN B 728 0.93 13.80 -8.40
N GLY B 729 0.56 14.83 -9.15
CA GLY B 729 0.10 14.63 -10.51
C GLY B 729 -1.29 14.03 -10.63
N VAL B 730 -2.06 14.00 -9.54
CA VAL B 730 -3.41 13.47 -9.60
C VAL B 730 -4.34 14.43 -10.34
N LEU B 731 -4.24 15.73 -10.05
CA LEU B 731 -5.08 16.70 -10.73
C LEU B 731 -4.72 16.81 -12.20
N ASP B 732 -3.42 16.72 -12.52
CA ASP B 732 -3.00 16.73 -13.91
C ASP B 732 -3.36 15.42 -14.62
N LYS B 733 -3.69 14.37 -13.87
CA LYS B 733 -4.07 13.11 -14.49
C LYS B 733 -5.57 13.00 -14.70
N LEU B 734 -6.37 13.41 -13.72
CA LEU B 734 -7.81 13.44 -13.92
C LEU B 734 -8.18 14.42 -15.03
N LYS B 735 -7.53 15.58 -15.07
CA LYS B 735 -7.69 16.49 -16.20
C LYS B 735 -7.37 15.78 -17.50
N ASN B 736 -6.21 15.13 -17.56
CA ASN B 736 -5.84 14.38 -18.75
C ASN B 736 -6.76 13.20 -19.02
N LYS B 737 -7.56 12.78 -18.04
CA LYS B 737 -8.47 11.66 -18.21
C LYS B 737 -9.77 12.05 -18.88
N TRP B 738 -10.47 13.03 -18.32
CA TRP B 738 -11.79 13.39 -18.81
C TRP B 738 -12.00 14.42 -19.92
N TRP B 739 -10.94 14.72 -20.68
CA TRP B 739 -10.92 15.49 -21.89
C TRP B 739 -10.06 15.05 -23.12
N TYR B 740 -8.98 14.33 -22.79
CA TYR B 740 -8.10 13.78 -23.80
C TYR B 740 -8.17 12.25 -23.85
N ASP B 741 -8.13 11.57 -22.70
CA ASP B 741 -8.21 10.11 -22.70
C ASP B 741 -9.59 9.64 -23.17
N LYS B 742 -10.64 10.09 -22.51
CA LYS B 742 -12.01 9.78 -22.91
C LYS B 742 -12.51 10.69 -24.03
N GLY B 743 -11.61 11.33 -24.79
CA GLY B 743 -12.01 12.21 -25.86
C GLY B 743 -12.32 11.48 -27.15
N GLU B 744 -12.99 12.19 -28.06
CA GLU B 744 -13.43 11.62 -29.32
C GLU B 744 -12.59 12.07 -30.51
N CYS B 745 -11.45 12.70 -30.26
CA CYS B 745 -10.57 13.16 -31.32
C CYS B 745 -9.09 13.08 -30.94
N GLY B 746 -8.26 12.83 -31.95
CA GLY B 746 -6.82 12.78 -31.76
C GLY B 746 -6.11 13.88 -31.00
N ALA B 747 -5.47 14.79 -31.74
CA ALA B 747 -4.76 15.96 -31.20
C ALA B 747 -3.73 16.76 -30.40
N LYS B 748 -2.45 16.60 -30.73
CA LYS B 748 -2.03 15.71 -31.80
C LYS B 748 -1.84 14.24 -32.20
N ASP B 749 -2.94 13.57 -32.51
CA ASP B 749 -2.90 12.19 -32.97
C ASP B 749 -3.60 12.26 -34.32
N SER B 750 -4.25 13.37 -34.65
CA SER B 750 -4.91 13.52 -35.94
C SER B 750 -3.99 14.07 -37.01
N GLY B 751 -2.91 14.77 -36.63
CA GLY B 751 -1.96 15.26 -37.61
C GLY B 751 -1.08 14.18 -38.20
N SER B 752 -1.01 13.02 -37.56
CA SER B 752 -0.24 11.88 -38.07
C SER B 752 -1.09 10.89 -38.85
N LYS B 753 -2.37 10.73 -38.49
CA LYS B 753 -3.29 9.84 -39.20
C LYS B 753 -4.10 10.59 -40.25
N GLU B 754 -3.46 11.50 -40.99
CA GLU B 754 -4.12 12.29 -42.01
C GLU B 754 -4.48 11.38 -43.18
N LYS B 755 -5.73 10.92 -43.22
CA LYS B 755 -6.20 10.06 -44.30
C LYS B 755 -7.12 10.83 -45.25
N THR B 756 -6.63 11.98 -45.72
CA THR B 756 -7.40 12.85 -46.62
C THR B 756 -6.58 13.06 -47.90
N SER B 757 -6.84 12.23 -48.89
CA SER B 757 -6.19 12.32 -50.20
C SER B 757 -7.26 12.55 -51.26
N ALA B 758 -7.91 13.71 -51.17
CA ALA B 758 -8.98 14.07 -52.09
C ALA B 758 -8.47 15.03 -53.16
N LEU B 759 -9.33 15.30 -54.13
CA LEU B 759 -9.03 16.23 -55.22
C LEU B 759 -10.30 16.99 -55.58
N SER B 760 -10.19 18.31 -55.71
CA SER B 760 -11.33 19.17 -55.92
C SER B 760 -11.29 19.83 -57.29
N LEU B 761 -12.48 20.24 -57.75
CA LEU B 761 -12.62 20.99 -58.99
C LEU B 761 -12.45 22.49 -58.78
N SER B 762 -12.77 22.98 -57.58
CA SER B 762 -12.73 24.42 -57.33
C SER B 762 -11.34 25.00 -57.52
N ASN B 763 -10.30 24.18 -57.39
CA ASN B 763 -8.94 24.67 -57.55
C ASN B 763 -8.59 24.88 -59.02
N VAL B 764 -9.05 23.98 -59.90
CA VAL B 764 -8.73 24.06 -61.33
C VAL B 764 -9.56 25.10 -62.06
N ALA B 765 -10.63 25.60 -61.44
CA ALA B 765 -11.51 26.55 -62.12
C ALA B 765 -10.80 27.84 -62.52
N GLY B 766 -9.68 28.17 -61.87
CA GLY B 766 -8.98 29.39 -62.20
C GLY B 766 -8.28 29.34 -63.54
N VAL B 767 -7.77 28.17 -63.93
CA VAL B 767 -7.10 28.03 -65.21
C VAL B 767 -8.12 28.06 -66.34
N PHE B 768 -9.36 27.63 -66.07
CA PHE B 768 -10.42 27.74 -67.07
C PHE B 768 -10.86 29.19 -67.24
N TYR B 769 -10.81 29.98 -66.17
CA TYR B 769 -11.18 31.39 -66.26
C TYR B 769 -10.20 32.16 -67.16
N ILE B 770 -8.90 32.00 -66.91
CA ILE B 770 -7.91 32.68 -67.73
C ILE B 770 -7.89 32.12 -69.14
N LEU B 771 -8.39 30.91 -69.35
CA LEU B 771 -8.49 30.36 -70.70
C LEU B 771 -9.60 31.04 -71.48
N VAL B 772 -10.83 30.98 -70.96
CA VAL B 772 -11.95 31.66 -71.63
C VAL B 772 -11.73 33.17 -71.63
N GLY B 773 -11.15 33.70 -70.55
CA GLY B 773 -10.74 35.09 -70.54
C GLY B 773 -9.67 35.38 -71.57
N GLY B 774 -8.78 34.42 -71.83
CA GLY B 774 -7.84 34.54 -72.93
C GLY B 774 -8.50 34.34 -74.28
N LEU B 775 -9.52 33.49 -74.34
CA LEU B 775 -10.29 33.34 -75.58
C LEU B 775 -11.18 34.56 -75.81
N GLY B 776 -11.67 35.20 -74.74
CA GLY B 776 -12.41 36.43 -74.90
C GLY B 776 -11.54 37.56 -75.40
N LEU B 777 -10.27 37.60 -74.97
CA LEU B 777 -9.31 38.52 -75.56
C LEU B 777 -8.87 38.05 -76.93
N ALA B 778 -8.94 36.74 -77.19
CA ALA B 778 -8.56 36.22 -78.50
C ALA B 778 -9.61 36.55 -79.55
N MET B 779 -10.90 36.39 -79.21
CA MET B 779 -11.96 36.73 -80.15
C MET B 779 -12.06 38.24 -80.38
N LEU B 780 -11.76 39.04 -79.35
CA LEU B 780 -11.72 40.48 -79.54
C LEU B 780 -10.55 40.88 -80.44
N VAL B 781 -9.39 40.23 -80.26
CA VAL B 781 -8.28 40.44 -81.18
C VAL B 781 -8.60 39.84 -82.55
N ALA B 782 -9.35 38.73 -82.58
CA ALA B 782 -9.75 38.15 -83.85
C ALA B 782 -10.62 39.10 -84.66
N LEU B 783 -11.52 39.82 -83.98
CA LEU B 783 -12.41 40.75 -84.68
C LEU B 783 -11.70 42.00 -85.14
N ILE B 784 -10.62 42.41 -84.45
CA ILE B 784 -9.83 43.57 -84.87
C ILE B 784 -8.68 43.17 -85.79
N GLU B 785 -8.62 41.90 -86.23
CA GLU B 785 -7.64 41.50 -87.23
C GLU B 785 -8.26 41.18 -88.58
N PHE B 786 -9.54 40.84 -88.63
CA PHE B 786 -10.25 40.62 -89.88
C PHE B 786 -10.70 41.93 -90.54
N CYS B 787 -10.65 43.04 -89.80
CA CYS B 787 -11.04 44.34 -90.36
C CYS B 787 -9.88 45.06 -91.01
N TYR B 788 -8.68 44.99 -90.40
CA TYR B 788 -7.51 45.64 -90.98
C TYR B 788 -7.06 44.95 -92.26
N LYS B 789 -7.23 43.64 -92.35
CA LYS B 789 -6.82 42.88 -93.52
C LYS B 789 -7.81 41.76 -93.82
N ASN C 1 -2.36 48.31 75.55
CA ASN C 1 -2.43 46.91 75.15
C ASN C 1 -1.32 46.58 74.15
N SER C 2 -0.36 45.77 74.60
CA SER C 2 0.78 45.39 73.77
C SER C 2 0.57 43.96 73.27
N ILE C 3 0.30 43.82 71.97
CA ILE C 3 0.08 42.52 71.35
C ILE C 3 1.42 42.04 70.80
N GLN C 4 1.95 40.97 71.39
CA GLN C 4 3.26 40.46 71.01
C GLN C 4 3.14 39.59 69.77
N ILE C 5 3.91 39.94 68.73
CA ILE C 5 3.95 39.18 67.49
C ILE C 5 5.41 38.91 67.14
N GLY C 6 5.62 37.86 66.35
CA GLY C 6 6.96 37.48 65.91
C GLY C 6 7.22 37.93 64.49
N GLY C 7 8.42 38.41 64.25
CA GLY C 7 8.79 38.90 62.93
C GLY C 7 10.09 38.33 62.41
N LEU C 8 10.03 37.65 61.26
CA LEU C 8 11.21 37.06 60.63
C LEU C 8 11.43 37.73 59.29
N PHE C 9 12.60 38.36 59.12
CA PHE C 9 12.91 39.06 57.89
C PHE C 9 14.28 38.62 57.38
N PRO C 10 14.40 38.36 56.07
CA PRO C 10 15.70 37.97 55.52
C PRO C 10 16.73 39.07 55.69
N ARG C 11 18.01 38.67 55.54
CA ARG C 11 19.10 39.61 55.76
C ARG C 11 19.12 40.71 54.72
N GLY C 12 18.79 40.39 53.47
CA GLY C 12 18.76 41.33 52.38
C GLY C 12 17.42 41.97 52.10
N ALA C 13 16.45 41.82 53.01
CA ALA C 13 15.10 42.35 52.82
C ALA C 13 14.99 43.69 53.54
N ASP C 14 15.31 44.77 52.83
CA ASP C 14 15.18 46.13 53.32
C ASP C 14 13.85 46.76 52.93
N GLN C 15 13.50 46.73 51.65
CA GLN C 15 12.22 47.29 51.22
C GLN C 15 11.05 46.54 51.84
N GLU C 16 11.20 45.22 52.01
CA GLU C 16 10.15 44.44 52.66
C GLU C 16 9.92 44.91 54.10
N TYR C 17 11.01 45.19 54.82
CA TYR C 17 10.88 45.59 56.22
C TYR C 17 10.26 46.97 56.34
N SER C 18 10.61 47.89 55.44
CA SER C 18 10.00 49.22 55.46
C SER C 18 8.50 49.13 55.26
N ALA C 19 8.03 48.14 54.50
CA ALA C 19 6.60 47.95 54.31
C ALA C 19 5.92 47.41 55.56
N PHE C 20 6.67 46.78 56.45
CA PHE C 20 6.09 46.29 57.70
C PHE C 20 5.93 47.40 58.73
N ARG C 21 6.77 48.43 58.65
CA ARG C 21 6.70 49.53 59.62
C ARG C 21 5.57 50.50 59.27
N VAL C 22 5.34 50.74 57.97
CA VAL C 22 4.27 51.64 57.56
C VAL C 22 2.91 51.10 58.02
N GLY C 23 2.71 49.78 57.92
CA GLY C 23 1.48 49.19 58.41
C GLY C 23 1.36 49.25 59.93
N MET C 24 2.49 49.22 60.63
CA MET C 24 2.46 49.38 62.07
C MET C 24 2.00 50.77 62.47
N VAL C 25 2.35 51.79 61.68
CA VAL C 25 1.93 53.15 61.98
C VAL C 25 0.50 53.40 61.52
N GLN C 26 0.12 52.82 60.37
CA GLN C 26 -1.20 53.09 59.80
C GLN C 26 -2.30 52.34 60.54
N PHE C 27 -2.03 51.11 60.96
CA PHE C 27 -3.05 50.26 61.57
C PHE C 27 -2.86 50.12 63.08
N SER C 28 -2.28 51.13 63.72
CA SER C 28 -2.15 51.16 65.17
C SER C 28 -3.32 51.92 65.76
N THR C 29 -4.10 51.26 66.61
CA THR C 29 -5.30 51.83 67.20
C THR C 29 -5.11 52.06 68.69
N SER C 30 -6.03 52.84 69.26
CA SER C 30 -6.01 53.10 70.69
C SER C 30 -6.46 51.90 71.51
N GLU C 31 -7.23 50.99 70.91
CA GLU C 31 -7.64 49.77 71.60
C GLU C 31 -6.44 48.88 71.90
N PHE C 32 -5.56 48.70 70.93
CA PHE C 32 -4.42 47.81 71.09
C PHE C 32 -3.28 48.26 70.18
N ARG C 33 -2.06 47.94 70.60
CA ARG C 33 -0.86 48.21 69.81
C ARG C 33 -0.07 46.92 69.69
N LEU C 34 0.27 46.55 68.45
CA LEU C 34 1.11 45.38 68.23
C LEU C 34 2.57 45.72 68.51
N THR C 35 3.28 44.79 69.14
CA THR C 35 4.70 44.96 69.46
C THR C 35 5.51 44.00 68.62
N PRO C 36 6.02 44.43 67.47
CA PRO C 36 6.80 43.51 66.61
C PRO C 36 8.11 43.14 67.28
N HIS C 37 8.39 41.83 67.32
CA HIS C 37 9.66 41.30 67.77
C HIS C 37 10.42 40.86 66.52
N ILE C 38 11.30 41.73 66.04
CA ILE C 38 11.94 41.55 64.73
C ILE C 38 13.15 40.65 64.88
N ASP C 39 13.23 39.64 64.01
CA ASP C 39 14.38 38.74 63.93
C ASP C 39 14.96 38.83 62.52
N ASN C 40 16.25 39.13 62.43
CA ASN C 40 16.95 39.16 61.16
C ASN C 40 17.88 37.94 61.09
N LEU C 41 17.52 36.99 60.23
CA LEU C 41 18.26 35.74 60.09
C LEU C 41 18.38 35.39 58.62
N GLU C 42 19.06 34.28 58.35
CA GLU C 42 19.19 33.76 57.00
C GLU C 42 18.02 32.85 56.70
N VAL C 43 17.32 33.12 55.60
CA VAL C 43 16.12 32.36 55.27
C VAL C 43 16.47 31.01 54.66
N ALA C 44 17.59 30.92 53.95
CA ALA C 44 17.95 29.66 53.28
C ALA C 44 18.34 28.58 54.28
N ASN C 45 18.83 28.95 55.46
CA ASN C 45 19.28 27.97 56.43
C ASN C 45 18.12 27.54 57.31
N SER C 46 18.02 26.22 57.54
CA SER C 46 16.91 25.68 58.33
C SER C 46 17.18 25.73 59.83
N PHE C 47 18.43 25.53 60.25
CA PHE C 47 18.75 25.59 61.68
C PHE C 47 18.45 26.98 62.24
N ALA C 48 18.75 28.02 61.47
CA ALA C 48 18.44 29.38 61.92
C ALA C 48 16.94 29.58 62.05
N VAL C 49 16.18 29.15 61.05
CA VAL C 49 14.72 29.30 61.11
C VAL C 49 14.15 28.48 62.26
N THR C 50 14.74 27.32 62.53
CA THR C 50 14.30 26.51 63.66
C THR C 50 14.59 27.20 64.99
N ASN C 51 15.80 27.76 65.13
CA ASN C 51 16.15 28.45 66.36
C ASN C 51 15.33 29.73 66.53
N ALA C 52 15.04 30.43 65.43
CA ALA C 52 14.26 31.65 65.53
C ALA C 52 12.81 31.37 65.89
N PHE C 53 12.22 30.31 65.32
CA PHE C 53 10.85 29.95 65.67
C PHE C 53 10.75 29.55 67.13
N CYS C 54 11.73 28.78 67.63
CA CYS C 54 11.73 28.39 69.03
C CYS C 54 11.95 29.58 69.95
N SER C 55 12.58 30.66 69.46
CA SER C 55 12.71 31.87 70.27
C SER C 55 11.36 32.56 70.42
N GLN C 56 10.62 32.73 69.31
CA GLN C 56 9.32 33.35 69.37
C GLN C 56 8.33 32.50 70.17
N PHE C 57 8.52 31.18 70.17
CA PHE C 57 7.61 30.29 70.89
C PHE C 57 7.73 30.49 72.40
N SER C 58 8.96 30.42 72.93
CA SER C 58 9.16 30.61 74.36
C SER C 58 8.85 32.04 74.79
N ARG C 59 9.05 33.01 73.91
CA ARG C 59 8.74 34.41 74.21
C ARG C 59 7.25 34.70 74.17
N GLY C 60 6.41 33.71 73.91
CA GLY C 60 4.97 33.87 73.97
C GLY C 60 4.40 34.82 72.94
N VAL C 61 4.65 34.56 71.66
CA VAL C 61 4.06 35.35 70.60
C VAL C 61 2.73 34.73 70.19
N TYR C 62 1.88 35.53 69.55
CA TYR C 62 0.57 35.09 69.12
C TYR C 62 0.51 34.74 67.63
N ALA C 63 1.14 35.55 66.79
CA ALA C 63 1.23 35.28 65.36
C ALA C 63 2.61 35.70 64.87
N ILE C 64 3.13 34.94 63.91
CA ILE C 64 4.45 35.18 63.35
C ILE C 64 4.28 35.58 61.89
N PHE C 65 4.91 36.68 61.50
CA PHE C 65 4.99 37.09 60.11
C PHE C 65 6.44 36.94 59.66
N GLY C 66 6.64 36.17 58.59
CA GLY C 66 7.99 35.93 58.12
C GLY C 66 8.00 35.46 56.67
N PHE C 67 9.14 34.94 56.27
CA PHE C 67 9.34 34.39 54.94
C PHE C 67 9.90 32.98 55.07
N TYR C 68 9.93 32.27 53.95
CA TYR C 68 10.58 30.97 53.88
C TYR C 68 11.11 30.77 52.48
N ASP C 69 12.12 29.92 52.36
CA ASP C 69 12.69 29.55 51.09
C ASP C 69 12.32 28.11 50.76
N LYS C 70 12.76 27.65 49.60
CA LYS C 70 12.49 26.28 49.18
C LYS C 70 13.03 25.28 50.19
N LYS C 71 14.10 25.64 50.91
CA LYS C 71 14.73 24.73 51.86
C LYS C 71 14.12 24.80 53.25
N SER C 72 13.68 25.98 53.69
CA SER C 72 13.19 26.15 55.05
C SER C 72 11.67 26.07 55.17
N VAL C 73 10.94 25.97 54.04
CA VAL C 73 9.49 25.99 54.10
C VAL C 73 8.95 24.78 54.85
N ASN C 74 9.62 23.63 54.73
CA ASN C 74 9.19 22.45 55.47
C ASN C 74 9.29 22.67 56.97
N THR C 75 10.29 23.43 57.43
CA THR C 75 10.45 23.64 58.86
C THR C 75 9.32 24.50 59.42
N ILE C 76 8.93 25.56 58.70
CA ILE C 76 7.87 26.44 59.17
C ILE C 76 6.56 25.66 59.29
N THR C 77 6.13 25.02 58.20
CA THR C 77 4.81 24.38 58.18
C THR C 77 4.71 23.23 59.18
N SER C 78 5.81 22.51 59.41
CA SER C 78 5.76 21.38 60.34
C SER C 78 5.68 21.86 61.78
N PHE C 79 6.52 22.81 62.16
CA PHE C 79 6.45 23.35 63.52
C PHE C 79 5.17 24.13 63.75
N CYS C 80 4.64 24.78 62.71
CA CYS C 80 3.37 25.47 62.86
C CYS C 80 2.23 24.48 63.08
N GLY C 81 2.24 23.36 62.35
CA GLY C 81 1.20 22.36 62.50
C GLY C 81 1.24 21.62 63.82
N THR C 82 2.42 21.58 64.46
CA THR C 82 2.56 20.85 65.71
C THR C 82 2.33 21.75 66.93
N LEU C 83 2.81 22.99 66.89
CA LEU C 83 2.69 23.89 68.02
C LEU C 83 1.56 24.91 67.87
N HIS C 84 0.83 24.86 66.76
CA HIS C 84 -0.33 25.72 66.52
C HIS C 84 0.06 27.21 66.57
N VAL C 85 0.91 27.60 65.62
CA VAL C 85 1.36 28.97 65.49
C VAL C 85 1.00 29.46 64.09
N SER C 86 0.25 30.56 64.03
CA SER C 86 -0.11 31.13 62.74
C SER C 86 1.10 31.80 62.10
N PHE C 87 1.28 31.57 60.81
CA PHE C 87 2.40 32.10 60.05
C PHE C 87 1.86 32.92 58.89
N ILE C 88 2.22 34.20 58.85
CA ILE C 88 1.83 35.10 57.78
C ILE C 88 3.04 35.34 56.89
N THR C 89 2.87 35.17 55.58
CA THR C 89 4.03 35.21 54.69
C THR C 89 3.69 35.72 53.30
N PRO C 90 4.54 36.55 52.72
CA PRO C 90 4.41 36.92 51.30
C PRO C 90 5.19 36.02 50.35
N SER C 91 5.81 34.95 50.85
CA SER C 91 6.60 34.08 50.00
C SER C 91 5.70 33.32 49.03
N PHE C 92 6.32 32.53 48.17
CA PHE C 92 5.56 31.78 47.18
C PHE C 92 4.59 30.84 47.87
N PRO C 93 3.38 30.65 47.32
CA PRO C 93 2.38 29.82 47.99
C PRO C 93 2.88 28.39 48.18
N THR C 94 2.42 27.76 49.25
CA THR C 94 2.79 26.39 49.55
C THR C 94 2.12 25.44 48.57
N ASP C 95 2.74 24.26 48.41
CA ASP C 95 2.22 23.23 47.50
C ASP C 95 1.34 22.29 48.29
N GLY C 96 0.10 22.72 48.52
CA GLY C 96 -0.89 21.91 49.19
C GLY C 96 -1.59 22.71 50.27
N THR C 97 -2.34 21.99 51.10
CA THR C 97 -3.11 22.58 52.19
C THR C 97 -2.28 22.43 53.47
N HIS C 98 -1.56 23.47 53.83
CA HIS C 98 -0.74 23.44 55.04
C HIS C 98 -1.42 24.24 56.13
N PRO C 99 -1.59 23.67 57.32
CA PRO C 99 -2.32 24.38 58.38
C PRO C 99 -1.50 25.54 58.96
N PHE C 100 -2.23 26.55 59.42
CA PHE C 100 -1.65 27.71 60.10
C PHE C 100 -0.63 28.43 59.22
N VAL C 101 -0.94 28.54 57.93
CA VAL C 101 -0.09 29.23 56.97
C VAL C 101 -0.95 30.23 56.20
N ILE C 102 -0.70 31.51 56.42
CA ILE C 102 -1.47 32.58 55.79
C ILE C 102 -0.63 33.09 54.63
N GLN C 103 -0.84 32.49 53.46
CA GLN C 103 -0.05 32.82 52.27
C GLN C 103 -0.63 34.06 51.61
N MET C 104 0.08 35.19 51.75
CA MET C 104 -0.40 36.44 51.15
C MET C 104 -0.24 36.43 49.65
N ARG C 105 0.74 35.69 49.13
CA ARG C 105 0.98 35.69 47.69
C ARG C 105 -0.07 34.86 46.98
N PRO C 106 -0.75 35.41 45.96
CA PRO C 106 -1.76 34.64 45.25
C PRO C 106 -1.13 33.55 44.39
N ASP C 107 -1.89 32.48 44.19
CA ASP C 107 -1.42 31.36 43.39
C ASP C 107 -1.31 31.80 41.93
N LEU C 108 -0.06 31.97 41.46
CA LEU C 108 0.20 32.43 40.11
C LEU C 108 0.06 31.32 39.07
N LYS C 109 -0.05 30.06 39.50
CA LYS C 109 0.02 28.93 38.58
C LYS C 109 -1.02 29.05 37.47
N GLY C 110 -2.26 29.34 37.83
CA GLY C 110 -3.31 29.42 36.83
C GLY C 110 -3.18 30.62 35.91
N ALA C 111 -2.64 31.73 36.42
CA ALA C 111 -2.53 32.94 35.61
C ALA C 111 -1.53 32.77 34.48
N LEU C 112 -0.46 31.99 34.71
CA LEU C 112 0.50 31.75 33.64
C LEU C 112 -0.03 30.75 32.63
N LEU C 113 -0.69 29.68 33.10
CA LEU C 113 -1.27 28.70 32.18
C LEU C 113 -2.29 29.35 31.26
N SER C 114 -3.03 30.33 31.75
CA SER C 114 -3.99 31.02 30.89
C SER C 114 -3.31 32.02 29.97
N LEU C 115 -2.20 32.62 30.40
CA LEU C 115 -1.50 33.56 29.53
C LEU C 115 -0.84 32.86 28.36
N ILE C 116 -0.28 31.67 28.59
CA ILE C 116 0.19 30.85 27.47
C ILE C 116 -0.98 30.47 26.58
N GLU C 117 -2.13 30.18 27.18
CA GLU C 117 -3.31 29.83 26.39
C GLU C 117 -3.86 31.04 25.64
N TYR C 118 -3.65 32.24 26.16
CA TYR C 118 -4.11 33.45 25.47
C TYR C 118 -3.36 33.65 24.16
N TYR C 119 -2.03 33.78 24.24
CA TYR C 119 -1.21 33.99 23.06
C TYR C 119 -1.24 32.83 22.08
N GLN C 120 -1.86 31.71 22.45
CA GLN C 120 -1.91 30.51 21.62
C GLN C 120 -0.49 30.04 21.29
N TRP C 121 0.31 29.89 22.33
CA TRP C 121 1.65 29.34 22.18
C TRP C 121 1.61 27.82 22.12
N ASP C 122 2.52 27.25 21.34
CA ASP C 122 2.64 25.81 21.18
C ASP C 122 4.04 25.27 21.40
N LYS C 123 5.06 26.13 21.35
CA LYS C 123 6.46 25.69 21.46
C LYS C 123 7.25 26.86 22.02
N PHE C 124 7.52 26.82 23.33
CA PHE C 124 8.17 27.93 24.01
C PHE C 124 9.26 27.40 24.93
N ALA C 125 10.06 28.33 25.44
CA ALA C 125 11.14 28.03 26.37
C ALA C 125 10.76 28.51 27.75
N TYR C 126 10.99 27.67 28.76
CA TYR C 126 10.61 27.95 30.14
C TYR C 126 11.88 27.99 30.98
N LEU C 127 12.48 29.17 31.10
CA LEU C 127 13.64 29.36 31.97
C LEU C 127 13.17 29.53 33.40
N TYR C 128 13.69 28.70 34.31
CA TYR C 128 13.27 28.71 35.70
C TYR C 128 14.49 28.69 36.61
N ASP C 129 14.35 29.34 37.77
CA ASP C 129 15.34 29.27 38.83
C ASP C 129 14.78 28.43 39.98
N SER C 130 15.64 27.64 40.59
CA SER C 130 15.22 26.78 41.70
C SER C 130 14.88 27.57 42.97
N ASP C 131 14.93 28.90 42.92
CA ASP C 131 14.74 29.75 44.09
C ASP C 131 13.32 29.69 44.62
N ARG C 132 12.37 30.22 43.85
CA ARG C 132 10.98 30.31 44.29
C ARG C 132 10.23 28.99 44.20
N GLY C 133 10.94 27.86 44.15
CA GLY C 133 10.30 26.56 44.08
C GLY C 133 10.00 26.28 42.62
N LEU C 134 9.37 25.13 42.38
CA LEU C 134 8.98 24.69 41.06
C LEU C 134 7.50 24.23 41.02
N SER C 135 6.67 24.94 41.80
CA SER C 135 5.25 24.62 41.85
C SER C 135 4.71 25.03 40.49
N THR C 136 5.10 26.22 40.01
CA THR C 136 4.71 26.68 38.68
C THR C 136 5.40 25.90 37.58
N LEU C 137 6.45 25.14 37.89
CA LEU C 137 7.09 24.31 36.87
C LEU C 137 6.27 23.06 36.58
N GLN C 138 5.80 22.38 37.62
CA GLN C 138 4.94 21.22 37.40
C GLN C 138 3.62 21.63 36.78
N ALA C 139 3.18 22.87 37.00
CA ALA C 139 1.92 23.33 36.40
C ALA C 139 2.01 23.33 34.88
N VAL C 140 3.11 23.87 34.33
CA VAL C 140 3.30 23.87 32.88
C VAL C 140 3.86 22.55 32.37
N LEU C 141 4.15 21.59 33.26
CA LEU C 141 4.58 20.27 32.83
C LEU C 141 3.45 19.25 32.87
N ASP C 142 2.59 19.32 33.90
CA ASP C 142 1.42 18.45 33.93
C ASP C 142 0.39 18.89 32.90
N SER C 143 0.28 20.19 32.64
CA SER C 143 -0.59 20.70 31.59
C SER C 143 0.04 20.57 30.21
N ALA C 144 1.34 20.30 30.11
CA ALA C 144 1.98 20.10 28.82
C ALA C 144 1.46 18.86 28.12
N ALA C 145 0.92 17.90 28.87
CA ALA C 145 0.39 16.68 28.27
C ALA C 145 -1.09 16.79 27.95
N GLU C 146 -1.85 17.51 28.78
CA GLU C 146 -3.27 17.72 28.48
C GLU C 146 -3.44 18.49 27.17
N LYS C 147 -2.74 19.61 27.04
CA LYS C 147 -2.86 20.46 25.86
C LYS C 147 -1.79 20.19 24.81
N LYS C 148 -0.87 19.26 25.07
CA LYS C 148 0.13 18.80 24.11
C LYS C 148 0.98 19.97 23.59
N TRP C 149 1.74 20.53 24.54
CA TRP C 149 2.71 21.58 24.24
C TRP C 149 4.07 20.95 23.95
N GLN C 150 5.09 21.79 23.77
CA GLN C 150 6.48 21.35 23.58
C GLN C 150 7.38 22.31 24.35
N VAL C 151 7.59 22.01 25.64
CA VAL C 151 8.27 22.92 26.54
C VAL C 151 9.76 22.57 26.59
N THR C 152 10.60 23.59 26.45
CA THR C 152 12.05 23.45 26.61
C THR C 152 12.41 24.08 27.96
N ALA C 153 12.69 23.23 28.95
CA ALA C 153 12.94 23.66 30.31
C ALA C 153 14.44 23.71 30.57
N ILE C 154 14.92 24.82 31.13
CA ILE C 154 16.33 24.97 31.44
C ILE C 154 16.45 25.51 32.86
N ASN C 155 17.25 24.84 33.69
CA ASN C 155 17.52 25.32 35.04
C ASN C 155 18.50 26.50 35.01
N VAL C 156 17.98 27.72 35.22
CA VAL C 156 18.80 28.94 35.22
C VAL C 156 19.23 29.33 36.63
N GLY C 157 18.97 28.47 37.63
CA GLY C 157 19.30 28.81 39.00
C GLY C 157 20.76 28.59 39.35
N ASN C 158 21.39 27.62 38.70
CA ASN C 158 22.78 27.23 38.94
C ASN C 158 23.65 27.89 37.88
N ILE C 159 24.01 29.15 38.14
CA ILE C 159 24.87 29.93 37.26
C ILE C 159 25.89 30.65 38.13
N ASN C 160 27.16 30.26 38.02
CA ASN C 160 28.22 30.94 38.75
C ASN C 160 28.42 32.33 38.19
N ASN C 161 28.57 33.32 39.08
CA ASN C 161 28.60 34.71 38.64
C ASN C 161 29.87 35.09 37.89
N ASP C 162 30.95 34.31 38.04
CA ASP C 162 32.15 34.56 37.25
C ASP C 162 31.96 34.11 35.81
N LYS C 163 31.51 32.87 35.61
CA LYS C 163 31.14 32.35 34.30
C LYS C 163 29.71 32.72 33.93
N LYS C 164 29.15 33.78 34.53
CA LYS C 164 27.77 34.16 34.27
C LYS C 164 27.61 34.68 32.85
N ASP C 165 28.48 35.59 32.43
CA ASP C 165 28.41 36.13 31.08
C ASP C 165 28.68 35.06 30.02
N GLU C 166 29.17 33.90 30.40
CA GLU C 166 29.40 32.80 29.47
C GLU C 166 28.27 31.77 29.47
N THR C 167 27.86 31.29 30.63
CA THR C 167 26.78 30.31 30.69
C THR C 167 25.44 30.91 30.27
N TYR C 168 25.27 32.23 30.39
CA TYR C 168 24.05 32.86 29.93
C TYR C 168 23.99 32.92 28.40
N ARG C 169 25.06 33.40 27.77
CA ARG C 169 25.08 33.48 26.32
C ARG C 169 25.15 32.09 25.70
N SER C 170 25.92 31.19 26.28
CA SER C 170 25.99 29.82 25.78
C SER C 170 24.65 29.10 25.95
N LEU C 171 23.78 29.57 26.83
CA LEU C 171 22.45 28.98 26.94
C LEU C 171 21.56 29.41 25.78
N PHE C 172 21.53 30.70 25.47
CA PHE C 172 20.66 31.20 24.40
C PHE C 172 21.10 30.73 23.02
N GLN C 173 22.32 30.19 22.90
CA GLN C 173 22.69 29.53 21.65
C GLN C 173 22.01 28.17 21.53
N ASP C 174 21.72 27.52 22.66
CA ASP C 174 20.95 26.28 22.63
C ASP C 174 19.51 26.54 22.21
N LEU C 175 18.96 27.71 22.56
CA LEU C 175 17.64 28.11 22.11
C LEU C 175 17.64 28.60 20.67
N GLU C 176 18.81 28.74 20.05
CA GLU C 176 18.90 29.11 18.64
C GLU C 176 18.89 27.90 17.72
N LEU C 177 19.13 26.70 18.26
CA LEU C 177 18.99 25.48 17.45
C LEU C 177 17.57 25.35 16.93
N LYS C 178 16.58 25.73 17.75
CA LYS C 178 15.17 25.65 17.38
C LYS C 178 14.64 26.98 16.86
N LYS C 179 15.50 27.98 16.70
CA LYS C 179 15.08 29.34 16.35
C LYS C 179 13.98 29.81 17.29
N GLU C 180 14.14 29.49 18.58
CA GLU C 180 13.12 29.81 19.57
C GLU C 180 12.91 31.32 19.64
N ARG C 181 11.64 31.73 19.69
CA ARG C 181 11.30 33.14 19.84
C ARG C 181 10.32 33.40 20.98
N ARG C 182 9.96 32.39 21.75
CA ARG C 182 9.04 32.55 22.87
C ARG C 182 9.69 31.93 24.12
N VAL C 183 10.04 32.78 25.08
CA VAL C 183 10.73 32.35 26.30
C VAL C 183 9.94 32.86 27.49
N ILE C 184 9.85 32.03 28.53
CA ILE C 184 9.27 32.42 29.82
C ILE C 184 10.39 32.54 30.82
N LEU C 185 10.41 33.66 31.56
CA LEU C 185 11.42 33.92 32.58
C LEU C 185 10.77 33.77 33.94
N ASP C 186 10.75 32.54 34.45
CA ASP C 186 10.20 32.27 35.78
C ASP C 186 11.33 32.43 36.80
N CYS C 187 11.60 33.68 37.16
CA CYS C 187 12.68 34.01 38.08
C CYS C 187 12.24 35.14 38.99
N GLU C 188 13.12 35.52 39.91
CA GLU C 188 12.88 36.70 40.72
C GLU C 188 13.14 37.98 39.94
N ARG C 189 12.64 39.09 40.48
CA ARG C 189 12.79 40.37 39.79
C ARG C 189 14.26 40.70 39.54
N ASP C 190 15.14 40.35 40.48
CA ASP C 190 16.56 40.61 40.27
C ASP C 190 17.19 39.67 39.24
N LYS C 191 16.83 38.39 39.29
CA LYS C 191 17.38 37.42 38.35
C LYS C 191 16.85 37.65 36.94
N VAL C 192 15.65 38.20 36.82
CA VAL C 192 15.14 38.59 35.50
C VAL C 192 16.04 39.67 34.90
N ASN C 193 16.40 40.67 35.70
CA ASN C 193 17.25 41.76 35.21
C ASN C 193 18.61 41.25 34.76
N ASP C 194 19.13 40.19 35.40
CA ASP C 194 20.36 39.58 34.91
C ASP C 194 20.14 38.95 33.55
N ILE C 195 19.02 38.24 33.36
CA ILE C 195 18.72 37.66 32.06
C ILE C 195 18.43 38.75 31.05
N VAL C 196 17.62 39.74 31.44
CA VAL C 196 17.30 40.86 30.55
C VAL C 196 18.58 41.56 30.10
N ASP C 197 19.51 41.79 31.03
CA ASP C 197 20.79 42.40 30.67
C ASP C 197 21.56 41.52 29.70
N GLN C 198 21.46 40.20 29.86
CA GLN C 198 22.13 39.28 28.94
C GLN C 198 21.40 39.19 27.61
N VAL C 199 20.09 39.44 27.60
CA VAL C 199 19.35 39.44 26.35
C VAL C 199 19.81 40.60 25.47
N ILE C 200 19.95 41.79 26.04
CA ILE C 200 20.30 42.97 25.26
C ILE C 200 21.73 42.87 24.73
N THR C 201 22.64 42.30 25.53
CA THR C 201 24.03 42.21 25.12
C THR C 201 24.19 41.39 23.84
N ILE C 202 23.40 40.31 23.71
CA ILE C 202 23.48 39.49 22.51
C ILE C 202 22.48 39.92 21.43
N GLY C 203 21.44 40.64 21.80
CA GLY C 203 20.50 41.17 20.84
C GLY C 203 19.24 40.37 20.60
N LYS C 204 18.86 39.46 21.50
CA LYS C 204 17.67 38.65 21.28
C LYS C 204 16.44 39.34 21.85
N HIS C 205 16.41 40.67 21.80
CA HIS C 205 15.26 41.46 22.22
C HIS C 205 14.62 42.21 21.06
N VAL C 206 15.00 41.87 19.83
CA VAL C 206 14.52 42.57 18.64
C VAL C 206 13.13 42.10 18.29
N LYS C 207 12.60 42.58 17.16
CA LYS C 207 11.27 42.18 16.72
C LYS C 207 11.23 40.69 16.41
N GLY C 208 10.17 40.02 16.89
CA GLY C 208 10.04 38.59 16.67
C GLY C 208 9.99 37.80 17.96
N TYR C 209 10.90 38.11 18.89
CA TYR C 209 10.92 37.43 20.17
C TYR C 209 9.72 37.85 21.03
N HIS C 210 9.44 37.06 22.05
CA HIS C 210 8.30 37.31 22.92
C HIS C 210 8.57 36.66 24.26
N TYR C 211 8.78 37.47 25.29
CA TYR C 211 9.10 36.98 26.62
C TYR C 211 7.90 37.12 27.55
N ILE C 212 7.89 36.29 28.59
CA ILE C 212 6.86 36.33 29.62
C ILE C 212 7.57 36.27 30.97
N ILE C 213 7.62 37.42 31.65
CA ILE C 213 8.21 37.50 32.98
C ILE C 213 7.22 36.91 33.97
N ALA C 214 7.36 35.62 34.26
CA ALA C 214 6.38 34.88 35.06
C ALA C 214 6.62 35.13 36.55
N ASN C 215 6.29 36.36 36.96
CA ASN C 215 6.32 36.73 38.37
C ASN C 215 5.30 37.84 38.60
N LEU C 216 4.89 37.98 39.86
CA LEU C 216 3.88 38.97 40.21
C LEU C 216 4.38 40.41 40.09
N GLY C 217 5.68 40.60 39.86
CA GLY C 217 6.21 41.94 39.75
C GLY C 217 6.80 42.24 38.38
N PHE C 218 5.92 42.56 37.41
CA PHE C 218 6.40 42.86 36.07
C PHE C 218 7.12 44.20 36.02
N THR C 219 6.56 45.22 36.68
CA THR C 219 7.16 46.56 36.70
C THR C 219 8.19 46.72 37.80
N ASP C 220 8.35 45.73 38.69
CA ASP C 220 9.37 45.83 39.73
C ASP C 220 10.76 45.89 39.13
N GLY C 221 11.04 45.04 38.15
CA GLY C 221 12.32 45.03 37.49
C GLY C 221 12.49 46.18 36.52
N ASP C 222 13.66 46.21 35.88
CA ASP C 222 14.01 47.26 34.94
C ASP C 222 13.57 46.83 33.55
N LEU C 223 12.47 47.41 33.06
CA LEU C 223 11.90 47.05 31.76
C LEU C 223 12.30 48.00 30.65
N LEU C 224 12.75 49.22 30.97
CA LEU C 224 13.01 50.24 29.97
C LEU C 224 14.22 49.95 29.11
N LYS C 225 14.93 48.83 29.33
CA LYS C 225 16.07 48.46 28.51
C LYS C 225 15.74 47.42 27.45
N ILE C 226 14.73 46.58 27.67
CA ILE C 226 14.18 45.73 26.63
C ILE C 226 12.90 46.32 26.05
N GLN C 227 12.57 47.56 26.39
CA GLN C 227 11.31 48.16 25.96
C GLN C 227 11.35 48.55 24.49
N PHE C 228 12.50 49.02 24.00
CA PHE C 228 12.62 49.56 22.66
C PHE C 228 13.35 48.61 21.70
N GLY C 229 13.34 47.31 22.00
CA GLY C 229 13.95 46.36 21.11
C GLY C 229 13.01 45.87 20.03
N GLY C 230 11.74 45.72 20.37
CA GLY C 230 10.73 45.22 19.47
C GLY C 230 10.07 43.92 19.92
N ALA C 231 10.75 43.13 20.74
CA ALA C 231 10.16 41.90 21.25
C ALA C 231 9.07 42.22 22.26
N GLU C 232 7.90 41.63 22.05
CA GLU C 232 6.81 41.78 23.02
C GLU C 232 7.22 41.17 24.35
N VAL C 233 7.08 41.93 25.42
CA VAL C 233 7.42 41.48 26.77
C VAL C 233 6.14 41.47 27.59
N SER C 234 5.73 40.27 28.00
CA SER C 234 4.55 40.10 28.85
C SER C 234 4.99 39.87 30.30
N GLY C 235 4.01 39.89 31.18
CA GLY C 235 4.31 39.67 32.58
C GLY C 235 3.04 39.72 33.41
N PHE C 236 3.23 39.77 34.72
CA PHE C 236 2.14 39.82 35.67
C PHE C 236 2.41 40.89 36.72
N GLN C 237 1.37 41.61 37.11
CA GLN C 237 1.48 42.66 38.12
C GLN C 237 0.31 42.52 39.09
N ILE C 238 0.63 42.36 40.37
CA ILE C 238 -0.40 42.24 41.41
C ILE C 238 -0.69 43.58 42.07
N VAL C 239 0.23 44.54 42.03
CA VAL C 239 0.06 45.84 42.64
C VAL C 239 -0.48 46.78 41.57
N ASP C 240 -1.78 47.05 41.62
CA ASP C 240 -2.41 47.97 40.67
C ASP C 240 -2.16 49.40 41.15
N TYR C 241 -1.25 50.11 40.48
CA TYR C 241 -0.95 51.48 40.85
C TYR C 241 -2.06 52.46 40.46
N ASP C 242 -3.03 52.04 39.66
CA ASP C 242 -4.13 52.91 39.23
C ASP C 242 -5.29 52.92 40.23
N ASP C 243 -5.31 52.02 41.21
CA ASP C 243 -6.38 52.01 42.18
C ASP C 243 -6.25 53.17 43.15
N SER C 244 -7.40 53.64 43.64
CA SER C 244 -7.41 54.78 44.56
C SER C 244 -6.75 54.42 45.89
N LEU C 245 -6.98 53.19 46.37
CA LEU C 245 -6.38 52.78 47.63
C LEU C 245 -4.86 52.66 47.52
N VAL C 246 -4.37 52.23 46.36
CA VAL C 246 -2.92 52.13 46.15
C VAL C 246 -2.32 53.50 45.85
N SER C 247 -3.08 54.38 45.19
CA SER C 247 -2.57 55.71 44.89
C SER C 247 -2.24 56.49 46.17
N LYS C 248 -3.04 56.30 47.22
CA LYS C 248 -2.75 56.96 48.49
C LYS C 248 -1.53 56.37 49.17
N PHE C 249 -1.27 55.08 48.98
CA PHE C 249 -0.11 54.45 49.59
C PHE C 249 1.18 54.99 48.98
N ILE C 250 1.24 55.07 47.65
CA ILE C 250 2.44 55.56 46.98
C ILE C 250 2.69 57.03 47.30
N GLU C 251 1.62 57.81 47.48
CA GLU C 251 1.78 59.24 47.78
C GLU C 251 2.57 59.42 49.08
N ARG C 252 2.18 58.71 50.14
CA ARG C 252 2.94 58.77 51.37
C ARG C 252 4.25 57.97 51.28
N TRP C 253 4.29 56.96 50.41
CA TRP C 253 5.49 56.16 50.25
C TRP C 253 6.59 56.93 49.53
N SER C 254 6.23 57.67 48.49
CA SER C 254 7.22 58.42 47.71
C SER C 254 7.73 59.66 48.44
N THR C 255 7.14 60.02 49.58
CA THR C 255 7.57 61.20 50.33
C THR C 255 8.46 60.87 51.52
N LEU C 256 8.49 59.63 51.97
CA LEU C 256 9.31 59.28 53.11
C LEU C 256 10.79 59.42 52.77
N GLU C 257 11.59 59.68 53.81
CA GLU C 257 13.03 59.82 53.62
C GLU C 257 13.67 58.46 53.37
N GLU C 258 14.75 58.48 52.60
CA GLU C 258 15.43 57.24 52.23
C GLU C 258 16.38 56.73 53.31
N LYS C 259 16.53 57.46 54.42
CA LYS C 259 17.40 57.03 55.51
C LYS C 259 16.71 56.06 56.46
N GLU C 260 15.53 56.42 56.96
CA GLU C 260 14.83 55.58 57.92
C GLU C 260 14.11 54.43 57.24
N TYR C 261 13.56 54.65 56.04
CA TYR C 261 12.88 53.62 55.27
C TYR C 261 13.62 53.44 53.95
N PRO C 262 14.59 52.51 53.90
CA PRO C 262 15.36 52.34 52.66
C PRO C 262 14.52 51.73 51.56
N GLY C 263 14.91 52.01 50.32
CA GLY C 263 14.17 51.51 49.17
C GLY C 263 12.73 51.96 49.13
N ALA C 264 12.42 53.12 49.72
CA ALA C 264 11.06 53.62 49.77
C ALA C 264 10.81 54.94 49.05
N HIS C 265 11.85 55.72 48.75
CA HIS C 265 11.68 57.01 48.09
C HIS C 265 11.54 56.85 46.56
N THR C 266 10.72 55.89 46.13
CA THR C 266 10.49 55.62 44.72
C THR C 266 8.97 55.57 44.53
N ALA C 267 8.55 55.62 43.27
CA ALA C 267 7.13 55.56 42.93
C ALA C 267 6.61 54.14 42.79
N THR C 268 7.48 53.14 42.75
CA THR C 268 7.09 51.75 42.61
C THR C 268 7.34 51.00 43.91
N ILE C 269 6.62 49.89 44.08
CA ILE C 269 6.78 49.02 45.25
C ILE C 269 6.71 47.58 44.76
N LYS C 270 7.64 46.75 45.25
CA LYS C 270 7.70 45.37 44.82
C LYS C 270 6.46 44.61 45.29
N TYR C 271 6.17 43.51 44.60
CA TYR C 271 5.01 42.70 44.95
C TYR C 271 5.19 42.01 46.30
N THR C 272 6.43 41.78 46.73
CA THR C 272 6.66 41.23 48.05
C THR C 272 6.35 42.25 49.13
N SER C 273 6.88 43.47 48.97
CA SER C 273 6.67 44.51 49.96
C SER C 273 5.19 44.87 50.07
N ALA C 274 4.51 44.99 48.92
CA ALA C 274 3.08 45.28 48.95
C ALA C 274 2.32 44.20 49.71
N LEU C 275 2.75 42.94 49.58
CA LEU C 275 2.17 41.87 50.37
C LEU C 275 2.58 41.95 51.84
N THR C 276 3.72 42.59 52.14
CA THR C 276 4.11 42.76 53.53
C THR C 276 3.23 43.80 54.22
N TYR C 277 2.95 44.93 53.54
CA TYR C 277 2.09 45.94 54.12
C TYR C 277 0.67 45.41 54.34
N ASP C 278 0.13 44.71 53.33
CA ASP C 278 -1.20 44.13 53.47
C ASP C 278 -1.23 43.02 54.51
N ALA C 279 -0.08 42.39 54.80
CA ALA C 279 -0.03 41.41 55.87
C ALA C 279 -0.24 42.06 57.24
N VAL C 280 0.14 43.32 57.38
CA VAL C 280 -0.05 44.02 58.66
C VAL C 280 -1.53 44.30 58.88
N GLN C 281 -2.26 44.64 57.81
CA GLN C 281 -3.68 44.90 57.94
C GLN C 281 -4.46 43.64 58.27
N VAL C 282 -4.05 42.51 57.69
CA VAL C 282 -4.71 41.24 57.98
C VAL C 282 -4.45 40.84 59.43
N MET C 283 -3.22 40.99 59.90
CA MET C 283 -2.91 40.69 61.30
C MET C 283 -3.64 41.63 62.25
N THR C 284 -3.67 42.93 61.92
CA THR C 284 -4.35 43.89 62.77
C THR C 284 -5.85 43.64 62.80
N GLU C 285 -6.46 43.50 61.62
CA GLU C 285 -7.89 43.24 61.56
C GLU C 285 -8.23 41.89 62.18
N ALA C 286 -7.29 40.94 62.16
CA ALA C 286 -7.49 39.69 62.89
C ALA C 286 -7.60 39.96 64.38
N PHE C 287 -6.58 40.61 64.95
CA PHE C 287 -6.61 40.95 66.36
C PHE C 287 -7.65 42.02 66.68
N ARG C 288 -8.17 42.72 65.66
CA ARG C 288 -9.27 43.65 65.89
C ARG C 288 -10.60 42.92 65.88
N ASN C 289 -10.77 41.94 65.00
CA ASN C 289 -11.98 41.11 65.01
C ASN C 289 -11.99 40.10 66.15
N LEU C 290 -10.85 39.91 66.84
CA LEU C 290 -10.84 39.09 68.04
C LEU C 290 -11.30 39.87 69.27
N ARG C 291 -11.08 41.18 69.28
CA ARG C 291 -11.56 42.00 70.38
C ARG C 291 -13.08 42.15 70.36
N LYS C 292 -13.67 42.21 69.16
CA LYS C 292 -15.11 42.38 69.04
C LYS C 292 -15.87 41.09 69.31
N GLN C 293 -15.26 39.94 69.01
CA GLN C 293 -15.89 38.64 69.22
C GLN C 293 -15.70 38.10 70.62
N ARG C 294 -15.03 38.86 71.50
CA ARG C 294 -14.81 38.47 72.89
C ARG C 294 -14.09 37.12 72.99
N ILE C 295 -12.85 37.11 72.50
CA ILE C 295 -11.99 35.93 72.55
C ILE C 295 -10.67 36.35 73.19
N GLU C 296 -10.25 35.61 74.22
CA GLU C 296 -9.03 35.92 74.94
C GLU C 296 -7.87 35.11 74.38
N ILE C 297 -6.78 35.79 74.02
CA ILE C 297 -5.60 35.17 73.44
C ILE C 297 -4.36 35.37 74.30
N SER C 298 -4.53 35.84 75.54
CA SER C 298 -3.39 36.00 76.42
C SER C 298 -2.88 34.65 76.90
N ARG C 299 -1.57 34.49 76.92
CA ARG C 299 -0.96 33.20 77.21
C ARG C 299 -1.01 32.90 78.70
N ARG C 300 -1.16 31.60 79.01
CA ARG C 300 -1.14 31.17 80.42
C ARG C 300 0.19 31.50 81.08
N GLY C 301 1.29 31.23 80.38
CA GLY C 301 2.61 31.53 80.89
C GLY C 301 3.67 31.33 79.82
N ASN C 302 4.85 30.87 80.22
CA ASN C 302 5.87 30.52 79.24
C ASN C 302 5.47 29.28 78.47
N ALA C 303 5.64 29.31 77.15
CA ALA C 303 5.33 28.16 76.32
C ALA C 303 6.36 27.05 76.43
N GLY C 304 7.39 27.24 77.25
CA GLY C 304 8.42 26.23 77.41
C GLY C 304 9.26 26.11 76.15
N ASP C 305 10.07 25.05 76.14
CA ASP C 305 10.91 24.77 74.98
C ASP C 305 10.07 24.15 73.87
N CYS C 306 10.36 24.55 72.62
CA CYS C 306 9.68 23.97 71.48
C CYS C 306 9.88 22.46 71.40
N LEU C 307 10.98 21.96 71.96
CA LEU C 307 11.29 20.54 71.95
C LEU C 307 10.57 19.80 73.07
N ALA C 308 9.39 20.30 73.46
CA ALA C 308 8.63 19.66 74.52
C ALA C 308 8.25 18.23 74.13
N ASN C 309 8.41 17.31 75.07
CA ASN C 309 8.14 15.90 74.80
C ASN C 309 7.28 15.28 75.90
N PRO C 310 5.99 15.04 75.60
CA PRO C 310 5.33 15.37 74.33
C PRO C 310 5.02 16.86 74.20
N ALA C 311 5.10 17.38 72.98
CA ALA C 311 4.79 18.79 72.75
C ALA C 311 3.27 18.79 72.84
N VAL C 312 2.74 19.57 73.79
CA VAL C 312 1.27 19.78 73.85
C VAL C 312 0.98 21.18 73.31
N PRO C 313 0.09 21.32 72.33
CA PRO C 313 -0.11 22.64 71.70
C PRO C 313 -1.00 23.52 72.56
N TRP C 314 -0.71 24.82 72.57
CA TRP C 314 -1.55 25.75 73.29
C TRP C 314 -2.88 25.93 72.56
N GLY C 315 -3.95 26.07 73.34
CA GLY C 315 -5.29 26.00 72.77
C GLY C 315 -5.62 27.27 72.00
N GLN C 316 -5.25 28.43 72.55
CA GLN C 316 -5.66 29.70 71.96
C GLN C 316 -5.07 29.98 70.56
N GLY C 317 -4.12 29.15 70.10
CA GLY C 317 -3.57 29.33 68.78
C GLY C 317 -4.42 28.94 67.58
N VAL C 318 -5.33 27.98 67.76
CA VAL C 318 -6.15 27.53 66.64
C VAL C 318 -7.15 28.61 66.24
N GLU C 319 -7.60 29.43 67.20
CA GLU C 319 -8.54 30.50 66.88
C GLU C 319 -7.88 31.61 66.08
N ILE C 320 -6.56 31.79 66.25
CA ILE C 320 -5.87 32.86 65.54
C ILE C 320 -5.88 32.59 64.04
N GLU C 321 -5.88 31.31 63.63
CA GLU C 321 -5.95 30.98 62.21
C GLU C 321 -7.31 31.36 61.64
N ARG C 322 -8.40 30.97 62.30
CA ARG C 322 -9.73 31.29 61.81
C ARG C 322 -9.94 32.79 61.72
N ALA C 323 -9.35 33.56 62.64
CA ALA C 323 -9.39 35.01 62.53
C ALA C 323 -8.67 35.47 61.26
N LEU C 324 -7.46 34.96 61.03
CA LEU C 324 -6.67 35.41 59.89
C LEU C 324 -7.28 34.94 58.57
N LYS C 325 -7.73 33.69 58.51
CA LYS C 325 -8.27 33.15 57.26
C LYS C 325 -9.64 33.75 56.92
N GLN C 326 -10.31 34.37 57.89
CA GLN C 326 -11.59 35.02 57.64
C GLN C 326 -11.45 36.53 57.48
N VAL C 327 -10.27 37.10 57.72
CA VAL C 327 -10.05 38.51 57.45
C VAL C 327 -10.27 38.76 55.97
N GLN C 328 -11.19 39.69 55.66
CA GLN C 328 -11.50 40.04 54.27
C GLN C 328 -11.48 41.56 54.19
N VAL C 329 -10.28 42.11 54.01
CA VAL C 329 -10.11 43.56 53.86
C VAL C 329 -9.52 43.86 52.50
N GLU C 330 -9.30 45.14 52.21
CA GLU C 330 -8.76 45.57 50.92
C GLU C 330 -7.31 46.00 51.11
N GLY C 331 -6.48 45.67 50.12
CA GLY C 331 -5.08 46.00 50.19
C GLY C 331 -4.47 46.42 48.86
N LEU C 332 -3.14 46.49 48.81
CA LEU C 332 -2.46 46.86 47.57
C LEU C 332 -2.56 45.76 46.52
N SER C 333 -2.69 44.50 46.95
CA SER C 333 -2.81 43.37 46.06
C SER C 333 -4.27 43.04 45.72
N GLY C 334 -5.12 44.05 45.63
CA GLY C 334 -6.52 43.78 45.40
C GLY C 334 -7.18 43.19 46.64
N ASN C 335 -8.34 42.58 46.43
CA ASN C 335 -9.07 41.96 47.52
C ASN C 335 -8.25 40.85 48.15
N ILE C 336 -8.46 40.63 49.45
CA ILE C 336 -7.70 39.67 50.23
C ILE C 336 -8.68 38.74 50.91
N LYS C 337 -8.62 37.45 50.56
CA LYS C 337 -9.46 36.44 51.19
C LYS C 337 -8.71 35.12 51.18
N PHE C 338 -8.86 34.36 52.26
CA PHE C 338 -8.22 33.06 52.40
C PHE C 338 -9.29 31.99 52.62
N ASP C 339 -9.10 30.84 51.97
CA ASP C 339 -9.99 29.71 52.21
C ASP C 339 -9.46 28.95 53.42
N GLN C 340 -10.05 27.80 53.71
CA GLN C 340 -9.58 26.96 54.81
C GLN C 340 -8.15 26.44 54.74
N ASN C 341 -7.44 26.71 53.66
CA ASN C 341 -6.06 26.25 53.49
C ASN C 341 -5.04 27.35 53.64
N GLY C 342 -5.46 28.61 53.68
CA GLY C 342 -4.54 29.73 53.69
C GLY C 342 -4.22 30.27 52.31
N LYS C 343 -4.62 29.58 51.26
CA LYS C 343 -4.39 30.05 49.90
C LYS C 343 -5.17 31.33 49.65
N ARG C 344 -4.63 32.18 48.79
CA ARG C 344 -5.35 33.36 48.36
C ARG C 344 -6.48 32.97 47.42
N ILE C 345 -7.68 33.49 47.70
CA ILE C 345 -8.82 33.34 46.80
C ILE C 345 -9.43 34.71 46.57
N ASN C 346 -10.23 34.80 45.51
CA ASN C 346 -10.84 36.06 45.06
C ASN C 346 -9.78 37.11 44.72
N TYR C 347 -8.60 36.66 44.28
CA TYR C 347 -7.53 37.59 43.96
C TYR C 347 -7.61 37.99 42.49
N THR C 348 -6.74 38.92 42.08
CA THR C 348 -6.76 39.47 40.74
C THR C 348 -5.32 39.73 40.30
N ILE C 349 -4.81 38.89 39.40
CA ILE C 349 -3.48 39.06 38.84
C ILE C 349 -3.63 39.73 37.48
N ASN C 350 -3.01 40.90 37.32
CA ASN C 350 -3.18 41.70 36.12
C ASN C 350 -2.12 41.32 35.09
N ILE C 351 -2.57 41.08 33.85
CA ILE C 351 -1.69 40.72 32.75
C ILE C 351 -1.21 42.00 32.09
N MET C 352 0.09 42.08 31.82
CA MET C 352 0.71 43.28 31.28
C MET C 352 1.43 42.96 29.96
N GLU C 353 1.40 43.92 29.05
CA GLU C 353 2.15 43.86 27.80
C GLU C 353 3.05 45.09 27.71
N LEU C 354 4.33 44.88 27.45
CA LEU C 354 5.29 45.97 27.35
C LEU C 354 5.29 46.50 25.91
N LYS C 355 4.69 47.66 25.72
CA LYS C 355 4.72 48.37 24.44
C LYS C 355 5.83 49.42 24.49
N THR C 356 5.85 50.29 23.48
CA THR C 356 6.85 51.36 23.46
C THR C 356 6.53 52.47 24.46
N ASN C 357 5.24 52.68 24.75
CA ASN C 357 4.82 53.68 25.73
C ASN C 357 4.97 53.20 27.17
N GLY C 358 5.56 52.04 27.38
CA GLY C 358 5.72 51.49 28.71
C GLY C 358 4.77 50.33 28.95
N PRO C 359 4.63 49.91 30.20
CA PRO C 359 3.70 48.82 30.51
C PRO C 359 2.27 49.21 30.16
N ARG C 360 1.54 48.24 29.61
CA ARG C 360 0.17 48.46 29.15
C ARG C 360 -0.72 47.39 29.77
N LYS C 361 -1.68 47.81 30.59
CA LYS C 361 -2.63 46.87 31.17
C LYS C 361 -3.62 46.40 30.10
N ILE C 362 -3.68 45.09 29.90
CA ILE C 362 -4.55 44.52 28.88
C ILE C 362 -5.63 43.63 29.48
N GLY C 363 -5.50 43.18 30.72
CA GLY C 363 -6.52 42.35 31.32
C GLY C 363 -6.13 41.93 32.72
N TYR C 364 -6.87 40.96 33.25
CA TYR C 364 -6.62 40.41 34.58
C TYR C 364 -6.83 38.91 34.53
N TRP C 365 -6.83 38.28 35.71
CA TRP C 365 -7.03 36.85 35.83
C TRP C 365 -7.74 36.56 37.15
N SER C 366 -8.59 35.54 37.14
CA SER C 366 -9.29 35.11 38.34
C SER C 366 -9.46 33.60 38.30
N GLU C 367 -9.35 32.97 39.47
CA GLU C 367 -9.43 31.51 39.53
C GLU C 367 -10.81 30.99 39.16
N VAL C 368 -11.83 31.85 39.17
CA VAL C 368 -13.16 31.48 38.73
C VAL C 368 -13.52 32.09 37.39
N ASP C 369 -12.84 33.14 36.94
CA ASP C 369 -13.13 33.80 35.67
C ASP C 369 -12.07 33.58 34.60
N LYS C 370 -10.95 32.94 34.94
CA LYS C 370 -9.82 32.72 34.02
C LYS C 370 -9.33 34.09 33.57
N MET C 371 -8.97 34.27 32.30
CA MET C 371 -8.43 35.54 31.81
C MET C 371 -9.52 36.32 31.09
N VAL C 372 -9.61 37.61 31.40
CA VAL C 372 -10.59 38.52 30.79
C VAL C 372 -9.85 39.77 30.34
N LEU C 373 -10.07 40.18 29.09
CA LEU C 373 -9.38 41.32 28.53
C LEU C 373 -10.04 42.64 28.98
N THR C 374 -9.39 43.75 28.65
CA THR C 374 -9.87 45.09 28.98
C THR C 374 -9.97 45.89 27.69
N GLU C 375 -11.20 46.10 27.22
CA GLU C 375 -11.44 46.89 26.02
C GLU C 375 -11.47 48.38 26.30
N ASP C 376 -11.48 48.78 27.57
CA ASP C 376 -11.49 50.19 27.95
C ASP C 376 -10.10 50.79 28.02
N ASP C 377 -9.09 50.12 27.45
CA ASP C 377 -7.72 50.62 27.45
C ASP C 377 -7.10 50.30 26.09
N THR C 378 -6.64 51.35 25.41
CA THR C 378 -5.98 51.19 24.12
C THR C 378 -5.12 52.43 23.87
N SER C 379 -3.87 52.21 23.45
CA SER C 379 -2.97 53.32 23.20
C SER C 379 -3.47 54.23 22.07
N GLY C 380 -4.34 53.71 21.20
CA GLY C 380 -4.90 54.48 20.11
C GLY C 380 -4.55 53.89 18.76
N LEU C 381 -4.46 54.77 17.76
CA LEU C 381 -4.09 54.36 16.40
C LEU C 381 -2.61 54.02 16.38
N GLU C 382 -2.29 52.73 16.51
CA GLU C 382 -0.91 52.26 16.49
C GLU C 382 -0.46 52.13 15.04
N GLN C 383 0.31 53.11 14.56
CA GLN C 383 0.82 53.10 13.19
C GLN C 383 2.07 52.22 13.15
N LYS C 384 1.84 50.91 13.11
CA LYS C 384 2.92 49.93 13.12
C LYS C 384 3.45 49.71 11.71
N THR C 385 4.76 49.90 11.53
CA THR C 385 5.38 49.67 10.24
C THR C 385 5.47 48.18 9.94
N VAL C 386 5.00 47.78 8.77
CA VAL C 386 4.93 46.38 8.39
C VAL C 386 6.22 45.98 7.69
N VAL C 387 6.76 44.83 8.06
CA VAL C 387 8.02 44.33 7.51
C VAL C 387 7.68 43.39 6.35
N VAL C 388 7.99 43.82 5.13
CA VAL C 388 7.71 43.04 3.92
C VAL C 388 9.04 42.47 3.43
N THR C 389 9.11 41.14 3.34
CA THR C 389 10.31 40.45 2.89
C THR C 389 10.13 40.00 1.44
N THR C 390 11.22 40.03 0.69
CA THR C 390 11.22 39.61 -0.70
C THR C 390 12.64 39.26 -1.11
N ILE C 391 12.75 38.67 -2.30
CA ILE C 391 14.04 38.27 -2.85
C ILE C 391 14.34 39.11 -4.08
N LEU C 392 15.61 39.17 -4.45
CA LEU C 392 16.09 39.96 -5.58
C LEU C 392 16.18 39.07 -6.81
N GLU C 393 15.24 39.25 -7.74
CA GLU C 393 15.25 38.52 -9.00
C GLU C 393 14.36 39.25 -9.98
N SER C 394 14.93 39.67 -11.11
CA SER C 394 14.21 40.48 -12.10
C SER C 394 13.09 39.69 -12.79
N PRO C 395 12.02 40.39 -13.22
CA PRO C 395 11.77 41.81 -13.04
C PRO C 395 10.80 42.10 -11.89
N TYR C 396 10.77 41.20 -10.90
CA TYR C 396 9.86 41.36 -9.77
C TYR C 396 10.37 42.42 -8.80
N VAL C 397 11.58 42.24 -8.28
CA VAL C 397 12.20 43.17 -7.34
C VAL C 397 13.59 43.50 -7.88
N MET C 398 13.75 44.68 -8.45
CA MET C 398 15.02 45.17 -8.94
C MET C 398 15.39 46.46 -8.20
N MET C 399 16.63 46.90 -8.41
CA MET C 399 17.11 48.14 -7.86
C MET C 399 17.25 49.16 -8.98
N LYS C 400 16.83 50.40 -8.71
CA LYS C 400 16.90 51.45 -9.72
C LYS C 400 18.36 51.78 -10.05
N LYS C 401 18.55 52.39 -11.23
CA LYS C 401 19.89 52.77 -11.65
C LYS C 401 20.54 53.74 -10.68
N ASN C 402 19.74 54.53 -9.95
CA ASN C 402 20.26 55.48 -8.98
C ASN C 402 19.87 55.06 -7.56
N HIS C 403 20.26 53.85 -7.16
CA HIS C 403 19.89 53.35 -5.84
C HIS C 403 20.75 53.95 -4.74
N GLU C 404 22.00 54.30 -5.03
CA GLU C 404 22.87 54.92 -4.03
C GLU C 404 22.45 56.34 -3.71
N MET C 405 21.76 57.02 -4.62
CA MET C 405 21.28 58.38 -4.38
C MET C 405 19.90 58.43 -3.76
N LEU C 406 19.19 57.30 -3.71
CA LEU C 406 17.87 57.20 -3.11
C LEU C 406 17.94 56.36 -1.83
N GLU C 407 16.85 56.42 -1.06
CA GLU C 407 16.80 55.73 0.22
C GLU C 407 15.38 55.21 0.45
N GLY C 408 15.29 54.06 1.12
CA GLY C 408 14.02 53.47 1.45
C GLY C 408 13.46 52.54 0.38
N ASN C 409 12.14 52.61 0.17
CA ASN C 409 11.52 51.76 -0.84
C ASN C 409 11.82 52.27 -2.26
N GLU C 410 12.07 53.57 -2.41
CA GLU C 410 12.32 54.13 -3.74
C GLU C 410 13.59 53.59 -4.37
N ARG C 411 14.47 52.98 -3.59
CA ARG C 411 15.64 52.32 -4.16
C ARG C 411 15.26 51.14 -5.04
N TYR C 412 14.08 50.56 -4.83
CA TYR C 412 13.67 49.34 -5.51
C TYR C 412 12.50 49.61 -6.44
N GLU C 413 12.48 48.92 -7.57
CA GLU C 413 11.40 49.02 -8.54
C GLU C 413 11.21 47.67 -9.20
N GLY C 414 9.98 47.39 -9.61
CA GLY C 414 9.67 46.12 -10.25
C GLY C 414 8.19 45.81 -10.11
N TYR C 415 7.87 44.52 -10.30
CA TYR C 415 6.48 44.09 -10.21
C TYR C 415 5.98 44.12 -8.78
N CYS C 416 6.68 43.41 -7.88
CA CYS C 416 6.23 43.33 -6.50
C CYS C 416 6.30 44.69 -5.81
N VAL C 417 7.25 45.53 -6.20
CA VAL C 417 7.35 46.88 -5.62
C VAL C 417 6.07 47.66 -5.88
N ASP C 418 5.60 47.65 -7.13
CA ASP C 418 4.30 48.26 -7.43
C ASP C 418 3.16 47.45 -6.81
N LEU C 419 3.33 46.13 -6.69
CA LEU C 419 2.30 45.31 -6.07
C LEU C 419 2.25 45.55 -4.56
N ALA C 420 3.41 45.67 -3.91
CA ALA C 420 3.43 45.98 -2.50
C ALA C 420 2.74 47.30 -2.21
N ALA C 421 2.89 48.27 -3.12
CA ALA C 421 2.16 49.53 -2.98
C ALA C 421 0.67 49.32 -3.23
N GLU C 422 0.32 48.63 -4.31
CA GLU C 422 -1.09 48.35 -4.60
C GLU C 422 -1.74 47.58 -3.47
N ILE C 423 -1.01 46.63 -2.89
CA ILE C 423 -1.54 45.91 -1.73
C ILE C 423 -1.71 46.86 -0.55
N ALA C 424 -0.67 47.63 -0.23
CA ALA C 424 -0.76 48.59 0.87
C ALA C 424 -1.86 49.61 0.61
N LYS C 425 -2.06 49.99 -0.65
CA LYS C 425 -3.10 50.97 -0.96
C LYS C 425 -4.49 50.39 -0.78
N HIS C 426 -4.65 49.08 -0.93
CA HIS C 426 -5.93 48.42 -0.73
C HIS C 426 -6.08 47.85 0.68
N CYS C 427 -5.07 47.99 1.54
CA CYS C 427 -5.15 47.53 2.92
C CYS C 427 -4.98 48.65 3.94
N GLY C 428 -4.11 49.61 3.67
CA GLY C 428 -3.89 50.71 4.59
C GLY C 428 -2.84 50.42 5.65
N PHE C 429 -1.57 50.37 5.23
CA PHE C 429 -0.46 50.18 6.15
C PHE C 429 0.83 50.64 5.48
N LYS C 430 1.75 51.13 6.31
CA LYS C 430 3.08 51.49 5.83
C LYS C 430 3.97 50.25 5.82
N TYR C 431 4.74 50.11 4.74
CA TYR C 431 5.58 48.94 4.55
C TYR C 431 7.02 49.36 4.30
N LYS C 432 7.94 48.43 4.56
CA LYS C 432 9.37 48.65 4.34
C LYS C 432 9.93 47.43 3.61
N LEU C 433 10.32 47.62 2.36
CA LEU C 433 10.81 46.51 1.54
C LEU C 433 12.18 46.05 2.03
N THR C 434 12.26 44.80 2.46
CA THR C 434 13.50 44.22 2.96
C THR C 434 13.85 42.96 2.18
N ILE C 435 15.15 42.72 2.03
CA ILE C 435 15.66 41.57 1.29
C ILE C 435 15.89 40.43 2.27
N VAL C 436 15.76 39.20 1.76
CA VAL C 436 16.02 38.02 2.57
C VAL C 436 17.52 37.91 2.85
N GLY C 437 17.87 37.45 4.05
CA GLY C 437 19.25 37.31 4.45
C GLY C 437 20.08 36.39 3.57
N ASP C 438 19.78 35.10 3.60
CA ASP C 438 20.57 34.14 2.85
C ASP C 438 20.33 34.21 1.35
N GLY C 439 19.36 34.99 0.89
CA GLY C 439 19.10 35.09 -0.53
C GLY C 439 18.54 33.83 -1.16
N LYS C 440 17.80 33.03 -0.38
CA LYS C 440 17.21 31.80 -0.87
C LYS C 440 15.71 31.84 -0.63
N TYR C 441 15.01 30.88 -1.23
CA TYR C 441 13.56 30.81 -1.09
C TYR C 441 13.17 30.05 0.18
N GLY C 442 11.93 29.58 0.24
CA GLY C 442 11.46 28.87 1.42
C GLY C 442 11.69 27.38 1.36
N ALA C 443 12.76 26.91 2.01
CA ALA C 443 13.09 25.49 2.04
C ALA C 443 13.23 25.03 3.49
N ARG C 444 13.33 23.72 3.66
CA ARG C 444 13.52 23.11 4.97
C ARG C 444 14.65 22.09 4.87
N ASP C 445 15.68 22.27 5.69
CA ASP C 445 16.85 21.41 5.63
C ASP C 445 16.48 19.98 6.00
N ALA C 446 17.04 19.02 5.26
CA ALA C 446 16.75 17.61 5.52
C ALA C 446 17.21 17.19 6.91
N ASP C 447 18.27 17.80 7.42
CA ASP C 447 18.81 17.45 8.73
C ASP C 447 18.31 18.42 9.80
N THR C 448 18.83 19.64 9.79
CA THR C 448 18.52 20.60 10.85
C THR C 448 17.05 20.98 10.89
N LYS C 449 16.32 20.79 9.79
CA LYS C 449 14.89 21.11 9.72
C LYS C 449 14.62 22.57 10.07
N ILE C 450 15.46 23.46 9.56
CA ILE C 450 15.34 24.89 9.77
C ILE C 450 14.76 25.52 8.51
N TRP C 451 13.72 26.33 8.67
CA TRP C 451 13.15 27.07 7.56
C TRP C 451 14.07 28.24 7.21
N ASN C 452 14.73 28.15 6.07
CA ASN C 452 15.59 29.25 5.61
C ASN C 452 14.82 30.14 4.65
N GLY C 453 15.45 31.26 4.30
CA GLY C 453 14.87 32.15 3.32
C GLY C 453 13.70 32.96 3.85
N MET C 454 12.85 33.39 2.91
CA MET C 454 11.74 34.27 3.24
C MET C 454 10.72 33.56 4.13
N VAL C 455 10.35 32.32 3.77
CA VAL C 455 9.43 31.56 4.59
C VAL C 455 9.99 31.38 5.99
N GLY C 456 11.32 31.29 6.12
CA GLY C 456 11.92 31.26 7.44
C GLY C 456 11.69 32.53 8.22
N GLU C 457 11.86 33.68 7.57
CA GLU C 457 11.66 34.95 8.25
C GLU C 457 10.19 35.20 8.59
N LEU C 458 9.27 34.51 7.93
CA LEU C 458 7.86 34.61 8.30
C LEU C 458 7.56 33.81 9.55
N VAL C 459 7.97 32.54 9.57
CA VAL C 459 7.67 31.66 10.71
C VAL C 459 8.39 32.15 11.96
N TYR C 460 9.64 32.56 11.82
CA TYR C 460 10.49 32.86 12.96
C TYR C 460 10.36 34.32 13.43
N GLY C 461 9.30 35.02 12.99
CA GLY C 461 9.00 36.34 13.50
C GLY C 461 9.79 37.48 12.90
N LYS C 462 10.79 37.21 12.07
CA LYS C 462 11.63 38.24 11.49
C LYS C 462 10.99 38.94 10.29
N ALA C 463 9.69 38.74 10.06
CA ALA C 463 8.98 39.40 8.97
C ALA C 463 7.49 39.33 9.26
N ASP C 464 6.71 40.08 8.47
CA ASP C 464 5.26 40.14 8.61
C ASP C 464 4.50 39.67 7.39
N ILE C 465 5.08 39.75 6.19
CA ILE C 465 4.40 39.36 4.97
C ILE C 465 5.46 39.19 3.88
N ALA C 466 5.22 38.26 2.98
CA ALA C 466 6.16 37.93 1.91
C ALA C 466 5.50 38.18 0.55
N ILE C 467 5.95 39.22 -0.13
CA ILE C 467 5.48 39.56 -1.47
C ILE C 467 6.66 39.30 -2.41
N ALA C 468 6.68 38.13 -3.04
CA ALA C 468 7.81 37.71 -3.86
C ALA C 468 7.38 36.49 -4.67
N PRO C 469 8.15 36.14 -5.71
CA PRO C 469 7.87 34.90 -6.45
C PRO C 469 8.06 33.66 -5.59
N LEU C 470 7.13 33.40 -4.69
CA LEU C 470 7.19 32.24 -3.80
C LEU C 470 6.26 31.16 -4.32
N THR C 471 6.85 30.04 -4.74
CA THR C 471 6.05 28.93 -5.26
C THR C 471 5.14 28.38 -4.18
N ILE C 472 3.88 28.12 -4.55
CA ILE C 472 2.89 27.60 -3.61
C ILE C 472 2.99 26.08 -3.61
N THR C 473 3.57 25.53 -2.54
CA THR C 473 3.69 24.10 -2.34
C THR C 473 2.98 23.70 -1.05
N LEU C 474 2.75 22.39 -0.92
CA LEU C 474 2.08 21.88 0.28
C LEU C 474 2.95 22.05 1.52
N VAL C 475 4.25 21.75 1.41
CA VAL C 475 5.14 21.82 2.56
C VAL C 475 5.19 23.22 3.15
N ARG C 476 4.96 24.24 2.32
CA ARG C 476 4.93 25.61 2.81
C ARG C 476 3.56 26.03 3.33
N GLU C 477 2.48 25.50 2.76
CA GLU C 477 1.14 25.84 3.23
C GLU C 477 0.90 25.34 4.65
N GLU C 478 1.66 24.36 5.11
CA GLU C 478 1.47 23.84 6.46
C GLU C 478 2.07 24.73 7.53
N VAL C 479 3.03 25.58 7.20
CA VAL C 479 3.68 26.43 8.18
C VAL C 479 3.28 27.90 8.05
N ILE C 480 2.92 28.36 6.86
CA ILE C 480 2.50 29.74 6.64
C ILE C 480 1.25 29.74 5.77
N ASP C 481 0.47 30.81 5.90
CA ASP C 481 -0.76 30.97 5.13
C ASP C 481 -0.45 31.62 3.79
N PHE C 482 -0.86 30.97 2.72
CA PHE C 482 -0.77 31.55 1.39
C PHE C 482 -2.06 32.30 1.06
N SER C 483 -1.92 33.43 0.38
CA SER C 483 -3.08 34.11 -0.16
C SER C 483 -3.46 33.48 -1.50
N LYS C 484 -4.63 33.86 -2.00
CA LYS C 484 -5.04 33.39 -3.31
C LYS C 484 -4.00 33.79 -4.36
N PRO C 485 -3.81 32.99 -5.40
CA PRO C 485 -2.73 33.27 -6.35
C PRO C 485 -2.98 34.53 -7.14
N PHE C 486 -1.89 35.19 -7.53
CA PHE C 486 -1.94 36.41 -8.31
C PHE C 486 -1.35 36.24 -9.70
N MET C 487 -0.81 35.06 -10.03
CA MET C 487 -0.12 34.86 -11.30
C MET C 487 0.09 33.38 -11.57
N SER C 488 -0.81 32.76 -12.32
CA SER C 488 -0.68 31.35 -12.65
C SER C 488 0.42 31.15 -13.69
N LEU C 489 1.04 29.98 -13.65
CA LEU C 489 2.16 29.70 -14.54
C LEU C 489 2.31 28.17 -14.68
N GLY C 490 3.47 27.74 -15.12
CA GLY C 490 3.75 26.32 -15.29
C GLY C 490 5.01 26.12 -16.08
N ILE C 491 5.41 24.86 -16.17
CA ILE C 491 6.61 24.50 -16.93
C ILE C 491 6.31 24.56 -18.42
N SER C 492 7.23 25.14 -19.18
CA SER C 492 7.05 25.31 -20.62
C SER C 492 8.38 24.99 -21.31
N ILE C 493 8.43 25.24 -22.61
CA ILE C 493 9.60 24.94 -23.42
C ILE C 493 10.16 26.25 -23.97
N MET C 494 11.49 26.36 -23.95
CA MET C 494 12.19 27.50 -24.53
C MET C 494 13.11 26.98 -25.63
N ILE C 495 12.72 27.20 -26.88
CA ILE C 495 13.54 26.84 -28.03
C ILE C 495 14.18 28.09 -28.60
N LYS C 496 15.35 27.92 -29.22
CA LYS C 496 15.98 29.03 -29.90
C LYS C 496 15.14 29.45 -31.09
N LYS C 497 15.24 30.74 -31.44
CA LYS C 497 14.51 31.26 -32.59
C LYS C 497 14.82 30.43 -33.82
N PRO C 498 13.82 29.87 -34.50
CA PRO C 498 14.10 28.99 -35.65
C PRO C 498 14.84 29.74 -36.75
N GLN C 499 16.08 29.32 -37.00
CA GLN C 499 16.93 29.99 -37.97
C GLN C 499 16.36 29.91 -39.38
N LYS C 500 15.30 30.63 -39.68
CA LYS C 500 14.71 30.51 -41.00
C LYS C 500 15.52 31.23 -42.07
N SER C 501 15.89 30.48 -43.11
CA SER C 501 16.44 31.04 -44.35
C SER C 501 17.67 31.90 -44.57
N LYS C 502 18.87 31.33 -44.46
CA LYS C 502 19.07 29.90 -44.69
C LYS C 502 18.68 29.37 -46.06
N PRO C 503 18.30 30.33 -47.02
CA PRO C 503 17.95 29.74 -48.32
C PRO C 503 19.07 29.94 -49.32
N GLY C 504 19.57 28.89 -49.95
CA GLY C 504 20.65 29.06 -50.89
C GLY C 504 20.19 28.99 -52.34
N VAL C 505 20.80 29.83 -53.17
CA VAL C 505 20.64 29.72 -54.61
C VAL C 505 21.15 28.37 -55.10
N PHE C 506 22.14 27.81 -54.41
CA PHE C 506 22.69 26.50 -54.77
C PHE C 506 21.69 25.37 -54.56
N SER C 507 20.66 25.58 -53.75
CA SER C 507 19.67 24.52 -53.52
C SER C 507 18.84 24.20 -54.76
N PHE C 508 19.10 24.86 -55.89
CA PHE C 508 18.53 24.42 -57.15
C PHE C 508 19.34 23.28 -57.76
N LEU C 509 20.67 23.33 -57.63
CA LEU C 509 21.54 22.26 -58.06
C LEU C 509 22.08 21.15 -57.15
N ASP C 510 21.35 20.81 -56.09
CA ASP C 510 21.55 19.62 -55.28
C ASP C 510 20.40 18.48 -55.16
N PRO C 511 19.21 18.87 -55.68
CA PRO C 511 18.20 17.85 -56.01
C PRO C 511 18.95 17.07 -57.06
N LEU C 512 19.22 17.69 -58.20
CA LEU C 512 20.07 17.09 -59.22
C LEU C 512 21.52 17.13 -58.75
N ALA C 513 22.13 15.96 -58.59
CA ALA C 513 23.45 15.86 -57.97
C ALA C 513 24.49 16.62 -58.78
N TYR C 514 25.59 16.98 -58.11
CA TYR C 514 26.67 17.72 -58.76
C TYR C 514 27.28 16.94 -59.92
N GLU C 515 27.40 15.61 -59.77
CA GLU C 515 28.02 14.81 -60.82
C GLU C 515 27.14 14.73 -62.06
N ILE C 516 25.81 14.82 -61.89
CA ILE C 516 24.90 14.65 -63.02
C ILE C 516 24.65 15.96 -63.76
N TRP C 517 24.96 17.10 -63.16
CA TRP C 517 24.87 18.37 -63.89
C TRP C 517 25.88 18.43 -65.03
N MET C 518 27.04 17.78 -64.86
CA MET C 518 28.06 17.78 -65.89
C MET C 518 27.84 16.69 -66.93
N CYS C 519 27.22 15.57 -66.55
CA CYS C 519 26.95 14.51 -67.51
C CYS C 519 25.96 14.95 -68.57
N ILE C 520 25.02 15.83 -68.22
CA ILE C 520 24.04 16.31 -69.20
C ILE C 520 24.64 17.36 -70.14
N VAL C 521 25.70 18.05 -69.71
CA VAL C 521 26.37 18.98 -70.61
C VAL C 521 27.27 18.23 -71.57
N PHE C 522 27.79 17.06 -71.16
CA PHE C 522 28.53 16.23 -72.10
C PHE C 522 27.62 15.58 -73.13
N ALA C 523 26.39 15.22 -72.72
CA ALA C 523 25.39 14.76 -73.67
C ALA C 523 24.83 15.92 -74.50
N TYR C 524 25.00 17.16 -74.03
CA TYR C 524 24.67 18.32 -74.84
C TYR C 524 25.56 18.41 -76.07
N ILE C 525 26.88 18.39 -75.85
CA ILE C 525 27.81 18.41 -76.97
C ILE C 525 27.99 17.04 -77.60
N GLY C 526 27.72 15.96 -76.86
CA GLY C 526 27.85 14.62 -77.41
C GLY C 526 26.83 14.28 -78.47
N VAL C 527 25.68 14.95 -78.45
CA VAL C 527 24.64 14.74 -79.46
C VAL C 527 24.67 15.82 -80.53
N SER C 528 24.98 17.06 -80.14
CA SER C 528 25.14 18.12 -81.14
C SER C 528 26.35 17.89 -82.03
N VAL C 529 27.26 17.00 -81.66
CA VAL C 529 28.36 16.61 -82.54
C VAL C 529 27.98 15.42 -83.43
N VAL C 530 27.03 14.59 -83.00
CA VAL C 530 26.53 13.52 -83.86
C VAL C 530 25.59 14.07 -84.91
N LEU C 531 24.76 15.05 -84.53
CA LEU C 531 23.91 15.75 -85.49
C LEU C 531 24.73 16.59 -86.47
N PHE C 532 25.93 17.01 -86.09
CA PHE C 532 26.80 17.74 -87.00
C PHE C 532 27.39 16.84 -88.07
N LEU C 533 27.49 15.53 -87.80
CA LEU C 533 28.05 14.59 -88.77
C LEU C 533 26.98 14.02 -89.71
N VAL C 534 25.79 13.72 -89.18
CA VAL C 534 24.74 13.17 -90.03
C VAL C 534 24.28 14.18 -91.06
N SER C 535 24.21 15.46 -90.67
CA SER C 535 23.84 16.52 -91.60
C SER C 535 24.94 16.75 -92.62
N ILE C 545 28.53 25.58 -91.78
CA ILE C 545 29.19 25.22 -90.53
C ILE C 545 28.52 25.89 -89.35
N PHE C 546 28.27 27.20 -89.47
CA PHE C 546 27.60 27.93 -88.40
C PHE C 546 26.13 27.55 -88.31
N ASN C 547 25.48 27.26 -89.44
CA ASN C 547 24.09 26.85 -89.43
C ASN C 547 23.90 25.40 -88.99
N SER C 548 24.94 24.57 -89.09
CA SER C 548 24.85 23.20 -88.62
C SER C 548 24.94 23.12 -87.10
N LEU C 549 25.79 23.97 -86.50
CA LEU C 549 25.84 24.05 -85.04
C LEU C 549 24.64 24.80 -84.49
N TRP C 550 24.17 25.81 -85.22
CA TRP C 550 22.95 26.52 -84.82
C TRP C 550 21.75 25.58 -84.86
N PHE C 551 21.72 24.68 -85.84
CA PHE C 551 20.61 23.73 -85.94
C PHE C 551 20.68 22.69 -84.83
N SER C 552 21.88 22.21 -84.52
CA SER C 552 22.02 21.22 -83.44
C SER C 552 21.69 21.83 -82.08
N LEU C 553 21.94 23.13 -81.90
CA LEU C 553 21.50 23.79 -80.68
C LEU C 553 20.00 24.01 -80.71
N GLY C 554 19.45 24.42 -81.85
CA GLY C 554 18.01 24.38 -82.02
C GLY C 554 17.43 22.99 -81.98
N ALA C 555 18.26 21.97 -82.18
CA ALA C 555 17.83 20.58 -82.01
C ALA C 555 17.99 20.09 -80.58
N PHE C 556 18.97 20.61 -79.84
CA PHE C 556 19.08 20.27 -78.42
C PHE C 556 17.95 20.91 -77.62
N MET C 557 17.66 22.18 -77.91
CA MET C 557 16.62 22.94 -77.21
C MET C 557 15.31 22.18 -77.20
N GLN C 558 14.47 22.35 -78.20
CA GLN C 558 13.06 22.04 -77.96
C GLN C 558 12.95 20.61 -77.46
N GLN C 559 13.51 19.72 -78.24
CA GLN C 559 13.59 18.32 -78.05
C GLN C 559 14.54 17.85 -79.10
N GLY C 560 15.11 16.67 -78.99
CA GLY C 560 16.12 16.38 -79.99
C GLY C 560 16.02 16.17 -81.49
N ALA C 561 17.02 16.68 -82.21
CA ALA C 561 17.33 16.29 -83.59
C ALA C 561 16.87 16.05 -85.02
N ASP C 562 16.37 17.12 -85.66
CA ASP C 562 15.99 17.17 -87.06
C ASP C 562 16.98 17.29 -88.22
N ILE C 563 16.54 17.68 -89.39
CA ILE C 563 17.35 17.94 -90.59
C ILE C 563 17.95 16.60 -91.02
N SER C 564 17.21 15.52 -90.81
CA SER C 564 17.70 14.18 -91.14
C SER C 564 17.09 13.37 -92.30
N PRO C 565 16.19 13.96 -93.14
CA PRO C 565 15.55 15.28 -93.19
C PRO C 565 14.42 15.57 -92.18
N ARG C 566 13.45 14.73 -91.77
CA ARG C 566 13.04 13.36 -92.19
C ARG C 566 13.98 12.20 -91.90
N SER C 567 13.87 11.16 -92.73
CA SER C 567 14.41 9.83 -92.46
C SER C 567 15.67 9.13 -92.98
N LEU C 568 16.48 8.54 -92.08
CA LEU C 568 16.23 8.50 -90.64
C LEU C 568 17.33 8.39 -89.59
N SER C 569 18.57 8.68 -90.01
CA SER C 569 19.74 8.45 -89.16
C SER C 569 19.66 9.44 -87.99
N GLY C 570 19.30 10.69 -88.27
CA GLY C 570 19.15 11.67 -87.21
C GLY C 570 17.86 11.56 -86.42
N ARG C 571 16.82 10.97 -87.01
CA ARG C 571 15.57 10.79 -86.30
C ARG C 571 15.72 9.84 -85.12
N ILE C 572 16.57 8.82 -85.26
CA ILE C 572 16.84 7.93 -84.13
C ILE C 572 17.85 8.53 -83.17
N VAL C 573 18.63 9.53 -83.60
CA VAL C 573 19.52 10.22 -82.69
C VAL C 573 18.73 10.97 -81.64
N GLY C 574 17.71 11.70 -82.07
CA GLY C 574 16.85 12.42 -81.13
C GLY C 574 15.78 11.55 -80.51
N GLY C 575 15.30 10.54 -81.25
CA GLY C 575 14.30 9.64 -80.69
C GLY C 575 14.78 8.95 -79.43
N VAL C 576 16.07 8.62 -79.37
CA VAL C 576 16.66 8.11 -78.14
C VAL C 576 17.04 9.25 -77.21
N TRP C 577 17.46 10.39 -77.77
CA TRP C 577 17.84 11.53 -76.94
C TRP C 577 16.62 12.15 -76.28
N TRP C 578 15.49 12.19 -76.98
CA TRP C 578 14.25 12.63 -76.35
C TRP C 578 13.88 11.73 -75.19
N PHE C 579 14.04 10.41 -75.37
CA PHE C 579 13.85 9.47 -74.27
C PHE C 579 14.88 9.69 -73.17
N PHE C 580 16.07 10.19 -73.54
CA PHE C 580 17.08 10.50 -72.53
C PHE C 580 16.71 11.74 -71.74
N THR C 581 16.33 12.82 -72.44
CA THR C 581 15.98 14.05 -71.76
C THR C 581 14.61 13.99 -71.08
N LEU C 582 13.73 13.09 -71.54
CA LEU C 582 12.46 12.89 -70.85
C LEU C 582 12.67 12.27 -69.48
N ILE C 583 13.71 11.45 -69.33
CA ILE C 583 13.95 10.78 -68.06
C ILE C 583 14.53 11.75 -67.04
N ILE C 584 15.55 12.51 -67.44
CA ILE C 584 16.25 13.39 -66.51
C ILE C 584 15.31 14.41 -65.91
N ILE C 585 14.44 15.00 -66.73
CA ILE C 585 13.51 16.01 -66.22
C ILE C 585 12.53 15.40 -65.23
N SER C 586 12.21 14.12 -65.39
CA SER C 586 11.33 13.45 -64.45
C SER C 586 12.07 13.04 -63.18
N SER C 587 13.35 12.67 -63.30
CA SER C 587 14.13 12.32 -62.12
C SER C 587 14.39 13.55 -61.26
N TYR C 588 14.59 14.71 -61.89
CA TYR C 588 14.82 15.94 -61.13
C TYR C 588 13.56 16.36 -60.37
N THR C 589 12.41 16.34 -61.03
CA THR C 589 11.17 16.73 -60.37
C THR C 589 10.82 15.78 -59.24
N ALA C 590 11.12 14.49 -59.40
CA ALA C 590 10.83 13.52 -58.34
C ALA C 590 11.70 13.75 -57.12
N ASN C 591 13.01 13.95 -57.33
CA ASN C 591 13.91 14.15 -56.20
C ASN C 591 13.76 15.53 -55.59
N LEU C 592 13.39 16.53 -56.38
CA LEU C 592 13.21 17.87 -55.83
C LEU C 592 11.93 17.97 -54.99
N ALA C 593 10.93 17.15 -55.31
CA ALA C 593 9.72 17.11 -54.48
C ALA C 593 9.97 16.46 -53.13
N ALA C 594 11.01 15.62 -53.02
CA ALA C 594 11.34 14.99 -51.75
C ALA C 594 11.97 15.87 -50.68
N PHE C 595 12.77 16.84 -51.09
CA PHE C 595 13.42 17.76 -50.16
C PHE C 595 12.46 18.80 -49.61
N LEU C 596 11.34 19.03 -50.30
CA LEU C 596 10.37 20.01 -49.86
C LEU C 596 9.41 19.30 -48.92
N THR C 597 9.09 18.04 -49.19
CA THR C 597 8.19 17.30 -48.31
C THR C 597 8.63 17.00 -46.89
N VAL C 598 9.89 16.56 -46.72
CA VAL C 598 10.39 16.34 -45.35
C VAL C 598 10.77 17.64 -44.58
N GLU C 599 10.85 18.73 -45.34
CA GLU C 599 11.05 20.04 -44.74
C GLU C 599 9.68 20.33 -44.11
N ARG C 600 8.60 19.98 -44.80
CA ARG C 600 7.28 20.25 -44.25
C ARG C 600 6.91 19.05 -43.37
N MET C 601 7.54 17.93 -43.62
CA MET C 601 7.36 16.71 -42.84
C MET C 601 7.23 16.87 -41.32
N VAL C 602 8.35 16.81 -40.60
CA VAL C 602 8.33 16.60 -39.13
C VAL C 602 8.32 17.90 -37.98
N SER C 603 7.43 18.74 -38.50
CA SER C 603 6.88 19.87 -37.75
C SER C 603 7.80 20.52 -36.76
N PRO C 604 7.94 21.92 -36.85
CA PRO C 604 8.91 22.47 -35.88
C PRO C 604 8.17 22.40 -34.56
N ILE C 605 8.91 22.24 -33.47
CA ILE C 605 8.24 22.08 -32.18
C ILE C 605 7.16 23.15 -32.00
N GLU C 606 5.89 22.73 -32.03
CA GLU C 606 4.77 23.62 -31.78
C GLU C 606 4.02 23.27 -30.49
N SER C 607 4.31 22.12 -29.89
CA SER C 607 3.65 21.68 -28.67
C SER C 607 4.68 20.99 -27.78
N ALA C 608 4.22 20.52 -26.63
CA ALA C 608 5.12 19.92 -25.65
C ALA C 608 5.57 18.52 -26.06
N GLU C 609 4.64 17.71 -26.59
CA GLU C 609 4.99 16.34 -26.94
C GLU C 609 5.91 16.29 -28.15
N ASP C 610 5.83 17.28 -29.04
CA ASP C 610 6.69 17.30 -30.22
C ASP C 610 8.15 17.44 -29.87
N LEU C 611 8.47 17.97 -28.67
CA LEU C 611 9.86 18.06 -28.25
C LEU C 611 10.45 16.70 -27.94
N SER C 612 9.62 15.75 -27.50
CA SER C 612 10.07 14.42 -27.10
C SER C 612 10.00 13.39 -28.22
N LYS C 613 9.73 13.83 -29.45
CA LYS C 613 9.60 12.92 -30.58
C LYS C 613 10.86 12.82 -31.43
N GLN C 614 11.81 13.74 -31.26
CA GLN C 614 13.06 13.72 -32.02
C GLN C 614 14.24 13.87 -31.06
N THR C 615 15.40 13.38 -31.49
CA THR C 615 16.61 13.41 -30.69
C THR C 615 17.67 14.36 -31.24
N GLU C 616 17.39 15.07 -32.33
CA GLU C 616 18.37 16.03 -32.84
C GLU C 616 18.41 17.28 -31.98
N ILE C 617 17.26 17.73 -31.48
CA ILE C 617 17.18 18.88 -30.60
C ILE C 617 17.08 18.33 -29.18
N ALA C 618 18.18 18.39 -28.44
CA ALA C 618 18.18 17.90 -27.07
C ALA C 618 17.43 18.88 -26.16
N TYR C 619 17.15 18.43 -24.94
CA TYR C 619 16.42 19.25 -23.99
C TYR C 619 16.77 18.82 -22.57
N GLY C 620 16.68 19.77 -21.64
CA GLY C 620 17.00 19.51 -20.25
C GLY C 620 16.51 20.64 -19.36
N THR C 621 16.57 20.38 -18.06
CA THR C 621 16.10 21.34 -17.06
C THR C 621 17.20 21.70 -16.07
N LEU C 622 16.79 22.12 -14.88
CA LEU C 622 17.74 22.48 -13.82
C LEU C 622 18.16 21.22 -13.06
N ASP C 623 19.26 21.35 -12.31
CA ASP C 623 19.80 20.22 -11.56
C ASP C 623 19.07 20.00 -10.24
N SER C 624 18.41 21.02 -9.70
CA SER C 624 17.69 20.88 -8.44
C SER C 624 16.59 21.92 -8.37
N GLY C 625 15.39 21.49 -8.04
CA GLY C 625 14.28 22.40 -7.90
C GLY C 625 12.98 21.71 -8.26
N SER C 626 11.90 22.52 -8.27
CA SER C 626 10.58 21.99 -8.57
C SER C 626 10.49 21.49 -10.01
N THR C 627 11.32 22.02 -10.91
CA THR C 627 11.28 21.58 -12.30
C THR C 627 11.77 20.15 -12.44
N LYS C 628 12.86 19.80 -11.76
CA LYS C 628 13.38 18.43 -11.86
C LYS C 628 12.45 17.43 -11.18
N GLU C 629 12.04 17.73 -9.94
CA GLU C 629 11.20 16.81 -9.19
C GLU C 629 9.86 16.55 -9.87
N PHE C 630 9.41 17.47 -10.73
CA PHE C 630 8.17 17.22 -11.45
C PHE C 630 8.31 16.07 -12.43
N PHE C 631 9.49 15.93 -13.05
CA PHE C 631 9.70 14.84 -13.99
C PHE C 631 9.97 13.52 -13.28
N ARG C 632 10.53 13.56 -12.07
CA ARG C 632 10.82 12.33 -11.35
C ARG C 632 9.55 11.59 -10.98
N ARG C 633 8.73 12.20 -10.11
CA ARG C 633 7.51 11.57 -9.61
C ARG C 633 6.33 11.70 -10.58
N SER C 634 6.58 11.87 -11.87
CA SER C 634 5.50 12.04 -12.83
C SER C 634 4.97 10.68 -13.27
N LYS C 635 3.66 10.50 -13.13
CA LYS C 635 2.99 9.29 -13.58
C LYS C 635 2.44 9.40 -15.00
N ILE C 636 2.37 10.61 -15.55
CA ILE C 636 1.84 10.80 -16.89
C ILE C 636 2.80 10.18 -17.91
N ALA C 637 2.24 9.85 -19.08
CA ALA C 637 3.00 9.12 -20.09
C ALA C 637 4.08 9.99 -20.73
N VAL C 638 3.69 11.15 -21.25
CA VAL C 638 4.64 11.99 -21.99
C VAL C 638 5.73 12.50 -21.07
N PHE C 639 5.38 12.90 -19.85
CA PHE C 639 6.37 13.46 -18.94
C PHE C 639 7.32 12.41 -18.39
N ASP C 640 6.88 11.14 -18.31
CA ASP C 640 7.76 10.10 -17.78
C ASP C 640 8.83 9.71 -18.78
N LYS C 641 8.50 9.73 -20.08
CA LYS C 641 9.50 9.40 -21.09
C LYS C 641 10.59 10.47 -21.17
N MET C 642 10.23 11.74 -20.93
CA MET C 642 11.23 12.81 -20.97
C MET C 642 12.20 12.71 -19.81
N TRP C 643 11.74 12.25 -18.65
CA TRP C 643 12.63 12.08 -17.51
C TRP C 643 13.56 10.89 -17.70
N THR C 644 13.07 9.82 -18.31
CA THR C 644 13.92 8.66 -18.57
C THR C 644 15.00 8.97 -19.59
N TYR C 645 14.72 9.84 -20.55
CA TYR C 645 15.76 10.26 -21.50
C TYR C 645 16.82 11.11 -20.81
N MET C 646 16.39 12.15 -20.10
CA MET C 646 17.33 13.06 -19.45
C MET C 646 18.08 12.41 -18.30
N ARG C 647 17.55 11.32 -17.72
CA ARG C 647 18.23 10.66 -16.62
C ARG C 647 19.48 9.93 -17.09
N SER C 648 19.45 9.37 -18.30
CA SER C 648 20.57 8.62 -18.84
C SER C 648 21.09 9.23 -20.14
N ALA C 649 20.96 10.56 -20.28
CA ALA C 649 21.43 11.26 -21.46
C ALA C 649 22.89 11.67 -21.26
N GLU C 650 23.75 11.29 -22.20
CA GLU C 650 25.15 11.68 -22.16
C GLU C 650 25.50 12.56 -23.35
N PRO C 651 26.04 13.77 -23.10
CA PRO C 651 26.38 14.30 -21.77
C PRO C 651 25.17 14.75 -20.95
N SER C 652 25.40 15.11 -19.70
CA SER C 652 24.32 15.55 -18.83
C SER C 652 23.65 16.80 -19.35
N VAL C 653 22.32 16.71 -19.56
CA VAL C 653 21.56 17.86 -20.04
C VAL C 653 21.13 18.82 -18.95
N PHE C 654 21.56 18.59 -17.70
CA PHE C 654 21.19 19.47 -16.59
C PHE C 654 22.22 20.58 -16.42
N VAL C 655 21.78 21.69 -15.83
CA VAL C 655 22.65 22.85 -15.59
C VAL C 655 22.66 23.17 -14.10
N ARG C 656 23.67 23.95 -13.69
CA ARG C 656 23.81 24.26 -12.27
C ARG C 656 22.87 25.39 -11.85
N THR C 657 22.87 26.50 -12.58
CA THR C 657 21.99 27.62 -12.32
C THR C 657 21.07 27.85 -13.51
N THR C 658 19.95 28.55 -13.24
CA THR C 658 18.96 28.80 -14.28
C THR C 658 19.54 29.65 -15.40
N ALA C 659 20.52 30.50 -15.09
CA ALA C 659 21.13 31.34 -16.12
C ALA C 659 21.96 30.54 -17.11
N GLU C 660 22.33 29.30 -16.76
CA GLU C 660 23.14 28.48 -17.67
C GLU C 660 22.30 27.90 -18.79
N GLY C 661 21.06 27.51 -18.49
CA GLY C 661 20.20 26.93 -19.52
C GLY C 661 19.83 27.91 -20.61
N VAL C 662 19.69 29.19 -20.27
CA VAL C 662 19.34 30.19 -21.27
C VAL C 662 20.47 30.37 -22.28
N ALA C 663 21.72 30.42 -21.80
CA ALA C 663 22.84 30.57 -22.70
C ALA C 663 23.07 29.30 -23.53
N ARG C 664 22.67 28.14 -23.02
CA ARG C 664 22.87 26.90 -23.76
C ARG C 664 21.97 26.81 -24.98
N VAL C 665 20.75 27.34 -24.89
CA VAL C 665 19.85 27.34 -26.04
C VAL C 665 20.36 28.30 -27.10
N ARG C 666 20.93 29.43 -26.68
CA ARG C 666 21.34 30.46 -27.63
C ARG C 666 22.60 30.09 -28.42
N LYS C 667 23.35 29.09 -27.96
CA LYS C 667 24.60 28.72 -28.61
C LYS C 667 24.51 27.40 -29.38
N SER C 668 23.31 26.82 -29.49
CA SER C 668 23.14 25.55 -30.17
C SER C 668 22.48 25.69 -31.54
N LYS C 669 22.23 26.92 -31.99
CA LYS C 669 21.61 27.19 -33.29
C LYS C 669 20.26 26.49 -33.43
N GLY C 670 19.51 26.39 -32.34
CA GLY C 670 18.22 25.73 -32.39
C GLY C 670 18.25 24.23 -32.23
N LYS C 671 19.40 23.65 -31.86
CA LYS C 671 19.52 22.22 -31.65
C LYS C 671 19.38 21.84 -30.18
N TYR C 672 18.84 22.73 -29.36
CA TYR C 672 18.66 22.46 -27.94
C TYR C 672 17.54 23.37 -27.40
N ALA C 673 16.79 22.84 -26.44
CA ALA C 673 15.74 23.59 -25.77
C ALA C 673 15.88 23.43 -24.27
N TYR C 674 15.38 24.41 -23.53
CA TYR C 674 15.44 24.42 -22.07
C TYR C 674 14.02 24.46 -21.53
N LEU C 675 13.75 23.61 -20.53
CA LEU C 675 12.44 23.52 -19.91
C LEU C 675 12.48 24.24 -18.56
N LEU C 676 11.59 25.21 -18.39
CA LEU C 676 11.56 26.00 -17.16
C LEU C 676 10.19 26.64 -16.97
N GLU C 677 10.07 27.43 -15.92
CA GLU C 677 8.80 28.10 -15.62
C GLU C 677 8.35 29.03 -16.73
N SER C 678 7.03 29.17 -16.89
CA SER C 678 6.50 29.91 -18.01
C SER C 678 6.78 31.40 -17.74
N THR C 679 6.90 31.80 -16.48
CA THR C 679 7.20 33.19 -16.17
C THR C 679 8.58 33.57 -16.68
N MET C 680 9.61 32.83 -16.24
CA MET C 680 10.96 33.12 -16.68
C MET C 680 11.12 32.93 -18.18
N ASN C 681 10.40 31.96 -18.76
CA ASN C 681 10.48 31.76 -20.20
C ASN C 681 9.87 32.93 -20.96
N GLU C 682 8.80 33.52 -20.42
CA GLU C 682 8.15 34.65 -21.06
C GLU C 682 8.82 35.98 -20.75
N TYR C 683 9.87 35.99 -19.93
CA TYR C 683 10.65 37.20 -19.67
C TYR C 683 11.94 37.23 -20.47
N ILE C 684 12.58 36.07 -20.65
CA ILE C 684 13.78 36.00 -21.48
C ILE C 684 13.44 36.33 -22.94
N GLU C 685 12.22 35.99 -23.38
CA GLU C 685 11.80 36.31 -24.74
C GLU C 685 11.72 37.81 -24.98
N GLN C 686 11.62 38.61 -23.92
CA GLN C 686 11.53 40.06 -24.05
C GLN C 686 12.85 40.76 -23.72
N ARG C 687 13.97 40.04 -23.81
CA ARG C 687 15.28 40.62 -23.56
C ARG C 687 16.22 40.31 -24.72
N LYS C 688 17.17 41.22 -24.96
CA LYS C 688 18.15 41.05 -26.03
C LYS C 688 18.97 39.79 -25.81
N PRO C 689 19.44 39.15 -26.90
CA PRO C 689 19.26 39.54 -28.30
C PRO C 689 17.96 39.06 -28.94
N CYS C 690 16.96 38.74 -28.11
CA CYS C 690 15.65 38.29 -28.60
C CYS C 690 15.77 37.05 -29.48
N ASP C 691 16.24 35.96 -28.87
CA ASP C 691 16.47 34.71 -29.58
C ASP C 691 15.80 33.51 -28.92
N THR C 692 15.00 33.71 -27.88
CA THR C 692 14.27 32.65 -27.22
C THR C 692 12.79 32.74 -27.57
N MET C 693 12.08 31.62 -27.39
CA MET C 693 10.68 31.54 -27.80
C MET C 693 9.99 30.44 -27.02
N LYS C 694 8.80 30.72 -26.51
CA LYS C 694 7.99 29.73 -25.79
C LYS C 694 7.08 29.03 -26.78
N VAL C 695 7.21 27.71 -26.88
CA VAL C 695 6.41 26.90 -27.78
C VAL C 695 5.48 26.00 -26.96
N GLY C 696 4.28 25.80 -27.48
CA GLY C 696 3.30 24.92 -26.84
C GLY C 696 2.78 25.44 -25.53
N GLY C 697 1.77 24.77 -24.99
CA GLY C 697 1.21 25.14 -23.71
C GLY C 697 2.11 24.76 -22.55
N ASN C 698 1.64 25.06 -21.35
CA ASN C 698 2.38 24.73 -20.15
C ASN C 698 2.34 23.21 -19.89
N LEU C 699 3.20 22.76 -18.99
CA LEU C 699 3.26 21.36 -18.58
C LEU C 699 2.45 21.05 -17.33
N ASP C 700 2.52 21.90 -16.31
CA ASP C 700 1.77 21.70 -15.07
C ASP C 700 1.04 22.99 -14.72
N SER C 701 0.22 22.92 -13.67
CA SER C 701 -0.62 24.03 -13.23
C SER C 701 -0.20 24.45 -11.83
N LYS C 702 0.69 25.43 -11.75
CA LYS C 702 1.20 25.96 -10.50
C LYS C 702 0.82 27.45 -10.38
N GLY C 703 1.36 28.11 -9.38
CA GLY C 703 1.05 29.52 -9.17
C GLY C 703 1.86 30.11 -8.03
N TYR C 704 2.00 31.43 -8.08
CA TYR C 704 2.60 32.22 -7.02
C TYR C 704 1.51 32.81 -6.13
N GLY C 705 1.92 33.23 -4.93
CA GLY C 705 0.98 33.83 -4.00
C GLY C 705 1.71 34.54 -2.89
N ILE C 706 0.98 35.43 -2.23
CA ILE C 706 1.53 36.19 -1.10
C ILE C 706 1.37 35.35 0.15
N ALA C 707 2.42 35.30 0.97
CA ALA C 707 2.46 34.46 2.16
C ALA C 707 2.50 35.32 3.41
N THR C 708 1.71 34.93 4.41
CA THR C 708 1.66 35.57 5.71
C THR C 708 1.77 34.52 6.80
N PRO C 709 2.37 34.86 7.94
CA PRO C 709 2.45 33.90 9.04
C PRO C 709 1.08 33.46 9.50
N LYS C 710 0.98 32.20 9.93
CA LYS C 710 -0.29 31.67 10.38
C LYS C 710 -0.83 32.46 11.55
N GLY C 711 -2.15 32.65 11.57
CA GLY C 711 -2.76 33.42 12.63
C GLY C 711 -2.41 34.88 12.65
N SER C 712 -1.97 35.44 11.51
CA SER C 712 -1.65 36.86 11.45
C SER C 712 -2.88 37.67 11.09
N SER C 713 -2.88 38.93 11.53
CA SER C 713 -4.00 39.82 11.23
C SER C 713 -4.02 40.28 9.78
N LEU C 714 -2.99 39.98 9.00
CA LEU C 714 -2.94 40.35 7.59
C LEU C 714 -3.52 39.27 6.69
N GLY C 715 -3.64 38.03 7.17
CA GLY C 715 -4.04 36.90 6.36
C GLY C 715 -5.31 37.12 5.57
N THR C 716 -6.45 37.21 6.25
CA THR C 716 -7.72 37.42 5.57
C THR C 716 -7.78 38.72 4.78
N PRO C 717 -7.32 39.88 5.29
CA PRO C 717 -7.43 41.10 4.47
C PRO C 717 -6.59 41.07 3.20
N VAL C 718 -5.34 40.61 3.28
CA VAL C 718 -4.49 40.63 2.10
C VAL C 718 -4.95 39.58 1.09
N ASN C 719 -5.50 38.46 1.55
CA ASN C 719 -6.02 37.45 0.63
C ASN C 719 -7.15 38.01 -0.21
N LEU C 720 -8.13 38.64 0.44
CA LEU C 720 -9.20 39.30 -0.30
C LEU C 720 -8.66 40.35 -1.25
N ALA C 721 -7.56 41.02 -0.88
CA ALA C 721 -7.02 42.09 -1.70
C ALA C 721 -6.49 41.58 -3.03
N VAL C 722 -5.95 40.36 -3.05
CA VAL C 722 -5.41 39.83 -4.31
C VAL C 722 -6.52 39.60 -5.32
N LEU C 723 -7.71 39.21 -4.86
CA LEU C 723 -8.82 39.01 -5.76
C LEU C 723 -9.31 40.33 -6.34
N LYS C 724 -9.35 41.39 -5.52
CA LYS C 724 -9.80 42.68 -6.03
C LYS C 724 -8.83 43.22 -7.07
N LEU C 725 -7.53 42.98 -6.89
CA LEU C 725 -6.56 43.42 -7.89
C LEU C 725 -6.65 42.59 -9.17
N SER C 726 -6.96 41.29 -9.05
CA SER C 726 -7.04 40.44 -10.23
C SER C 726 -8.30 40.72 -11.03
N GLU C 727 -9.41 41.01 -10.35
CA GLU C 727 -10.67 41.26 -11.04
C GLU C 727 -10.80 42.70 -11.52
N GLN C 728 -10.02 43.63 -10.97
CA GLN C 728 -9.96 44.98 -11.50
C GLN C 728 -8.97 45.13 -12.65
N GLY C 729 -8.32 44.04 -13.05
CA GLY C 729 -7.33 44.07 -14.10
C GLY C 729 -6.00 44.66 -13.72
N VAL C 730 -5.83 45.10 -12.48
CA VAL C 730 -4.57 45.72 -12.07
C VAL C 730 -3.44 44.71 -12.10
N LEU C 731 -3.71 43.45 -11.79
CA LEU C 731 -2.67 42.42 -11.87
C LEU C 731 -2.27 42.17 -13.32
N ASP C 732 -3.25 41.97 -14.21
CA ASP C 732 -2.94 41.80 -15.62
C ASP C 732 -2.27 43.04 -16.19
N LYS C 733 -2.61 44.22 -15.66
CA LYS C 733 -1.97 45.45 -16.10
C LYS C 733 -0.52 45.51 -15.62
N LEU C 734 -0.31 45.29 -14.33
CA LEU C 734 1.05 45.28 -13.79
C LEU C 734 1.89 44.18 -14.41
N LYS C 735 1.29 43.03 -14.71
CA LYS C 735 2.00 41.96 -15.40
C LYS C 735 2.51 42.45 -16.75
N ASN C 736 1.63 43.04 -17.56
CA ASN C 736 2.02 43.51 -18.87
C ASN C 736 2.93 44.73 -18.79
N LYS C 737 2.96 45.43 -17.65
CA LYS C 737 3.76 46.65 -17.55
C LYS C 737 5.25 46.33 -17.53
N TRP C 738 5.65 45.38 -16.69
CA TRP C 738 7.07 45.06 -16.51
C TRP C 738 7.51 43.90 -17.39
N TRP C 739 6.63 43.38 -18.25
CA TRP C 739 6.97 42.31 -19.16
C TRP C 739 7.06 42.80 -20.61
N TYR C 740 5.98 43.34 -21.15
CA TYR C 740 5.95 43.78 -22.54
C TYR C 740 6.18 45.27 -22.72
N ASP C 741 5.61 46.11 -21.84
CA ASP C 741 5.80 47.55 -21.96
C ASP C 741 7.27 47.93 -21.81
N LYS C 742 7.85 47.62 -20.65
CA LYS C 742 9.26 47.90 -20.41
C LYS C 742 10.19 46.85 -21.00
N GLY C 743 9.68 45.99 -21.89
CA GLY C 743 10.51 45.01 -22.54
C GLY C 743 11.41 45.63 -23.58
N GLU C 744 12.35 44.83 -24.08
CA GLU C 744 13.33 45.27 -25.06
C GLU C 744 13.09 44.69 -26.45
N CYS C 745 12.27 43.66 -26.58
CA CYS C 745 12.04 43.00 -27.86
C CYS C 745 10.62 43.29 -28.33
N GLY C 746 10.37 44.55 -28.67
CA GLY C 746 9.08 44.92 -29.22
C GLY C 746 8.83 44.38 -30.60
N ALA C 747 9.89 43.98 -31.32
CA ALA C 747 9.78 43.43 -32.66
C ALA C 747 9.90 41.92 -32.71
N LYS C 748 10.21 41.27 -31.58
CA LYS C 748 10.34 39.82 -31.52
C LYS C 748 9.14 39.13 -30.89
N ASP C 749 8.13 39.90 -30.46
CA ASP C 749 6.90 39.35 -29.88
C ASP C 749 5.71 39.43 -30.81
N SER C 750 5.60 40.48 -31.62
CA SER C 750 4.51 40.61 -32.58
C SER C 750 4.85 40.02 -33.94
N GLY C 751 6.10 39.60 -34.16
CA GLY C 751 6.49 39.00 -35.42
C GLY C 751 6.78 37.52 -35.32
N SER C 752 6.76 36.99 -34.10
CA SER C 752 7.00 35.58 -33.85
C SER C 752 5.71 34.76 -33.88
N LYS C 753 4.60 35.35 -34.31
CA LYS C 753 3.33 34.62 -34.37
C LYS C 753 3.14 33.92 -35.70
N GLU C 754 3.41 34.63 -36.80
CA GLU C 754 3.25 34.09 -38.15
C GLU C 754 4.59 34.05 -38.86
N LYS C 755 4.83 32.98 -39.61
CA LYS C 755 6.07 32.82 -40.36
C LYS C 755 5.77 32.69 -41.85
N THR C 756 6.66 32.02 -42.58
CA THR C 756 6.50 31.81 -44.02
C THR C 756 6.88 30.39 -44.37
N SER C 757 5.97 29.68 -45.05
CA SER C 757 6.21 28.29 -45.44
C SER C 757 5.53 28.04 -46.79
N ALA C 758 6.23 28.38 -47.86
CA ALA C 758 5.73 28.16 -49.22
C ALA C 758 7.01 28.18 -50.04
N LEU C 759 6.89 28.29 -51.36
CA LEU C 759 8.04 28.40 -52.25
C LEU C 759 8.96 29.59 -52.14
N SER C 760 10.26 29.33 -52.05
CA SER C 760 11.26 30.38 -51.85
C SER C 760 11.72 30.89 -53.22
N LEU C 761 11.53 32.19 -53.45
CA LEU C 761 11.99 32.79 -54.71
C LEU C 761 13.50 32.76 -54.83
N SER C 762 14.21 32.88 -53.70
CA SER C 762 15.67 32.94 -53.72
C SER C 762 16.28 31.68 -54.31
N ASN C 763 15.63 30.52 -54.11
CA ASN C 763 16.11 29.30 -54.75
C ASN C 763 15.94 29.38 -56.26
N VAL C 764 14.86 29.99 -56.72
CA VAL C 764 14.60 30.14 -58.15
C VAL C 764 15.51 31.16 -58.81
N ALA C 765 16.20 31.99 -58.01
CA ALA C 765 17.07 33.02 -58.57
C ALA C 765 18.24 32.43 -59.34
N GLY C 766 18.61 31.17 -59.09
CA GLY C 766 19.68 30.56 -59.84
C GLY C 766 19.32 30.31 -61.29
N VAL C 767 18.06 29.96 -61.55
CA VAL C 767 17.62 29.73 -62.92
C VAL C 767 17.45 31.05 -63.67
N PHE C 768 17.15 32.13 -62.95
CA PHE C 768 17.08 33.43 -63.59
C PHE C 768 18.47 34.01 -63.84
N TYR C 769 19.44 33.68 -62.99
CA TYR C 769 20.82 34.13 -63.23
C TYR C 769 21.42 33.45 -64.46
N ILE C 770 20.97 32.24 -64.78
CA ILE C 770 21.48 31.55 -65.96
C ILE C 770 20.65 31.86 -67.21
N LEU C 771 19.42 32.35 -67.05
CA LEU C 771 18.65 32.80 -68.21
C LEU C 771 19.16 34.14 -68.71
N VAL C 772 19.29 35.11 -67.81
CA VAL C 772 19.86 36.41 -68.18
C VAL C 772 21.30 36.24 -68.62
N GLY C 773 22.03 35.31 -68.00
CA GLY C 773 23.37 34.98 -68.47
C GLY C 773 23.35 34.23 -69.78
N GLY C 774 22.28 33.50 -70.06
CA GLY C 774 22.12 32.84 -71.34
C GLY C 774 21.70 33.81 -72.42
N LEU C 775 20.81 34.73 -72.07
CA LEU C 775 20.44 35.81 -73.00
C LEU C 775 21.59 36.79 -73.19
N GLY C 776 22.38 37.05 -72.14
CA GLY C 776 23.56 37.85 -72.30
C GLY C 776 24.59 37.19 -73.20
N LEU C 777 24.74 35.87 -73.08
CA LEU C 777 25.55 35.13 -74.04
C LEU C 777 24.89 35.09 -75.41
N ALA C 778 23.55 35.21 -75.45
CA ALA C 778 22.84 35.24 -76.72
C ALA C 778 22.93 36.60 -77.40
N MET C 779 22.89 37.68 -76.61
CA MET C 779 23.00 39.02 -77.19
C MET C 779 24.41 39.32 -77.68
N LEU C 780 25.43 38.70 -77.06
CA LEU C 780 26.80 38.89 -77.54
C LEU C 780 27.02 38.17 -78.86
N VAL C 781 26.49 36.96 -79.00
CA VAL C 781 26.52 36.26 -80.28
C VAL C 781 25.57 36.92 -81.29
N ALA C 782 24.54 37.62 -80.80
CA ALA C 782 23.62 38.30 -81.70
C ALA C 782 24.31 39.45 -82.43
N LEU C 783 25.20 40.18 -81.74
CA LEU C 783 25.86 41.32 -82.36
C LEU C 783 27.00 40.91 -83.29
N ILE C 784 27.61 39.75 -83.05
CA ILE C 784 28.71 39.29 -83.91
C ILE C 784 28.21 38.58 -85.16
N GLU C 785 26.89 38.40 -85.31
CA GLU C 785 26.32 37.80 -86.51
C GLU C 785 25.77 38.82 -87.48
N PHE C 786 25.34 39.99 -86.99
CA PHE C 786 24.87 41.06 -87.87
C PHE C 786 26.01 41.78 -88.57
N CYS C 787 27.24 41.61 -88.11
CA CYS C 787 28.40 42.24 -88.74
C CYS C 787 28.94 41.41 -89.90
N TYR C 788 28.95 40.09 -89.76
CA TYR C 788 29.47 39.23 -90.83
C TYR C 788 28.50 39.13 -91.98
N LYS C 789 27.20 39.22 -91.71
CA LYS C 789 26.18 39.13 -92.76
C LYS C 789 25.12 40.20 -92.58
N ASN D 1 34.01 -1.23 75.36
CA ASN D 1 33.84 0.06 74.70
C ASN D 1 32.44 0.20 74.13
N SER D 2 31.70 1.19 74.60
CA SER D 2 30.34 1.47 74.13
C SER D 2 30.36 2.79 73.36
N ILE D 3 30.12 2.71 72.06
CA ILE D 3 30.13 3.87 71.18
C ILE D 3 28.68 4.30 70.97
N GLN D 4 28.28 5.37 71.63
CA GLN D 4 26.91 5.87 71.55
C GLN D 4 26.65 6.46 70.17
N ILE D 5 25.68 5.88 69.44
CA ILE D 5 25.29 6.39 68.14
C ILE D 5 23.77 6.55 68.12
N GLY D 6 23.31 7.52 67.34
CA GLY D 6 21.90 7.77 67.19
C GLY D 6 21.31 6.99 66.03
N GLY D 7 20.05 6.58 66.21
CA GLY D 7 19.36 5.82 65.18
C GLY D 7 17.97 6.36 64.87
N LEU D 8 17.77 6.78 63.63
CA LEU D 8 16.50 7.33 63.19
C LEU D 8 15.90 6.39 62.15
N PHE D 9 14.83 5.70 62.52
CA PHE D 9 14.21 4.78 61.57
C PHE D 9 12.77 5.18 61.32
N PRO D 10 12.31 5.14 60.06
CA PRO D 10 10.92 5.46 59.77
C PRO D 10 9.97 4.47 60.43
N ARG D 11 8.73 4.95 60.68
CA ARG D 11 7.74 4.10 61.33
C ARG D 11 7.39 2.88 60.49
N GLY D 12 7.57 2.96 59.17
CA GLY D 12 7.25 1.84 58.30
C GLY D 12 8.44 0.95 58.02
N ALA D 13 9.64 1.53 58.02
CA ALA D 13 10.84 0.79 57.64
C ALA D 13 11.11 -0.38 58.56
N ASP D 14 10.61 -1.56 58.20
CA ASP D 14 10.80 -2.75 59.03
C ASP D 14 12.01 -3.57 58.59
N GLN D 15 12.12 -3.87 57.29
CA GLN D 15 13.27 -4.61 56.81
C GLN D 15 14.54 -3.77 56.90
N GLU D 16 14.43 -2.46 56.72
CA GLU D 16 15.60 -1.60 56.82
C GLU D 16 16.18 -1.62 58.23
N TYR D 17 15.34 -1.79 59.25
CA TYR D 17 15.85 -1.92 60.61
C TYR D 17 16.44 -3.30 60.87
N SER D 18 15.94 -4.33 60.19
CA SER D 18 16.44 -5.68 60.41
C SER D 18 17.88 -5.82 59.95
N ALA D 19 18.23 -5.22 58.81
CA ALA D 19 19.61 -5.27 58.34
C ALA D 19 20.53 -4.45 59.23
N PHE D 20 20.00 -3.39 59.87
CA PHE D 20 20.81 -2.60 60.79
C PHE D 20 21.27 -3.41 61.98
N ARG D 21 20.62 -4.54 62.25
CA ARG D 21 20.99 -5.39 63.38
C ARG D 21 21.99 -6.47 63.01
N VAL D 22 21.91 -7.00 61.78
CA VAL D 22 22.81 -8.08 61.40
C VAL D 22 24.25 -7.57 61.28
N GLY D 23 24.44 -6.37 60.74
CA GLY D 23 25.77 -5.79 60.71
C GLY D 23 26.34 -5.57 62.09
N MET D 24 25.47 -5.27 63.07
CA MET D 24 25.92 -5.15 64.44
C MET D 24 26.52 -6.45 64.96
N VAL D 25 26.01 -7.59 64.48
CA VAL D 25 26.52 -8.87 64.95
C VAL D 25 27.71 -9.34 64.13
N GLN D 26 27.70 -9.09 62.82
CA GLN D 26 28.78 -9.56 61.97
C GLN D 26 30.05 -8.74 62.15
N PHE D 27 29.91 -7.46 62.49
CA PHE D 27 31.06 -6.57 62.62
C PHE D 27 31.35 -6.19 64.07
N SER D 28 30.80 -6.95 65.02
CA SER D 28 31.12 -6.74 66.43
C SER D 28 32.47 -7.36 66.75
N THR D 29 33.20 -6.71 67.65
CA THR D 29 34.54 -7.16 68.01
C THR D 29 34.76 -6.96 69.49
N SER D 30 35.72 -7.72 70.04
CA SER D 30 36.11 -7.57 71.43
C SER D 30 36.82 -6.25 71.69
N GLU D 31 37.17 -5.51 70.64
CA GLU D 31 37.73 -4.18 70.82
C GLU D 31 36.66 -3.18 71.26
N PHE D 32 35.50 -3.21 70.60
CA PHE D 32 34.46 -2.23 70.87
C PHE D 32 33.12 -2.75 70.37
N ARG D 33 32.06 -2.21 70.96
CA ARG D 33 30.70 -2.45 70.52
C ARG D 33 30.02 -1.11 70.29
N LEU D 34 29.04 -1.10 69.39
CA LEU D 34 28.23 0.08 69.14
C LEU D 34 26.90 -0.07 69.88
N THR D 35 26.48 1.01 70.53
CA THR D 35 25.22 1.03 71.28
C THR D 35 24.21 1.88 70.55
N PRO D 36 23.33 1.29 69.72
CA PRO D 36 22.39 2.10 68.93
C PRO D 36 21.28 2.65 69.82
N HIS D 37 21.13 3.97 69.81
CA HIS D 37 19.99 4.65 70.45
C HIS D 37 18.99 4.92 69.34
N ILE D 38 17.91 4.14 69.32
CA ILE D 38 16.98 4.09 68.19
C ILE D 38 15.74 4.92 68.51
N ASP D 39 15.35 5.78 67.59
CA ASP D 39 14.12 6.57 67.68
C ASP D 39 13.21 6.18 66.51
N ASN D 40 12.02 5.66 66.83
CA ASN D 40 11.04 5.31 65.82
C ASN D 40 10.14 6.52 65.61
N LEU D 41 10.44 7.30 64.58
CA LEU D 41 9.70 8.51 64.25
C LEU D 41 9.16 8.52 62.83
N GLU D 42 8.34 9.53 62.54
CA GLU D 42 7.75 9.70 61.23
C GLU D 42 8.75 10.57 60.46
N VAL D 43 9.36 10.00 59.43
CA VAL D 43 10.42 10.71 58.71
C VAL D 43 9.88 11.93 57.98
N ALA D 44 8.58 11.98 57.69
CA ALA D 44 8.03 13.10 56.94
C ALA D 44 7.84 14.34 57.80
N ASN D 45 7.61 14.17 59.10
CA ASN D 45 7.42 15.31 59.99
C ASN D 45 8.77 15.91 60.34
N SER D 46 8.94 17.20 60.04
CA SER D 46 10.21 17.88 60.34
C SER D 46 10.36 18.20 61.82
N PHE D 47 9.25 18.28 62.56
CA PHE D 47 9.35 18.52 63.99
C PHE D 47 9.83 17.28 64.74
N ALA D 48 9.35 16.10 64.33
CA ALA D 48 9.76 14.87 65.00
C ALA D 48 11.23 14.57 64.75
N VAL D 49 11.71 14.79 63.52
CA VAL D 49 13.13 14.61 63.24
C VAL D 49 13.95 15.57 64.07
N THR D 50 13.51 16.82 64.18
CA THR D 50 14.20 17.80 65.01
C THR D 50 14.50 17.47 66.46
N ASN D 51 13.49 17.02 67.21
CA ASN D 51 13.76 16.59 68.60
C ASN D 51 14.35 15.15 68.83
N ALA D 52 14.18 14.35 67.78
CA ALA D 52 14.80 13.03 67.76
C ALA D 52 16.28 13.36 67.61
N PHE D 53 16.59 14.32 66.74
CA PHE D 53 17.99 14.72 66.58
C PHE D 53 18.51 15.45 67.81
N CYS D 54 17.71 16.37 68.36
CA CYS D 54 18.07 17.05 69.59
C CYS D 54 18.11 16.12 70.79
N SER D 55 17.37 15.01 70.73
CA SER D 55 17.49 13.99 71.77
C SER D 55 18.87 13.34 71.73
N GLN D 56 19.30 12.91 70.54
CA GLN D 56 20.57 12.22 70.41
C GLN D 56 21.74 13.14 70.71
N PHE D 57 21.63 14.42 70.33
CA PHE D 57 22.72 15.36 70.57
C PHE D 57 22.95 15.57 72.06
N SER D 58 21.87 15.74 72.83
CA SER D 58 22.01 15.91 74.27
C SER D 58 22.48 14.62 74.94
N ARG D 59 22.09 13.47 74.39
CA ARG D 59 22.51 12.17 74.92
C ARG D 59 23.94 11.81 74.54
N GLY D 60 24.65 12.68 73.83
CA GLY D 60 26.04 12.45 73.50
C GLY D 60 26.27 11.32 72.52
N VAL D 61 25.87 11.53 71.27
CA VAL D 61 26.10 10.55 70.21
C VAL D 61 27.28 11.02 69.37
N TYR D 62 28.05 10.06 68.86
CA TYR D 62 29.18 10.39 67.99
C TYR D 62 28.79 10.42 66.52
N ALA D 63 27.80 9.62 66.13
CA ALA D 63 27.30 9.58 64.77
C ALA D 63 25.84 9.14 64.79
N ILE D 64 25.08 9.56 63.78
CA ILE D 64 23.67 9.24 63.67
C ILE D 64 23.41 8.58 62.33
N PHE D 65 22.79 7.41 62.35
CA PHE D 65 22.32 6.75 61.14
C PHE D 65 20.80 6.88 61.05
N GLY D 66 20.32 7.20 59.86
CA GLY D 66 18.88 7.38 59.72
C GLY D 66 18.45 7.49 58.28
N PHE D 67 17.21 7.94 58.10
CA PHE D 67 16.61 8.18 56.81
C PHE D 67 16.01 9.58 56.79
N TYR D 68 15.99 10.20 55.62
CA TYR D 68 15.31 11.47 55.44
C TYR D 68 14.40 11.41 54.24
N ASP D 69 13.34 12.21 54.29
CA ASP D 69 12.43 12.42 53.17
C ASP D 69 12.71 13.78 52.54
N LYS D 70 12.19 13.97 51.33
CA LYS D 70 12.35 15.25 50.66
C LYS D 70 11.86 16.42 51.51
N LYS D 71 10.98 16.16 52.47
CA LYS D 71 10.51 17.21 53.37
C LYS D 71 11.53 17.48 54.47
N SER D 72 11.95 16.44 55.18
CA SER D 72 12.81 16.61 56.36
C SER D 72 14.30 16.58 56.02
N VAL D 73 14.67 16.45 54.74
CA VAL D 73 16.08 16.38 54.40
C VAL D 73 16.78 17.70 54.75
N ASN D 74 16.06 18.82 54.68
CA ASN D 74 16.65 20.09 55.09
C ASN D 74 16.91 20.13 56.59
N THR D 75 16.06 19.46 57.37
CA THR D 75 16.27 19.43 58.82
C THR D 75 17.54 18.66 59.17
N ILE D 76 17.80 17.56 58.47
CA ILE D 76 19.01 16.78 58.76
C ILE D 76 20.25 17.52 58.27
N THR D 77 20.21 18.01 57.02
CA THR D 77 21.40 18.64 56.46
C THR D 77 21.78 19.92 57.18
N SER D 78 20.80 20.64 57.73
CA SER D 78 21.11 21.89 58.41
C SER D 78 21.59 21.65 59.84
N PHE D 79 20.97 20.71 60.55
CA PHE D 79 21.38 20.43 61.92
C PHE D 79 22.75 19.73 61.96
N CYS D 80 22.98 18.80 61.03
CA CYS D 80 24.26 18.09 60.99
C CYS D 80 25.40 18.98 60.52
N GLY D 81 25.12 20.17 60.02
CA GLY D 81 26.16 21.07 59.56
C GLY D 81 26.65 22.02 60.62
N THR D 82 25.78 22.39 61.55
CA THR D 82 26.16 23.28 62.64
C THR D 82 26.71 22.51 63.85
N LEU D 83 25.95 21.51 64.31
CA LEU D 83 26.39 20.72 65.46
C LEU D 83 27.46 19.71 65.10
N HIS D 84 27.92 19.67 63.85
CA HIS D 84 29.01 18.81 63.41
C HIS D 84 28.76 17.34 63.74
N VAL D 85 27.51 16.92 63.71
CA VAL D 85 27.17 15.52 63.93
C VAL D 85 27.16 14.80 62.59
N SER D 86 27.79 13.64 62.54
CA SER D 86 27.86 12.86 61.32
C SER D 86 26.55 12.11 61.09
N PHE D 87 26.11 12.06 59.83
CA PHE D 87 24.85 11.42 59.48
C PHE D 87 25.10 10.41 58.36
N ILE D 88 24.64 9.18 58.58
CA ILE D 88 24.72 8.13 57.58
C ILE D 88 23.31 7.75 57.18
N THR D 89 23.09 7.54 55.88
CA THR D 89 21.77 7.31 55.36
C THR D 89 21.78 6.53 54.05
N PRO D 90 20.80 5.66 53.85
CA PRO D 90 20.62 5.00 52.55
C PRO D 90 19.65 5.73 51.63
N SER D 91 19.07 6.84 52.06
CA SER D 91 18.06 7.53 51.28
C SER D 91 18.68 8.15 50.03
N PHE D 92 17.84 8.87 49.28
CA PHE D 92 18.24 9.36 47.97
C PHE D 92 19.39 10.36 48.09
N PRO D 93 20.26 10.43 47.08
CA PRO D 93 21.35 11.43 47.11
C PRO D 93 20.78 12.84 47.14
N THR D 94 21.43 13.69 47.93
CA THR D 94 21.02 15.08 48.04
C THR D 94 21.33 16.05 46.91
N ASP D 95 20.70 17.23 46.98
CA ASP D 95 20.97 18.29 46.00
C ASP D 95 22.14 19.28 46.19
N GLY D 96 23.32 18.80 45.81
CA GLY D 96 24.55 19.56 45.96
C GLY D 96 25.60 18.88 46.81
N THR D 97 26.36 19.70 47.54
CA THR D 97 27.47 19.24 48.38
C THR D 97 27.17 19.62 49.82
N HIS D 98 26.86 18.63 50.65
CA HIS D 98 26.51 18.86 52.04
C HIS D 98 27.51 18.18 52.97
N PRO D 99 27.91 18.85 54.05
CA PRO D 99 28.87 18.27 54.97
C PRO D 99 28.22 17.39 56.04
N PHE D 100 29.02 16.47 56.57
CA PHE D 100 28.61 15.59 57.66
C PHE D 100 27.39 14.74 57.26
N VAL D 101 27.38 14.27 56.02
CA VAL D 101 26.33 13.39 55.52
C VAL D 101 26.96 12.31 54.66
N ILE D 102 26.74 11.05 55.03
CA ILE D 102 27.27 9.90 54.31
C ILE D 102 26.11 9.25 53.57
N GLN D 103 26.03 9.48 52.27
CA GLN D 103 24.92 9.02 51.45
C GLN D 103 25.26 7.65 50.86
N MET D 104 24.66 6.59 51.43
CA MET D 104 24.98 5.25 50.99
C MET D 104 24.46 4.97 49.58
N ARG D 105 23.38 5.62 49.19
CA ARG D 105 22.79 5.38 47.88
C ARG D 105 23.64 6.03 46.79
N PRO D 106 24.15 5.27 45.83
CA PRO D 106 24.90 5.88 44.73
C PRO D 106 24.00 6.73 43.83
N ASP D 107 24.65 7.60 43.06
CA ASP D 107 23.91 8.51 42.19
C ASP D 107 23.40 7.74 40.97
N LEU D 108 22.08 7.68 40.81
CA LEU D 108 21.48 6.96 39.71
C LEU D 108 21.32 7.81 38.45
N LYS D 109 21.34 9.13 38.58
CA LYS D 109 21.13 10.01 37.43
C LYS D 109 22.01 9.63 36.25
N GLY D 110 23.32 9.55 36.49
CA GLY D 110 24.23 9.19 35.42
C GLY D 110 23.95 7.81 34.83
N ALA D 111 23.53 6.88 35.69
CA ALA D 111 23.25 5.52 35.20
C ALA D 111 21.99 5.49 34.34
N LEU D 112 21.03 6.37 34.61
CA LEU D 112 19.80 6.40 33.84
C LEU D 112 20.03 7.02 32.46
N LEU D 113 20.75 8.14 32.41
CA LEU D 113 20.98 8.81 31.14
C LEU D 113 21.82 7.97 30.18
N SER D 114 22.55 6.98 30.67
CA SER D 114 23.29 6.10 29.78
C SER D 114 22.41 5.02 29.18
N LEU D 115 21.43 4.53 29.95
CA LEU D 115 20.55 3.48 29.45
C LEU D 115 19.66 3.99 28.33
N ILE D 116 19.17 5.23 28.45
CA ILE D 116 18.41 5.83 27.37
C ILE D 116 19.25 5.97 26.12
N GLU D 117 20.56 6.21 26.29
CA GLU D 117 21.45 6.34 25.14
C GLU D 117 21.75 5.00 24.50
N TYR D 118 21.71 3.92 25.29
CA TYR D 118 21.96 2.59 24.73
C TYR D 118 20.79 2.13 23.86
N TYR D 119 19.58 2.22 24.39
CA TYR D 119 18.39 1.86 23.63
C TYR D 119 18.11 2.81 22.46
N GLN D 120 18.85 3.91 22.37
CA GLN D 120 18.66 4.92 21.33
C GLN D 120 17.20 5.39 21.31
N TRP D 121 16.75 5.89 22.46
CA TRP D 121 15.42 6.44 22.59
C TRP D 121 15.40 7.90 22.18
N ASP D 122 14.22 8.35 21.72
CA ASP D 122 14.02 9.74 21.34
C ASP D 122 12.69 10.30 21.79
N LYS D 123 11.74 9.48 22.22
CA LYS D 123 10.43 9.96 22.67
C LYS D 123 9.87 8.93 23.64
N PHE D 124 9.85 9.27 24.93
CA PHE D 124 9.37 8.36 25.96
C PHE D 124 8.60 9.13 27.02
N ALA D 125 8.01 8.38 27.94
CA ALA D 125 7.23 8.93 29.04
C ALA D 125 7.99 8.74 30.36
N TYR D 126 8.05 9.80 31.15
CA TYR D 126 8.77 9.81 32.42
C TYR D 126 7.75 9.98 33.54
N LEU D 127 7.33 8.86 34.12
CA LEU D 127 6.41 8.88 35.26
C LEU D 127 7.23 8.93 36.53
N TYR D 128 7.22 10.07 37.21
CA TYR D 128 8.07 10.33 38.37
C TYR D 128 7.23 10.60 39.61
N ASP D 129 7.83 10.35 40.77
CA ASP D 129 7.27 10.70 42.06
C ASP D 129 8.16 11.71 42.75
N SER D 130 7.55 12.62 43.50
CA SER D 130 8.30 13.63 44.25
C SER D 130 8.85 13.09 45.56
N ASP D 131 8.76 11.78 45.79
CA ASP D 131 9.23 11.21 47.05
C ASP D 131 10.75 11.24 47.13
N ARG D 132 11.42 10.62 46.17
CA ARG D 132 12.88 10.58 46.13
C ARG D 132 13.49 11.83 45.52
N GLY D 133 12.77 12.97 45.54
CA GLY D 133 13.26 14.19 44.95
C GLY D 133 13.16 13.98 43.45
N LEU D 134 13.46 15.05 42.71
CA LEU D 134 13.45 15.05 41.27
C LEU D 134 14.83 15.53 40.70
N SER D 135 15.87 15.03 41.37
CA SER D 135 17.23 15.36 40.97
C SER D 135 17.42 14.49 39.73
N THR D 136 16.92 13.25 39.77
CA THR D 136 16.97 12.41 38.57
C THR D 136 16.08 12.97 37.47
N LEU D 137 14.99 13.65 37.83
CA LEU D 137 14.16 14.31 36.83
C LEU D 137 14.87 15.51 36.22
N GLN D 138 15.54 16.31 37.06
CA GLN D 138 16.36 17.39 36.52
C GLN D 138 17.54 16.86 35.72
N ALA D 139 17.93 15.60 35.93
CA ALA D 139 19.02 15.02 35.16
C ALA D 139 18.60 14.71 33.73
N VAL D 140 17.33 14.38 33.51
CA VAL D 140 16.85 14.14 32.16
C VAL D 140 16.29 15.39 31.52
N LEU D 141 15.93 16.40 32.31
CA LEU D 141 15.41 17.65 31.74
C LEU D 141 16.54 18.55 31.25
N ASP D 142 17.58 18.75 32.07
CA ASP D 142 18.73 19.52 31.61
C ASP D 142 19.41 18.83 30.44
N SER D 143 19.45 17.49 30.46
CA SER D 143 20.02 16.72 29.37
C SER D 143 19.08 16.57 28.18
N ALA D 144 17.83 17.04 28.30
CA ALA D 144 16.91 16.97 27.17
C ALA D 144 17.26 18.00 26.11
N ALA D 145 17.77 19.16 26.51
CA ALA D 145 18.16 20.18 25.54
C ALA D 145 19.45 19.80 24.82
N GLU D 146 20.33 19.05 25.47
CA GLU D 146 21.62 18.74 24.87
C GLU D 146 21.48 17.71 23.76
N LYS D 147 20.81 16.59 24.03
CA LYS D 147 20.60 15.56 23.03
C LYS D 147 19.29 15.71 22.28
N LYS D 148 18.50 16.75 22.59
CA LYS D 148 17.24 17.04 21.90
C LYS D 148 16.30 15.85 21.89
N TRP D 149 15.66 15.59 23.03
CA TRP D 149 14.68 14.52 23.18
C TRP D 149 13.28 15.10 23.14
N GLN D 150 12.28 14.26 23.44
CA GLN D 150 10.91 14.71 23.63
C GLN D 150 10.31 13.81 24.72
N VAL D 151 10.23 14.34 25.93
CA VAL D 151 9.81 13.58 27.10
C VAL D 151 8.52 14.16 27.64
N THR D 152 7.54 13.28 27.89
CA THR D 152 6.27 13.68 28.49
C THR D 152 6.30 13.26 29.95
N ALA D 153 6.65 14.21 30.83
CA ALA D 153 6.76 13.95 32.25
C ALA D 153 5.41 14.17 32.93
N ILE D 154 4.95 13.16 33.67
CA ILE D 154 3.69 13.23 34.40
C ILE D 154 3.99 13.01 35.88
N ASN D 155 3.49 13.92 36.71
CA ASN D 155 3.65 13.79 38.16
C ASN D 155 2.68 12.73 38.65
N VAL D 156 3.17 11.49 38.74
CA VAL D 156 2.35 10.38 39.23
C VAL D 156 2.23 10.40 40.75
N GLY D 157 2.89 11.32 41.43
CA GLY D 157 2.84 11.34 42.89
C GLY D 157 1.46 11.66 43.43
N ASN D 158 0.85 12.72 42.91
CA ASN D 158 -0.48 13.11 43.36
C ASN D 158 -1.54 12.15 42.83
N ILE D 159 -1.81 11.08 43.57
CA ILE D 159 -2.83 10.10 43.21
C ILE D 159 -3.60 9.72 44.46
N ASN D 160 -4.89 10.02 44.48
CA ASN D 160 -5.77 9.59 45.57
C ASN D 160 -6.03 8.09 45.46
N ASN D 161 -5.91 7.40 46.59
CA ASN D 161 -6.05 5.95 46.61
C ASN D 161 -7.46 5.46 46.35
N ASP D 162 -8.47 6.32 46.42
CA ASP D 162 -9.84 5.94 46.08
C ASP D 162 -10.14 6.15 44.60
N LYS D 163 -9.68 7.26 44.03
CA LYS D 163 -9.75 7.50 42.58
C LYS D 163 -8.48 7.06 41.87
N LYS D 164 -7.75 6.10 42.44
CA LYS D 164 -6.51 5.63 41.86
C LYS D 164 -6.76 4.83 40.59
N ASP D 165 -7.68 3.87 40.65
CA ASP D 165 -7.97 3.05 39.48
C ASP D 165 -8.55 3.86 38.33
N GLU D 166 -9.07 5.05 38.59
CA GLU D 166 -9.61 5.89 37.54
C GLU D 166 -8.58 6.85 36.97
N THR D 167 -7.84 7.54 37.85
CA THR D 167 -6.82 8.47 37.39
C THR D 167 -5.65 7.78 36.71
N TYR D 168 -5.42 6.51 37.03
CA TYR D 168 -4.33 5.77 36.40
C TYR D 168 -4.67 5.39 34.96
N ARG D 169 -5.85 4.81 34.75
CA ARG D 169 -6.26 4.45 33.40
C ARG D 169 -6.45 5.69 32.54
N SER D 170 -7.03 6.75 33.12
CA SER D 170 -7.18 8.01 32.40
C SER D 170 -5.83 8.64 32.08
N LEU D 171 -4.80 8.35 32.89
CA LEU D 171 -3.47 8.85 32.57
C LEU D 171 -2.95 8.23 31.28
N PHE D 172 -2.95 6.90 31.20
CA PHE D 172 -2.43 6.24 30.01
C PHE D 172 -3.28 6.47 28.78
N GLN D 173 -4.51 6.97 28.94
CA GLN D 173 -5.29 7.38 27.79
C GLN D 173 -4.80 8.71 27.22
N ASP D 174 -3.99 9.45 27.99
CA ASP D 174 -3.29 10.60 27.43
C ASP D 174 -1.99 10.18 26.75
N LEU D 175 -1.33 9.13 27.26
CA LEU D 175 -0.16 8.61 26.57
C LEU D 175 -0.55 7.86 25.30
N GLU D 176 -1.78 7.34 25.25
CA GLU D 176 -2.26 6.70 24.04
C GLU D 176 -2.53 7.70 22.94
N LEU D 177 -2.61 8.99 23.27
CA LEU D 177 -2.75 10.02 22.24
C LEU D 177 -1.51 10.06 21.35
N LYS D 178 -0.34 9.83 21.92
CA LYS D 178 0.92 9.81 21.18
C LYS D 178 1.31 8.42 20.71
N LYS D 179 0.47 7.41 20.96
CA LYS D 179 0.83 6.01 20.74
C LYS D 179 2.14 5.69 21.47
N GLU D 180 2.17 6.01 22.76
CA GLU D 180 3.39 5.93 23.53
C GLU D 180 3.75 4.48 23.82
N ARG D 181 4.97 4.09 23.45
CA ARG D 181 5.44 2.71 23.63
C ARG D 181 6.69 2.62 24.48
N ARG D 182 7.14 3.73 25.07
CA ARG D 182 8.34 3.74 25.90
C ARG D 182 8.04 4.59 27.14
N VAL D 183 8.01 3.96 28.30
CA VAL D 183 7.65 4.62 29.56
C VAL D 183 8.74 4.37 30.58
N ILE D 184 9.14 5.44 31.29
CA ILE D 184 10.14 5.37 32.34
C ILE D 184 9.46 5.61 33.68
N LEU D 185 9.65 4.69 34.61
CA LEU D 185 9.08 4.79 35.95
C LEU D 185 10.19 5.19 36.91
N ASP D 186 10.20 6.46 37.32
CA ASP D 186 11.11 6.92 38.35
C ASP D 186 10.35 6.97 39.67
N CYS D 187 10.27 5.82 40.33
CA CYS D 187 9.54 5.69 41.57
C CYS D 187 10.29 4.75 42.50
N GLU D 188 9.89 4.73 43.76
CA GLU D 188 10.36 3.72 44.68
C GLU D 188 9.76 2.36 44.28
N ARG D 189 10.29 1.30 44.89
CA ARG D 189 9.87 -0.06 44.54
C ARG D 189 8.39 -0.31 44.82
N ASP D 190 7.72 0.55 45.58
CA ASP D 190 6.31 0.34 45.90
C ASP D 190 5.37 0.89 44.83
N LYS D 191 5.58 2.13 44.40
CA LYS D 191 4.74 2.69 43.33
C LYS D 191 4.92 1.95 42.03
N VAL D 192 6.07 1.31 41.81
CA VAL D 192 6.28 0.50 40.61
C VAL D 192 5.23 -0.61 40.56
N ASN D 193 5.00 -1.28 41.69
CA ASN D 193 4.03 -2.37 41.70
C ASN D 193 2.61 -1.88 41.44
N ASP D 194 2.28 -0.68 41.95
CA ASP D 194 0.95 -0.14 41.70
C ASP D 194 0.76 0.21 40.23
N ILE D 195 1.73 0.93 39.65
CA ILE D 195 1.64 1.28 38.23
C ILE D 195 1.59 0.02 37.38
N VAL D 196 2.51 -0.92 37.63
CA VAL D 196 2.50 -2.19 36.93
C VAL D 196 1.15 -2.86 37.07
N ASP D 197 0.57 -2.84 38.27
CA ASP D 197 -0.76 -3.41 38.48
C ASP D 197 -1.80 -2.73 37.60
N GLN D 198 -1.58 -1.46 37.25
CA GLN D 198 -2.50 -0.75 36.38
C GLN D 198 -2.16 -0.92 34.90
N VAL D 199 -0.87 -1.08 34.59
CA VAL D 199 -0.48 -1.34 33.20
C VAL D 199 -1.09 -2.66 32.72
N ILE D 200 -1.04 -3.69 33.56
CA ILE D 200 -1.59 -4.99 33.18
C ILE D 200 -3.11 -4.92 33.07
N THR D 201 -3.74 -4.18 33.98
CA THR D 201 -5.21 -4.09 33.98
C THR D 201 -5.71 -3.50 32.66
N ILE D 202 -5.09 -2.41 32.19
CA ILE D 202 -5.46 -1.85 30.90
C ILE D 202 -4.69 -2.47 29.76
N GLY D 203 -3.89 -3.50 30.04
CA GLY D 203 -3.21 -4.23 28.99
C GLY D 203 -2.29 -3.38 28.12
N LYS D 204 -1.37 -2.66 28.74
CA LYS D 204 -0.35 -1.91 28.04
C LYS D 204 1.04 -2.46 28.35
N HIS D 205 1.14 -3.80 28.42
CA HIS D 205 2.41 -4.48 28.64
C HIS D 205 2.66 -5.55 27.57
N VAL D 206 1.99 -5.45 26.44
CA VAL D 206 2.12 -6.42 25.36
C VAL D 206 3.29 -6.03 24.47
N LYS D 207 3.53 -6.85 23.44
CA LYS D 207 4.62 -6.57 22.50
C LYS D 207 4.43 -5.20 21.86
N GLY D 208 5.46 -4.36 21.98
CA GLY D 208 5.37 -3.00 21.50
C GLY D 208 5.83 -2.01 22.54
N TYR D 209 5.42 -2.23 23.79
CA TYR D 209 5.81 -1.34 24.87
C TYR D 209 7.21 -1.72 25.34
N HIS D 210 7.76 -0.90 26.24
CA HIS D 210 9.11 -1.08 26.73
C HIS D 210 9.26 -0.17 27.94
N TYR D 211 9.54 -0.75 29.11
CA TYR D 211 9.60 0.00 30.35
C TYR D 211 11.01 -0.03 30.92
N ILE D 212 11.35 1.00 31.69
CA ILE D 212 12.62 1.08 32.41
C ILE D 212 12.32 1.57 33.82
N ILE D 213 12.59 0.74 34.81
CA ILE D 213 12.35 1.08 36.21
C ILE D 213 13.58 1.82 36.71
N ALA D 214 13.40 3.12 37.01
CA ALA D 214 14.51 3.98 37.40
C ALA D 214 14.64 4.02 38.93
N ASN D 215 15.14 2.91 39.46
CA ASN D 215 15.53 2.85 40.87
C ASN D 215 16.56 1.73 41.01
N LEU D 216 17.34 1.81 42.09
CA LEU D 216 18.43 0.86 42.31
C LEU D 216 17.94 -0.53 42.68
N GLY D 217 16.63 -0.77 42.69
CA GLY D 217 16.10 -2.07 43.02
C GLY D 217 15.17 -2.62 41.95
N PHE D 218 15.75 -3.11 40.85
CA PHE D 218 14.93 -3.70 39.80
C PHE D 218 14.18 -4.92 40.32
N THR D 219 14.91 -5.95 40.72
CA THR D 219 14.30 -7.17 41.23
C THR D 219 13.59 -6.98 42.57
N ASP D 220 13.58 -5.76 43.12
CA ASP D 220 12.85 -5.51 44.36
C ASP D 220 11.36 -5.75 44.16
N GLY D 221 10.74 -4.98 43.27
CA GLY D 221 9.33 -5.15 43.01
C GLY D 221 9.02 -6.43 42.28
N ASP D 222 7.76 -6.84 42.37
CA ASP D 222 7.29 -8.04 41.69
C ASP D 222 7.31 -7.80 40.19
N LEU D 223 8.29 -8.39 39.50
CA LEU D 223 8.40 -8.26 38.05
C LEU D 223 7.90 -9.48 37.31
N LEU D 224 7.39 -10.49 38.02
CA LEU D 224 6.91 -11.71 37.39
C LEU D 224 5.53 -11.54 36.75
N LYS D 225 4.84 -10.42 37.00
CA LYS D 225 3.54 -10.20 36.38
C LYS D 225 3.60 -9.37 35.11
N ILE D 226 4.66 -8.59 34.90
CA ILE D 226 4.95 -8.04 33.58
C ILE D 226 6.07 -8.82 32.90
N GLN D 227 6.29 -10.07 33.30
CA GLN D 227 7.31 -10.92 32.72
C GLN D 227 6.86 -11.61 31.44
N PHE D 228 5.54 -11.72 31.21
CA PHE D 228 5.02 -12.53 30.13
C PHE D 228 4.07 -11.76 29.22
N GLY D 229 4.08 -10.43 29.29
CA GLY D 229 3.21 -9.65 28.43
C GLY D 229 3.73 -9.55 27.01
N GLY D 230 4.99 -9.15 26.87
CA GLY D 230 5.60 -8.99 25.55
C GLY D 230 6.48 -7.76 25.51
N ALA D 231 6.23 -6.83 26.41
CA ALA D 231 7.01 -5.59 26.46
C ALA D 231 8.36 -5.83 27.11
N GLU D 232 9.39 -5.22 26.53
CA GLU D 232 10.71 -5.23 27.17
C GLU D 232 10.66 -4.36 28.42
N VAL D 233 11.21 -4.86 29.51
CA VAL D 233 11.31 -4.08 30.75
C VAL D 233 12.77 -4.09 31.20
N SER D 234 13.33 -2.91 31.39
CA SER D 234 14.69 -2.75 31.89
C SER D 234 14.66 -2.12 33.28
N GLY D 235 15.83 -2.03 33.89
CA GLY D 235 15.92 -1.43 35.21
C GLY D 235 17.34 -1.39 35.70
N PHE D 236 17.47 -1.11 37.00
CA PHE D 236 18.77 -1.00 37.63
C PHE D 236 18.80 -1.80 38.92
N GLN D 237 19.91 -2.51 39.14
CA GLN D 237 20.11 -3.34 40.32
C GLN D 237 21.46 -3.01 40.95
N ILE D 238 21.44 -2.67 42.24
CA ILE D 238 22.66 -2.35 42.95
C ILE D 238 23.16 -3.52 43.81
N VAL D 239 22.28 -4.44 44.18
CA VAL D 239 22.63 -5.58 45.02
C VAL D 239 22.87 -6.77 44.09
N ASP D 240 24.13 -7.07 43.79
CA ASP D 240 24.45 -8.19 42.93
C ASP D 240 24.30 -9.49 43.72
N TYR D 241 23.52 -10.42 43.17
CA TYR D 241 23.25 -11.70 43.82
C TYR D 241 24.14 -12.83 43.32
N ASP D 242 25.19 -12.52 42.57
CA ASP D 242 26.17 -13.51 42.14
C ASP D 242 27.51 -13.36 42.83
N ASP D 243 27.67 -12.35 43.68
CA ASP D 243 28.90 -12.19 44.44
C ASP D 243 28.98 -13.22 45.56
N SER D 244 30.20 -13.64 45.87
CA SER D 244 30.40 -14.59 46.97
C SER D 244 30.18 -13.92 48.32
N LEU D 245 30.40 -12.62 48.42
CA LEU D 245 30.14 -11.91 49.67
C LEU D 245 28.64 -11.87 49.96
N VAL D 246 27.82 -11.63 48.93
CA VAL D 246 26.38 -11.59 49.13
C VAL D 246 25.80 -13.00 49.19
N SER D 247 26.41 -13.95 48.47
CA SER D 247 25.96 -15.33 48.54
C SER D 247 26.08 -15.88 49.96
N LYS D 248 27.22 -15.62 50.61
CA LYS D 248 27.35 -15.96 52.03
C LYS D 248 26.36 -15.17 52.86
N PHE D 249 26.04 -13.93 52.44
CA PHE D 249 25.03 -13.16 53.16
C PHE D 249 23.65 -13.79 53.02
N ILE D 250 23.31 -14.24 51.82
CA ILE D 250 21.98 -14.82 51.60
C ILE D 250 21.87 -16.18 52.29
N GLU D 251 22.95 -16.94 52.33
CA GLU D 251 22.93 -18.25 52.99
C GLU D 251 22.57 -18.11 54.47
N ARG D 252 23.07 -17.05 55.11
CA ARG D 252 22.74 -16.74 56.49
C ARG D 252 21.44 -15.98 56.65
N TRP D 253 21.06 -15.20 55.64
CA TRP D 253 19.85 -14.40 55.74
C TRP D 253 18.61 -15.26 55.57
N SER D 254 18.61 -16.12 54.55
CA SER D 254 17.43 -16.90 54.20
C SER D 254 17.08 -17.95 55.26
N THR D 255 17.98 -18.22 56.21
CA THR D 255 17.74 -19.23 57.23
C THR D 255 17.18 -18.66 58.52
N LEU D 256 17.09 -17.33 58.65
CA LEU D 256 16.59 -16.74 59.87
C LEU D 256 15.08 -16.98 60.00
N GLU D 257 14.54 -16.65 61.18
CA GLU D 257 13.13 -16.81 61.45
C GLU D 257 12.39 -15.50 61.17
N GLU D 258 11.17 -15.62 60.63
CA GLU D 258 10.39 -14.45 60.24
C GLU D 258 9.68 -13.80 61.42
N LYS D 259 9.82 -14.34 62.63
CA LYS D 259 9.19 -13.71 63.80
C LYS D 259 10.05 -12.58 64.34
N GLU D 260 11.31 -12.88 64.67
CA GLU D 260 12.19 -11.88 65.25
C GLU D 260 12.68 -10.88 64.22
N TYR D 261 13.03 -11.34 63.03
CA TYR D 261 13.48 -10.46 61.95
C TYR D 261 12.41 -10.38 60.87
N PRO D 262 11.61 -9.32 60.83
CA PRO D 262 10.50 -9.25 59.89
C PRO D 262 10.99 -9.16 58.44
N GLY D 263 10.35 -9.92 57.57
CA GLY D 263 10.71 -9.91 56.16
C GLY D 263 12.12 -10.38 55.88
N ALA D 264 12.63 -11.31 56.69
CA ALA D 264 13.98 -11.82 56.51
C ALA D 264 14.12 -13.26 56.01
N HIS D 265 13.06 -14.05 56.08
CA HIS D 265 13.12 -15.43 55.61
C HIS D 265 12.90 -15.49 54.09
N THR D 266 13.68 -14.72 53.35
CA THR D 266 13.56 -14.62 51.90
C THR D 266 14.99 -14.68 51.37
N ALA D 267 15.11 -14.94 50.07
CA ALA D 267 16.41 -15.02 49.39
C ALA D 267 16.75 -13.74 48.65
N THR D 268 16.09 -12.63 48.98
CA THR D 268 16.33 -11.34 48.37
C THR D 268 16.45 -10.27 49.44
N ILE D 269 16.89 -9.08 49.03
CA ILE D 269 17.06 -7.96 49.95
C ILE D 269 16.92 -6.67 49.17
N LYS D 270 16.22 -5.70 49.75
CA LYS D 270 15.97 -4.43 49.07
C LYS D 270 17.23 -3.58 49.05
N TYR D 271 17.33 -2.71 48.03
CA TYR D 271 18.52 -1.88 47.89
C TYR D 271 18.64 -0.89 49.04
N THR D 272 17.51 -0.42 49.56
CA THR D 272 17.55 0.48 50.71
C THR D 272 18.09 -0.23 51.95
N SER D 273 17.66 -1.47 52.18
CA SER D 273 18.16 -2.19 53.35
C SER D 273 19.58 -2.70 53.14
N ALA D 274 19.95 -3.00 51.89
CA ALA D 274 21.31 -3.45 51.62
C ALA D 274 22.33 -2.35 51.89
N LEU D 275 21.93 -1.09 51.69
CA LEU D 275 22.81 0.01 52.06
C LEU D 275 22.87 0.20 53.56
N THR D 276 21.79 -0.14 54.27
CA THR D 276 21.80 -0.04 55.73
C THR D 276 22.81 -1.00 56.34
N TYR D 277 22.86 -2.24 55.84
CA TYR D 277 23.88 -3.18 56.30
C TYR D 277 25.28 -2.67 55.98
N ASP D 278 25.48 -2.16 54.76
CA ASP D 278 26.77 -1.58 54.40
C ASP D 278 27.05 -0.30 55.16
N ALA D 279 26.01 0.39 55.65
CA ALA D 279 26.24 1.57 56.48
C ALA D 279 26.82 1.20 57.83
N VAL D 280 26.42 0.04 58.38
CA VAL D 280 26.94 -0.37 59.67
C VAL D 280 28.42 -0.73 59.56
N GLN D 281 28.79 -1.46 58.50
CA GLN D 281 30.20 -1.81 58.31
C GLN D 281 31.07 -0.58 58.20
N VAL D 282 30.60 0.45 57.49
CA VAL D 282 31.35 1.69 57.39
C VAL D 282 31.49 2.35 58.75
N MET D 283 30.41 2.36 59.53
CA MET D 283 30.46 2.98 60.86
C MET D 283 31.40 2.23 61.79
N THR D 284 31.35 0.89 61.76
CA THR D 284 32.30 0.11 62.55
C THR D 284 33.72 0.33 62.07
N GLU D 285 33.93 0.29 60.76
CA GLU D 285 35.26 0.55 60.18
C GLU D 285 35.66 2.01 60.22
N ALA D 286 34.79 2.91 60.69
CA ALA D 286 35.20 4.30 60.88
C ALA D 286 35.71 4.52 62.30
N PHE D 287 34.98 4.03 63.30
CA PHE D 287 35.47 4.10 64.67
C PHE D 287 36.59 3.10 64.94
N ARG D 288 36.74 2.08 64.10
CA ARG D 288 37.90 1.20 64.19
C ARG D 288 39.14 1.89 63.64
N ASN D 289 39.00 2.71 62.60
CA ASN D 289 40.10 3.52 62.10
C ASN D 289 40.36 4.74 62.97
N LEU D 290 39.39 5.14 63.80
CA LEU D 290 39.65 6.19 64.79
C LEU D 290 40.43 5.67 65.98
N ARG D 291 40.32 4.37 66.28
CA ARG D 291 41.16 3.76 67.31
C ARG D 291 42.58 3.57 66.81
N LYS D 292 42.75 3.18 65.55
CA LYS D 292 44.09 2.94 65.02
C LYS D 292 44.84 4.23 64.79
N GLN D 293 44.15 5.33 64.52
CA GLN D 293 44.78 6.61 64.29
C GLN D 293 44.95 7.43 65.56
N ARG D 294 44.51 6.91 66.71
CA ARG D 294 44.63 7.60 67.99
C ARG D 294 43.94 8.96 67.96
N ILE D 295 42.62 8.97 68.00
CA ILE D 295 41.83 10.20 68.04
C ILE D 295 40.79 10.04 69.14
N GLU D 296 40.89 10.86 70.18
CA GLU D 296 39.97 10.76 71.31
C GLU D 296 38.63 11.38 70.90
N ILE D 297 37.60 10.54 70.77
CA ILE D 297 36.27 11.00 70.41
C ILE D 297 35.33 11.03 71.61
N SER D 298 35.80 10.66 72.79
CA SER D 298 34.97 10.72 73.99
C SER D 298 34.56 12.16 74.25
N ARG D 299 33.25 12.38 74.29
CA ARG D 299 32.71 13.73 74.43
C ARG D 299 33.21 14.38 75.72
N ARG D 300 33.35 15.71 75.69
CA ARG D 300 33.71 16.44 76.89
C ARG D 300 32.68 16.24 77.99
N GLY D 301 31.41 16.08 77.61
CA GLY D 301 30.34 15.82 78.55
C GLY D 301 28.98 15.89 77.89
N ASN D 302 28.01 16.51 78.56
CA ASN D 302 26.72 16.77 77.94
C ASN D 302 26.90 17.84 76.87
N ALA D 303 26.50 17.52 75.63
CA ALA D 303 26.51 18.52 74.59
C ALA D 303 25.52 19.64 74.85
N GLY D 304 24.63 19.48 75.82
CA GLY D 304 23.65 20.50 76.12
C GLY D 304 22.45 20.41 75.20
N ASP D 305 21.81 21.56 74.99
CA ASP D 305 20.66 21.64 74.10
C ASP D 305 21.14 21.95 72.68
N CYS D 306 20.51 21.28 71.70
CA CYS D 306 20.82 21.54 70.30
C CYS D 306 20.63 23.01 69.96
N LEU D 307 19.62 23.64 70.56
CA LEU D 307 19.33 25.06 70.37
C LEU D 307 20.30 25.95 71.13
N ALA D 308 21.49 25.46 71.45
CA ALA D 308 22.48 26.29 72.13
C ALA D 308 22.79 27.53 71.31
N ASN D 309 22.96 28.65 71.99
CA ASN D 309 23.23 29.92 71.30
C ASN D 309 24.29 30.73 72.04
N PRO D 310 25.46 30.94 71.40
CA PRO D 310 25.81 30.40 70.09
C PRO D 310 26.09 28.90 70.14
N ALA D 311 25.64 28.17 69.11
CA ALA D 311 25.79 26.73 69.10
C ALA D 311 27.26 26.34 69.18
N VAL D 312 27.57 25.40 70.07
CA VAL D 312 28.93 24.93 70.28
C VAL D 312 29.11 23.67 69.44
N PRO D 313 29.86 23.71 68.34
CA PRO D 313 30.19 22.49 67.59
C PRO D 313 31.36 21.87 68.32
N TRP D 314 31.08 20.80 69.07
CA TRP D 314 32.16 20.15 69.81
C TRP D 314 33.21 19.64 68.83
N GLY D 315 34.49 19.79 69.19
CA GLY D 315 35.54 19.61 68.22
C GLY D 315 35.77 18.22 67.64
N GLN D 316 35.60 17.18 68.46
CA GLN D 316 35.88 15.83 68.00
C GLN D 316 34.90 15.34 66.93
N GLY D 317 33.84 16.10 66.65
CA GLY D 317 32.91 15.69 65.62
C GLY D 317 33.44 15.82 64.20
N VAL D 318 34.26 16.84 63.94
CA VAL D 318 34.79 17.03 62.59
C VAL D 318 35.77 15.92 62.24
N GLU D 319 36.41 15.31 63.24
CA GLU D 319 37.29 14.18 62.95
C GLU D 319 36.51 12.93 62.57
N ILE D 320 35.30 12.75 63.13
CA ILE D 320 34.50 11.58 62.82
C ILE D 320 34.11 11.56 61.35
N GLU D 321 33.91 12.74 60.75
CA GLU D 321 33.59 12.80 59.33
C GLU D 321 34.75 12.26 58.49
N ARG D 322 35.97 12.73 58.77
CA ARG D 322 37.12 12.30 57.98
C ARG D 322 37.35 10.80 58.12
N ALA D 323 36.92 10.20 59.23
CA ALA D 323 37.03 8.76 59.37
C ALA D 323 36.01 8.04 58.50
N LEU D 324 34.74 8.45 58.58
CA LEU D 324 33.70 7.84 57.76
C LEU D 324 34.03 7.97 56.28
N LYS D 325 34.36 9.19 55.84
CA LYS D 325 34.60 9.42 54.42
C LYS D 325 35.87 8.77 53.90
N GLN D 326 36.70 8.20 54.77
CA GLN D 326 37.88 7.46 54.36
C GLN D 326 37.66 5.96 54.36
N VAL D 327 36.50 5.50 54.82
CA VAL D 327 36.18 4.08 54.78
C VAL D 327 36.07 3.63 53.33
N GLN D 328 36.73 2.52 52.98
CA GLN D 328 36.65 1.93 51.65
C GLN D 328 36.58 0.41 51.81
N VAL D 329 35.45 -0.06 52.32
CA VAL D 329 35.26 -1.48 52.58
C VAL D 329 34.44 -2.11 51.48
N GLU D 330 34.22 -3.42 51.57
CA GLU D 330 33.45 -4.17 50.58
C GLU D 330 32.23 -4.76 51.27
N GLY D 331 31.06 -4.58 50.66
CA GLY D 331 29.82 -5.09 51.22
C GLY D 331 28.83 -5.44 50.13
N LEU D 332 27.55 -5.35 50.46
CA LEU D 332 26.51 -5.73 49.50
C LEU D 332 26.53 -4.81 48.29
N SER D 333 26.45 -3.50 48.51
CA SER D 333 26.44 -2.49 47.44
C SER D 333 27.78 -2.33 46.73
N GLY D 334 28.48 -3.44 46.48
CA GLY D 334 29.75 -3.39 45.76
C GLY D 334 30.81 -2.59 46.49
N ASN D 335 31.76 -2.06 45.71
CA ASN D 335 32.86 -1.27 46.26
C ASN D 335 32.32 0.02 46.85
N ILE D 336 32.59 0.24 48.14
CA ILE D 336 32.11 1.41 48.85
C ILE D 336 33.25 2.41 48.95
N LYS D 337 33.08 3.57 48.33
CA LYS D 337 34.04 4.66 48.47
C LYS D 337 33.30 5.98 48.34
N PHE D 338 33.72 6.95 49.14
CA PHE D 338 33.13 8.27 49.13
C PHE D 338 34.17 9.29 48.70
N ASP D 339 33.71 10.48 48.32
CA ASP D 339 34.59 11.60 48.06
C ASP D 339 34.47 12.61 49.20
N GLN D 340 35.19 13.71 49.07
CA GLN D 340 35.20 14.71 50.13
C GLN D 340 33.81 15.32 50.38
N ASN D 341 32.83 15.05 49.52
CA ASN D 341 31.49 15.57 49.72
C ASN D 341 30.59 14.59 50.46
N GLY D 342 30.70 13.30 50.13
CA GLY D 342 29.85 12.28 50.71
C GLY D 342 29.09 11.45 49.69
N LYS D 343 29.09 11.85 48.42
CA LYS D 343 28.45 11.05 47.38
C LYS D 343 29.22 9.76 47.17
N ARG D 344 28.49 8.67 46.92
CA ARG D 344 29.13 7.41 46.59
C ARG D 344 29.90 7.55 45.28
N ILE D 345 31.13 7.04 45.27
CA ILE D 345 31.96 7.01 44.08
C ILE D 345 32.50 5.61 43.90
N ASN D 346 33.06 5.36 42.71
CA ASN D 346 33.64 4.06 42.37
C ASN D 346 32.61 2.94 42.55
N TYR D 347 31.33 3.25 42.34
CA TYR D 347 30.26 2.28 42.51
C TYR D 347 29.93 1.63 41.17
N THR D 348 29.00 0.69 41.20
CA THR D 348 28.65 -0.09 40.01
C THR D 348 27.16 -0.40 40.05
N ILE D 349 26.40 0.23 39.16
CA ILE D 349 24.98 -0.05 39.02
C ILE D 349 24.80 -0.98 37.83
N ASN D 350 24.06 -2.06 38.05
CA ASN D 350 23.83 -3.06 37.00
C ASN D 350 22.59 -2.71 36.20
N ILE D 351 22.71 -2.82 34.88
CA ILE D 351 21.57 -2.69 33.98
C ILE D 351 20.95 -4.07 33.79
N MET D 352 19.65 -4.18 34.06
CA MET D 352 18.96 -5.46 34.04
C MET D 352 17.76 -5.38 33.10
N GLU D 353 17.72 -6.29 32.14
CA GLU D 353 16.55 -6.46 31.28
C GLU D 353 15.69 -7.61 31.79
N LEU D 354 14.40 -7.55 31.51
CA LEU D 354 13.47 -8.58 31.91
C LEU D 354 13.10 -9.43 30.70
N LYS D 355 13.42 -10.72 30.76
CA LYS D 355 13.09 -11.67 29.71
C LYS D 355 12.13 -12.72 30.27
N THR D 356 12.11 -13.90 29.66
CA THR D 356 11.16 -14.93 30.08
C THR D 356 11.71 -15.74 31.24
N ASN D 357 12.95 -16.20 31.13
CA ASN D 357 13.58 -17.02 32.15
C ASN D 357 13.86 -16.25 33.44
N GLY D 358 13.43 -15.00 33.58
CA GLY D 358 13.69 -14.24 34.78
C GLY D 358 14.52 -13.01 34.47
N PRO D 359 15.05 -12.36 35.51
CA PRO D 359 15.94 -11.23 35.28
C PRO D 359 17.19 -11.66 34.53
N ARG D 360 17.89 -10.68 33.98
CA ARG D 360 19.05 -10.96 33.15
C ARG D 360 19.95 -9.73 33.16
N LYS D 361 21.19 -9.90 33.59
CA LYS D 361 22.14 -8.80 33.60
C LYS D 361 22.76 -8.64 32.23
N ILE D 362 22.75 -7.42 31.70
CA ILE D 362 23.34 -7.15 30.40
C ILE D 362 24.59 -6.29 30.51
N GLY D 363 24.84 -5.63 31.63
CA GLY D 363 26.01 -4.81 31.79
C GLY D 363 26.09 -4.07 33.12
N TYR D 364 26.74 -2.91 33.12
CA TYR D 364 26.93 -2.13 34.33
C TYR D 364 27.24 -0.69 33.93
N TRP D 365 27.30 0.17 34.95
CA TRP D 365 27.58 1.59 34.74
C TRP D 365 28.62 2.06 35.74
N SER D 366 29.68 2.70 35.24
CA SER D 366 30.69 3.34 36.06
C SER D 366 30.81 4.78 35.63
N GLU D 367 30.97 5.68 36.60
CA GLU D 367 31.00 7.11 36.30
C GLU D 367 32.22 7.51 35.48
N VAL D 368 33.14 6.59 35.22
CA VAL D 368 34.28 6.85 34.34
C VAL D 368 34.24 6.02 33.07
N ASP D 369 33.48 4.93 33.03
CA ASP D 369 33.34 4.10 31.84
C ASP D 369 31.96 4.19 31.20
N LYS D 370 31.02 4.87 31.85
CA LYS D 370 29.63 5.01 31.37
C LYS D 370 29.04 3.59 31.30
N MET D 371 28.32 3.23 30.25
CA MET D 371 27.72 1.92 30.15
C MET D 371 28.65 0.97 29.40
N VAL D 372 28.69 -0.30 29.84
CA VAL D 372 29.55 -1.30 29.24
C VAL D 372 28.77 -2.61 29.13
N LEU D 373 28.71 -3.16 27.93
CA LEU D 373 28.00 -4.41 27.69
C LEU D 373 28.85 -5.60 28.11
N THR D 374 28.18 -6.73 28.34
CA THR D 374 28.84 -7.96 28.77
C THR D 374 28.11 -9.15 28.17
N GLU D 375 28.89 -10.11 27.68
CA GLU D 375 28.36 -11.38 27.13
C GLU D 375 27.41 -11.12 25.97
N ASP D 376 27.94 -10.55 24.89
CA ASP D 376 27.16 -10.29 23.70
C ASP D 376 26.77 -11.57 22.97
N ASP D 377 27.37 -12.71 23.32
CA ASP D 377 27.02 -13.99 22.70
C ASP D 377 25.93 -14.69 23.50
N THR D 378 24.97 -15.29 22.79
CA THR D 378 24.95 -15.29 21.34
C THR D 378 23.79 -14.44 20.82
N SER D 379 23.79 -14.19 19.51
CA SER D 379 22.72 -13.41 18.90
C SER D 379 21.40 -14.16 18.98
N GLY D 380 20.31 -13.40 18.89
CA GLY D 380 18.99 -13.98 18.96
C GLY D 380 18.66 -14.88 17.78
N LEU D 381 19.20 -14.56 16.60
CA LEU D 381 18.95 -15.35 15.40
C LEU D 381 20.24 -15.41 14.59
N GLU D 382 20.73 -16.62 14.37
CA GLU D 382 21.93 -16.84 13.54
C GLU D 382 21.46 -17.08 12.11
N GLN D 383 21.33 -16.00 11.36
CA GLN D 383 20.86 -16.06 9.98
C GLN D 383 21.95 -16.61 9.07
N LYS D 384 21.63 -17.69 8.37
CA LYS D 384 22.59 -18.31 7.46
C LYS D 384 22.69 -17.51 6.16
N THR D 385 23.82 -17.67 5.48
CA THR D 385 24.08 -16.99 4.22
C THR D 385 23.92 -17.98 3.07
N VAL D 386 23.40 -17.48 1.94
CA VAL D 386 23.13 -18.30 0.76
C VAL D 386 24.20 -17.98 -0.29
N VAL D 387 24.79 -19.01 -0.86
CA VAL D 387 25.79 -18.88 -1.91
C VAL D 387 25.08 -19.02 -3.26
N VAL D 388 25.18 -17.99 -4.10
CA VAL D 388 24.53 -17.97 -5.40
C VAL D 388 25.61 -18.00 -6.46
N THR D 389 25.66 -19.08 -7.22
CA THR D 389 26.63 -19.22 -8.31
C THR D 389 26.04 -18.69 -9.61
N THR D 390 26.91 -18.15 -10.45
CA THR D 390 26.50 -17.56 -11.72
C THR D 390 27.71 -17.47 -12.63
N ILE D 391 27.43 -17.25 -13.91
CA ILE D 391 28.47 -17.14 -14.93
C ILE D 391 28.49 -15.71 -15.46
N LEU D 392 29.69 -15.24 -15.80
CA LEU D 392 29.87 -13.88 -16.32
C LEU D 392 29.58 -13.87 -17.82
N GLU D 393 28.48 -13.23 -18.21
CA GLU D 393 28.13 -13.10 -19.62
C GLU D 393 27.10 -11.98 -19.77
N SER D 394 27.41 -11.01 -20.61
CA SER D 394 26.55 -9.86 -20.82
C SER D 394 25.26 -10.25 -21.54
N PRO D 395 24.14 -9.57 -21.22
CA PRO D 395 24.02 -8.54 -20.20
C PRO D 395 23.48 -9.08 -18.87
N TYR D 396 23.51 -10.40 -18.72
CA TYR D 396 22.93 -11.03 -17.54
C TYR D 396 23.70 -10.67 -16.28
N VAL D 397 25.00 -10.98 -16.25
CA VAL D 397 25.86 -10.72 -15.10
C VAL D 397 27.12 -10.02 -15.62
N MET D 398 27.24 -8.74 -15.32
CA MET D 398 28.41 -7.95 -15.67
C MET D 398 28.94 -7.27 -14.41
N MET D 399 30.12 -6.67 -14.54
CA MET D 399 30.72 -5.93 -13.44
C MET D 399 30.60 -4.43 -13.71
N LYS D 400 30.31 -3.67 -12.66
CA LYS D 400 30.16 -2.23 -12.80
C LYS D 400 31.47 -1.58 -13.23
N LYS D 401 31.37 -0.36 -13.72
CA LYS D 401 32.56 0.39 -14.12
C LYS D 401 33.44 0.75 -12.92
N ASN D 402 32.88 0.73 -11.71
CA ASN D 402 33.65 1.00 -10.50
C ASN D 402 33.60 -0.19 -9.56
N HIS D 403 34.02 -1.36 -10.04
CA HIS D 403 33.93 -2.58 -9.24
C HIS D 403 35.03 -2.66 -8.18
N GLU D 404 36.19 -2.05 -8.43
CA GLU D 404 37.27 -2.08 -7.45
C GLU D 404 37.03 -1.12 -6.29
N MET D 405 36.12 -0.14 -6.45
CA MET D 405 35.79 0.78 -5.38
C MET D 405 34.61 0.30 -4.54
N LEU D 406 33.86 -0.68 -5.01
CA LEU D 406 32.77 -1.29 -4.27
C LEU D 406 33.17 -2.69 -3.80
N GLU D 407 32.41 -3.22 -2.85
CA GLU D 407 32.69 -4.53 -2.27
C GLU D 407 31.38 -5.25 -1.97
N GLY D 408 31.38 -6.56 -2.16
CA GLY D 408 30.21 -7.37 -1.91
C GLY D 408 29.42 -7.64 -3.19
N ASN D 409 28.11 -7.46 -3.13
CA ASN D 409 27.25 -7.68 -4.28
C ASN D 409 27.12 -6.44 -5.16
N GLU D 410 27.47 -5.27 -4.66
CA GLU D 410 27.41 -4.05 -5.45
C GLU D 410 28.48 -3.99 -6.54
N ARG D 411 29.42 -4.95 -6.55
CA ARG D 411 30.43 -4.99 -7.59
C ARG D 411 29.86 -5.40 -8.94
N TYR D 412 28.73 -6.11 -8.95
CA TYR D 412 28.15 -6.65 -10.17
C TYR D 412 26.80 -6.02 -10.45
N GLU D 413 26.37 -6.14 -11.71
CA GLU D 413 25.07 -5.64 -12.13
C GLU D 413 24.67 -6.34 -13.43
N GLY D 414 23.38 -6.39 -13.68
CA GLY D 414 22.86 -7.02 -14.87
C GLY D 414 21.44 -7.51 -14.64
N TYR D 415 20.98 -8.38 -15.55
CA TYR D 415 19.62 -8.89 -15.45
C TYR D 415 19.47 -9.84 -14.27
N CYS D 416 20.35 -10.84 -14.18
CA CYS D 416 20.27 -11.80 -13.08
C CYS D 416 20.61 -11.17 -11.74
N VAL D 417 21.22 -9.99 -11.73
CA VAL D 417 21.50 -9.30 -10.48
C VAL D 417 20.24 -8.64 -9.92
N ASP D 418 19.48 -7.96 -10.78
CA ASP D 418 18.20 -7.41 -10.35
C ASP D 418 17.19 -8.52 -10.05
N LEU D 419 17.29 -9.64 -10.76
CA LEU D 419 16.40 -10.76 -10.49
C LEU D 419 16.73 -11.41 -9.14
N ALA D 420 18.02 -11.46 -8.79
CA ALA D 420 18.41 -12.04 -7.51
C ALA D 420 17.88 -11.22 -6.34
N ALA D 421 17.65 -9.91 -6.55
CA ALA D 421 17.08 -9.09 -5.50
C ALA D 421 15.56 -9.22 -5.45
N GLU D 422 14.90 -9.39 -6.60
CA GLU D 422 13.46 -9.60 -6.61
C GLU D 422 13.09 -10.99 -6.10
N ILE D 423 13.92 -11.99 -6.36
CA ILE D 423 13.68 -13.32 -5.81
C ILE D 423 13.87 -13.32 -4.30
N ALA D 424 14.91 -12.63 -3.81
CA ALA D 424 15.18 -12.59 -2.38
C ALA D 424 14.14 -11.76 -1.64
N LYS D 425 13.54 -10.77 -2.32
CA LYS D 425 12.53 -9.94 -1.66
C LYS D 425 11.20 -10.66 -1.53
N HIS D 426 10.90 -11.61 -2.41
CA HIS D 426 9.67 -12.41 -2.30
C HIS D 426 9.89 -13.74 -1.61
N CYS D 427 11.12 -14.08 -1.26
CA CYS D 427 11.43 -15.29 -0.51
C CYS D 427 12.02 -15.00 0.86
N GLY D 428 12.90 -14.01 0.97
CA GLY D 428 13.46 -13.63 2.25
C GLY D 428 14.71 -14.40 2.62
N PHE D 429 15.86 -13.98 2.11
CA PHE D 429 17.14 -14.59 2.44
C PHE D 429 18.26 -13.71 1.94
N LYS D 430 19.40 -13.75 2.64
CA LYS D 430 20.59 -13.03 2.24
C LYS D 430 21.45 -13.90 1.33
N TYR D 431 22.00 -13.30 0.30
CA TYR D 431 22.71 -14.03 -0.75
C TYR D 431 24.09 -13.42 -0.98
N LYS D 432 24.99 -14.24 -1.48
CA LYS D 432 26.35 -13.83 -1.86
C LYS D 432 26.60 -14.30 -3.28
N LEU D 433 26.70 -13.34 -4.21
CA LEU D 433 26.91 -13.66 -5.62
C LEU D 433 28.35 -14.10 -5.84
N THR D 434 28.53 -15.38 -6.15
CA THR D 434 29.86 -15.96 -6.39
C THR D 434 29.99 -16.38 -7.84
N ILE D 435 31.14 -16.11 -8.43
CA ILE D 435 31.40 -16.50 -9.80
C ILE D 435 31.89 -17.94 -9.82
N VAL D 436 31.37 -18.73 -10.77
CA VAL D 436 31.79 -20.12 -10.91
C VAL D 436 33.27 -20.18 -11.29
N GLY D 437 34.00 -21.09 -10.66
CA GLY D 437 35.43 -21.20 -10.86
C GLY D 437 35.85 -21.41 -12.31
N ASP D 438 35.35 -22.47 -12.94
CA ASP D 438 35.73 -22.77 -14.32
C ASP D 438 35.09 -21.80 -15.31
N GLY D 439 33.98 -21.17 -14.97
CA GLY D 439 33.34 -20.23 -15.87
C GLY D 439 32.58 -20.86 -17.01
N LYS D 440 32.12 -22.10 -16.87
CA LYS D 440 31.38 -22.79 -17.91
C LYS D 440 29.94 -23.04 -17.45
N TYR D 441 29.13 -23.56 -18.38
CA TYR D 441 27.75 -23.88 -18.08
C TYR D 441 27.66 -25.30 -17.55
N GLY D 442 26.46 -25.91 -17.64
CA GLY D 442 26.27 -27.26 -17.18
C GLY D 442 26.64 -28.33 -18.19
N ALA D 443 27.58 -29.20 -17.83
CA ALA D 443 28.02 -30.27 -18.71
C ALA D 443 28.60 -31.39 -17.86
N ARG D 444 28.70 -32.57 -18.47
CA ARG D 444 29.26 -33.74 -17.82
C ARG D 444 30.27 -34.40 -18.75
N ASP D 445 31.42 -34.77 -18.20
CA ASP D 445 32.45 -35.42 -19.00
C ASP D 445 31.97 -36.79 -19.47
N ALA D 446 32.45 -37.21 -20.64
CA ALA D 446 32.08 -38.51 -21.18
C ALA D 446 32.81 -39.65 -20.48
N ASP D 447 34.03 -39.41 -19.99
CA ASP D 447 34.82 -40.46 -19.37
C ASP D 447 34.73 -40.38 -17.85
N THR D 448 35.25 -39.30 -17.28
CA THR D 448 35.23 -39.16 -15.83
C THR D 448 33.84 -38.93 -15.28
N LYS D 449 32.92 -38.42 -16.11
CA LYS D 449 31.53 -38.17 -15.70
C LYS D 449 31.47 -37.23 -14.49
N ILE D 450 32.24 -36.14 -14.56
CA ILE D 450 32.29 -35.13 -13.51
C ILE D 450 31.57 -33.89 -13.99
N TRP D 451 30.60 -33.42 -13.20
CA TRP D 451 29.83 -32.24 -13.56
C TRP D 451 30.65 -30.99 -13.30
N ASN D 452 30.64 -30.08 -14.27
CA ASN D 452 31.42 -28.85 -14.21
C ASN D 452 30.48 -27.64 -14.21
N GLY D 453 31.06 -26.46 -14.10
CA GLY D 453 30.29 -25.24 -14.19
C GLY D 453 29.42 -25.01 -12.96
N MET D 454 28.31 -24.29 -13.19
CA MET D 454 27.39 -23.98 -12.10
C MET D 454 26.60 -25.20 -11.67
N VAL D 455 26.31 -26.11 -12.59
CA VAL D 455 25.65 -27.37 -12.22
C VAL D 455 26.57 -28.23 -11.38
N GLY D 456 27.87 -28.19 -11.67
CA GLY D 456 28.83 -28.90 -10.85
C GLY D 456 28.93 -28.37 -9.43
N GLU D 457 28.77 -27.05 -9.28
CA GLU D 457 28.82 -26.44 -7.95
C GLU D 457 27.56 -26.70 -7.13
N LEU D 458 26.44 -27.00 -7.78
CA LEU D 458 25.20 -27.30 -7.07
C LEU D 458 25.11 -28.75 -6.66
N VAL D 459 25.54 -29.67 -7.53
CA VAL D 459 25.48 -31.10 -7.21
C VAL D 459 26.53 -31.44 -6.15
N TYR D 460 27.70 -30.84 -6.22
CA TYR D 460 28.79 -31.11 -5.29
C TYR D 460 28.77 -30.21 -4.06
N GLY D 461 27.72 -29.41 -3.89
CA GLY D 461 27.53 -28.61 -2.70
C GLY D 461 28.30 -27.31 -2.65
N LYS D 462 29.03 -26.95 -3.71
CA LYS D 462 29.79 -25.72 -3.72
C LYS D 462 28.90 -24.48 -3.78
N ALA D 463 27.60 -24.64 -4.05
CA ALA D 463 26.69 -23.51 -4.12
C ALA D 463 25.30 -23.98 -3.70
N ASP D 464 24.40 -23.02 -3.54
CA ASP D 464 23.04 -23.28 -3.09
C ASP D 464 21.97 -23.04 -4.14
N ILE D 465 22.22 -22.16 -5.10
CA ILE D 465 21.23 -21.82 -6.12
C ILE D 465 21.93 -21.09 -7.26
N ALA D 466 21.52 -21.37 -8.49
CA ALA D 466 22.13 -20.78 -9.68
C ALA D 466 21.11 -19.92 -10.39
N ILE D 467 21.42 -18.64 -10.55
CA ILE D 467 20.57 -17.69 -11.29
C ILE D 467 21.40 -17.21 -12.46
N ALA D 468 21.28 -17.88 -13.60
CA ALA D 468 22.14 -17.63 -14.75
C ALA D 468 21.47 -18.21 -15.98
N PRO D 469 21.89 -17.79 -17.19
CA PRO D 469 21.31 -18.37 -18.41
C PRO D 469 21.61 -19.85 -18.56
N LEU D 470 21.10 -20.66 -17.64
CA LEU D 470 21.35 -22.10 -17.67
C LEU D 470 20.31 -22.75 -18.56
N THR D 471 20.76 -23.32 -19.68
CA THR D 471 19.84 -23.96 -20.62
C THR D 471 19.16 -25.15 -19.97
N ILE D 472 17.83 -25.15 -19.99
CA ILE D 472 17.05 -26.25 -19.41
C ILE D 472 17.07 -27.43 -20.36
N THR D 473 18.04 -28.32 -20.18
CA THR D 473 18.16 -29.54 -20.97
C THR D 473 17.74 -30.74 -20.14
N LEU D 474 17.65 -31.89 -20.82
CA LEU D 474 17.25 -33.11 -20.14
C LEU D 474 18.39 -33.72 -19.34
N VAL D 475 19.64 -33.56 -19.79
CA VAL D 475 20.77 -34.12 -19.06
C VAL D 475 20.99 -33.39 -17.74
N ARG D 476 20.60 -32.11 -17.66
CA ARG D 476 20.78 -31.35 -16.44
C ARG D 476 19.60 -31.50 -15.47
N GLU D 477 18.40 -31.76 -15.99
CA GLU D 477 17.24 -31.94 -15.14
C GLU D 477 17.33 -33.20 -14.29
N GLU D 478 18.18 -34.15 -14.65
CA GLU D 478 18.28 -35.39 -13.89
C GLU D 478 19.11 -35.22 -12.62
N VAL D 479 19.97 -34.22 -12.53
CA VAL D 479 20.89 -34.09 -11.41
C VAL D 479 20.46 -32.95 -10.49
N ILE D 480 19.85 -31.93 -11.07
CA ILE D 480 19.36 -30.79 -10.33
C ILE D 480 17.93 -30.50 -10.78
N ASP D 481 17.34 -29.50 -10.13
CA ASP D 481 15.94 -29.14 -10.31
C ASP D 481 15.85 -27.75 -10.93
N PHE D 482 15.24 -27.67 -12.12
CA PHE D 482 14.97 -26.41 -12.77
C PHE D 482 13.60 -25.90 -12.36
N SER D 483 13.52 -24.61 -12.04
CA SER D 483 12.25 -23.98 -11.71
C SER D 483 11.49 -23.68 -13.00
N LYS D 484 10.36 -23.00 -12.90
CA LYS D 484 9.62 -22.60 -14.09
C LYS D 484 10.43 -21.57 -14.88
N PRO D 485 10.29 -21.57 -16.21
CA PRO D 485 11.13 -20.69 -17.03
C PRO D 485 10.79 -19.22 -16.82
N PHE D 486 11.85 -18.42 -16.68
CA PHE D 486 11.72 -16.97 -16.50
C PHE D 486 11.97 -16.21 -17.79
N MET D 487 12.36 -16.89 -18.87
CA MET D 487 12.66 -16.23 -20.14
C MET D 487 12.58 -17.26 -21.25
N SER D 488 11.58 -17.13 -22.11
CA SER D 488 11.41 -18.00 -23.26
C SER D 488 12.23 -17.47 -24.43
N LEU D 489 12.84 -18.39 -25.18
CA LEU D 489 13.67 -18.01 -26.31
C LEU D 489 13.74 -19.19 -27.28
N GLY D 490 14.66 -19.10 -28.23
CA GLY D 490 14.83 -20.13 -29.23
C GLY D 490 15.87 -19.70 -30.23
N ILE D 491 16.23 -20.63 -31.11
CA ILE D 491 17.24 -20.35 -32.12
C ILE D 491 16.65 -19.38 -33.14
N SER D 492 17.39 -18.30 -33.42
CA SER D 492 16.93 -17.27 -34.34
C SER D 492 17.99 -16.97 -35.39
N ILE D 493 17.81 -15.87 -36.13
CA ILE D 493 18.73 -15.48 -37.20
C ILE D 493 19.21 -14.06 -36.94
N MET D 494 20.47 -13.79 -37.28
CA MET D 494 21.06 -12.47 -37.14
C MET D 494 21.66 -12.06 -38.47
N ILE D 495 21.11 -11.00 -39.08
CA ILE D 495 21.60 -10.49 -40.35
C ILE D 495 21.95 -9.02 -40.18
N LYS D 496 22.60 -8.47 -41.21
CA LYS D 496 22.99 -7.07 -41.24
C LYS D 496 21.93 -6.28 -42.01
N LYS D 497 21.37 -5.26 -41.36
CA LYS D 497 20.33 -4.45 -42.00
C LYS D 497 20.93 -3.29 -42.78
N PRO D 498 21.84 -2.49 -42.19
CA PRO D 498 22.42 -1.42 -43.03
C PRO D 498 23.61 -1.88 -43.85
N GLN D 499 23.76 -1.37 -45.06
CA GLN D 499 22.81 -0.40 -45.62
C GLN D 499 22.29 -0.87 -46.97
N LYS D 500 21.05 -0.52 -47.28
CA LYS D 500 20.39 -0.96 -48.50
C LYS D 500 20.60 0.00 -49.66
N SER D 501 21.43 1.03 -49.49
CA SER D 501 21.77 1.92 -50.60
C SER D 501 22.52 1.14 -51.67
N LYS D 502 21.77 0.53 -52.60
CA LYS D 502 22.34 -0.37 -53.60
C LYS D 502 22.39 0.29 -54.96
N PRO D 503 23.56 0.76 -55.42
CA PRO D 503 23.67 1.26 -56.80
C PRO D 503 23.44 0.17 -57.82
N GLY D 504 22.35 0.28 -58.57
CA GLY D 504 22.04 -0.71 -59.57
C GLY D 504 21.36 -0.09 -60.77
N VAL D 505 21.60 -0.66 -61.95
CA VAL D 505 20.89 -0.23 -63.15
C VAL D 505 19.39 -0.44 -62.97
N PHE D 506 19.01 -1.48 -62.23
CA PHE D 506 17.58 -1.80 -62.10
C PHE D 506 16.86 -0.81 -61.20
N SER D 507 17.55 -0.22 -60.22
CA SER D 507 16.92 0.76 -59.35
C SER D 507 16.48 2.01 -60.10
N PHE D 508 16.93 2.19 -61.35
CA PHE D 508 16.44 3.25 -62.22
C PHE D 508 15.26 2.81 -63.06
N LEU D 509 15.20 1.53 -63.44
CA LEU D 509 14.07 1.05 -64.22
C LEU D 509 12.96 0.51 -63.33
N ASP D 510 13.10 0.61 -62.00
CA ASP D 510 12.04 0.13 -61.10
C ASP D 510 10.88 1.10 -60.84
N PRO D 511 10.95 2.40 -61.18
CA PRO D 511 9.75 3.24 -60.98
C PRO D 511 8.57 2.79 -61.81
N LEU D 512 8.82 2.12 -62.93
CA LEU D 512 7.76 1.50 -63.72
C LEU D 512 7.89 -0.01 -63.65
N ALA D 513 6.76 -0.69 -63.57
CA ALA D 513 6.75 -2.14 -63.40
C ALA D 513 7.39 -2.85 -64.59
N TYR D 514 7.70 -4.13 -64.40
CA TYR D 514 8.31 -4.92 -65.47
C TYR D 514 7.44 -4.93 -66.71
N GLU D 515 6.14 -5.19 -66.54
CA GLU D 515 5.25 -5.41 -67.67
C GLU D 515 4.93 -4.13 -68.44
N ILE D 516 5.08 -2.96 -67.82
CA ILE D 516 4.64 -1.73 -68.48
C ILE D 516 5.68 -1.24 -69.48
N TRP D 517 6.96 -1.56 -69.27
CA TRP D 517 8.01 -1.15 -70.21
C TRP D 517 7.83 -1.79 -71.58
N MET D 518 7.17 -2.94 -71.67
CA MET D 518 7.02 -3.65 -72.94
C MET D 518 5.76 -3.22 -73.68
N CYS D 519 4.68 -2.93 -72.96
CA CYS D 519 3.43 -2.54 -73.62
C CYS D 519 3.57 -1.20 -74.32
N ILE D 520 4.41 -0.30 -73.81
CA ILE D 520 4.62 0.98 -74.48
C ILE D 520 5.40 0.78 -75.77
N VAL D 521 6.25 -0.24 -75.84
CA VAL D 521 6.94 -0.55 -77.08
C VAL D 521 5.98 -1.19 -78.08
N PHE D 522 5.10 -2.07 -77.60
CA PHE D 522 4.05 -2.59 -78.46
C PHE D 522 3.14 -1.49 -78.95
N ALA D 523 2.82 -0.53 -78.07
CA ALA D 523 2.09 0.65 -78.49
C ALA D 523 2.94 1.53 -79.41
N TYR D 524 4.24 1.56 -79.18
CA TYR D 524 5.13 2.32 -80.07
C TYR D 524 5.11 1.72 -81.48
N ILE D 525 5.32 0.42 -81.60
CA ILE D 525 5.24 -0.22 -82.91
C ILE D 525 3.79 -0.34 -83.36
N GLY D 526 2.86 -0.48 -82.41
CA GLY D 526 1.45 -0.49 -82.77
C GLY D 526 0.98 0.80 -83.37
N VAL D 527 1.54 1.93 -82.92
CA VAL D 527 1.26 3.21 -83.57
C VAL D 527 2.13 3.39 -84.80
N SER D 528 3.38 2.90 -84.75
CA SER D 528 4.25 3.01 -85.92
C SER D 528 3.74 2.18 -87.09
N VAL D 529 3.05 1.07 -86.81
CA VAL D 529 2.42 0.28 -87.87
C VAL D 529 1.05 0.84 -88.26
N VAL D 530 0.38 1.55 -87.34
CA VAL D 530 -0.86 2.24 -87.72
C VAL D 530 -0.54 3.52 -88.49
N LEU D 531 0.44 4.30 -88.00
CA LEU D 531 0.94 5.43 -88.78
C LEU D 531 1.53 4.97 -90.11
N PHE D 532 1.96 3.70 -90.20
CA PHE D 532 2.40 3.17 -91.49
C PHE D 532 1.22 2.94 -92.43
N LEU D 533 0.06 2.56 -91.90
CA LEU D 533 -1.14 2.39 -92.71
C LEU D 533 -1.88 3.70 -92.95
N VAL D 534 -1.39 4.81 -92.38
CA VAL D 534 -1.96 6.12 -92.65
C VAL D 534 -1.06 6.98 -93.53
N SER D 535 0.26 6.76 -93.49
CA SER D 535 1.15 7.53 -94.36
C SER D 535 0.94 7.18 -95.82
N ASP D 536 0.68 5.89 -96.11
CA ASP D 536 0.36 5.49 -97.48
C ASP D 536 -0.95 6.11 -97.94
N THR D 537 -2.01 5.91 -97.17
CA THR D 537 -3.30 6.53 -97.42
C THR D 537 -3.93 6.86 -96.06
N ASP D 538 -4.55 8.02 -95.90
CA ASP D 538 -4.72 9.05 -96.94
C ASP D 538 -3.42 9.71 -97.36
N ILE D 545 8.14 0.08 -95.54
CA ILE D 545 8.00 0.31 -94.11
C ILE D 545 9.27 0.91 -93.52
N PHE D 546 10.12 1.50 -94.37
CA PHE D 546 11.34 2.13 -93.92
C PHE D 546 11.18 3.63 -93.68
N ASN D 547 10.25 4.30 -94.36
CA ASN D 547 10.07 5.74 -94.23
C ASN D 547 8.94 6.11 -93.27
N SER D 548 7.87 5.31 -93.23
CA SER D 548 6.78 5.61 -92.31
C SER D 548 7.09 5.16 -90.90
N LEU D 549 7.82 4.05 -90.74
CA LEU D 549 8.39 3.72 -89.44
C LEU D 549 9.44 4.76 -89.04
N TRP D 550 10.16 5.31 -90.02
CA TRP D 550 11.07 6.41 -89.74
C TRP D 550 10.32 7.69 -89.40
N PHE D 551 9.20 7.94 -90.09
CA PHE D 551 8.37 9.09 -89.76
C PHE D 551 7.72 8.92 -88.40
N SER D 552 7.14 7.75 -88.13
CA SER D 552 6.54 7.49 -86.84
C SER D 552 7.59 7.47 -85.72
N LEU D 553 8.82 7.08 -86.04
CA LEU D 553 9.91 7.23 -85.09
C LEU D 553 10.23 8.71 -84.89
N GLY D 554 10.28 9.47 -85.98
CA GLY D 554 10.36 10.92 -85.88
C GLY D 554 9.11 11.56 -85.31
N ALA D 555 7.98 10.84 -85.37
CA ALA D 555 6.74 11.22 -84.71
C ALA D 555 6.71 10.79 -83.25
N PHE D 556 7.25 9.61 -82.93
CA PHE D 556 7.46 9.24 -81.54
C PHE D 556 8.47 10.16 -80.87
N MET D 557 9.42 10.67 -81.65
CA MET D 557 10.39 11.63 -81.12
C MET D 557 9.78 12.89 -80.53
N GLN D 558 8.93 13.57 -81.30
CA GLN D 558 8.25 14.76 -80.84
C GLN D 558 6.76 14.49 -80.62
N GLN D 559 6.43 13.95 -79.45
CA GLN D 559 5.04 13.61 -79.12
C GLN D 559 4.49 12.57 -80.09
N GLY D 560 3.46 12.60 -80.69
CA GLY D 560 3.10 11.86 -81.89
C GLY D 560 2.52 12.37 -83.20
N ALA D 561 2.77 11.61 -84.27
CA ALA D 561 2.09 11.75 -85.57
C ALA D 561 1.61 12.64 -86.71
N ASP D 562 2.58 13.30 -87.37
CA ASP D 562 2.36 14.11 -88.56
C ASP D 562 2.18 13.57 -89.97
N ILE D 563 2.26 14.46 -90.98
CA ILE D 563 2.24 14.14 -92.41
C ILE D 563 0.84 13.65 -92.77
N SER D 564 -0.12 13.85 -91.87
CA SER D 564 -1.51 13.59 -92.21
C SER D 564 -1.98 14.53 -93.34
N PRO D 565 -1.63 15.91 -93.31
CA PRO D 565 -1.07 16.38 -92.05
C PRO D 565 -2.22 16.91 -91.25
N ARG D 566 -2.42 16.33 -90.06
CA ARG D 566 -3.55 16.69 -89.23
C ARG D 566 -4.83 16.15 -89.84
N SER D 567 -5.00 16.45 -91.11
CA SER D 567 -6.19 16.02 -91.80
C SER D 567 -5.97 14.63 -92.36
N LEU D 568 -6.62 13.65 -91.72
CA LEU D 568 -6.90 13.72 -90.29
C LEU D 568 -6.54 12.44 -89.55
N SER D 569 -6.58 11.33 -90.28
CA SER D 569 -6.53 10.06 -89.61
C SER D 569 -5.24 9.98 -88.86
N GLY D 570 -4.13 10.41 -89.47
CA GLY D 570 -2.90 10.30 -88.72
C GLY D 570 -2.88 11.23 -87.51
N ARG D 571 -3.58 12.37 -87.59
CA ARG D 571 -3.60 13.31 -86.48
C ARG D 571 -4.29 12.73 -85.26
N ILE D 572 -5.26 11.84 -85.45
CA ILE D 572 -5.89 11.17 -84.32
C ILE D 572 -5.13 9.91 -83.90
N VAL D 573 -4.25 9.40 -84.76
CA VAL D 573 -3.36 8.31 -84.34
C VAL D 573 -2.44 8.80 -83.24
N GLY D 574 -1.81 9.96 -83.45
CA GLY D 574 -0.94 10.54 -82.45
C GLY D 574 -1.69 11.39 -81.44
N GLY D 575 -2.83 11.93 -81.84
CA GLY D 575 -3.65 12.68 -80.90
C GLY D 575 -4.05 11.86 -79.70
N VAL D 576 -4.38 10.58 -79.92
CA VAL D 576 -4.59 9.67 -78.82
C VAL D 576 -3.26 9.16 -78.28
N TRP D 577 -2.26 9.00 -79.15
CA TRP D 577 -0.94 8.56 -78.69
C TRP D 577 -0.25 9.62 -77.85
N TRP D 578 -0.54 10.90 -78.10
CA TRP D 578 0.02 11.95 -77.25
C TRP D 578 -0.58 11.89 -75.85
N PHE D 579 -1.92 11.86 -75.76
CA PHE D 579 -2.56 11.68 -74.46
C PHE D 579 -2.15 10.38 -73.80
N PHE D 580 -1.90 9.34 -74.61
CA PHE D 580 -1.41 8.08 -74.07
C PHE D 580 0.00 8.23 -73.51
N THR D 581 0.88 8.89 -74.26
CA THR D 581 2.23 9.13 -73.78
C THR D 581 2.32 10.30 -72.81
N LEU D 582 1.23 11.06 -72.64
CA LEU D 582 1.22 12.13 -71.65
C LEU D 582 0.90 11.61 -70.26
N ILE D 583 0.05 10.58 -70.17
CA ILE D 583 -0.30 10.02 -68.88
C ILE D 583 0.81 9.11 -68.35
N ILE D 584 1.46 8.37 -69.24
CA ILE D 584 2.50 7.44 -68.81
C ILE D 584 3.68 8.18 -68.22
N ILE D 585 4.13 9.25 -68.89
CA ILE D 585 5.25 10.03 -68.36
C ILE D 585 4.87 10.70 -67.05
N SER D 586 3.60 11.07 -66.89
CA SER D 586 3.16 11.62 -65.61
C SER D 586 3.18 10.56 -64.52
N SER D 587 2.75 9.34 -64.86
CA SER D 587 2.76 8.25 -63.89
C SER D 587 4.17 7.84 -63.49
N TYR D 588 5.17 8.10 -64.34
CA TYR D 588 6.54 7.75 -63.98
C TYR D 588 7.09 8.69 -62.92
N THR D 589 6.87 10.00 -63.09
CA THR D 589 7.41 10.97 -62.14
C THR D 589 6.76 10.83 -60.76
N ALA D 590 5.47 10.50 -60.71
CA ALA D 590 4.78 10.40 -59.43
C ALA D 590 5.30 9.22 -58.62
N ASN D 591 5.35 8.04 -59.22
CA ASN D 591 5.81 6.86 -58.49
C ASN D 591 7.29 6.95 -58.14
N LEU D 592 8.09 7.57 -59.01
CA LEU D 592 9.51 7.74 -58.72
C LEU D 592 9.75 8.75 -57.62
N ALA D 593 8.83 9.69 -57.40
CA ALA D 593 8.98 10.63 -56.30
C ALA D 593 8.87 9.92 -54.95
N ALA D 594 7.87 9.05 -54.83
CA ALA D 594 7.66 8.31 -53.60
C ALA D 594 8.80 7.32 -53.38
N PHE D 595 9.52 7.01 -54.46
CA PHE D 595 10.64 6.08 -54.39
C PHE D 595 11.89 6.77 -53.86
N LEU D 596 11.86 8.10 -53.81
CA LEU D 596 13.00 8.88 -53.33
C LEU D 596 12.69 9.60 -52.01
N THR D 597 11.50 9.34 -51.47
CA THR D 597 11.09 9.96 -50.22
C THR D 597 11.48 9.21 -48.94
N VAL D 598 10.99 7.98 -48.78
CA VAL D 598 11.39 7.08 -47.72
C VAL D 598 11.33 5.65 -48.30
N GLU D 599 12.44 4.93 -48.19
CA GLU D 599 12.59 3.62 -48.81
C GLU D 599 12.88 2.72 -47.61
N ARG D 600 12.58 1.43 -47.77
CA ARG D 600 12.79 0.47 -46.69
C ARG D 600 14.28 0.06 -46.69
N MET D 601 14.91 -0.27 -47.81
CA MET D 601 14.31 -0.40 -49.14
C MET D 601 14.22 -1.92 -49.43
N VAL D 602 14.69 -2.69 -48.45
CA VAL D 602 14.54 -4.14 -48.45
C VAL D 602 14.14 -4.86 -47.17
N SER D 603 13.48 -5.99 -47.29
CA SER D 603 13.26 -7.02 -46.32
C SER D 603 14.66 -7.26 -45.43
N PRO D 604 15.66 -7.86 -46.10
CA PRO D 604 15.70 -8.70 -47.30
C PRO D 604 15.10 -10.10 -47.20
N ILE D 605 15.32 -10.76 -46.06
CA ILE D 605 14.80 -12.11 -45.80
C ILE D 605 13.78 -12.02 -44.69
N GLU D 606 12.62 -12.63 -44.92
CA GLU D 606 11.52 -12.56 -43.97
C GLU D 606 11.46 -13.60 -42.86
N SER D 607 11.35 -14.88 -43.24
CA SER D 607 11.17 -15.96 -42.28
C SER D 607 12.51 -16.70 -42.29
N ALA D 608 12.54 -17.88 -41.65
CA ALA D 608 13.73 -18.70 -41.60
C ALA D 608 13.81 -19.71 -42.73
N GLU D 609 12.67 -20.18 -43.23
CA GLU D 609 12.68 -21.08 -44.38
C GLU D 609 13.19 -20.41 -45.64
N ASP D 610 13.10 -19.08 -45.74
CA ASP D 610 13.66 -18.37 -46.87
C ASP D 610 15.19 -18.33 -46.82
N LEU D 611 15.77 -18.49 -45.63
CA LEU D 611 17.23 -18.47 -45.52
C LEU D 611 17.87 -19.72 -46.13
N SER D 612 17.12 -20.83 -46.18
CA SER D 612 17.63 -22.10 -46.70
C SER D 612 17.22 -22.36 -48.15
N LYS D 613 16.64 -21.36 -48.83
CA LYS D 613 16.25 -21.52 -50.22
C LYS D 613 17.24 -20.94 -51.21
N GLN D 614 18.12 -20.03 -50.77
CA GLN D 614 19.14 -19.43 -51.61
C GLN D 614 20.52 -19.73 -51.03
N THR D 615 21.56 -19.45 -51.82
CA THR D 615 22.92 -19.73 -51.42
C THR D 615 23.86 -18.54 -51.51
N GLU D 616 23.38 -17.37 -51.95
CA GLU D 616 24.25 -16.20 -52.01
C GLU D 616 24.65 -15.73 -50.61
N ILE D 617 23.73 -15.83 -49.65
CA ILE D 617 23.98 -15.42 -48.27
C ILE D 617 24.14 -16.71 -47.46
N ALA D 618 25.38 -17.04 -47.12
CA ALA D 618 25.65 -18.25 -46.35
C ALA D 618 25.22 -18.07 -44.90
N TYR D 619 25.18 -19.19 -44.18
CA TYR D 619 24.79 -19.18 -42.78
C TYR D 619 25.44 -20.35 -42.06
N GLY D 620 25.63 -20.19 -40.76
CA GLY D 620 26.23 -21.22 -39.94
C GLY D 620 25.90 -21.00 -38.48
N THR D 621 26.27 -22.00 -37.67
CA THR D 621 26.01 -21.94 -36.23
C THR D 621 27.31 -22.07 -35.44
N LEU D 622 27.18 -22.37 -34.15
CA LEU D 622 28.35 -22.61 -33.32
C LEU D 622 28.84 -24.05 -33.51
N ASP D 623 30.14 -24.25 -33.35
CA ASP D 623 30.75 -25.54 -33.61
C ASP D 623 30.42 -26.59 -32.54
N SER D 624 29.88 -26.18 -31.40
CA SER D 624 29.54 -27.12 -30.34
C SER D 624 28.57 -26.46 -29.37
N GLY D 625 27.51 -27.15 -29.04
CA GLY D 625 26.52 -26.62 -28.12
C GLY D 625 25.13 -27.09 -28.50
N SER D 626 24.14 -26.48 -27.86
CA SER D 626 22.75 -26.83 -28.11
C SER D 626 22.28 -26.38 -29.50
N THR D 627 22.96 -25.40 -30.11
CA THR D 627 22.53 -24.90 -31.40
C THR D 627 22.88 -25.88 -32.52
N LYS D 628 24.13 -26.35 -32.55
CA LYS D 628 24.56 -27.27 -33.61
C LYS D 628 23.87 -28.63 -33.46
N GLU D 629 23.85 -29.17 -32.25
CA GLU D 629 23.23 -30.47 -32.03
C GLU D 629 21.74 -30.47 -32.33
N PHE D 630 21.10 -29.28 -32.38
CA PHE D 630 19.69 -29.23 -32.73
C PHE D 630 19.47 -29.63 -34.19
N PHE D 631 20.33 -29.15 -35.10
CA PHE D 631 20.19 -29.50 -36.51
C PHE D 631 20.62 -30.92 -36.80
N ARG D 632 21.48 -31.51 -35.96
CA ARG D 632 21.98 -32.86 -36.21
C ARG D 632 20.85 -33.88 -36.11
N ARG D 633 20.27 -34.04 -34.92
CA ARG D 633 19.20 -35.01 -34.69
C ARG D 633 17.83 -34.48 -35.10
N SER D 634 17.78 -33.43 -35.93
CA SER D 634 16.51 -32.85 -36.34
C SER D 634 15.83 -33.71 -37.40
N LYS D 635 14.57 -34.07 -37.16
CA LYS D 635 13.78 -34.85 -38.09
C LYS D 635 12.85 -34.00 -38.93
N ILE D 636 12.83 -32.69 -38.73
CA ILE D 636 11.94 -31.80 -39.46
C ILE D 636 12.49 -31.59 -40.88
N ALA D 637 11.59 -31.31 -41.82
CA ALA D 637 11.97 -31.20 -43.21
C ALA D 637 12.85 -29.97 -43.47
N VAL D 638 12.49 -28.84 -42.87
CA VAL D 638 13.23 -27.60 -43.13
C VAL D 638 14.61 -27.65 -42.51
N PHE D 639 14.69 -28.08 -41.24
CA PHE D 639 15.96 -28.07 -40.53
C PHE D 639 16.91 -29.16 -41.01
N ASP D 640 16.40 -30.19 -41.70
CA ASP D 640 17.27 -31.25 -42.19
C ASP D 640 18.08 -30.78 -43.39
N LYS D 641 17.46 -30.01 -44.29
CA LYS D 641 18.19 -29.48 -45.43
C LYS D 641 19.26 -28.49 -45.01
N MET D 642 19.05 -27.80 -43.88
CA MET D 642 20.03 -26.84 -43.40
C MET D 642 21.28 -27.53 -42.85
N TRP D 643 21.09 -28.64 -42.13
CA TRP D 643 22.23 -29.36 -41.57
C TRP D 643 23.03 -30.05 -42.68
N THR D 644 22.35 -30.64 -43.65
CA THR D 644 23.04 -31.26 -44.77
C THR D 644 23.83 -30.25 -45.60
N TYR D 645 23.45 -28.98 -45.53
CA TYR D 645 24.21 -27.93 -46.21
C TYR D 645 25.45 -27.53 -45.40
N MET D 646 25.26 -27.23 -44.11
CA MET D 646 26.37 -26.81 -43.27
C MET D 646 27.37 -27.91 -43.00
N ARG D 647 26.95 -29.18 -43.11
CA ARG D 647 27.85 -30.29 -42.83
C ARG D 647 28.94 -30.43 -43.89
N SER D 648 28.62 -30.12 -45.15
CA SER D 648 29.58 -30.20 -46.24
C SER D 648 29.78 -28.85 -46.92
N ALA D 649 29.72 -27.78 -46.14
CA ALA D 649 29.90 -26.43 -46.67
C ALA D 649 31.36 -26.01 -46.57
N GLU D 650 31.91 -25.54 -47.68
CA GLU D 650 33.29 -25.06 -47.71
C GLU D 650 33.34 -23.60 -48.14
N PRO D 651 34.03 -22.75 -47.37
CA PRO D 651 34.77 -23.08 -46.14
C PRO D 651 33.86 -23.35 -44.94
N SER D 652 34.48 -23.65 -43.79
CA SER D 652 33.75 -24.02 -42.59
C SER D 652 32.80 -22.91 -42.16
N VAL D 653 31.49 -23.13 -42.31
CA VAL D 653 30.49 -22.16 -41.90
C VAL D 653 30.31 -22.11 -40.39
N PHE D 654 30.92 -23.04 -39.66
CA PHE D 654 30.86 -23.05 -38.21
C PHE D 654 31.92 -22.13 -37.62
N VAL D 655 31.56 -21.44 -36.54
CA VAL D 655 32.47 -20.52 -35.87
C VAL D 655 32.93 -21.16 -34.56
N ARG D 656 34.08 -20.68 -34.06
CA ARG D 656 34.67 -21.22 -32.85
C ARG D 656 33.89 -20.79 -31.61
N THR D 657 33.64 -19.49 -31.47
CA THR D 657 32.89 -18.95 -30.35
C THR D 657 31.67 -18.19 -30.86
N THR D 658 30.81 -17.78 -29.92
CA THR D 658 29.61 -17.05 -30.29
C THR D 658 29.93 -15.64 -30.78
N ALA D 659 30.99 -15.03 -30.25
CA ALA D 659 31.38 -13.69 -30.68
C ALA D 659 31.89 -13.67 -32.11
N GLU D 660 32.35 -14.80 -32.64
CA GLU D 660 32.82 -14.85 -34.02
C GLU D 660 31.66 -14.74 -35.00
N GLY D 661 30.55 -15.43 -34.73
CA GLY D 661 29.41 -15.35 -35.61
C GLY D 661 28.83 -13.96 -35.72
N VAL D 662 28.92 -13.17 -34.65
CA VAL D 662 28.45 -11.79 -34.70
C VAL D 662 29.37 -10.94 -35.58
N ALA D 663 30.68 -11.07 -35.37
CA ALA D 663 31.63 -10.32 -36.18
C ALA D 663 31.64 -10.77 -37.63
N ARG D 664 31.20 -12.00 -37.91
CA ARG D 664 31.17 -12.49 -39.28
C ARG D 664 29.98 -11.96 -40.05
N VAL D 665 28.91 -11.59 -39.35
CA VAL D 665 27.76 -10.96 -40.02
C VAL D 665 28.05 -9.48 -40.29
N ARG D 666 28.72 -8.82 -39.35
CA ARG D 666 29.01 -7.40 -39.49
C ARG D 666 30.08 -7.10 -40.53
N LYS D 667 30.74 -8.12 -41.08
CA LYS D 667 31.81 -7.90 -42.05
C LYS D 667 31.48 -8.46 -43.43
N SER D 668 30.32 -9.09 -43.60
CA SER D 668 29.95 -9.71 -44.86
C SER D 668 29.06 -8.82 -45.73
N LYS D 669 28.79 -7.60 -45.28
CA LYS D 669 27.98 -6.64 -46.05
C LYS D 669 26.60 -7.23 -46.31
N GLY D 670 26.10 -8.01 -45.35
CA GLY D 670 24.82 -8.65 -45.47
C GLY D 670 24.82 -9.93 -46.29
N LYS D 671 25.97 -10.59 -46.46
CA LYS D 671 26.04 -11.84 -47.19
C LYS D 671 26.33 -13.03 -46.29
N TYR D 672 26.15 -12.88 -44.98
CA TYR D 672 26.30 -13.98 -44.04
C TYR D 672 25.37 -13.74 -42.86
N ALA D 673 24.78 -14.83 -42.37
CA ALA D 673 23.91 -14.81 -41.20
C ALA D 673 24.41 -15.81 -40.19
N TYR D 674 24.15 -15.53 -38.92
CA TYR D 674 24.57 -16.39 -37.81
C TYR D 674 23.34 -16.82 -37.02
N LEU D 675 23.16 -18.13 -36.89
CA LEU D 675 22.03 -18.69 -36.16
C LEU D 675 22.43 -18.94 -34.72
N LEU D 676 21.70 -18.34 -33.78
CA LEU D 676 21.97 -18.50 -32.37
C LEU D 676 20.68 -18.27 -31.59
N GLU D 677 20.77 -18.38 -30.27
CA GLU D 677 19.61 -18.16 -29.42
C GLU D 677 19.08 -16.75 -29.57
N SER D 678 17.74 -16.62 -29.47
CA SER D 678 17.11 -15.32 -29.65
C SER D 678 17.48 -14.33 -28.55
N THR D 679 17.91 -14.81 -27.38
CA THR D 679 18.30 -13.91 -26.31
C THR D 679 19.56 -13.13 -26.68
N MET D 680 20.62 -13.83 -27.09
CA MET D 680 21.84 -13.14 -27.49
C MET D 680 21.64 -12.37 -28.79
N ASN D 681 20.75 -12.84 -29.67
CA ASN D 681 20.53 -12.17 -30.94
C ASN D 681 19.82 -10.83 -30.74
N GLU D 682 18.76 -10.81 -29.93
CA GLU D 682 18.06 -9.57 -29.63
C GLU D 682 18.89 -8.60 -28.80
N TYR D 683 19.97 -9.06 -28.19
CA TYR D 683 20.85 -8.17 -27.44
C TYR D 683 21.89 -7.50 -28.32
N ILE D 684 22.43 -8.23 -29.30
CA ILE D 684 23.41 -7.65 -30.21
C ILE D 684 22.79 -6.56 -31.08
N GLU D 685 21.50 -6.72 -31.42
CA GLU D 685 20.79 -5.70 -32.19
C GLU D 685 20.75 -4.35 -31.48
N GLN D 686 20.86 -4.32 -30.15
CA GLN D 686 20.82 -3.08 -29.39
C GLN D 686 22.21 -2.64 -28.96
N ARG D 687 23.25 -3.07 -29.66
CA ARG D 687 24.62 -2.64 -29.41
C ARG D 687 25.19 -2.05 -30.69
N LYS D 688 25.96 -0.98 -30.54
CA LYS D 688 26.57 -0.30 -31.68
C LYS D 688 27.46 -1.26 -32.48
N PRO D 689 27.59 -1.01 -33.80
CA PRO D 689 27.02 0.10 -34.58
C PRO D 689 25.56 -0.10 -35.00
N CYS D 690 24.80 -0.89 -34.25
CA CYS D 690 23.38 -1.11 -34.52
C CYS D 690 23.18 -1.69 -35.92
N ASP D 691 24.03 -2.64 -36.30
CA ASP D 691 24.01 -3.20 -37.64
C ASP D 691 23.29 -4.54 -37.73
N THR D 692 23.22 -5.29 -36.63
CA THR D 692 22.55 -6.58 -36.65
C THR D 692 21.04 -6.42 -36.44
N MET D 693 20.31 -7.49 -36.71
CA MET D 693 18.86 -7.47 -36.63
C MET D 693 18.33 -8.90 -36.64
N LYS D 694 17.38 -9.18 -35.74
CA LYS D 694 16.73 -10.48 -35.71
C LYS D 694 15.59 -10.52 -36.73
N VAL D 695 15.53 -11.61 -37.49
CA VAL D 695 14.49 -11.80 -38.50
C VAL D 695 13.81 -13.14 -38.28
N GLY D 696 12.50 -13.16 -38.47
CA GLY D 696 11.71 -14.38 -38.31
C GLY D 696 11.55 -14.82 -36.87
N GLY D 697 10.64 -15.76 -36.64
CA GLY D 697 10.44 -16.32 -35.32
C GLY D 697 11.54 -17.30 -34.94
N ASN D 698 11.45 -17.79 -33.71
CA ASN D 698 12.43 -18.75 -33.23
C ASN D 698 12.26 -20.09 -33.93
N LEU D 699 13.32 -20.90 -33.89
CA LEU D 699 13.30 -22.20 -34.52
C LEU D 699 12.79 -23.31 -33.60
N ASP D 700 13.24 -23.33 -32.35
CA ASP D 700 12.78 -24.29 -31.36
C ASP D 700 12.27 -23.56 -30.14
N SER D 701 11.58 -24.29 -29.27
CA SER D 701 10.99 -23.73 -28.06
C SER D 701 11.83 -24.19 -26.87
N LYS D 702 12.73 -23.32 -26.42
CA LYS D 702 13.57 -23.56 -25.26
C LYS D 702 13.37 -22.43 -24.26
N GLY D 703 14.07 -22.53 -23.13
CA GLY D 703 13.97 -21.52 -22.10
C GLY D 703 14.98 -21.68 -20.98
N TYR D 704 15.35 -20.58 -20.34
CA TYR D 704 16.25 -20.60 -19.21
C TYR D 704 15.48 -20.85 -17.91
N GLY D 705 16.21 -21.09 -16.83
CA GLY D 705 15.58 -21.36 -15.55
C GLY D 705 16.57 -21.32 -14.42
N ILE D 706 16.04 -21.22 -13.21
CA ILE D 706 16.83 -21.22 -11.99
C ILE D 706 17.02 -22.66 -11.53
N ALA D 707 18.23 -22.99 -11.10
CA ALA D 707 18.58 -24.36 -10.70
C ALA D 707 18.91 -24.40 -9.21
N THR D 708 18.43 -25.45 -8.54
CA THR D 708 18.70 -25.72 -7.14
C THR D 708 19.06 -27.19 -6.98
N PRO D 709 19.89 -27.53 -6.00
CA PRO D 709 20.21 -28.94 -5.77
C PRO D 709 18.96 -29.74 -5.40
N LYS D 710 18.96 -31.01 -5.78
CA LYS D 710 17.79 -31.85 -5.51
C LYS D 710 17.66 -32.10 -4.01
N GLY D 711 16.44 -31.96 -3.50
CA GLY D 711 16.20 -32.08 -2.08
C GLY D 711 16.53 -30.85 -1.29
N SER D 712 16.60 -29.68 -1.93
CA SER D 712 16.95 -28.44 -1.26
C SER D 712 15.71 -27.73 -0.75
N SER D 713 15.86 -27.03 0.38
CA SER D 713 14.77 -26.25 0.94
C SER D 713 14.41 -25.05 0.08
N LEU D 714 15.24 -24.71 -0.90
CA LEU D 714 14.99 -23.58 -1.79
C LEU D 714 14.19 -23.95 -3.03
N GLY D 715 14.00 -25.24 -3.30
CA GLY D 715 13.34 -25.67 -4.51
C GLY D 715 11.91 -25.18 -4.66
N THR D 716 11.05 -25.51 -3.69
CA THR D 716 9.64 -25.14 -3.81
C THR D 716 9.41 -23.64 -3.69
N PRO D 717 9.95 -22.93 -2.69
CA PRO D 717 9.58 -21.51 -2.56
C PRO D 717 10.08 -20.65 -3.72
N VAL D 718 11.24 -20.94 -4.28
CA VAL D 718 11.76 -20.13 -5.39
C VAL D 718 10.92 -20.35 -6.64
N ASN D 719 10.48 -21.59 -6.87
CA ASN D 719 9.68 -21.87 -8.06
C ASN D 719 8.37 -21.10 -8.05
N LEU D 720 7.69 -21.04 -6.90
CA LEU D 720 6.45 -20.28 -6.81
C LEU D 720 6.70 -18.78 -6.94
N ALA D 721 7.90 -18.33 -6.59
CA ALA D 721 8.22 -16.90 -6.68
C ALA D 721 8.49 -16.45 -8.12
N VAL D 722 8.82 -17.38 -9.01
CA VAL D 722 9.02 -17.02 -10.41
C VAL D 722 7.70 -16.67 -11.07
N LEU D 723 6.64 -17.41 -10.75
CA LEU D 723 5.33 -17.12 -11.32
C LEU D 723 4.78 -15.79 -10.82
N LYS D 724 5.01 -15.47 -9.54
CA LYS D 724 4.54 -14.21 -9.00
C LYS D 724 5.21 -13.02 -9.70
N LEU D 725 6.48 -13.17 -10.05
CA LEU D 725 7.16 -12.09 -10.76
C LEU D 725 6.76 -12.02 -12.22
N SER D 726 6.47 -13.16 -12.85
CA SER D 726 6.07 -13.15 -14.25
C SER D 726 4.64 -12.62 -14.42
N GLU D 727 3.74 -12.99 -13.52
CA GLU D 727 2.37 -12.53 -13.62
C GLU D 727 2.24 -11.05 -13.25
N GLN D 728 3.04 -10.59 -12.29
CA GLN D 728 3.08 -9.16 -11.97
C GLN D 728 3.81 -8.36 -13.04
N GLY D 729 4.39 -9.01 -14.05
CA GLY D 729 5.09 -8.32 -15.12
C GLY D 729 6.50 -7.88 -14.77
N VAL D 730 7.03 -8.30 -13.62
CA VAL D 730 8.35 -7.85 -13.22
C VAL D 730 9.42 -8.42 -14.15
N LEU D 731 9.26 -9.68 -14.56
CA LEU D 731 10.21 -10.27 -15.49
C LEU D 731 10.21 -9.54 -16.83
N ASP D 732 9.02 -9.30 -17.38
CA ASP D 732 8.93 -8.51 -18.61
C ASP D 732 9.43 -7.08 -18.38
N LYS D 733 9.22 -6.53 -17.18
CA LYS D 733 9.75 -5.21 -16.87
C LYS D 733 11.27 -5.24 -16.77
N LEU D 734 11.82 -6.31 -16.22
CA LEU D 734 13.28 -6.44 -16.14
C LEU D 734 13.88 -6.88 -17.47
N LYS D 735 13.15 -7.66 -18.27
CA LYS D 735 13.63 -8.04 -19.58
C LYS D 735 13.78 -6.82 -20.48
N ASN D 736 12.87 -5.86 -20.36
CA ASN D 736 12.93 -4.63 -21.13
C ASN D 736 13.88 -3.60 -20.54
N LYS D 737 14.40 -3.83 -19.34
CA LYS D 737 15.29 -2.87 -18.70
C LYS D 737 16.72 -3.04 -19.16
N TRP D 738 17.22 -4.27 -19.21
CA TRP D 738 18.61 -4.55 -19.58
C TRP D 738 18.74 -5.05 -21.00
N TRP D 739 17.82 -4.64 -21.89
CA TRP D 739 17.88 -5.03 -23.29
C TRP D 739 17.61 -3.85 -24.21
N TYR D 740 16.54 -3.11 -23.92
CA TYR D 740 16.13 -1.98 -24.76
C TYR D 740 16.28 -0.63 -24.08
N ASP D 741 15.97 -0.53 -22.78
CA ASP D 741 16.13 0.74 -22.07
C ASP D 741 17.59 1.15 -22.00
N LYS D 742 18.43 0.24 -21.38
CA LYS D 742 19.86 0.45 -21.46
C LYS D 742 20.22 -0.09 -22.82
N GLY D 743 19.73 0.58 -23.85
CA GLY D 743 19.95 0.14 -25.21
C GLY D 743 20.79 1.14 -25.97
N GLU D 744 21.86 0.67 -26.57
CA GLU D 744 22.71 1.54 -27.35
C GLU D 744 21.82 2.06 -28.46
N CYS D 745 21.12 1.14 -29.09
CA CYS D 745 21.07 1.29 -30.49
C CYS D 745 20.52 2.64 -30.87
N GLY D 746 21.31 3.30 -31.71
CA GLY D 746 20.88 4.49 -32.42
C GLY D 746 19.81 4.10 -33.43
N ALA D 747 19.68 2.78 -33.67
CA ALA D 747 18.79 2.26 -34.67
C ALA D 747 17.43 2.77 -34.28
N LYS D 748 17.10 2.85 -32.99
CA LYS D 748 15.80 3.48 -32.78
C LYS D 748 15.88 5.00 -32.79
N ASP D 749 17.08 5.57 -32.59
CA ASP D 749 17.26 7.00 -32.60
C ASP D 749 17.64 7.56 -33.96
N SER D 750 18.17 6.72 -34.86
CA SER D 750 18.51 7.15 -36.20
C SER D 750 17.35 7.06 -37.18
N GLY D 751 16.33 6.26 -36.88
CA GLY D 751 15.17 6.18 -37.75
C GLY D 751 14.35 7.45 -37.74
N SER D 752 14.35 8.18 -36.62
CA SER D 752 13.62 9.43 -36.53
C SER D 752 14.39 10.60 -37.13
N LYS D 753 15.71 10.47 -37.25
CA LYS D 753 16.56 11.53 -37.79
C LYS D 753 17.34 10.94 -38.97
N GLU D 754 16.71 10.93 -40.15
CA GLU D 754 17.36 10.46 -41.37
C GLU D 754 17.96 11.67 -42.10
N LYS D 755 19.28 11.67 -42.26
CA LYS D 755 20.00 12.80 -42.82
C LYS D 755 20.15 12.73 -44.34
N THR D 756 19.26 12.01 -45.02
CA THR D 756 19.31 11.89 -46.48
C THR D 756 17.95 11.49 -47.04
N SER D 757 17.44 12.15 -48.10
CA SER D 757 18.02 13.26 -48.88
C SER D 757 19.39 12.97 -49.50
N ALA D 758 19.40 12.12 -50.53
CA ALA D 758 20.62 11.81 -51.27
C ALA D 758 20.25 11.42 -52.69
N LEU D 759 20.85 12.09 -53.66
CA LEU D 759 20.57 11.87 -55.07
C LEU D 759 21.79 11.21 -55.70
N SER D 760 21.57 10.03 -56.32
CA SER D 760 22.64 9.18 -56.79
C SER D 760 22.80 9.28 -58.30
N LEU D 761 24.06 9.19 -58.75
CA LEU D 761 24.40 9.08 -60.16
C LEU D 761 24.35 7.66 -60.68
N SER D 762 24.48 6.67 -59.78
CA SER D 762 24.53 5.27 -60.21
C SER D 762 23.23 4.86 -60.90
N ASN D 763 22.42 5.42 -60.08
CA ASN D 763 21.06 5.18 -60.50
C ASN D 763 20.82 5.73 -61.90
N VAL D 764 21.21 6.98 -62.13
CA VAL D 764 21.05 7.60 -63.44
C VAL D 764 22.03 7.05 -64.46
N ALA D 765 22.99 6.23 -64.04
CA ALA D 765 23.94 5.66 -64.98
C ALA D 765 23.28 4.71 -65.98
N GLY D 766 22.08 4.21 -65.65
CA GLY D 766 21.34 3.36 -66.59
C GLY D 766 20.78 3.96 -67.86
N VAL D 767 20.50 5.27 -67.87
CA VAL D 767 19.99 5.91 -69.08
C VAL D 767 21.12 6.49 -69.97
N PHE D 768 22.30 6.63 -69.38
CA PHE D 768 23.45 7.14 -70.12
C PHE D 768 24.02 5.98 -70.93
N TYR D 769 23.76 4.74 -70.51
CA TYR D 769 24.18 3.58 -71.29
C TYR D 769 23.29 3.37 -72.51
N ILE D 770 22.01 3.71 -72.42
CA ILE D 770 21.11 3.55 -73.56
C ILE D 770 21.20 4.71 -74.53
N LEU D 771 21.70 5.88 -74.08
CA LEU D 771 21.88 7.00 -74.99
C LEU D 771 23.07 6.79 -75.91
N VAL D 772 24.23 6.47 -75.33
CA VAL D 772 25.40 6.17 -76.14
C VAL D 772 25.18 4.90 -76.95
N GLY D 773 24.51 3.91 -76.34
CA GLY D 773 24.11 2.74 -77.11
C GLY D 773 23.14 3.08 -78.22
N GLY D 774 22.25 4.04 -77.97
CA GLY D 774 21.38 4.53 -79.03
C GLY D 774 22.16 5.27 -80.10
N LEU D 775 23.10 6.12 -79.69
CA LEU D 775 23.98 6.78 -80.65
C LEU D 775 24.85 5.77 -81.37
N GLY D 776 25.31 4.72 -80.66
CA GLY D 776 26.06 3.67 -81.31
C GLY D 776 25.25 2.95 -82.36
N LEU D 777 24.00 2.63 -82.05
CA LEU D 777 23.09 2.10 -83.07
C LEU D 777 22.74 3.15 -84.11
N ALA D 778 22.72 4.42 -83.70
CA ALA D 778 22.50 5.50 -84.68
C ALA D 778 23.69 5.65 -85.61
N MET D 779 24.90 5.63 -85.06
CA MET D 779 26.10 5.71 -85.89
C MET D 779 26.30 4.49 -86.76
N LEU D 780 25.70 3.35 -86.39
CA LEU D 780 25.75 2.18 -87.26
C LEU D 780 24.69 2.25 -88.36
N VAL D 781 23.51 2.79 -88.04
CA VAL D 781 22.50 3.04 -89.07
C VAL D 781 22.94 4.21 -89.95
N ALA D 782 23.72 5.14 -89.40
CA ALA D 782 24.21 6.26 -90.20
C ALA D 782 25.17 5.78 -91.27
N LEU D 783 26.11 4.91 -90.91
CA LEU D 783 27.12 4.47 -91.88
C LEU D 783 26.52 3.60 -92.98
N ILE D 784 25.44 2.88 -92.69
CA ILE D 784 24.80 2.06 -93.71
C ILE D 784 23.80 2.83 -94.55
N GLU D 785 23.50 4.07 -94.20
CA GLU D 785 22.65 4.93 -95.03
C GLU D 785 23.46 5.79 -95.99
N PHE D 786 24.75 6.00 -95.72
CA PHE D 786 25.62 6.74 -96.63
C PHE D 786 26.19 5.88 -97.74
N CYS D 787 26.17 4.55 -97.59
CA CYS D 787 26.71 3.67 -98.62
C CYS D 787 25.70 3.43 -99.73
N TYR D 788 24.41 3.34 -99.39
CA TYR D 788 23.40 3.07 -100.40
C TYR D 788 23.05 4.31 -101.20
N LYS D 789 23.01 5.48 -100.55
CA LYS D 789 22.68 6.73 -101.24
C LYS D 789 23.67 7.83 -100.86
C1 NAG E . 6.17 -57.87 23.10
C2 NAG E . 7.00 -58.78 24.00
C3 NAG E . 7.87 -59.70 23.16
C4 NAG E . 7.01 -60.47 22.15
C5 NAG E . 6.16 -59.49 21.33
C6 NAG E . 5.19 -60.19 20.42
C7 NAG E . 7.47 -57.78 26.19
C8 NAG E . 8.43 -56.95 27.01
N2 NAG E . 7.82 -58.00 24.93
O3 NAG E . 8.56 -60.61 24.00
O4 NAG E . 7.84 -61.22 21.28
O5 NAG E . 5.39 -58.65 22.21
O6 NAG E . 4.62 -61.33 21.05
O7 NAG E . 6.41 -58.20 26.66
C1 NAG F . -43.94 -18.12 29.04
C2 NAG F . -45.36 -18.51 28.66
C3 NAG F . -46.30 -17.33 28.88
C4 NAG F . -46.17 -16.78 30.30
C5 NAG F . -44.70 -16.48 30.61
C6 NAG F . -44.49 -16.06 32.03
C7 NAG F . -45.43 -20.26 26.94
C8 NAG F . -45.49 -20.55 25.47
N2 NAG F . -45.42 -18.97 27.28
O3 NAG F . -47.64 -17.76 28.66
O4 NAG F . -46.92 -15.58 30.42
O5 NAG F . -43.91 -17.66 30.39
O6 NAG F . -44.88 -17.09 32.95
O7 NAG F . -45.40 -21.15 27.77
C1 NAG G . -14.63 38.10 46.10
C2 NAG G . -14.98 38.57 47.51
C3 NAG G . -15.57 39.98 47.47
C4 NAG G . -14.65 40.92 46.71
C5 NAG G . -14.32 40.35 45.33
C6 NAG G . -13.30 41.18 44.58
C7 NAG G . -15.88 37.40 49.48
C8 NAG G . -16.90 36.42 49.97
N2 NAG G . -15.90 37.65 48.16
O3 NAG G . -15.78 40.45 48.79
O4 NAG G . -15.27 42.19 46.55
O5 NAG G . -13.76 39.04 45.48
O6 NAG G . -13.11 42.45 45.18
O7 NAG G . -15.07 37.93 50.22
C1 NAG H . 37.76 1.40 42.87
C2 NAG H . 38.94 1.23 43.81
C3 NAG H . 39.83 0.10 43.33
C4 NAG H . 39.03 -1.18 43.13
C5 NAG H . 37.81 -0.92 42.24
C6 NAG H . 36.88 -2.10 42.14
C7 NAG H . 39.86 3.09 45.10
C8 NAG H . 40.68 4.36 45.05
N2 NAG H . 39.69 2.46 43.93
O3 NAG H . 40.87 -0.13 44.29
O4 NAG H . 39.84 -2.18 42.53
O5 NAG H . 37.04 0.17 42.77
O6 NAG H . 37.45 -3.14 41.36
O7 NAG H . 39.39 2.68 46.15
#